data_1HR8
#
_entry.id   1HR8
#
_cell.length_a   134.260
_cell.length_b   178.120
_cell.length_c   202.210
_cell.angle_alpha   90.00
_cell.angle_beta   90.00
_cell.angle_gamma   90.00
#
_symmetry.space_group_name_H-M   'P 21 21 21'
#
loop_
_entity.id
_entity.type
_entity.pdbx_description
1 polymer 'MITOCHONDRIAL PROCESSING PEPTIDASE ALPHA SUBUNIT'
2 polymer 'MITOCHONDRIAL PROCESSING PEPTIDASE BETA SUBUNIT'
3 polymer 'CYTOCHROME C OXIDASE POLYPEPTIDE IV'
4 non-polymer '4-(2-HYDROXYETHYL)-1-PIPERAZINE ETHANESULFONIC ACID'
5 non-polymer 'ZINC ION'
6 water water
#
loop_
_entity_poly.entity_id
_entity_poly.type
_entity_poly.pdbx_seq_one_letter_code
_entity_poly.pdbx_strand_id
1 'polypeptide(L)'
;ARTDNFKLSSLANGLKVATSNTPGHFSALGLYIDAGSRFEGRNLKGCTHILDRLAFKSTEHVEGRAMAETLELLGGNYQC
TSSRENLMYQASVFNQDVGKMLQLMSETVRFPKITEQELQEQKLSAEYEIDEVWMKPELVLPELLHTAAYSGETLGSPLI
CPRGLIPSISKYYLLDYRNKFYTPENTVAAFVGVPHEKALELTGKYLGDWQSTHPPITKKVAQYTGGESCIPPAPVFGNL
PELFHIQIGFEGLPIDHPDIYALATLQTLLGGGGSFSAGGPGKGMYSRLYTHVLNQYYFVENCVAFNHSYSDSGIFGISL
SCIPQAAPQAVEVIAQQMYNTFANKDLRLTEDEVSRAKNQLKSSLLMNLESKLVELEDMGRQVLMHGRKIPVNEMISKIE
DLKPDDISRVAEMIFTGNVNNAGNGKGRATVVMQGDRGSFGDVENVLKAYGLGNSSSSKNDSPKKKGWFHHHHHH
;
A,C,E,G
2 'polypeptide(L)'
;ASQIPGTRTSKLPNGLTIATEYIPNTSSATVGIFVDAGSRAENVKNNGTAHFLQHLAFKGTQNRPQQGIELEIENIGSHL
NAYTSRENTVYYAKSLQEDIPKAVDILSDILTKSVLDNSAIERERDVIIRESEEVDKMYDEVVFDHLHEITYKDQPLGRT
ILGPIKNIKSITRTDLKDYITKNYKGDRMVLAGAGAVDHEKLVQYAQKYFGHVPKSESPVPLGSPRGPLPVFCRGERFIK
ENTLPTTHIAIALEGVSWSAPDYFVALATQAIVGNWDRAIGTGTNSPSPLAVAASQNGSLANSYMSFSTSYADSGLWGMY
IVTDSNEHNVRLIVNEILKEWKRIKSGKISDAEVNRAKAQLKAALLLSLDGSTAIVEDIGRQVVTTGKRLSPEEVFEQVD
KITKDDIIMWANYRLQNKPVSMVALGNTSTVPNVSYIEEKLNQ
;
B,D,F,H
3 'polypeptide(L)' LSLRQSIRFFKPATRTLCSSRYLL O,P,Q,R
#
# COMPACT_ATOMS: atom_id res chain seq x y z
N ALA A 1 41.95 -33.50 2.14
CA ALA A 1 41.64 -34.94 2.23
C ALA A 1 42.10 -35.69 3.51
N ARG A 2 43.39 -36.04 3.63
CA ARG A 2 43.93 -36.80 4.78
C ARG A 2 43.91 -36.25 6.23
N THR A 3 44.61 -35.14 6.49
CA THR A 3 44.61 -34.58 7.85
C THR A 3 43.32 -33.85 8.15
N ASP A 4 42.67 -33.22 7.17
CA ASP A 4 41.42 -32.57 7.53
C ASP A 4 40.31 -33.55 7.89
N ASN A 5 40.53 -34.85 7.68
CA ASN A 5 39.50 -35.84 7.98
C ASN A 5 38.27 -35.58 7.08
N PHE A 6 38.58 -35.21 5.84
CA PHE A 6 37.56 -34.92 4.87
C PHE A 6 36.98 -36.16 4.20
N LYS A 7 35.67 -36.29 4.25
CA LYS A 7 35.02 -37.44 3.65
C LYS A 7 33.90 -36.94 2.79
N LEU A 8 33.69 -37.62 1.66
CA LEU A 8 32.67 -37.23 0.71
C LEU A 8 31.88 -38.41 0.12
N SER A 9 30.58 -38.26 -0.05
CA SER A 9 29.84 -39.32 -0.69
C SER A 9 28.51 -38.74 -1.16
N SER A 10 27.70 -39.55 -1.86
CA SER A 10 26.44 -39.10 -2.40
C SER A 10 25.25 -39.92 -1.99
N LEU A 11 24.08 -39.29 -1.97
CA LEU A 11 22.87 -40.01 -1.69
C LEU A 11 22.46 -40.53 -3.08
N ALA A 12 21.51 -41.44 -3.12
CA ALA A 12 21.12 -41.92 -4.42
C ALA A 12 20.50 -40.81 -5.27
N ASN A 13 19.95 -39.76 -4.68
CA ASN A 13 19.38 -38.70 -5.54
C ASN A 13 20.47 -37.72 -6.03
N GLY A 14 21.72 -38.00 -5.68
CA GLY A 14 22.78 -37.13 -6.16
C GLY A 14 23.26 -36.02 -5.24
N LEU A 15 22.57 -35.84 -4.12
CA LEU A 15 22.96 -34.85 -3.16
C LEU A 15 24.33 -35.28 -2.61
N LYS A 16 25.33 -34.41 -2.70
CA LYS A 16 26.63 -34.74 -2.17
C LYS A 16 26.70 -34.36 -0.67
N VAL A 17 27.29 -35.22 0.16
CA VAL A 17 27.41 -34.98 1.59
C VAL A 17 28.89 -34.90 1.99
N ALA A 18 29.34 -33.71 2.38
CA ALA A 18 30.75 -33.50 2.75
C ALA A 18 30.99 -33.19 4.22
N THR A 19 31.97 -33.85 4.83
CA THR A 19 32.32 -33.65 6.25
C THR A 19 33.82 -33.46 6.40
N SER A 20 34.21 -32.72 7.42
CA SER A 20 35.63 -32.52 7.67
C SER A 20 35.84 -32.18 9.11
N ASN A 21 37.10 -32.21 9.51
CA ASN A 21 37.52 -31.94 10.88
C ASN A 21 36.99 -33.02 11.86
N THR A 22 37.26 -32.81 13.14
CA THR A 22 36.85 -33.73 14.18
C THR A 22 36.03 -32.98 15.21
N PRO A 23 35.43 -33.71 16.16
CA PRO A 23 34.61 -33.10 17.21
C PRO A 23 35.26 -31.95 17.88
N GLY A 24 34.46 -30.93 18.12
CA GLY A 24 34.94 -29.72 18.77
C GLY A 24 33.94 -29.20 19.77
N HIS A 25 34.13 -27.93 20.16
CA HIS A 25 33.24 -27.33 21.14
C HIS A 25 31.86 -27.11 20.56
N PHE A 26 31.75 -27.14 19.24
CA PHE A 26 30.45 -26.99 18.55
C PHE A 26 30.60 -27.28 17.07
N SER A 27 29.49 -27.36 16.36
CA SER A 27 29.55 -27.68 14.93
C SER A 27 29.02 -26.61 13.98
N ALA A 28 29.29 -26.83 12.70
CA ALA A 28 28.85 -25.96 11.63
C ALA A 28 28.27 -26.84 10.50
N LEU A 29 27.25 -26.34 9.82
CA LEU A 29 26.66 -27.11 8.75
C LEU A 29 26.00 -26.13 7.83
N GLY A 30 25.74 -26.58 6.61
CA GLY A 30 25.08 -25.74 5.62
C GLY A 30 24.72 -26.44 4.33
N LEU A 31 23.76 -25.86 3.60
CA LEU A 31 23.34 -26.38 2.32
C LEU A 31 23.81 -25.37 1.31
N TYR A 32 24.46 -25.87 0.26
CA TYR A 32 24.99 -25.05 -0.81
C TYR A 32 24.35 -25.42 -2.14
N ILE A 33 23.79 -24.44 -2.83
CA ILE A 33 23.13 -24.61 -4.11
C ILE A 33 23.88 -23.89 -5.22
N ASP A 34 24.09 -24.58 -6.35
CA ASP A 34 24.81 -23.97 -7.46
C ASP A 34 23.85 -23.04 -8.17
N ALA A 35 23.72 -21.82 -7.63
CA ALA A 35 22.83 -20.84 -8.18
C ALA A 35 23.47 -19.47 -7.92
N GLY A 36 22.81 -18.41 -8.33
CA GLY A 36 23.38 -17.09 -8.14
C GLY A 36 22.87 -16.17 -9.22
N SER A 37 23.21 -14.89 -9.13
CA SER A 37 22.73 -13.94 -10.14
C SER A 37 23.20 -14.24 -11.56
N ARG A 38 24.33 -14.93 -11.73
CA ARG A 38 24.84 -15.22 -13.09
C ARG A 38 23.94 -16.20 -13.88
N PHE A 39 23.00 -16.85 -13.21
CA PHE A 39 22.11 -17.78 -13.87
C PHE A 39 20.74 -17.16 -14.10
N GLU A 40 20.51 -15.96 -13.62
CA GLU A 40 19.19 -15.37 -13.77
C GLU A 40 18.78 -15.02 -15.20
N GLY A 41 19.74 -14.75 -16.07
CA GLY A 41 19.37 -14.36 -17.42
C GLY A 41 18.58 -13.06 -17.31
N ARG A 42 17.76 -12.73 -18.29
CA ARG A 42 17.00 -11.49 -18.20
C ARG A 42 15.61 -11.80 -17.63
N ASN A 43 15.23 -13.08 -17.67
CA ASN A 43 13.90 -13.47 -17.21
C ASN A 43 13.69 -13.67 -15.70
N LEU A 44 14.77 -14.00 -14.99
CA LEU A 44 14.65 -14.25 -13.55
C LEU A 44 15.41 -13.25 -12.72
N LYS A 45 15.67 -12.11 -13.28
CA LYS A 45 16.44 -11.10 -12.60
C LYS A 45 15.86 -10.78 -11.21
N GLY A 46 16.72 -10.77 -10.20
CA GLY A 46 16.26 -10.49 -8.85
C GLY A 46 15.74 -11.69 -8.07
N CYS A 47 15.58 -12.84 -8.72
CA CYS A 47 15.06 -13.98 -7.98
C CYS A 47 16.02 -14.53 -6.93
N THR A 48 17.32 -14.52 -7.21
CA THR A 48 18.24 -15.05 -6.24
C THR A 48 18.18 -14.28 -4.92
N HIS A 49 18.17 -12.95 -5.01
CA HIS A 49 18.15 -12.14 -3.83
C HIS A 49 16.83 -12.32 -3.04
N ILE A 50 15.69 -12.26 -3.72
CA ILE A 50 14.42 -12.44 -3.01
C ILE A 50 14.32 -13.83 -2.35
N LEU A 51 14.75 -14.89 -3.02
CA LEU A 51 14.70 -16.20 -2.39
C LEU A 51 15.59 -16.23 -1.16
N ASP A 52 16.73 -15.54 -1.17
CA ASP A 52 17.55 -15.67 0.02
C ASP A 52 17.02 -14.84 1.19
N ARG A 53 16.27 -13.79 0.89
CA ARG A 53 15.67 -12.92 1.89
C ARG A 53 14.41 -13.61 2.44
N LEU A 54 13.99 -14.65 1.72
CA LEU A 54 12.80 -15.40 2.06
C LEU A 54 13.19 -16.64 2.86
N ALA A 55 14.48 -16.81 3.06
CA ALA A 55 14.95 -17.98 3.78
C ALA A 55 14.43 -18.06 5.20
N PHE A 56 14.14 -19.29 5.62
CA PHE A 56 13.67 -19.50 6.97
C PHE A 56 12.33 -18.85 7.39
N LYS A 57 11.42 -18.68 6.45
CA LYS A 57 10.12 -18.13 6.78
C LYS A 57 9.24 -19.39 6.91
N SER A 58 7.93 -19.28 6.75
CA SER A 58 7.11 -20.49 6.87
C SER A 58 7.35 -21.54 5.78
N THR A 59 7.25 -22.80 6.19
CA THR A 59 7.41 -23.92 5.29
C THR A 59 6.15 -24.78 5.40
N GLU A 60 6.06 -25.80 4.57
CA GLU A 60 4.88 -26.65 4.64
C GLU A 60 4.68 -27.31 6.02
N HIS A 61 5.76 -27.59 6.73
CA HIS A 61 5.64 -28.29 8.00
C HIS A 61 5.97 -27.48 9.25
N VAL A 62 6.29 -26.21 9.08
CA VAL A 62 6.65 -25.38 10.20
C VAL A 62 6.13 -23.97 10.03
N GLU A 63 5.27 -23.56 10.98
CA GLU A 63 4.70 -22.21 10.95
C GLU A 63 5.84 -21.20 11.01
N GLY A 64 5.64 -20.06 10.36
CA GLY A 64 6.65 -19.01 10.39
C GLY A 64 7.13 -18.65 11.80
N ARG A 65 6.20 -18.45 12.72
CA ARG A 65 6.59 -18.08 14.06
C ARG A 65 7.45 -19.17 14.72
N ALA A 66 7.02 -20.41 14.60
CA ALA A 66 7.75 -21.50 15.20
C ALA A 66 9.13 -21.64 14.61
N MET A 67 9.25 -21.33 13.31
CA MET A 67 10.56 -21.44 12.67
C MET A 67 11.51 -20.45 13.35
N ALA A 68 11.05 -19.22 13.45
CA ALA A 68 11.85 -18.19 14.04
C ALA A 68 12.19 -18.46 15.50
N GLU A 69 11.21 -18.88 16.29
CA GLU A 69 11.49 -19.13 17.69
C GLU A 69 12.45 -20.29 17.89
N THR A 70 12.30 -21.32 17.08
CA THR A 70 13.19 -22.46 17.19
C THR A 70 14.61 -22.10 16.80
N LEU A 71 14.76 -21.25 15.79
CA LEU A 71 16.10 -20.84 15.39
C LEU A 71 16.69 -19.99 16.50
N GLU A 72 15.87 -19.25 17.23
CA GLU A 72 16.42 -18.44 18.30
C GLU A 72 16.93 -19.43 19.32
N LEU A 73 16.08 -20.40 19.68
CA LEU A 73 16.47 -21.36 20.68
C LEU A 73 17.69 -22.16 20.33
N LEU A 74 18.07 -22.19 19.05
CA LEU A 74 19.29 -22.91 18.63
C LEU A 74 20.53 -21.99 18.69
N GLY A 75 20.34 -20.77 19.17
CA GLY A 75 21.44 -19.85 19.23
C GLY A 75 21.33 -18.76 18.16
N GLY A 76 20.37 -18.89 17.25
CA GLY A 76 20.20 -17.87 16.23
C GLY A 76 21.39 -17.53 15.34
N ASN A 77 22.42 -18.38 15.30
CA ASN A 77 23.57 -18.08 14.47
C ASN A 77 23.48 -18.78 13.11
N TYR A 78 22.57 -18.29 12.29
CA TYR A 78 22.33 -18.90 11.00
C TYR A 78 22.12 -17.82 9.98
N GLN A 79 22.37 -18.12 8.72
CA GLN A 79 22.10 -17.16 7.67
C GLN A 79 22.01 -17.77 6.28
N CYS A 80 21.42 -16.99 5.38
CA CYS A 80 21.29 -17.36 4.01
C CYS A 80 21.83 -16.18 3.24
N THR A 81 22.73 -16.42 2.32
CA THR A 81 23.25 -15.34 1.49
C THR A 81 23.47 -15.92 0.13
N SER A 82 23.61 -15.03 -0.84
CA SER A 82 23.82 -15.42 -2.22
C SER A 82 24.72 -14.42 -2.91
N SER A 83 25.32 -14.82 -4.01
CA SER A 83 26.22 -13.94 -4.73
C SER A 83 26.02 -14.13 -6.23
N ARG A 84 27.06 -13.95 -7.01
CA ARG A 84 26.95 -14.10 -8.42
C ARG A 84 26.91 -15.58 -8.72
N GLU A 85 27.71 -16.35 -7.98
CA GLU A 85 27.83 -17.80 -8.17
C GLU A 85 27.35 -18.70 -7.05
N ASN A 86 26.80 -18.14 -5.99
CA ASN A 86 26.37 -19.02 -4.91
C ASN A 86 25.12 -18.60 -4.18
N LEU A 87 24.53 -19.58 -3.54
CA LEU A 87 23.32 -19.42 -2.74
C LEU A 87 23.54 -20.42 -1.57
N MET A 88 23.67 -19.91 -0.35
CA MET A 88 23.93 -20.84 0.73
C MET A 88 23.19 -20.57 2.03
N TYR A 89 22.87 -21.65 2.72
CA TYR A 89 22.22 -21.57 4.00
C TYR A 89 23.26 -22.15 5.00
N GLN A 90 23.72 -21.35 5.97
CA GLN A 90 24.74 -21.84 6.90
C GLN A 90 24.47 -21.52 8.34
N ALA A 91 25.12 -22.26 9.22
CA ALA A 91 24.96 -22.01 10.63
C ALA A 91 25.97 -22.78 11.46
N SER A 92 26.23 -22.30 12.66
CA SER A 92 27.10 -23.02 13.59
C SER A 92 26.12 -23.20 14.77
N VAL A 93 26.10 -24.40 15.34
CA VAL A 93 25.20 -24.75 16.44
C VAL A 93 25.94 -25.64 17.40
N PHE A 94 25.36 -25.83 18.58
CA PHE A 94 25.99 -26.75 19.52
C PHE A 94 25.83 -28.15 18.96
N ASN A 95 26.82 -28.99 19.24
CA ASN A 95 26.84 -30.35 18.72
C ASN A 95 25.55 -31.15 18.74
N GLN A 96 24.79 -31.09 19.82
CA GLN A 96 23.57 -31.88 19.90
C GLN A 96 22.46 -31.35 19.04
N ASP A 97 22.62 -30.16 18.50
CA ASP A 97 21.55 -29.58 17.67
C ASP A 97 21.72 -29.65 16.16
N VAL A 98 22.72 -30.36 15.66
CA VAL A 98 22.91 -30.46 14.23
C VAL A 98 21.66 -30.95 13.47
N GLY A 99 21.08 -32.06 13.94
CA GLY A 99 19.90 -32.61 13.31
C GLY A 99 18.72 -31.64 13.22
N LYS A 100 18.44 -30.92 14.30
CA LYS A 100 17.33 -29.98 14.27
C LYS A 100 17.58 -28.82 13.27
N MET A 101 18.82 -28.32 13.25
CA MET A 101 19.15 -27.27 12.34
C MET A 101 19.05 -27.82 10.90
N LEU A 102 19.53 -29.03 10.68
CA LEU A 102 19.46 -29.57 9.34
C LEU A 102 18.01 -29.71 8.88
N GLN A 103 17.15 -30.17 9.80
CA GLN A 103 15.75 -30.30 9.49
C GLN A 103 15.15 -28.93 9.04
N LEU A 104 15.39 -27.87 9.82
CA LEU A 104 14.87 -26.56 9.47
C LEU A 104 15.46 -26.09 8.12
N MET A 105 16.75 -26.32 7.94
CA MET A 105 17.34 -25.94 6.67
C MET A 105 16.67 -26.66 5.51
N SER A 106 16.40 -27.94 5.64
CA SER A 106 15.80 -28.60 4.50
C SER A 106 14.34 -28.23 4.34
N GLU A 107 13.70 -27.80 5.41
CA GLU A 107 12.32 -27.34 5.33
C GLU A 107 12.23 -26.04 4.49
N THR A 108 13.17 -25.13 4.69
CA THR A 108 13.08 -23.91 3.96
C THR A 108 13.66 -24.09 2.56
N VAL A 109 14.45 -25.14 2.40
CA VAL A 109 14.99 -25.36 1.07
C VAL A 109 14.05 -26.20 0.24
N ARG A 110 13.26 -27.05 0.85
CA ARG A 110 12.35 -27.92 0.09
C ARG A 110 10.88 -27.57 0.14
N PHE A 111 10.44 -27.00 1.25
CA PHE A 111 9.02 -26.74 1.42
C PHE A 111 8.64 -25.34 1.82
N PRO A 112 9.34 -24.35 1.31
CA PRO A 112 9.00 -22.96 1.65
C PRO A 112 7.59 -22.71 1.18
N LYS A 113 6.82 -21.97 1.97
CA LYS A 113 5.45 -21.67 1.57
C LYS A 113 5.41 -20.46 0.63
N ILE A 114 6.23 -19.46 0.91
CA ILE A 114 6.25 -18.23 0.14
C ILE A 114 4.83 -17.69 -0.06
N THR A 115 4.24 -17.20 1.02
CA THR A 115 2.88 -16.66 0.97
C THR A 115 2.86 -15.26 0.33
N GLU A 116 1.67 -14.79 -0.05
CA GLU A 116 1.55 -13.46 -0.65
C GLU A 116 2.19 -12.45 0.30
N GLN A 117 1.84 -12.55 1.58
CA GLN A 117 2.37 -11.62 2.56
C GLN A 117 3.89 -11.68 2.67
N GLU A 118 4.45 -12.87 2.82
CA GLU A 118 5.89 -12.97 2.94
C GLU A 118 6.61 -12.31 1.75
N LEU A 119 6.14 -12.63 0.55
CA LEU A 119 6.73 -12.08 -0.66
C LEU A 119 6.57 -10.57 -0.75
N GLN A 120 5.41 -10.06 -0.39
CA GLN A 120 5.18 -8.62 -0.42
C GLN A 120 6.13 -7.93 0.54
N GLU A 121 6.37 -8.50 1.72
CA GLU A 121 7.28 -7.90 2.66
C GLU A 121 8.68 -7.80 2.08
N GLN A 122 9.20 -8.91 1.58
CA GLN A 122 10.55 -8.89 1.06
C GLN A 122 10.71 -7.96 -0.15
N LYS A 123 9.66 -7.84 -0.94
CA LYS A 123 9.74 -6.97 -2.10
C LYS A 123 9.77 -5.51 -1.64
N LEU A 124 8.87 -5.15 -0.74
CA LEU A 124 8.84 -3.79 -0.24
C LEU A 124 10.19 -3.44 0.37
N SER A 125 10.71 -4.38 1.12
CA SER A 125 11.98 -4.20 1.78
C SER A 125 13.17 -4.15 0.80
N ALA A 126 13.10 -4.90 -0.30
CA ALA A 126 14.20 -4.87 -1.26
C ALA A 126 14.34 -3.50 -1.92
N GLU A 127 13.22 -2.79 -2.16
CA GLU A 127 13.33 -1.46 -2.78
C GLU A 127 14.20 -0.53 -1.93
N TYR A 128 13.97 -0.53 -0.62
CA TYR A 128 14.73 0.32 0.27
C TYR A 128 16.17 -0.13 0.33
N GLU A 129 16.40 -1.44 0.30
CA GLU A 129 17.77 -1.94 0.33
C GLU A 129 18.55 -1.47 -0.92
N ILE A 130 17.93 -1.53 -2.09
CA ILE A 130 18.59 -1.09 -3.30
C ILE A 130 18.89 0.40 -3.25
N ASP A 131 17.94 1.18 -2.74
CA ASP A 131 18.19 2.61 -2.67
C ASP A 131 19.44 2.88 -1.82
N GLU A 132 19.66 2.12 -0.75
CA GLU A 132 20.81 2.35 0.11
C GLU A 132 22.07 1.91 -0.59
N VAL A 133 22.03 0.72 -1.18
CA VAL A 133 23.20 0.19 -1.86
C VAL A 133 23.75 1.16 -2.87
N TRP A 134 22.89 1.83 -3.61
CA TRP A 134 23.37 2.76 -4.63
C TRP A 134 24.08 4.01 -4.11
N MET A 135 24.26 4.11 -2.81
CA MET A 135 24.93 5.28 -2.29
C MET A 135 26.29 4.88 -1.78
N LYS A 136 26.61 3.60 -1.87
CA LYS A 136 27.89 3.11 -1.39
C LYS A 136 28.88 2.75 -2.52
N PRO A 137 29.86 3.61 -2.75
CA PRO A 137 30.83 3.35 -3.82
C PRO A 137 31.49 2.00 -3.69
N GLU A 138 31.78 1.55 -2.47
CA GLU A 138 32.40 0.25 -2.24
C GLU A 138 31.57 -0.86 -2.83
N LEU A 139 30.27 -0.64 -2.97
CA LEU A 139 29.41 -1.64 -3.53
C LEU A 139 29.16 -1.37 -5.02
N VAL A 140 28.87 -0.12 -5.33
CA VAL A 140 28.58 0.28 -6.68
C VAL A 140 29.68 0.12 -7.72
N LEU A 141 30.89 0.58 -7.42
CA LEU A 141 31.93 0.46 -8.42
C LEU A 141 32.14 -1.00 -8.87
N PRO A 142 32.30 -1.93 -7.90
CA PRO A 142 32.50 -3.33 -8.29
C PRO A 142 31.33 -3.83 -9.15
N GLU A 143 30.14 -3.35 -8.86
CA GLU A 143 28.99 -3.76 -9.65
C GLU A 143 29.18 -3.29 -11.09
N LEU A 144 29.56 -2.02 -11.28
CA LEU A 144 29.77 -1.48 -12.60
C LEU A 144 30.90 -2.19 -13.31
N LEU A 145 31.90 -2.57 -12.54
CA LEU A 145 33.04 -3.27 -13.10
C LEU A 145 32.62 -4.57 -13.78
N HIS A 146 31.83 -5.39 -13.07
CA HIS A 146 31.35 -6.68 -13.62
C HIS A 146 30.44 -6.51 -14.82
N THR A 147 29.48 -5.59 -14.71
CA THR A 147 28.57 -5.35 -15.82
C THR A 147 29.37 -4.99 -17.08
N ALA A 148 30.38 -4.17 -16.91
CA ALA A 148 31.12 -3.79 -18.09
C ALA A 148 32.05 -4.89 -18.57
N ALA A 149 32.62 -5.64 -17.64
CA ALA A 149 33.55 -6.69 -18.03
C ALA A 149 32.90 -7.82 -18.86
N TYR A 150 31.61 -8.08 -18.64
CA TYR A 150 30.91 -9.11 -19.40
C TYR A 150 29.67 -8.60 -20.14
N SER A 151 29.60 -7.30 -20.38
CA SER A 151 28.47 -6.71 -21.10
C SER A 151 27.12 -7.17 -20.59
N GLY A 152 26.94 -7.12 -19.28
CA GLY A 152 25.68 -7.47 -18.69
C GLY A 152 25.24 -8.91 -18.74
N GLU A 153 26.12 -9.82 -19.13
CA GLU A 153 25.78 -11.24 -19.23
C GLU A 153 26.47 -12.03 -18.14
N THR A 154 25.80 -13.08 -17.67
CA THR A 154 26.28 -14.01 -16.64
C THR A 154 27.01 -13.32 -15.50
N LEU A 155 28.33 -13.47 -15.40
CA LEU A 155 29.07 -12.83 -14.31
C LEU A 155 28.84 -11.32 -14.21
N GLY A 156 28.39 -10.71 -15.31
CA GLY A 156 28.14 -9.28 -15.35
C GLY A 156 26.67 -8.98 -15.28
N SER A 157 25.86 -10.02 -15.18
CA SER A 157 24.42 -9.83 -15.04
C SER A 157 24.27 -9.20 -13.65
N PRO A 158 23.53 -8.11 -13.55
CA PRO A 158 23.29 -7.36 -12.29
C PRO A 158 23.19 -8.15 -10.98
N LEU A 159 24.09 -7.83 -10.05
CA LEU A 159 24.05 -8.45 -8.76
C LEU A 159 23.07 -7.60 -7.95
N ILE A 160 22.91 -6.34 -8.32
CA ILE A 160 21.99 -5.44 -7.65
C ILE A 160 20.81 -5.40 -8.57
N CYS A 161 19.66 -5.82 -8.09
CA CYS A 161 18.52 -5.84 -8.94
C CYS A 161 17.95 -4.49 -9.24
N PRO A 162 17.73 -4.20 -10.53
CA PRO A 162 17.16 -2.92 -10.97
C PRO A 162 15.87 -2.65 -10.16
N ARG A 163 15.75 -1.44 -9.64
CA ARG A 163 14.59 -1.08 -8.84
C ARG A 163 13.26 -1.44 -9.50
N GLY A 164 13.10 -1.03 -10.76
CA GLY A 164 11.86 -1.27 -11.47
C GLY A 164 11.48 -2.72 -11.74
N LEU A 165 12.43 -3.63 -11.59
CA LEU A 165 12.14 -5.04 -11.83
C LEU A 165 11.71 -5.80 -10.60
N ILE A 166 11.79 -5.18 -9.43
CA ILE A 166 11.39 -5.86 -8.22
C ILE A 166 9.90 -6.14 -8.10
N PRO A 167 9.06 -5.15 -8.36
CA PRO A 167 7.62 -5.40 -8.24
C PRO A 167 7.06 -6.50 -9.14
N SER A 168 7.78 -6.83 -10.20
CA SER A 168 7.27 -7.86 -11.09
C SER A 168 7.84 -9.26 -10.80
N ILE A 169 8.55 -9.41 -9.68
CA ILE A 169 9.07 -10.71 -9.27
C ILE A 169 7.87 -11.39 -8.60
N SER A 170 7.32 -12.37 -9.29
CA SER A 170 6.12 -13.08 -8.82
C SER A 170 6.41 -14.43 -8.22
N LYS A 171 5.41 -14.97 -7.56
CA LYS A 171 5.62 -16.27 -6.98
C LYS A 171 5.96 -17.23 -8.12
N TYR A 172 5.29 -17.03 -9.24
CA TYR A 172 5.51 -17.85 -10.43
C TYR A 172 6.98 -17.88 -10.83
N TYR A 173 7.62 -16.72 -10.91
CA TYR A 173 9.05 -16.73 -11.28
C TYR A 173 9.96 -17.33 -10.20
N LEU A 174 9.63 -17.11 -8.93
CA LEU A 174 10.43 -17.69 -7.86
C LEU A 174 10.27 -19.25 -7.96
N LEU A 175 9.08 -19.72 -8.31
CA LEU A 175 8.91 -21.13 -8.41
C LEU A 175 9.69 -21.63 -9.61
N ASP A 176 9.76 -20.82 -10.66
CA ASP A 176 10.50 -21.24 -11.83
C ASP A 176 11.96 -21.39 -11.48
N TYR A 177 12.47 -20.42 -10.76
CA TYR A 177 13.87 -20.46 -10.37
C TYR A 177 14.11 -21.67 -9.47
N ARG A 178 13.26 -21.84 -8.46
CA ARG A 178 13.43 -22.98 -7.57
C ARG A 178 13.44 -24.33 -8.33
N ASN A 179 12.52 -24.49 -9.30
CA ASN A 179 12.42 -25.73 -10.04
C ASN A 179 13.56 -25.92 -10.97
N LYS A 180 14.30 -24.87 -11.29
CA LYS A 180 15.45 -25.06 -12.14
C LYS A 180 16.71 -25.35 -11.32
N PHE A 181 16.87 -24.68 -10.16
CA PHE A 181 18.12 -24.85 -9.38
C PHE A 181 18.11 -25.59 -8.06
N TYR A 182 16.95 -25.63 -7.43
CA TYR A 182 16.84 -26.32 -6.14
C TYR A 182 16.55 -27.80 -6.38
N THR A 183 17.54 -28.55 -6.84
CA THR A 183 17.38 -29.97 -7.08
C THR A 183 18.51 -30.60 -6.29
N PRO A 184 18.31 -31.83 -5.82
CA PRO A 184 19.38 -32.45 -5.05
C PRO A 184 20.72 -32.56 -5.79
N GLU A 185 20.71 -32.86 -7.09
CA GLU A 185 21.96 -32.96 -7.82
C GLU A 185 22.70 -31.61 -7.99
N ASN A 186 22.09 -30.52 -7.52
CA ASN A 186 22.70 -29.20 -7.64
C ASN A 186 22.95 -28.63 -6.23
N THR A 187 22.99 -29.52 -5.24
CA THR A 187 23.12 -29.13 -3.85
C THR A 187 24.17 -29.91 -3.07
N VAL A 188 24.77 -29.27 -2.08
CA VAL A 188 25.74 -29.97 -1.27
C VAL A 188 25.40 -29.73 0.19
N ALA A 189 25.55 -30.77 1.00
CA ALA A 189 25.29 -30.62 2.42
C ALA A 189 26.67 -30.79 3.03
N ALA A 190 27.16 -29.78 3.74
CA ALA A 190 28.46 -29.87 4.35
C ALA A 190 28.41 -29.70 5.87
N PHE A 191 29.29 -30.39 6.58
CA PHE A 191 29.33 -30.30 8.02
C PHE A 191 30.77 -30.25 8.51
N VAL A 192 31.01 -29.51 9.58
CA VAL A 192 32.36 -29.45 10.19
C VAL A 192 32.17 -29.91 11.66
N GLY A 193 32.97 -30.90 12.05
CA GLY A 193 32.91 -31.44 13.40
C GLY A 193 31.77 -32.42 13.59
N VAL A 194 31.26 -32.97 12.49
CA VAL A 194 30.19 -33.95 12.60
C VAL A 194 30.68 -35.22 11.93
N PRO A 195 30.58 -36.38 12.59
CA PRO A 195 31.05 -37.64 11.99
C PRO A 195 30.31 -37.93 10.67
N HIS A 196 31.07 -38.30 9.65
CA HIS A 196 30.51 -38.56 8.33
C HIS A 196 29.31 -39.48 8.38
N GLU A 197 29.41 -40.53 9.18
CA GLU A 197 28.33 -41.50 9.32
C GLU A 197 27.02 -40.83 9.75
N LYS A 198 27.13 -40.01 10.78
CA LYS A 198 26.01 -39.31 11.34
C LYS A 198 25.42 -38.37 10.29
N ALA A 199 26.30 -37.69 9.56
CA ALA A 199 25.87 -36.75 8.54
C ALA A 199 25.06 -37.43 7.45
N LEU A 200 25.52 -38.61 7.02
CA LEU A 200 24.79 -39.40 6.02
C LEU A 200 23.45 -39.78 6.63
N GLU A 201 23.45 -40.13 7.89
CA GLU A 201 22.22 -40.52 8.53
C GLU A 201 21.21 -39.38 8.46
N LEU A 202 21.62 -38.21 8.95
CA LEU A 202 20.75 -37.05 8.98
C LEU A 202 20.37 -36.56 7.59
N THR A 203 21.33 -36.48 6.69
CA THR A 203 21.00 -36.01 5.35
C THR A 203 19.95 -36.91 4.69
N GLY A 204 20.13 -38.22 4.79
CA GLY A 204 19.18 -39.16 4.20
C GLY A 204 17.80 -38.97 4.81
N LYS A 205 17.76 -38.73 6.11
CA LYS A 205 16.48 -38.54 6.77
C LYS A 205 15.73 -37.31 6.28
N TYR A 206 16.43 -36.20 6.07
CA TYR A 206 15.72 -35.00 5.64
C TYR A 206 15.78 -34.62 4.18
N LEU A 207 16.75 -35.16 3.45
CA LEU A 207 16.86 -34.82 2.05
C LEU A 207 16.87 -36.03 1.08
N GLY A 208 16.99 -37.25 1.62
CA GLY A 208 17.04 -38.45 0.79
C GLY A 208 15.90 -38.69 -0.17
N ASP A 209 14.67 -38.40 0.23
CA ASP A 209 13.56 -38.63 -0.66
C ASP A 209 13.28 -37.43 -1.59
N TRP A 210 14.15 -36.43 -1.53
CA TRP A 210 14.00 -35.27 -2.39
C TRP A 210 14.31 -35.73 -3.83
N GLN A 211 13.46 -35.40 -4.80
CA GLN A 211 13.66 -35.85 -6.17
C GLN A 211 13.83 -34.66 -7.08
N SER A 212 14.55 -34.84 -8.17
CA SER A 212 14.80 -33.76 -9.12
C SER A 212 13.60 -33.41 -9.98
N THR A 213 13.57 -32.17 -10.46
CA THR A 213 12.49 -31.76 -11.34
C THR A 213 12.90 -31.91 -12.79
N HIS A 214 14.16 -32.33 -12.99
CA HIS A 214 14.74 -32.54 -14.34
C HIS A 214 14.49 -31.39 -15.28
N PRO A 215 14.90 -30.18 -14.87
CA PRO A 215 14.73 -28.94 -15.64
C PRO A 215 15.71 -28.83 -16.80
N PRO A 216 15.46 -27.87 -17.70
CA PRO A 216 16.31 -27.58 -18.87
C PRO A 216 17.65 -26.97 -18.38
N ILE A 217 18.78 -27.49 -18.85
CA ILE A 217 20.11 -27.00 -18.44
C ILE A 217 20.41 -25.62 -18.99
N THR A 218 20.33 -24.57 -18.19
CA THR A 218 20.60 -23.24 -18.71
C THR A 218 21.80 -22.56 -18.09
N LYS A 219 22.98 -23.17 -18.21
CA LYS A 219 24.20 -22.57 -17.65
C LYS A 219 25.26 -22.24 -18.71
N LYS A 220 25.31 -20.97 -19.07
CA LYS A 220 26.21 -20.44 -20.08
C LYS A 220 27.59 -20.07 -19.55
N VAL A 221 28.64 -20.28 -20.34
CA VAL A 221 29.98 -19.91 -19.87
C VAL A 221 30.12 -18.40 -19.89
N ALA A 222 30.93 -17.88 -18.99
CA ALA A 222 31.16 -16.46 -18.90
C ALA A 222 32.05 -16.03 -20.07
N GLN A 223 31.65 -14.98 -20.78
CA GLN A 223 32.45 -14.46 -21.89
C GLN A 223 32.92 -13.03 -21.60
N TYR A 224 34.17 -12.90 -21.22
CA TYR A 224 34.70 -11.59 -20.90
C TYR A 224 34.81 -10.75 -22.17
N THR A 225 34.31 -9.52 -22.11
CA THR A 225 34.35 -8.62 -23.27
C THR A 225 35.22 -7.40 -22.99
N GLY A 226 35.21 -6.97 -21.72
CA GLY A 226 35.93 -5.76 -21.35
C GLY A 226 35.01 -4.62 -21.79
N GLY A 227 35.30 -3.39 -21.38
CA GLY A 227 34.44 -2.28 -21.75
C GLY A 227 34.63 -1.06 -20.86
N GLU A 228 33.83 -0.04 -21.12
CA GLU A 228 33.89 1.22 -20.39
C GLU A 228 32.53 1.73 -19.85
N SER A 229 32.57 2.45 -18.73
CA SER A 229 31.34 3.05 -18.22
C SER A 229 31.64 4.08 -17.14
N CYS A 230 30.80 5.12 -17.08
CA CYS A 230 31.00 6.18 -16.11
C CYS A 230 29.70 6.74 -15.57
N ILE A 231 29.58 6.79 -14.24
CA ILE A 231 28.39 7.36 -13.63
C ILE A 231 28.74 8.74 -13.08
N PRO A 232 27.74 9.62 -12.84
CA PRO A 232 27.93 10.97 -12.31
C PRO A 232 28.64 11.00 -10.94
N PRO A 233 29.34 12.14 -10.64
CA PRO A 233 30.07 12.32 -9.38
C PRO A 233 29.05 12.16 -8.28
N ALA A 234 29.43 11.55 -7.16
CA ALA A 234 28.47 11.37 -6.07
C ALA A 234 28.15 12.72 -5.45
N PRO A 235 27.01 12.81 -4.78
CA PRO A 235 26.61 14.07 -4.14
C PRO A 235 27.60 14.49 -3.05
N VAL A 236 27.91 15.79 -2.99
CA VAL A 236 28.82 16.34 -1.98
C VAL A 236 28.11 16.38 -0.62
N PHE A 237 28.48 15.44 0.27
CA PHE A 237 27.86 15.35 1.60
C PHE A 237 28.32 16.45 2.56
N GLY A 238 28.45 16.12 3.84
CA GLY A 238 28.86 17.12 4.81
C GLY A 238 30.29 17.56 4.65
N ASN A 239 31.09 17.26 5.66
CA ASN A 239 32.51 17.60 5.67
C ASN A 239 33.30 16.65 4.77
N LEU A 240 32.71 15.50 4.43
CA LEU A 240 33.36 14.51 3.57
C LEU A 240 33.98 15.13 2.30
N PRO A 241 35.19 14.70 1.94
CA PRO A 241 35.90 15.20 0.77
C PRO A 241 35.34 14.60 -0.51
N GLU A 242 35.16 15.42 -1.52
CA GLU A 242 34.64 14.90 -2.76
C GLU A 242 35.72 13.99 -3.38
N LEU A 243 35.30 12.83 -3.88
CA LEU A 243 36.24 11.90 -4.51
C LEU A 243 35.72 11.31 -5.80
N PHE A 244 36.65 11.01 -6.69
CA PHE A 244 36.33 10.34 -7.95
C PHE A 244 36.90 8.93 -7.79
N HIS A 245 36.31 8.00 -8.51
CA HIS A 245 36.77 6.63 -8.39
C HIS A 245 36.98 5.99 -9.76
N ILE A 246 37.95 5.11 -9.83
CA ILE A 246 38.19 4.41 -11.07
C ILE A 246 38.72 3.01 -10.79
N GLN A 247 38.20 2.03 -11.54
CA GLN A 247 38.68 0.67 -11.40
C GLN A 247 39.08 0.23 -12.83
N ILE A 248 40.26 -0.36 -12.93
CA ILE A 248 40.80 -0.83 -14.20
C ILE A 248 41.21 -2.30 -14.06
N GLY A 249 40.68 -3.14 -14.94
CA GLY A 249 41.01 -4.55 -14.87
C GLY A 249 41.08 -5.26 -16.19
N PHE A 250 41.48 -6.52 -16.11
CA PHE A 250 41.58 -7.38 -17.27
C PHE A 250 41.04 -8.73 -16.87
N GLU A 251 40.72 -9.57 -17.85
CA GLU A 251 40.21 -10.86 -17.49
C GLU A 251 41.24 -11.60 -16.60
N GLY A 252 40.78 -12.12 -15.47
CA GLY A 252 41.64 -12.85 -14.56
C GLY A 252 41.53 -14.37 -14.76
N LEU A 253 41.72 -15.13 -13.68
CA LEU A 253 41.67 -16.57 -13.79
C LEU A 253 40.60 -17.25 -12.96
N PRO A 254 40.18 -18.45 -13.38
CA PRO A 254 39.18 -19.29 -12.69
C PRO A 254 39.80 -19.70 -11.36
N ILE A 255 39.01 -19.81 -10.29
CA ILE A 255 39.59 -20.16 -9.00
C ILE A 255 40.34 -21.51 -8.92
N ASP A 256 40.12 -22.39 -9.88
CA ASP A 256 40.82 -23.67 -9.87
C ASP A 256 41.93 -23.70 -10.91
N HIS A 257 42.21 -22.56 -11.51
CA HIS A 257 43.26 -22.50 -12.51
C HIS A 257 44.62 -22.70 -11.85
N PRO A 258 45.55 -23.39 -12.51
CA PRO A 258 46.87 -23.64 -11.92
C PRO A 258 47.72 -22.43 -11.52
N ASP A 259 47.49 -21.27 -12.13
CA ASP A 259 48.31 -20.12 -11.76
C ASP A 259 47.60 -19.21 -10.78
N ILE A 260 46.50 -19.71 -10.26
CA ILE A 260 45.70 -18.96 -9.33
C ILE A 260 46.55 -18.55 -8.10
N TYR A 261 47.40 -19.42 -7.60
CA TYR A 261 48.22 -19.07 -6.45
C TYR A 261 49.23 -17.98 -6.82
N ALA A 262 49.81 -18.08 -8.01
CA ALA A 262 50.74 -17.04 -8.44
C ALA A 262 49.97 -15.72 -8.49
N LEU A 263 48.77 -15.75 -9.10
CA LEU A 263 47.95 -14.54 -9.24
C LEU A 263 47.51 -13.92 -7.88
N ALA A 264 47.27 -14.77 -6.88
CA ALA A 264 46.88 -14.24 -5.56
C ALA A 264 48.10 -13.65 -4.89
N THR A 265 49.26 -14.22 -5.20
CA THR A 265 50.49 -13.71 -4.66
C THR A 265 50.71 -12.32 -5.30
N LEU A 266 50.45 -12.23 -6.59
CA LEU A 266 50.61 -10.95 -7.28
C LEU A 266 49.70 -9.89 -6.65
N GLN A 267 48.47 -10.32 -6.33
CA GLN A 267 47.48 -9.46 -5.71
C GLN A 267 48.02 -8.97 -4.37
N THR A 268 48.60 -9.87 -3.59
CA THR A 268 49.14 -9.55 -2.28
C THR A 268 50.35 -8.66 -2.37
N LEU A 269 51.19 -8.93 -3.36
CA LEU A 269 52.40 -8.15 -3.58
C LEU A 269 52.01 -6.70 -3.88
N LEU A 270 50.96 -6.50 -4.69
CA LEU A 270 50.51 -5.14 -5.00
C LEU A 270 49.86 -4.50 -3.75
N GLY A 271 48.98 -5.26 -3.08
CA GLY A 271 48.31 -4.79 -1.88
C GLY A 271 47.60 -3.46 -2.00
N GLY A 272 48.00 -2.48 -1.20
CA GLY A 272 47.33 -1.19 -1.27
C GLY A 272 46.41 -1.03 -0.08
N GLY A 273 45.60 0.02 -0.12
CA GLY A 273 44.68 0.27 0.97
C GLY A 273 44.26 1.72 0.98
N GLY A 274 43.75 2.19 2.12
CA GLY A 274 43.30 3.56 2.21
C GLY A 274 44.12 4.36 3.20
N GLY A 280 48.25 -2.43 13.81
CA GLY A 280 49.65 -2.86 14.09
C GLY A 280 50.39 -3.40 12.88
N PRO A 281 51.69 -3.72 13.02
CA PRO A 281 52.44 -4.25 11.86
C PRO A 281 51.77 -5.50 11.25
N GLY A 282 52.09 -5.74 9.97
CA GLY A 282 51.52 -6.87 9.25
C GLY A 282 50.34 -6.47 8.38
N LYS A 283 49.99 -5.17 8.41
CA LYS A 283 48.87 -4.58 7.66
C LYS A 283 49.16 -4.26 6.19
N GLY A 284 50.25 -4.82 5.65
CA GLY A 284 50.63 -4.61 4.26
C GLY A 284 51.09 -3.21 3.86
N MET A 285 51.80 -2.51 4.75
CA MET A 285 52.26 -1.16 4.43
C MET A 285 53.51 -1.24 3.53
N TYR A 286 54.03 -2.44 3.30
CA TYR A 286 55.22 -2.63 2.45
C TYR A 286 54.91 -3.23 1.10
N SER A 287 53.67 -3.04 0.64
CA SER A 287 53.23 -3.56 -0.65
C SER A 287 53.43 -2.44 -1.67
N ARG A 288 53.61 -2.83 -2.92
CA ARG A 288 53.85 -1.85 -3.94
C ARG A 288 52.87 -0.71 -4.05
N LEU A 289 51.57 -0.99 -3.99
CA LEU A 289 50.64 0.11 -4.12
C LEU A 289 50.81 1.11 -2.98
N TYR A 290 51.28 0.64 -1.83
CA TYR A 290 51.50 1.52 -0.69
C TYR A 290 52.72 2.40 -0.95
N THR A 291 53.82 1.74 -1.24
CA THR A 291 55.08 2.40 -1.49
C THR A 291 55.12 3.28 -2.73
N HIS A 292 54.70 2.76 -3.87
CA HIS A 292 54.74 3.52 -5.12
C HIS A 292 53.55 4.45 -5.38
N VAL A 293 52.46 4.31 -4.62
CA VAL A 293 51.32 5.19 -4.87
C VAL A 293 50.81 5.95 -3.66
N LEU A 294 50.32 5.24 -2.65
CA LEU A 294 49.80 5.94 -1.48
C LEU A 294 50.81 6.87 -0.84
N ASN A 295 52.05 6.42 -0.73
CA ASN A 295 53.09 7.23 -0.12
C ASN A 295 53.57 8.35 -1.00
N GLN A 296 53.42 8.20 -2.31
CA GLN A 296 53.87 9.23 -3.26
C GLN A 296 52.86 10.32 -3.57
N TYR A 297 51.59 9.97 -3.65
CA TYR A 297 50.55 10.94 -3.97
C TYR A 297 49.51 10.90 -2.90
N TYR A 298 49.13 12.05 -2.36
CA TYR A 298 48.09 12.00 -1.34
C TYR A 298 46.84 12.60 -1.90
N PHE A 299 46.83 12.91 -3.20
CA PHE A 299 45.60 13.38 -3.77
C PHE A 299 44.85 12.05 -4.02
N VAL A 300 45.52 10.94 -3.66
CA VAL A 300 44.98 9.59 -3.75
C VAL A 300 44.59 9.20 -2.33
N GLU A 301 43.30 8.94 -2.09
CA GLU A 301 42.87 8.57 -0.75
C GLU A 301 42.82 7.05 -0.58
N ASN A 302 42.76 6.35 -1.71
CA ASN A 302 42.67 4.92 -1.71
C ASN A 302 43.20 4.31 -3.00
N CYS A 303 43.89 3.17 -2.87
CA CYS A 303 44.40 2.49 -4.04
C CYS A 303 44.69 1.04 -3.68
N VAL A 304 44.00 0.12 -4.35
CA VAL A 304 44.19 -1.27 -3.99
C VAL A 304 44.03 -2.24 -5.15
N ALA A 305 44.60 -3.42 -4.99
CA ALA A 305 44.51 -4.38 -6.06
C ALA A 305 43.34 -5.30 -5.77
N PHE A 306 42.63 -5.69 -6.82
CA PHE A 306 41.54 -6.61 -6.62
C PHE A 306 41.69 -7.86 -7.50
N ASN A 307 41.07 -8.94 -7.05
CA ASN A 307 41.12 -10.20 -7.77
C ASN A 307 39.83 -10.96 -7.61
N HIS A 308 38.95 -10.77 -8.56
CA HIS A 308 37.67 -11.46 -8.56
C HIS A 308 37.88 -12.70 -9.36
N SER A 309 37.70 -13.84 -8.74
CA SER A 309 37.90 -15.10 -9.43
C SER A 309 36.67 -16.00 -9.31
N TYR A 310 36.16 -16.52 -10.42
CA TYR A 310 35.00 -17.38 -10.38
C TYR A 310 35.28 -18.76 -10.98
N SER A 311 34.23 -19.54 -11.14
CA SER A 311 34.36 -20.88 -11.71
C SER A 311 34.98 -20.92 -13.13
N ASP A 312 34.62 -19.96 -13.98
CA ASP A 312 35.13 -20.00 -15.33
C ASP A 312 35.79 -18.72 -15.82
N SER A 313 36.03 -17.78 -14.94
CA SER A 313 36.65 -16.54 -15.35
C SER A 313 36.89 -15.69 -14.12
N GLY A 314 37.43 -14.49 -14.33
CA GLY A 314 37.68 -13.58 -13.23
C GLY A 314 38.06 -12.20 -13.77
N ILE A 315 38.15 -11.22 -12.89
CA ILE A 315 38.56 -9.89 -13.31
C ILE A 315 39.68 -9.50 -12.36
N PHE A 316 40.82 -9.09 -12.89
CA PHE A 316 41.94 -8.72 -12.06
C PHE A 316 42.41 -7.30 -12.38
N GLY A 317 42.64 -6.51 -11.35
CA GLY A 317 43.07 -5.15 -11.59
C GLY A 317 43.31 -4.27 -10.37
N ILE A 318 43.33 -2.96 -10.59
CA ILE A 318 43.55 -2.02 -9.51
C ILE A 318 42.44 -0.97 -9.40
N SER A 319 42.08 -0.66 -8.18
CA SER A 319 41.06 0.34 -7.88
C SER A 319 41.78 1.58 -7.33
N LEU A 320 41.24 2.77 -7.62
CA LEU A 320 41.87 3.99 -7.17
C LEU A 320 40.82 5.08 -6.91
N SER A 321 40.97 5.79 -5.80
CA SER A 321 40.04 6.86 -5.47
C SER A 321 40.89 8.07 -5.24
N CYS A 322 40.49 9.19 -5.83
CA CYS A 322 41.27 10.39 -5.68
C CYS A 322 40.44 11.66 -5.70
N ILE A 323 41.12 12.78 -5.53
CA ILE A 323 40.51 14.11 -5.53
C ILE A 323 40.17 14.42 -6.97
N PRO A 324 39.00 15.06 -7.19
CA PRO A 324 38.54 15.43 -8.53
C PRO A 324 39.66 16.02 -9.37
N GLN A 325 40.46 16.90 -8.75
CA GLN A 325 41.55 17.57 -9.44
C GLN A 325 42.60 16.61 -10.02
N ALA A 326 42.83 15.48 -9.34
CA ALA A 326 43.82 14.51 -9.80
C ALA A 326 43.34 13.50 -10.83
N ALA A 327 42.02 13.39 -10.99
CA ALA A 327 41.45 12.46 -11.95
C ALA A 327 42.26 12.34 -13.24
N PRO A 328 42.70 13.46 -13.80
CA PRO A 328 43.48 13.40 -15.04
C PRO A 328 44.69 12.50 -15.03
N GLN A 329 45.24 12.26 -13.84
CA GLN A 329 46.42 11.41 -13.73
C GLN A 329 46.16 9.96 -13.31
N ALA A 330 44.95 9.70 -12.83
CA ALA A 330 44.59 8.38 -12.33
C ALA A 330 44.95 7.24 -13.25
N VAL A 331 44.45 7.28 -14.49
CA VAL A 331 44.73 6.22 -15.43
C VAL A 331 46.23 5.93 -15.53
N GLU A 332 47.03 6.97 -15.76
CA GLU A 332 48.47 6.76 -15.91
C GLU A 332 49.09 6.14 -14.68
N VAL A 333 48.75 6.64 -13.51
CA VAL A 333 49.28 6.07 -12.29
C VAL A 333 49.10 4.55 -12.27
N ILE A 334 47.86 4.13 -12.49
CA ILE A 334 47.53 2.71 -12.49
C ILE A 334 48.33 1.97 -13.56
N ALA A 335 48.34 2.50 -14.78
CA ALA A 335 49.06 1.87 -15.89
C ALA A 335 50.51 1.61 -15.54
N GLN A 336 51.15 2.60 -14.93
CA GLN A 336 52.53 2.45 -14.54
C GLN A 336 52.72 1.27 -13.62
N GLN A 337 51.89 1.18 -12.59
CA GLN A 337 51.99 0.08 -11.64
C GLN A 337 51.85 -1.28 -12.32
N MET A 338 50.89 -1.40 -13.23
CA MET A 338 50.70 -2.67 -13.91
C MET A 338 51.95 -2.97 -14.72
N TYR A 339 52.40 -1.96 -15.45
CA TYR A 339 53.59 -2.06 -16.27
C TYR A 339 54.80 -2.51 -15.40
N ASN A 340 54.99 -1.84 -14.27
CA ASN A 340 56.10 -2.15 -13.41
C ASN A 340 56.14 -3.53 -12.80
N THR A 341 55.15 -4.35 -13.05
CA THR A 341 55.17 -5.68 -12.46
C THR A 341 55.87 -6.66 -13.39
N PHE A 342 56.04 -6.28 -14.65
CA PHE A 342 56.72 -7.19 -15.59
C PHE A 342 57.54 -6.53 -16.71
N ALA A 343 57.09 -5.38 -17.22
CA ALA A 343 57.76 -4.71 -18.32
C ALA A 343 58.83 -3.67 -18.00
N ASN A 344 59.16 -3.51 -16.73
CA ASN A 344 60.18 -2.54 -16.34
C ASN A 344 61.38 -3.28 -15.78
N LYS A 345 62.39 -3.47 -16.63
CA LYS A 345 63.62 -4.17 -16.28
C LYS A 345 64.29 -3.68 -14.98
N ASP A 346 64.04 -2.43 -14.62
CA ASP A 346 64.62 -1.87 -13.41
C ASP A 346 63.74 -1.98 -12.16
N LEU A 347 62.52 -2.46 -12.32
CA LEU A 347 61.62 -2.64 -11.19
C LEU A 347 61.07 -4.05 -11.22
N ARG A 348 61.89 -4.99 -11.69
CA ARG A 348 61.50 -6.39 -11.77
C ARG A 348 61.04 -6.83 -10.35
N LEU A 349 60.20 -7.85 -10.26
CA LEU A 349 59.74 -8.29 -8.94
C LEU A 349 60.88 -8.92 -8.15
N THR A 350 61.18 -8.36 -7.00
CA THR A 350 62.29 -8.85 -6.19
C THR A 350 61.99 -10.06 -5.31
N GLU A 351 63.04 -10.79 -4.95
CA GLU A 351 62.96 -11.97 -4.10
C GLU A 351 62.26 -11.61 -2.80
N ASP A 352 62.64 -10.46 -2.22
CA ASP A 352 62.06 -9.99 -0.96
C ASP A 352 60.59 -9.76 -1.11
N GLU A 353 60.21 -9.02 -2.15
CA GLU A 353 58.81 -8.71 -2.40
C GLU A 353 57.99 -9.99 -2.50
N VAL A 354 58.46 -10.90 -3.34
CA VAL A 354 57.76 -12.15 -3.58
C VAL A 354 57.70 -13.05 -2.34
N SER A 355 58.80 -13.12 -1.61
CA SER A 355 58.82 -13.97 -0.43
C SER A 355 57.83 -13.46 0.63
N ARG A 356 57.77 -12.13 0.80
CA ARG A 356 56.89 -11.53 1.78
C ARG A 356 55.43 -11.75 1.34
N ALA A 357 55.16 -11.50 0.06
CA ALA A 357 53.83 -11.66 -0.46
C ALA A 357 53.39 -13.12 -0.25
N LYS A 358 54.26 -14.07 -0.60
CA LYS A 358 53.92 -15.47 -0.40
C LYS A 358 53.55 -15.78 1.05
N ASN A 359 54.36 -15.35 1.99
CA ASN A 359 54.01 -15.62 3.38
C ASN A 359 52.72 -14.90 3.80
N GLN A 360 52.43 -13.72 3.25
CA GLN A 360 51.23 -13.01 3.63
C GLN A 360 49.99 -13.68 3.05
N LEU A 361 50.16 -14.32 1.90
CA LEU A 361 49.05 -15.02 1.30
C LEU A 361 48.76 -16.28 2.13
N LYS A 362 49.79 -17.10 2.38
CA LYS A 362 49.58 -18.33 3.17
C LYS A 362 48.94 -17.97 4.49
N SER A 363 49.46 -16.90 5.05
CA SER A 363 49.02 -16.43 6.32
C SER A 363 47.53 -16.14 6.33
N SER A 364 47.06 -15.28 5.43
CA SER A 364 45.65 -14.95 5.49
C SER A 364 44.74 -16.10 5.12
N LEU A 365 45.20 -17.03 4.31
CA LEU A 365 44.35 -18.18 4.00
C LEU A 365 44.23 -19.00 5.25
N LEU A 366 45.35 -19.47 5.78
CA LEU A 366 45.32 -20.29 6.99
C LEU A 366 44.62 -19.67 8.18
N MET A 367 44.86 -18.38 8.43
CA MET A 367 44.23 -17.76 9.58
C MET A 367 42.71 -17.71 9.40
N ASN A 368 42.27 -17.39 8.20
CA ASN A 368 40.86 -17.37 7.94
C ASN A 368 40.24 -18.75 8.19
N LEU A 369 40.96 -19.78 7.80
CA LEU A 369 40.49 -21.14 7.95
C LEU A 369 40.42 -21.61 9.39
N GLU A 370 40.82 -20.76 10.32
CA GLU A 370 40.75 -21.12 11.74
C GLU A 370 39.28 -21.14 12.18
N SER A 371 38.45 -20.39 11.45
CA SER A 371 37.02 -20.30 11.75
C SER A 371 36.21 -21.48 11.18
N LYS A 372 35.40 -22.11 12.02
CA LYS A 372 34.62 -23.26 11.55
C LYS A 372 33.72 -22.87 10.39
N LEU A 373 33.06 -21.71 10.49
CA LEU A 373 32.20 -21.31 9.42
C LEU A 373 32.97 -21.08 8.13
N VAL A 374 34.20 -20.58 8.22
CA VAL A 374 34.96 -20.40 7.01
C VAL A 374 35.37 -21.75 6.43
N GLU A 375 35.77 -22.68 7.27
CA GLU A 375 36.15 -24.00 6.79
C GLU A 375 34.93 -24.58 6.09
N LEU A 376 33.79 -24.47 6.74
CA LEU A 376 32.52 -24.96 6.23
C LEU A 376 32.17 -24.40 4.88
N GLU A 377 32.20 -23.08 4.76
CA GLU A 377 31.84 -22.47 3.49
C GLU A 377 32.82 -22.83 2.39
N ASP A 378 34.11 -22.82 2.72
CA ASP A 378 35.07 -23.14 1.70
C ASP A 378 34.88 -24.59 1.24
N MET A 379 34.54 -25.49 2.16
CA MET A 379 34.34 -26.87 1.76
C MET A 379 33.11 -26.99 0.88
N GLY A 380 32.00 -26.45 1.32
CA GLY A 380 30.80 -26.51 0.53
C GLY A 380 30.99 -26.03 -0.89
N ARG A 381 31.61 -24.86 -1.04
CA ARG A 381 31.80 -24.32 -2.38
C ARG A 381 32.73 -25.14 -3.21
N GLN A 382 33.80 -25.64 -2.62
CA GLN A 382 34.72 -26.45 -3.40
C GLN A 382 34.04 -27.73 -3.91
N VAL A 383 33.32 -28.41 -3.03
CA VAL A 383 32.63 -29.62 -3.44
C VAL A 383 31.56 -29.28 -4.48
N LEU A 384 30.85 -28.19 -4.24
CA LEU A 384 29.83 -27.77 -5.18
C LEU A 384 30.45 -27.57 -6.57
N MET A 385 31.63 -26.96 -6.60
CA MET A 385 32.25 -26.67 -7.87
C MET A 385 32.98 -27.76 -8.61
N HIS A 386 33.90 -28.45 -7.95
CA HIS A 386 34.59 -29.53 -8.66
C HIS A 386 34.61 -30.82 -7.85
N GLY A 387 33.59 -30.97 -7.02
CA GLY A 387 33.46 -32.18 -6.22
C GLY A 387 34.66 -32.79 -5.50
N ARG A 388 35.47 -31.97 -4.83
CA ARG A 388 36.62 -32.47 -4.08
C ARG A 388 37.05 -31.32 -3.21
N LYS A 389 37.79 -31.58 -2.14
CA LYS A 389 38.26 -30.51 -1.29
C LYS A 389 39.76 -30.57 -1.35
N ILE A 390 40.38 -29.57 -1.94
CA ILE A 390 41.83 -29.57 -2.00
C ILE A 390 42.39 -29.49 -0.58
N PRO A 391 43.27 -30.44 -0.23
CA PRO A 391 43.86 -30.46 1.10
C PRO A 391 44.77 -29.28 1.33
N VAL A 392 44.65 -28.69 2.51
CA VAL A 392 45.45 -27.53 2.86
C VAL A 392 46.94 -27.67 2.51
N ASN A 393 47.52 -28.84 2.83
CA ASN A 393 48.93 -29.11 2.54
C ASN A 393 49.27 -28.78 1.09
N GLU A 394 48.46 -29.28 0.18
CA GLU A 394 48.67 -29.09 -1.25
C GLU A 394 48.68 -27.61 -1.58
N MET A 395 47.74 -26.88 -0.98
CA MET A 395 47.60 -25.46 -1.19
C MET A 395 48.85 -24.68 -0.75
N ILE A 396 49.33 -25.01 0.43
CA ILE A 396 50.51 -24.35 0.95
C ILE A 396 51.72 -24.65 0.07
N SER A 397 51.88 -25.91 -0.32
CA SER A 397 53.00 -26.32 -1.17
C SER A 397 53.00 -25.51 -2.44
N LYS A 398 51.88 -25.49 -3.15
CA LYS A 398 51.84 -24.74 -4.39
C LYS A 398 52.25 -23.27 -4.21
N ILE A 399 51.98 -22.68 -3.05
CA ILE A 399 52.37 -21.31 -2.83
C ILE A 399 53.86 -21.20 -2.54
N GLU A 400 54.35 -22.07 -1.65
CA GLU A 400 55.75 -22.04 -1.26
C GLU A 400 56.72 -22.31 -2.41
N ASP A 401 56.25 -23.02 -3.43
CA ASP A 401 57.08 -23.33 -4.59
C ASP A 401 57.10 -22.21 -5.64
N LEU A 402 56.32 -21.17 -5.41
CA LEU A 402 56.28 -20.06 -6.34
C LEU A 402 57.58 -19.31 -6.29
N LYS A 403 58.07 -18.88 -7.46
CA LYS A 403 59.30 -18.11 -7.58
C LYS A 403 59.00 -16.80 -8.32
N PRO A 404 59.79 -15.74 -8.07
CA PRO A 404 59.53 -14.46 -8.75
C PRO A 404 59.16 -14.55 -10.23
N ASP A 405 59.83 -15.40 -11.01
CA ASP A 405 59.50 -15.49 -12.42
C ASP A 405 58.05 -15.92 -12.63
N ASP A 406 57.57 -16.78 -11.74
CA ASP A 406 56.19 -17.26 -11.83
C ASP A 406 55.23 -16.10 -11.73
N ILE A 407 55.50 -15.21 -10.78
CA ILE A 407 54.63 -14.08 -10.59
C ILE A 407 54.75 -13.13 -11.76
N SER A 408 55.95 -13.00 -12.31
CA SER A 408 56.13 -12.12 -13.46
C SER A 408 55.43 -12.68 -14.69
N ARG A 409 55.52 -13.98 -14.89
CA ARG A 409 54.88 -14.55 -16.04
C ARG A 409 53.36 -14.29 -15.97
N VAL A 410 52.78 -14.54 -14.80
CA VAL A 410 51.35 -14.36 -14.62
C VAL A 410 50.96 -12.89 -14.76
N ALA A 411 51.77 -11.99 -14.22
CA ALA A 411 51.44 -10.57 -14.33
C ALA A 411 51.36 -10.16 -15.79
N GLU A 412 52.35 -10.56 -16.57
CA GLU A 412 52.38 -10.25 -18.00
C GLU A 412 51.16 -10.82 -18.72
N MET A 413 50.86 -12.08 -18.46
CA MET A 413 49.72 -12.73 -19.08
C MET A 413 48.43 -11.95 -18.87
N ILE A 414 48.18 -11.57 -17.60
CA ILE A 414 46.98 -10.84 -17.29
C ILE A 414 46.95 -9.46 -17.93
N PHE A 415 47.99 -8.66 -17.72
CA PHE A 415 47.99 -7.29 -18.25
C PHE A 415 48.18 -7.14 -19.77
N THR A 416 48.62 -8.21 -20.40
CA THR A 416 48.81 -8.22 -21.84
C THR A 416 47.50 -8.60 -22.51
N GLY A 417 46.52 -8.96 -21.67
CA GLY A 417 45.23 -9.39 -22.18
C GLY A 417 45.36 -10.77 -22.80
N ASN A 418 46.30 -11.57 -22.31
CA ASN A 418 46.55 -12.90 -22.85
C ASN A 418 45.96 -14.10 -22.08
N VAL A 419 44.84 -13.89 -21.41
CA VAL A 419 44.25 -15.01 -20.72
C VAL A 419 43.36 -15.79 -21.68
N ASN A 420 43.39 -17.11 -21.55
CA ASN A 420 42.58 -17.95 -22.42
C ASN A 420 41.65 -18.88 -21.69
N ASN A 421 40.54 -18.31 -21.23
CA ASN A 421 39.53 -19.07 -20.52
C ASN A 421 38.51 -19.62 -21.50
N ALA A 422 37.74 -20.60 -21.02
CA ALA A 422 36.72 -21.24 -21.83
C ALA A 422 35.83 -20.28 -22.62
N GLY A 423 35.48 -19.15 -22.02
CA GLY A 423 34.62 -18.18 -22.70
C GLY A 423 35.31 -17.44 -23.82
N ASN A 424 36.60 -17.69 -23.99
CA ASN A 424 37.38 -17.06 -25.04
C ASN A 424 37.19 -15.54 -25.03
N GLY A 425 37.56 -14.93 -23.90
CA GLY A 425 37.40 -13.49 -23.75
C GLY A 425 38.32 -12.64 -24.60
N LYS A 426 37.91 -11.39 -24.79
CA LYS A 426 38.69 -10.41 -25.53
C LYS A 426 39.86 -10.00 -24.61
N GLY A 427 40.83 -9.28 -25.12
CA GLY A 427 41.94 -8.86 -24.28
C GLY A 427 41.77 -7.38 -23.97
N ARG A 428 40.54 -6.88 -24.13
CA ARG A 428 40.26 -5.50 -23.88
C ARG A 428 40.11 -5.22 -22.37
N ALA A 429 40.61 -4.07 -21.92
CA ALA A 429 40.52 -3.70 -20.52
C ALA A 429 39.11 -3.36 -20.14
N THR A 430 38.85 -3.39 -18.84
CA THR A 430 37.54 -2.99 -18.36
C THR A 430 37.85 -1.78 -17.53
N VAL A 431 37.22 -0.66 -17.88
CA VAL A 431 37.48 0.56 -17.12
C VAL A 431 36.18 1.18 -16.71
N VAL A 432 36.01 1.32 -15.43
CA VAL A 432 34.77 1.85 -14.93
C VAL A 432 35.09 2.99 -13.96
N MET A 433 34.27 4.03 -13.98
CA MET A 433 34.55 5.17 -13.13
C MET A 433 33.37 6.06 -12.71
N GLN A 434 33.54 6.72 -11.57
CA GLN A 434 32.56 7.65 -11.04
C GLN A 434 33.22 9.04 -10.96
N GLY A 435 32.62 10.00 -11.64
CA GLY A 435 33.11 11.37 -11.70
C GLY A 435 32.79 11.95 -13.07
N ASP A 436 33.42 13.05 -13.46
CA ASP A 436 33.13 13.59 -14.78
C ASP A 436 33.95 12.78 -15.78
N ARG A 437 33.32 12.25 -16.81
CA ARG A 437 34.06 11.44 -17.76
C ARG A 437 35.31 12.11 -18.33
N GLY A 438 35.16 13.37 -18.72
CA GLY A 438 36.28 14.12 -19.27
C GLY A 438 37.50 14.10 -18.38
N SER A 439 37.29 14.38 -17.09
CA SER A 439 38.36 14.41 -16.11
C SER A 439 39.35 13.25 -16.18
N PHE A 440 38.94 12.14 -16.78
CA PHE A 440 39.82 10.98 -16.85
C PHE A 440 40.68 10.87 -18.09
N GLY A 441 40.37 11.70 -19.07
CA GLY A 441 41.18 11.73 -20.27
C GLY A 441 41.00 10.59 -21.22
N ASP A 442 41.91 10.49 -22.20
CA ASP A 442 41.82 9.41 -23.18
C ASP A 442 42.33 8.12 -22.56
N VAL A 443 41.45 7.44 -21.83
CA VAL A 443 41.80 6.21 -21.14
C VAL A 443 42.45 5.15 -22.00
N GLU A 444 41.86 4.84 -23.15
CA GLU A 444 42.43 3.79 -24.00
C GLU A 444 43.84 4.09 -24.51
N ASN A 445 44.08 5.35 -24.82
CA ASN A 445 45.37 5.76 -25.34
C ASN A 445 46.47 5.53 -24.29
N VAL A 446 46.21 5.93 -23.07
CA VAL A 446 47.19 5.73 -22.03
C VAL A 446 47.53 4.26 -21.84
N LEU A 447 46.50 3.41 -21.90
CA LEU A 447 46.73 1.98 -21.72
C LEU A 447 47.57 1.43 -22.85
N LYS A 448 47.24 1.80 -24.08
CA LYS A 448 48.01 1.30 -25.21
C LYS A 448 49.43 1.81 -25.09
N ALA A 449 49.59 3.05 -24.70
CA ALA A 449 50.92 3.61 -24.56
C ALA A 449 51.77 2.73 -23.69
N TYR A 450 51.16 2.04 -22.73
CA TYR A 450 51.94 1.18 -21.84
C TYR A 450 51.98 -0.31 -22.22
N GLY A 451 51.47 -0.62 -23.40
CA GLY A 451 51.49 -1.99 -23.85
C GLY A 451 50.51 -2.86 -23.11
N LEU A 452 49.58 -2.24 -22.39
CA LEU A 452 48.62 -3.04 -21.64
C LEU A 452 47.47 -3.43 -22.56
N GLY A 453 46.89 -4.59 -22.32
CA GLY A 453 45.78 -5.02 -23.15
C GLY A 453 46.23 -5.71 -24.41
N ASN A 454 45.27 -6.01 -25.27
CA ASN A 454 45.54 -6.72 -26.52
C ASN A 454 44.62 -6.09 -27.58
N SER A 455 45.19 -5.62 -28.68
CA SER A 455 44.37 -4.96 -29.72
C SER A 455 44.11 -5.86 -30.92
N SER A 456 44.99 -6.86 -31.09
CA SER A 456 44.91 -7.83 -32.19
C SER A 456 44.35 -9.16 -31.65
N SER A 457 43.22 -9.60 -32.19
CA SER A 457 42.57 -10.84 -31.78
C SER A 457 43.46 -12.09 -31.98
N PRO B 5 43.47 -31.71 25.30
CA PRO B 5 41.97 -31.69 25.40
C PRO B 5 41.59 -30.77 26.57
N GLY B 6 41.35 -29.48 26.30
CA GLY B 6 41.10 -28.55 27.39
C GLY B 6 42.22 -27.50 27.44
N THR B 7 42.37 -26.82 28.57
CA THR B 7 43.39 -25.79 28.66
C THR B 7 44.55 -26.20 29.56
N ARG B 8 45.76 -26.31 28.99
CA ARG B 8 46.95 -26.69 29.75
C ARG B 8 47.51 -25.48 30.51
N THR B 9 48.02 -25.66 31.72
CA THR B 9 48.58 -24.54 32.47
C THR B 9 49.92 -24.87 33.11
N SER B 10 50.79 -23.87 33.18
CA SER B 10 52.10 -24.00 33.79
C SER B 10 52.48 -22.64 34.33
N LYS B 11 53.29 -22.62 35.38
CA LYS B 11 53.74 -21.38 36.01
C LYS B 11 55.27 -21.31 35.98
N LEU B 12 55.80 -20.19 35.53
CA LEU B 12 57.24 -19.96 35.48
C LEU B 12 57.74 -19.60 36.88
N PRO B 13 59.02 -19.87 37.18
CA PRO B 13 59.54 -19.54 38.52
C PRO B 13 59.30 -18.07 38.93
N ASN B 14 59.33 -17.14 37.96
CA ASN B 14 59.09 -15.72 38.30
C ASN B 14 57.60 -15.36 38.48
N GLY B 15 56.72 -16.35 38.46
CA GLY B 15 55.30 -16.11 38.66
C GLY B 15 54.42 -16.10 37.41
N LEU B 16 55.04 -15.94 36.24
CA LEU B 16 54.31 -15.91 34.98
C LEU B 16 53.55 -17.18 34.70
N THR B 17 52.28 -17.05 34.30
CA THR B 17 51.46 -18.21 33.97
C THR B 17 51.42 -18.43 32.46
N ILE B 18 51.48 -19.69 32.02
CA ILE B 18 51.41 -20.03 30.60
C ILE B 18 50.15 -20.92 30.42
N ALA B 19 49.13 -20.39 29.73
CA ALA B 19 47.87 -21.12 29.51
C ALA B 19 47.65 -21.37 28.01
N THR B 20 47.30 -22.60 27.71
CA THR B 20 47.19 -23.03 26.32
C THR B 20 46.06 -23.93 25.88
N GLU B 21 45.54 -23.69 24.66
CA GLU B 21 44.54 -24.61 24.15
C GLU B 21 44.92 -24.96 22.72
N TYR B 22 45.23 -26.24 22.50
CA TYR B 22 45.61 -26.76 21.20
C TYR B 22 44.36 -26.88 20.34
N ILE B 23 44.47 -26.55 19.05
CA ILE B 23 43.32 -26.66 18.13
C ILE B 23 43.77 -27.59 17.03
N PRO B 24 43.13 -28.76 16.91
CA PRO B 24 43.50 -29.73 15.86
C PRO B 24 43.32 -29.21 14.44
N ASN B 25 44.13 -29.72 13.52
CA ASN B 25 44.03 -29.32 12.12
C ASN B 25 44.23 -27.85 11.88
N THR B 26 45.28 -27.29 12.46
CA THR B 26 45.57 -25.88 12.25
C THR B 26 47.06 -25.76 12.03
N SER B 27 47.47 -24.66 11.42
CA SER B 27 48.86 -24.42 11.11
C SER B 27 49.23 -23.02 11.47
N SER B 28 48.35 -22.37 12.22
CA SER B 28 48.59 -21.02 12.63
C SER B 28 48.08 -20.91 14.05
N ALA B 29 48.42 -19.80 14.71
CA ALA B 29 48.02 -19.60 16.09
C ALA B 29 48.09 -18.17 16.53
N THR B 30 47.64 -17.95 17.75
CA THR B 30 47.67 -16.64 18.35
C THR B 30 48.40 -16.77 19.71
N VAL B 31 49.26 -15.82 20.02
CA VAL B 31 49.94 -15.82 21.32
C VAL B 31 49.82 -14.42 21.84
N GLY B 32 49.48 -14.30 23.11
CA GLY B 32 49.36 -12.98 23.69
C GLY B 32 49.81 -12.90 25.12
N ILE B 33 50.37 -11.74 25.48
CA ILE B 33 50.84 -11.50 26.82
C ILE B 33 49.81 -10.59 27.46
N PHE B 34 49.30 -11.00 28.62
CA PHE B 34 48.28 -10.27 29.32
C PHE B 34 48.84 -9.83 30.65
N VAL B 35 48.75 -8.51 30.91
CA VAL B 35 49.29 -7.98 32.15
C VAL B 35 48.22 -7.29 32.95
N ASP B 36 48.07 -7.71 34.20
CA ASP B 36 47.09 -7.10 35.10
C ASP B 36 47.61 -5.72 35.46
N ALA B 37 47.31 -4.75 34.59
CA ALA B 37 47.76 -3.38 34.75
C ALA B 37 46.64 -2.41 34.40
N GLY B 38 46.64 -1.91 33.18
CA GLY B 38 45.60 -0.98 32.76
C GLY B 38 45.53 0.30 33.60
N SER B 39 44.61 1.20 33.25
CA SER B 39 44.47 2.46 33.97
C SER B 39 44.11 2.32 35.47
N ARG B 40 43.55 1.18 35.92
CA ARG B 40 43.20 1.09 37.34
C ARG B 40 44.48 0.93 38.19
N ALA B 41 45.63 0.88 37.53
CA ALA B 41 46.90 0.78 38.24
C ALA B 41 47.61 2.15 38.30
N GLU B 42 47.02 3.17 37.70
CA GLU B 42 47.58 4.51 37.69
C GLU B 42 46.98 5.34 38.83
N ASN B 43 47.44 6.59 38.96
CA ASN B 43 46.89 7.49 39.98
C ASN B 43 46.46 8.77 39.25
N VAL B 44 46.02 9.78 39.98
CA VAL B 44 45.55 10.99 39.31
C VAL B 44 46.53 11.74 38.40
N LYS B 45 47.80 11.85 38.79
CA LYS B 45 48.76 12.58 37.94
C LYS B 45 49.42 11.63 36.95
N ASN B 46 49.23 10.35 37.23
CA ASN B 46 49.76 9.22 36.47
C ASN B 46 48.85 8.86 35.31
N ASN B 47 47.56 9.05 35.56
CA ASN B 47 46.47 8.73 34.64
C ASN B 47 46.74 8.90 33.15
N GLY B 48 46.74 7.78 32.43
CA GLY B 48 46.96 7.80 31.00
C GLY B 48 48.25 7.15 30.55
N THR B 49 49.10 6.83 31.51
CA THR B 49 50.40 6.23 31.22
C THR B 49 50.34 4.91 30.49
N ALA B 50 49.64 3.92 31.05
CA ALA B 50 49.54 2.59 30.42
C ALA B 50 49.19 2.67 28.95
N HIS B 51 48.26 3.55 28.61
CA HIS B 51 47.88 3.70 27.22
C HIS B 51 49.04 4.34 26.44
N PHE B 52 49.66 5.34 27.04
CA PHE B 52 50.78 6.02 26.43
C PHE B 52 51.89 5.00 26.12
N LEU B 53 52.12 4.11 27.08
CA LEU B 53 53.11 3.06 26.90
C LEU B 53 52.79 2.22 25.69
N GLN B 54 51.54 1.75 25.60
CA GLN B 54 51.13 0.91 24.48
C GLN B 54 51.56 1.54 23.15
N HIS B 55 51.34 2.84 22.99
CA HIS B 55 51.72 3.51 21.75
C HIS B 55 53.21 3.42 21.47
N LEU B 56 54.02 3.74 22.49
CA LEU B 56 55.46 3.72 22.40
C LEU B 56 56.07 2.32 22.20
N ALA B 57 55.46 1.29 22.75
CA ALA B 57 56.00 -0.05 22.59
C ALA B 57 56.28 -0.40 21.13
N PHE B 58 55.59 0.27 20.19
CA PHE B 58 55.79 0.01 18.76
C PHE B 58 56.83 0.91 18.10
N LYS B 59 57.44 1.80 18.88
CA LYS B 59 58.41 2.75 18.32
C LYS B 59 59.87 2.31 18.30
N GLY B 60 60.16 1.15 18.87
CA GLY B 60 61.52 0.65 18.85
C GLY B 60 61.95 0.05 20.17
N THR B 61 62.75 -1.00 20.11
CA THR B 61 63.25 -1.61 21.35
C THR B 61 64.80 -1.62 21.31
N GLN B 62 65.40 -2.08 22.39
CA GLN B 62 66.84 -2.16 22.51
C GLN B 62 67.43 -3.13 21.50
N ASN B 63 66.59 -3.94 20.89
CA ASN B 63 67.06 -4.92 19.92
C ASN B 63 66.55 -4.69 18.53
N ARG B 64 65.46 -3.96 18.40
CA ARG B 64 64.86 -3.70 17.09
C ARG B 64 64.33 -2.29 16.93
N PRO B 65 64.76 -1.59 15.89
CA PRO B 65 64.27 -0.22 15.66
C PRO B 65 62.83 -0.38 15.17
N GLN B 66 62.03 0.69 15.21
CA GLN B 66 60.65 0.60 14.77
C GLN B 66 60.42 -0.12 13.45
N GLN B 67 60.95 0.43 12.37
CA GLN B 67 60.71 -0.16 11.08
C GLN B 67 61.17 -1.61 11.04
N GLY B 68 62.05 -1.98 11.97
CA GLY B 68 62.56 -3.33 12.02
C GLY B 68 61.51 -4.33 12.46
N ILE B 69 60.72 -3.94 13.45
CA ILE B 69 59.62 -4.76 13.93
C ILE B 69 58.59 -4.95 12.79
N GLU B 70 58.16 -3.85 12.19
CA GLU B 70 57.19 -3.88 11.12
C GLU B 70 57.57 -4.85 10.04
N LEU B 71 58.73 -4.60 9.43
CA LEU B 71 59.22 -5.40 8.32
C LEU B 71 59.38 -6.87 8.70
N GLU B 72 59.85 -7.14 9.90
CA GLU B 72 60.05 -8.51 10.31
C GLU B 72 58.72 -9.24 10.39
N ILE B 73 57.71 -8.58 10.97
CA ILE B 73 56.38 -9.17 11.11
C ILE B 73 55.72 -9.39 9.76
N GLU B 74 55.80 -8.39 8.90
CA GLU B 74 55.21 -8.48 7.59
C GLU B 74 55.87 -9.51 6.68
N ASN B 75 57.14 -9.80 6.92
CA ASN B 75 57.81 -10.78 6.06
C ASN B 75 57.43 -12.20 6.34
N ILE B 76 57.01 -12.50 7.57
CA ILE B 76 56.58 -13.87 7.88
C ILE B 76 55.06 -13.93 7.90
N GLY B 77 54.42 -12.84 7.47
CA GLY B 77 52.97 -12.79 7.44
C GLY B 77 52.32 -12.90 8.80
N SER B 78 52.89 -12.25 9.79
CA SER B 78 52.27 -12.29 11.11
C SER B 78 51.52 -10.94 11.32
N HIS B 79 50.85 -10.83 12.43
CA HIS B 79 50.10 -9.62 12.72
C HIS B 79 50.41 -9.32 14.15
N LEU B 80 50.52 -8.03 14.45
CA LEU B 80 50.85 -7.60 15.79
C LEU B 80 49.88 -6.53 16.25
N ASN B 81 49.29 -6.72 17.43
CA ASN B 81 48.36 -5.75 17.96
C ASN B 81 48.40 -5.64 19.48
N ALA B 82 47.79 -4.58 20.01
CA ALA B 82 47.75 -4.33 21.43
C ALA B 82 46.53 -3.51 21.83
N TYR B 83 46.16 -3.57 23.10
CA TYR B 83 45.05 -2.80 23.58
C TYR B 83 45.19 -2.64 25.07
N THR B 84 44.55 -1.59 25.58
CA THR B 84 44.56 -1.30 27.01
C THR B 84 43.12 -1.09 27.46
N SER B 85 42.79 -1.66 28.62
CA SER B 85 41.47 -1.53 29.21
C SER B 85 41.67 -1.00 30.61
N ARG B 86 40.61 -0.82 31.38
CA ARG B 86 40.81 -0.30 32.71
C ARG B 86 41.49 -1.32 33.59
N GLU B 87 41.36 -2.61 33.26
CA GLU B 87 41.96 -3.69 34.02
C GLU B 87 43.30 -4.22 33.56
N ASN B 88 43.55 -4.26 32.25
CA ASN B 88 44.84 -4.77 31.76
C ASN B 88 45.41 -4.18 30.48
N THR B 89 46.61 -4.65 30.18
CA THR B 89 47.35 -4.25 28.99
C THR B 89 47.60 -5.58 28.29
N VAL B 90 47.30 -5.59 27.00
CA VAL B 90 47.47 -6.81 26.24
C VAL B 90 48.22 -6.57 24.94
N TYR B 91 49.21 -7.40 24.69
CA TYR B 91 49.95 -7.31 23.43
C TYR B 91 49.84 -8.71 22.85
N TYR B 92 49.53 -8.80 21.56
CA TYR B 92 49.41 -10.14 20.99
C TYR B 92 49.78 -10.27 19.54
N ALA B 93 50.03 -11.50 19.12
CA ALA B 93 50.41 -11.74 17.75
C ALA B 93 49.74 -12.95 17.11
N LYS B 94 49.51 -12.86 15.82
CA LYS B 94 48.92 -13.97 15.08
C LYS B 94 50.03 -14.37 14.10
N SER B 95 50.33 -15.66 13.99
CA SER B 95 51.35 -16.06 13.03
C SER B 95 51.27 -17.54 12.69
N LEU B 96 52.01 -17.95 11.65
CA LEU B 96 52.02 -19.36 11.27
C LEU B 96 52.73 -20.06 12.40
N GLN B 97 52.45 -21.35 12.58
CA GLN B 97 53.05 -22.11 13.70
C GLN B 97 54.57 -22.05 13.76
N GLU B 98 55.20 -21.97 12.59
CA GLU B 98 56.65 -21.91 12.53
C GLU B 98 57.17 -20.68 13.26
N ASP B 99 56.40 -19.58 13.22
CA ASP B 99 56.86 -18.36 13.85
C ASP B 99 56.45 -18.12 15.31
N ILE B 100 55.84 -19.10 15.98
CA ILE B 100 55.43 -18.88 17.37
C ILE B 100 56.59 -18.32 18.24
N PRO B 101 57.75 -19.00 18.23
CA PRO B 101 58.85 -18.48 19.04
C PRO B 101 59.22 -17.06 18.63
N LYS B 102 59.39 -16.81 17.33
CA LYS B 102 59.72 -15.45 16.88
C LYS B 102 58.71 -14.47 17.51
N ALA B 103 57.46 -14.90 17.60
CA ALA B 103 56.37 -14.13 18.15
C ALA B 103 56.55 -13.84 19.63
N VAL B 104 56.88 -14.89 20.37
CA VAL B 104 57.07 -14.70 21.78
C VAL B 104 58.24 -13.74 21.98
N ASP B 105 59.30 -13.94 21.22
CA ASP B 105 60.48 -13.10 21.29
C ASP B 105 60.04 -11.65 21.16
N ILE B 106 59.46 -11.31 20.02
CA ILE B 106 59.04 -9.95 19.78
C ILE B 106 58.05 -9.41 20.82
N LEU B 107 57.15 -10.25 21.30
CA LEU B 107 56.23 -9.70 22.27
C LEU B 107 57.02 -9.25 23.50
N SER B 108 57.81 -10.13 24.07
CA SER B 108 58.60 -9.77 25.26
C SER B 108 59.50 -8.55 24.99
N ASP B 109 60.04 -8.47 23.77
CA ASP B 109 60.92 -7.39 23.41
C ASP B 109 60.18 -6.04 23.50
N ILE B 110 58.99 -5.98 22.91
CA ILE B 110 58.21 -4.75 22.90
C ILE B 110 57.65 -4.38 24.27
N LEU B 111 57.35 -5.40 25.05
CA LEU B 111 56.78 -5.15 26.35
C LEU B 111 57.83 -4.67 27.35
N THR B 112 58.95 -5.38 27.43
CA THR B 112 59.98 -5.05 28.40
C THR B 112 61.27 -4.34 27.94
N LYS B 113 61.66 -4.43 26.68
CA LYS B 113 62.91 -3.77 26.28
C LYS B 113 62.68 -2.61 25.33
N SER B 114 61.58 -1.91 25.52
CA SER B 114 61.28 -0.80 24.63
C SER B 114 62.13 0.44 24.99
N VAL B 115 62.65 1.08 23.94
CA VAL B 115 63.49 2.26 24.02
C VAL B 115 62.92 3.47 24.78
N LEU B 116 61.71 3.89 24.39
CA LEU B 116 61.05 5.04 25.02
C LEU B 116 61.88 6.30 24.76
N ASP B 117 62.21 6.52 23.50
CA ASP B 117 63.00 7.66 23.12
C ASP B 117 62.26 8.99 23.45
N ASN B 118 62.98 9.95 24.03
CA ASN B 118 62.42 11.24 24.37
C ASN B 118 61.79 11.98 23.20
N SER B 119 62.36 11.80 22.02
CA SER B 119 61.82 12.45 20.83
C SER B 119 60.46 11.83 20.52
N ALA B 120 60.43 10.50 20.58
CA ALA B 120 59.23 9.71 20.34
C ALA B 120 58.12 10.12 21.31
N ILE B 121 58.47 10.14 22.60
CA ILE B 121 57.54 10.51 23.64
C ILE B 121 56.92 11.88 23.40
N GLU B 122 57.68 12.82 22.84
CA GLU B 122 57.13 14.16 22.61
C GLU B 122 56.24 14.24 21.37
N ARG B 123 56.61 13.50 20.34
CA ARG B 123 55.83 13.51 19.11
C ARG B 123 54.50 12.83 19.35
N GLU B 124 54.53 11.77 20.16
CA GLU B 124 53.35 10.97 20.46
C GLU B 124 52.27 11.72 21.25
N ARG B 125 52.67 12.71 22.06
CA ARG B 125 51.71 13.47 22.88
C ARG B 125 50.62 14.03 21.98
N ASP B 126 50.99 14.37 20.75
CA ASP B 126 50.03 14.93 19.82
C ASP B 126 49.05 13.88 19.31
N VAL B 127 49.58 12.70 18.98
CA VAL B 127 48.74 11.63 18.48
C VAL B 127 47.67 11.28 19.52
N ILE B 128 48.11 11.10 20.77
CA ILE B 128 47.22 10.76 21.87
C ILE B 128 46.16 11.82 22.03
N ILE B 129 46.50 13.08 21.81
CA ILE B 129 45.53 14.19 21.91
C ILE B 129 44.49 14.02 20.81
N ARG B 130 44.98 13.83 19.60
CA ARG B 130 44.14 13.64 18.42
C ARG B 130 43.15 12.52 18.74
N GLU B 131 43.66 11.46 19.36
CA GLU B 131 42.85 10.31 19.72
C GLU B 131 41.76 10.72 20.71
N SER B 132 42.14 11.55 21.65
CA SER B 132 41.22 12.01 22.66
C SER B 132 40.08 12.76 21.98
N GLU B 133 40.42 13.62 21.01
CA GLU B 133 39.42 14.39 20.29
C GLU B 133 38.44 13.52 19.52
N GLU B 134 38.85 12.30 19.18
CA GLU B 134 37.99 11.40 18.44
C GLU B 134 36.99 10.71 19.36
N VAL B 135 37.42 10.35 20.55
CA VAL B 135 36.55 9.69 21.50
C VAL B 135 35.45 10.67 21.88
N ASP B 136 35.79 11.94 21.98
CA ASP B 136 34.82 12.96 22.33
C ASP B 136 33.67 13.02 21.31
N LYS B 137 33.88 12.43 20.14
CA LYS B 137 32.85 12.44 19.12
C LYS B 137 31.94 11.22 19.21
N MET B 138 32.31 10.25 20.04
CA MET B 138 31.52 9.04 20.24
C MET B 138 30.72 9.21 21.56
N TYR B 139 29.50 9.69 21.43
CA TYR B 139 28.67 9.96 22.58
C TYR B 139 28.51 8.82 23.56
N ASP B 140 28.37 7.60 23.08
CA ASP B 140 28.26 6.47 24.02
C ASP B 140 29.52 6.42 24.91
N GLU B 141 30.69 6.52 24.27
CA GLU B 141 32.00 6.50 24.91
C GLU B 141 32.08 7.57 25.99
N VAL B 142 31.62 8.76 25.64
CA VAL B 142 31.63 9.91 26.53
C VAL B 142 30.74 9.64 27.75
N VAL B 143 29.51 9.24 27.50
CA VAL B 143 28.60 8.98 28.56
C VAL B 143 29.19 7.92 29.52
N PHE B 144 29.66 6.80 28.99
CA PHE B 144 30.22 5.80 29.90
C PHE B 144 31.47 6.25 30.63
N ASP B 145 32.27 7.16 30.07
CA ASP B 145 33.44 7.62 30.83
C ASP B 145 32.97 8.43 32.04
N HIS B 146 32.02 9.34 31.82
CA HIS B 146 31.48 10.13 32.92
C HIS B 146 30.82 9.21 33.95
N LEU B 147 30.14 8.18 33.47
CA LEU B 147 29.48 7.28 34.39
C LEU B 147 30.51 6.63 35.31
N HIS B 148 31.67 6.29 34.78
CA HIS B 148 32.68 5.65 35.60
C HIS B 148 33.26 6.63 36.60
N GLU B 149 33.39 7.88 36.18
CA GLU B 149 33.92 8.91 37.04
C GLU B 149 33.05 9.13 38.30
N ILE B 150 31.72 9.18 38.12
CA ILE B 150 30.89 9.46 39.28
C ILE B 150 30.54 8.24 40.07
N THR B 151 30.44 7.12 39.40
CA THR B 151 30.10 5.88 40.09
C THR B 151 31.25 5.38 40.95
N TYR B 152 32.45 5.53 40.44
CA TYR B 152 33.60 5.12 41.22
C TYR B 152 34.31 6.41 41.64
N LYS B 153 33.55 7.33 42.25
CA LYS B 153 34.06 8.63 42.66
C LYS B 153 35.44 8.58 43.30
N ASP B 154 36.38 9.28 42.68
CA ASP B 154 37.76 9.38 43.15
C ASP B 154 38.44 8.03 43.36
N GLN B 155 38.06 7.03 42.58
CA GLN B 155 38.72 5.74 42.71
C GLN B 155 39.45 5.40 41.39
N PRO B 156 40.32 4.39 41.39
CA PRO B 156 41.07 3.98 40.18
C PRO B 156 40.18 3.68 38.99
N LEU B 157 39.15 2.87 39.23
CA LEU B 157 38.20 2.49 38.18
C LEU B 157 37.43 3.72 37.66
N GLY B 158 37.48 4.83 38.39
CA GLY B 158 36.75 6.00 37.96
C GLY B 158 37.48 6.83 36.93
N ARG B 159 38.75 6.51 36.66
CA ARG B 159 39.52 7.27 35.69
C ARG B 159 39.44 6.64 34.33
N THR B 160 39.56 7.44 33.28
CA THR B 160 39.51 6.94 31.92
C THR B 160 40.87 6.29 31.51
N ILE B 161 40.87 5.57 30.40
CA ILE B 161 42.09 4.93 29.92
C ILE B 161 43.08 5.93 29.32
N LEU B 162 42.57 6.81 28.48
CA LEU B 162 43.41 7.81 27.86
C LEU B 162 43.99 8.84 28.84
N GLY B 163 43.22 9.21 29.85
CA GLY B 163 43.64 10.19 30.83
C GLY B 163 43.28 11.61 30.38
N PRO B 164 43.40 12.62 31.25
CA PRO B 164 43.09 14.02 30.92
C PRO B 164 44.12 14.62 29.92
N ILE B 165 43.74 15.64 29.17
CA ILE B 165 44.70 16.27 28.24
C ILE B 165 45.90 16.72 29.08
N LYS B 166 45.60 17.31 30.22
CA LYS B 166 46.60 17.79 31.15
C LYS B 166 47.71 16.75 31.30
N ASN B 167 47.33 15.53 31.65
CA ASN B 167 48.29 14.45 31.85
C ASN B 167 48.99 14.00 30.58
N ILE B 168 48.31 14.07 29.45
CA ILE B 168 48.91 13.63 28.20
C ILE B 168 50.06 14.57 27.85
N LYS B 169 49.94 15.81 28.30
CA LYS B 169 50.97 16.78 28.01
C LYS B 169 52.07 16.71 29.05
N SER B 170 51.80 16.14 30.21
CA SER B 170 52.81 16.09 31.28
C SER B 170 53.49 14.74 31.58
N ILE B 171 53.02 13.65 30.99
CA ILE B 171 53.64 12.34 31.27
C ILE B 171 55.13 12.41 30.86
N THR B 172 56.02 11.88 31.70
CA THR B 172 57.46 11.91 31.40
C THR B 172 58.02 10.50 31.29
N ARG B 173 59.16 10.39 30.61
CA ARG B 173 59.80 9.10 30.45
C ARG B 173 59.95 8.44 31.83
N THR B 174 60.09 9.25 32.88
CA THR B 174 60.23 8.69 34.21
C THR B 174 58.91 8.03 34.63
N ASP B 175 57.81 8.73 34.37
CA ASP B 175 56.49 8.18 34.69
C ASP B 175 56.34 6.82 34.00
N LEU B 176 56.69 6.80 32.72
CA LEU B 176 56.62 5.59 31.92
C LEU B 176 57.45 4.44 32.49
N LYS B 177 58.71 4.71 32.80
CA LYS B 177 59.56 3.64 33.30
C LYS B 177 59.14 3.17 34.67
N ASP B 178 58.53 4.06 35.46
CA ASP B 178 58.10 3.66 36.79
C ASP B 178 56.93 2.70 36.72
N TYR B 179 55.96 3.05 35.87
CA TYR B 179 54.78 2.23 35.67
C TYR B 179 55.21 0.80 35.29
N ILE B 180 56.16 0.70 34.36
CA ILE B 180 56.70 -0.57 33.94
C ILE B 180 57.34 -1.33 35.10
N THR B 181 58.15 -0.62 35.90
CA THR B 181 58.86 -1.21 37.02
C THR B 181 57.93 -1.67 38.12
N LYS B 182 56.95 -0.85 38.43
CA LYS B 182 55.99 -1.17 39.45
C LYS B 182 55.06 -2.33 39.07
N ASN B 183 54.44 -2.25 37.90
CA ASN B 183 53.45 -3.24 37.48
C ASN B 183 53.86 -4.50 36.75
N TYR B 184 54.89 -4.45 35.93
CA TYR B 184 55.31 -5.62 35.18
C TYR B 184 56.03 -6.72 35.96
N LYS B 185 55.25 -7.53 36.67
CA LYS B 185 55.78 -8.65 37.46
C LYS B 185 55.21 -10.00 36.96
N GLY B 186 56.07 -11.01 36.91
CA GLY B 186 55.65 -12.32 36.44
C GLY B 186 54.32 -12.80 37.01
N ASP B 187 54.15 -12.65 38.32
CA ASP B 187 52.92 -13.05 39.01
C ASP B 187 51.71 -12.20 38.60
N ARG B 188 51.95 -11.19 37.76
CA ARG B 188 50.86 -10.33 37.33
C ARG B 188 50.56 -10.44 35.83
N MET B 189 51.17 -11.44 35.18
CA MET B 189 50.94 -11.64 33.77
C MET B 189 50.74 -13.09 33.32
N VAL B 190 50.08 -13.22 32.18
CA VAL B 190 49.76 -14.49 31.58
C VAL B 190 50.15 -14.51 30.13
N LEU B 191 50.79 -15.59 29.71
CA LEU B 191 51.14 -15.74 28.31
C LEU B 191 50.16 -16.81 27.84
N ALA B 192 49.18 -16.39 27.05
CA ALA B 192 48.17 -17.29 26.55
C ALA B 192 48.36 -17.56 25.08
N GLY B 193 48.08 -18.81 24.68
CA GLY B 193 48.20 -19.20 23.27
C GLY B 193 47.21 -20.28 22.88
N ALA B 194 46.83 -20.31 21.61
CA ALA B 194 45.85 -21.32 21.13
C ALA B 194 46.09 -21.53 19.64
N GLY B 195 45.73 -22.70 19.13
CA GLY B 195 45.97 -22.95 17.72
C GLY B 195 47.00 -24.08 17.58
N ALA B 196 47.84 -23.99 16.55
CA ALA B 196 48.86 -25.01 16.33
C ALA B 196 49.96 -24.72 17.32
N VAL B 197 49.71 -25.07 18.57
CA VAL B 197 50.63 -24.78 19.64
C VAL B 197 51.00 -25.92 20.59
N ASP B 198 52.30 -26.08 20.84
CA ASP B 198 52.78 -27.11 21.75
C ASP B 198 52.97 -26.47 23.13
N HIS B 199 52.18 -26.86 24.12
CA HIS B 199 52.28 -26.28 25.46
C HIS B 199 53.68 -26.32 26.09
N GLU B 200 54.33 -27.49 26.05
CA GLU B 200 55.64 -27.63 26.66
C GLU B 200 56.64 -26.67 26.05
N LYS B 201 56.74 -26.68 24.73
CA LYS B 201 57.65 -25.77 24.03
C LYS B 201 57.33 -24.30 24.34
N LEU B 202 56.05 -23.94 24.33
CA LEU B 202 55.68 -22.57 24.63
C LEU B 202 56.12 -22.19 26.02
N VAL B 203 56.09 -23.14 26.96
CA VAL B 203 56.53 -22.81 28.32
C VAL B 203 58.04 -22.54 28.28
N GLN B 204 58.77 -23.27 27.46
CA GLN B 204 60.20 -23.07 27.34
C GLN B 204 60.48 -21.66 26.83
N TYR B 205 59.90 -21.35 25.67
CA TYR B 205 60.07 -20.04 25.05
C TYR B 205 59.69 -18.97 26.06
N ALA B 206 58.66 -19.25 26.85
CA ALA B 206 58.23 -18.30 27.86
C ALA B 206 59.40 -18.03 28.80
N GLN B 207 59.99 -19.09 29.31
CA GLN B 207 61.13 -18.97 30.21
C GLN B 207 62.26 -18.21 29.51
N LYS B 208 62.58 -18.64 28.29
CA LYS B 208 63.64 -18.02 27.56
C LYS B 208 63.50 -16.52 27.35
N TYR B 209 62.33 -16.07 26.89
CA TYR B 209 62.11 -14.64 26.64
C TYR B 209 61.42 -13.81 27.70
N PHE B 210 60.79 -14.45 28.67
CA PHE B 210 60.10 -13.69 29.73
C PHE B 210 60.68 -14.01 31.12
N GLY B 211 61.59 -14.98 31.16
CA GLY B 211 62.18 -15.40 32.42
C GLY B 211 62.80 -14.24 33.17
N HIS B 212 63.35 -13.29 32.43
CA HIS B 212 64.00 -12.15 33.07
C HIS B 212 63.05 -11.20 33.77
N VAL B 213 61.74 -11.42 33.67
CA VAL B 213 60.83 -10.51 34.35
C VAL B 213 60.77 -10.74 35.85
N PRO B 214 60.91 -9.66 36.63
CA PRO B 214 60.90 -9.58 38.08
C PRO B 214 59.65 -10.16 38.72
N LYS B 215 59.83 -10.88 39.81
CA LYS B 215 58.70 -11.42 40.52
C LYS B 215 58.29 -10.29 41.50
N SER B 216 57.03 -10.21 41.86
CA SER B 216 56.64 -9.19 42.83
C SER B 216 57.26 -9.67 44.17
N GLU B 217 57.56 -8.77 45.09
CA GLU B 217 58.13 -9.20 46.35
C GLU B 217 57.04 -9.79 47.22
N SER B 218 55.84 -9.30 47.00
CA SER B 218 54.66 -9.79 47.72
C SER B 218 53.69 -10.35 46.67
N PRO B 219 54.05 -11.49 46.05
CA PRO B 219 53.21 -12.12 45.03
C PRO B 219 51.78 -12.46 45.50
N VAL B 220 50.84 -12.35 44.58
CA VAL B 220 49.45 -12.69 44.88
C VAL B 220 48.91 -13.40 43.67
N PRO B 221 48.16 -14.49 43.88
CA PRO B 221 47.57 -15.23 42.74
C PRO B 221 46.68 -14.28 41.91
N LEU B 222 46.80 -14.38 40.59
CA LEU B 222 46.06 -13.52 39.68
C LEU B 222 44.61 -13.28 40.07
N GLY B 223 43.99 -14.26 40.70
CA GLY B 223 42.61 -14.10 41.10
C GLY B 223 42.38 -13.26 42.34
N SER B 224 43.26 -13.42 43.34
CA SER B 224 43.16 -12.71 44.63
C SER B 224 42.88 -11.20 44.53
N PRO B 225 42.07 -10.69 45.49
CA PRO B 225 41.66 -9.28 45.59
C PRO B 225 42.78 -8.26 45.58
N ARG B 226 42.65 -7.31 44.66
CA ARG B 226 43.62 -6.23 44.48
C ARG B 226 43.88 -5.55 45.84
N GLY B 227 42.80 -5.35 46.60
CA GLY B 227 42.89 -4.70 47.90
C GLY B 227 41.51 -4.30 48.35
N PRO B 228 41.31 -3.03 48.74
CA PRO B 228 40.00 -2.56 49.20
C PRO B 228 39.01 -2.53 48.04
N LEU B 229 37.93 -3.28 48.18
CA LEU B 229 36.92 -3.31 47.16
C LEU B 229 36.42 -1.94 46.68
N PRO B 230 36.25 -1.79 45.36
CA PRO B 230 35.76 -0.52 44.80
C PRO B 230 34.38 -0.34 45.44
N VAL B 231 34.02 0.88 45.65
CA VAL B 231 32.71 1.07 46.19
C VAL B 231 31.84 1.86 45.22
N PHE B 232 30.63 1.34 45.00
CA PHE B 232 29.68 1.94 44.10
C PHE B 232 29.08 3.17 44.78
N CYS B 233 29.15 4.31 44.10
CA CYS B 233 28.64 5.57 44.64
C CYS B 233 27.43 6.05 43.88
N ARG B 234 26.31 6.29 44.56
CA ARG B 234 25.17 6.76 43.78
C ARG B 234 25.46 8.21 43.42
N GLY B 235 24.99 8.63 42.25
CA GLY B 235 25.25 9.97 41.81
C GLY B 235 24.66 10.23 40.44
N GLU B 236 24.72 11.48 40.00
CA GLU B 236 24.19 11.85 38.72
C GLU B 236 25.05 12.99 38.14
N ARG B 237 25.12 13.05 36.82
CA ARG B 237 25.82 14.11 36.14
C ARG B 237 25.05 14.41 34.86
N PHE B 238 24.51 15.61 34.80
CA PHE B 238 23.75 16.06 33.65
C PHE B 238 24.68 16.92 32.84
N ILE B 239 24.87 16.57 31.57
CA ILE B 239 25.73 17.37 30.71
C ILE B 239 24.86 18.01 29.64
N LYS B 240 24.46 19.26 29.89
CA LYS B 240 23.59 20.02 28.99
C LYS B 240 24.34 20.32 27.70
N GLU B 241 23.72 19.98 26.59
CA GLU B 241 24.31 20.17 25.28
C GLU B 241 23.15 20.35 24.29
N ASN B 242 22.56 21.53 24.28
CA ASN B 242 21.42 21.81 23.43
C ASN B 242 21.68 21.67 21.95
N THR B 243 22.94 21.63 21.56
CA THR B 243 23.25 21.50 20.14
C THR B 243 23.11 20.06 19.61
N LEU B 244 23.20 19.06 20.51
CA LEU B 244 23.10 17.66 20.12
C LEU B 244 21.69 17.24 19.70
N PRO B 245 21.58 16.56 18.55
CA PRO B 245 20.36 16.03 17.92
C PRO B 245 19.72 14.88 18.69
N THR B 246 20.58 14.12 19.37
CA THR B 246 20.14 12.96 20.13
C THR B 246 20.63 13.13 21.54
N THR B 247 19.93 12.55 22.49
CA THR B 247 20.35 12.63 23.88
C THR B 247 20.72 11.22 24.34
N HIS B 248 21.75 11.12 25.17
CA HIS B 248 22.24 9.83 25.61
C HIS B 248 22.24 9.67 27.11
N ILE B 249 21.59 8.60 27.56
CA ILE B 249 21.47 8.36 28.97
C ILE B 249 21.93 6.96 29.34
N ALA B 250 22.65 6.86 30.46
CA ALA B 250 23.08 5.56 30.96
C ALA B 250 22.66 5.48 32.43
N ILE B 251 21.97 4.41 32.80
CA ILE B 251 21.52 4.18 34.16
C ILE B 251 22.13 2.88 34.69
N ALA B 252 22.85 2.96 35.81
CA ALA B 252 23.49 1.78 36.37
C ALA B 252 23.26 1.50 37.86
N LEU B 253 23.53 0.24 38.21
CA LEU B 253 23.46 -0.22 39.60
C LEU B 253 24.69 -1.09 39.76
N GLU B 254 25.13 -1.30 41.00
CA GLU B 254 26.27 -2.17 41.21
C GLU B 254 25.95 -3.53 40.61
N GLY B 255 26.83 -3.98 39.74
CA GLY B 255 26.67 -5.26 39.10
C GLY B 255 27.43 -6.42 39.73
N VAL B 256 28.07 -7.21 38.88
CA VAL B 256 28.75 -8.41 39.30
C VAL B 256 30.18 -8.50 38.75
N SER B 257 31.06 -9.16 39.48
CA SER B 257 32.45 -9.28 39.05
C SER B 257 32.66 -10.57 38.25
N TRP B 258 33.80 -10.66 37.56
CA TRP B 258 34.13 -11.84 36.74
C TRP B 258 33.93 -13.18 37.42
N SER B 259 34.24 -13.24 38.70
CA SER B 259 34.16 -14.51 39.39
C SER B 259 32.91 -14.72 40.20
N ALA B 260 32.04 -13.72 40.24
CA ALA B 260 30.83 -13.86 41.01
C ALA B 260 30.03 -15.12 40.69
N PRO B 261 29.48 -15.79 41.71
CA PRO B 261 28.68 -17.01 41.48
C PRO B 261 27.46 -16.70 40.62
N ASP B 262 26.95 -15.47 40.73
CA ASP B 262 25.77 -15.10 39.98
C ASP B 262 26.11 -14.36 38.64
N TYR B 263 27.37 -14.44 38.24
CA TYR B 263 27.84 -13.81 37.01
C TYR B 263 26.95 -14.13 35.81
N PHE B 264 26.74 -15.40 35.53
CA PHE B 264 25.92 -15.79 34.39
C PHE B 264 24.45 -15.44 34.57
N VAL B 265 23.98 -15.50 35.81
CA VAL B 265 22.61 -15.14 36.07
C VAL B 265 22.40 -13.65 35.75
N ALA B 266 23.39 -12.84 36.06
CA ALA B 266 23.30 -11.41 35.80
C ALA B 266 23.24 -11.22 34.28
N LEU B 267 24.02 -12.00 33.55
CA LEU B 267 24.02 -11.84 32.10
C LEU B 267 22.69 -12.32 31.56
N ALA B 268 22.15 -13.35 32.19
CA ALA B 268 20.87 -13.89 31.77
C ALA B 268 19.78 -12.83 31.91
N THR B 269 19.81 -12.12 33.03
CA THR B 269 18.80 -11.10 33.27
C THR B 269 18.93 -9.96 32.27
N GLN B 270 20.16 -9.60 31.93
CA GLN B 270 20.40 -8.54 30.99
C GLN B 270 19.74 -8.91 29.66
N ALA B 271 19.94 -10.17 29.26
CA ALA B 271 19.40 -10.67 28.02
C ALA B 271 17.87 -10.75 27.99
N ILE B 272 17.25 -10.91 29.15
CA ILE B 272 15.80 -10.97 29.16
C ILE B 272 15.23 -9.60 28.83
N VAL B 273 15.93 -8.53 29.23
CA VAL B 273 15.47 -7.19 28.94
C VAL B 273 15.88 -6.86 27.51
N GLY B 274 17.11 -7.26 27.17
CA GLY B 274 17.61 -7.07 25.82
C GLY B 274 17.75 -5.68 25.27
N ASN B 275 17.71 -5.54 23.94
CA ASN B 275 17.84 -4.25 23.31
C ASN B 275 16.66 -3.94 22.41
N TRP B 276 16.69 -2.75 21.82
CA TRP B 276 15.66 -2.33 20.89
C TRP B 276 16.11 -1.14 20.10
N ASP B 277 15.80 -1.16 18.82
CA ASP B 277 16.13 -0.02 17.99
C ASP B 277 14.85 0.42 17.28
N ARG B 278 14.60 1.72 17.27
CA ARG B 278 13.41 2.30 16.64
C ARG B 278 13.20 1.87 15.20
N ALA B 279 14.29 1.66 14.47
CA ALA B 279 14.19 1.22 13.09
C ALA B 279 14.15 -0.29 12.92
N ILE B 280 15.08 -1.00 13.56
CA ILE B 280 15.22 -2.46 13.44
C ILE B 280 14.28 -3.34 14.28
N GLY B 281 13.98 -2.89 15.49
CA GLY B 281 13.14 -3.70 16.35
C GLY B 281 14.06 -4.33 17.38
N THR B 282 13.75 -5.56 17.76
CA THR B 282 14.54 -6.22 18.79
C THR B 282 15.50 -7.25 18.24
N GLY B 283 15.23 -7.72 17.03
CA GLY B 283 16.08 -8.75 16.46
C GLY B 283 15.71 -10.05 17.15
N THR B 284 14.44 -10.11 17.56
CA THR B 284 13.85 -11.24 18.25
C THR B 284 12.52 -11.41 17.58
N ASN B 285 12.06 -12.65 17.48
CA ASN B 285 10.78 -12.87 16.85
C ASN B 285 9.66 -12.29 17.71
N SER B 286 9.84 -12.30 19.03
CA SER B 286 8.81 -11.77 19.93
C SER B 286 9.37 -10.75 20.92
N PRO B 287 8.99 -9.47 20.73
CA PRO B 287 9.40 -8.34 21.56
C PRO B 287 8.75 -8.33 22.93
N SER B 288 9.49 -7.82 23.90
CA SER B 288 9.04 -7.71 25.29
C SER B 288 8.06 -6.55 25.44
N PRO B 289 7.34 -6.52 26.57
CA PRO B 289 6.39 -5.45 26.79
C PRO B 289 7.11 -4.12 26.72
N LEU B 290 8.38 -4.11 27.11
CA LEU B 290 9.14 -2.88 27.06
C LEU B 290 9.38 -2.45 25.62
N ALA B 291 9.83 -3.39 24.81
CA ALA B 291 10.08 -3.08 23.42
C ALA B 291 8.81 -2.59 22.73
N VAL B 292 7.67 -3.20 23.05
CA VAL B 292 6.43 -2.81 22.41
C VAL B 292 6.09 -1.38 22.82
N ALA B 293 6.16 -1.11 24.11
CA ALA B 293 5.86 0.23 24.59
C ALA B 293 6.78 1.27 23.96
N ALA B 294 8.07 0.93 23.84
CA ALA B 294 9.04 1.87 23.27
C ALA B 294 8.66 2.28 21.86
N SER B 295 8.10 1.35 21.12
CA SER B 295 7.76 1.65 19.76
C SER B 295 6.38 2.27 19.58
N GLN B 296 5.52 2.23 20.61
CA GLN B 296 4.17 2.77 20.43
C GLN B 296 3.99 4.26 20.49
N ASN B 297 2.86 4.66 19.92
CA ASN B 297 2.50 6.06 19.74
C ASN B 297 3.67 7.03 19.56
N GLY B 298 4.29 6.87 18.39
CA GLY B 298 5.36 7.75 17.96
C GLY B 298 6.77 7.37 18.32
N SER B 299 6.91 6.43 19.26
CA SER B 299 8.21 5.93 19.77
C SER B 299 8.55 6.73 21.02
N LEU B 300 9.23 6.10 21.97
CA LEU B 300 9.59 6.82 23.18
C LEU B 300 11.08 7.11 23.21
N ALA B 301 11.79 6.61 22.19
CA ALA B 301 13.24 6.81 22.11
C ALA B 301 13.72 6.27 20.77
N ASN B 302 15.01 6.49 20.45
CA ASN B 302 15.57 5.96 19.23
C ASN B 302 16.03 4.55 19.47
N SER B 303 16.59 4.30 20.67
CA SER B 303 17.06 2.96 20.98
C SER B 303 17.41 2.80 22.41
N TYR B 304 17.45 1.55 22.85
CA TYR B 304 17.89 1.27 24.21
C TYR B 304 18.69 -0.03 24.16
N MET B 305 19.68 -0.11 25.03
CA MET B 305 20.58 -1.26 25.07
C MET B 305 20.93 -1.63 26.50
N SER B 306 20.65 -2.87 26.86
CA SER B 306 20.98 -3.34 28.22
C SER B 306 22.46 -3.62 28.21
N PHE B 307 23.15 -3.29 29.27
CA PHE B 307 24.59 -3.54 29.30
C PHE B 307 25.02 -4.08 30.63
N SER B 308 26.18 -4.71 30.63
CA SER B 308 26.74 -5.24 31.85
C SER B 308 28.25 -5.19 31.74
N THR B 309 28.91 -4.59 32.70
CA THR B 309 30.36 -4.57 32.65
C THR B 309 30.93 -5.21 33.88
N SER B 310 31.96 -6.01 33.70
CA SER B 310 32.57 -6.68 34.85
C SER B 310 34.05 -6.40 35.04
N TYR B 311 34.46 -6.48 36.28
CA TYR B 311 35.84 -6.31 36.66
C TYR B 311 36.12 -7.39 37.70
N ALA B 312 37.38 -7.58 38.03
CA ALA B 312 37.75 -8.62 39.00
C ALA B 312 37.07 -8.47 40.36
N ASP B 313 36.84 -7.24 40.78
CA ASP B 313 36.24 -6.99 42.08
C ASP B 313 34.98 -6.14 42.07
N SER B 314 34.41 -5.90 40.89
CA SER B 314 33.20 -5.09 40.87
C SER B 314 32.52 -5.22 39.50
N GLY B 315 31.35 -4.60 39.37
CA GLY B 315 30.61 -4.63 38.12
C GLY B 315 29.53 -3.55 37.98
N LEU B 316 29.11 -3.28 36.75
CA LEU B 316 28.06 -2.29 36.49
C LEU B 316 27.04 -2.96 35.60
N TRP B 317 25.78 -2.79 35.94
CA TRP B 317 24.71 -3.39 35.18
C TRP B 317 23.64 -2.30 34.96
N GLY B 318 23.13 -2.20 33.74
CA GLY B 318 22.10 -1.19 33.50
C GLY B 318 21.58 -0.99 32.09
N MET B 319 21.09 0.20 31.83
CA MET B 319 20.52 0.50 30.54
C MET B 319 21.20 1.68 29.91
N TYR B 320 21.33 1.66 28.59
CA TYR B 320 21.90 2.78 27.85
C TYR B 320 20.80 3.18 26.88
N ILE B 321 20.39 4.46 26.94
CA ILE B 321 19.29 4.96 26.10
C ILE B 321 19.72 6.05 25.13
N VAL B 322 19.10 6.08 23.96
CA VAL B 322 19.36 7.12 23.01
C VAL B 322 18.01 7.68 22.56
N THR B 323 17.82 8.98 22.76
CA THR B 323 16.57 9.63 22.38
C THR B 323 16.78 10.80 21.43
N ASP B 324 15.69 11.19 20.79
CA ASP B 324 15.70 12.34 19.89
C ASP B 324 15.60 13.56 20.80
N SER B 325 16.59 14.43 20.73
CA SER B 325 16.61 15.60 21.59
C SER B 325 15.42 16.52 21.47
N ASN B 326 14.76 16.50 20.32
CA ASN B 326 13.63 17.37 20.09
C ASN B 326 12.30 16.64 20.09
N GLU B 327 12.32 15.31 20.11
CA GLU B 327 11.06 14.61 20.06
C GLU B 327 10.65 13.81 21.28
N HIS B 328 11.62 13.40 22.08
CA HIS B 328 11.29 12.54 23.20
C HIS B 328 11.35 13.07 24.63
N ASN B 329 10.37 12.66 25.44
CA ASN B 329 10.35 13.01 26.84
C ASN B 329 11.07 11.80 27.50
N VAL B 330 12.33 12.01 27.84
CA VAL B 330 13.11 10.94 28.40
C VAL B 330 12.41 10.21 29.55
N ARG B 331 11.67 10.97 30.36
CA ARG B 331 10.93 10.38 31.48
C ARG B 331 10.08 9.17 31.08
N LEU B 332 9.37 9.29 29.96
CA LEU B 332 8.53 8.20 29.52
C LEU B 332 9.30 6.92 29.23
N ILE B 333 10.45 7.01 28.55
CA ILE B 333 11.14 5.78 28.22
C ILE B 333 11.78 5.22 29.50
N VAL B 334 12.26 6.09 30.38
CA VAL B 334 12.81 5.60 31.64
C VAL B 334 11.72 4.85 32.42
N ASN B 335 10.54 5.41 32.49
CA ASN B 335 9.46 4.73 33.21
C ASN B 335 9.25 3.29 32.69
N GLU B 336 9.25 3.12 31.37
CA GLU B 336 8.99 1.82 30.81
C GLU B 336 10.08 0.82 31.19
N ILE B 337 11.31 1.29 31.17
CA ILE B 337 12.46 0.48 31.54
C ILE B 337 12.33 0.03 33.00
N LEU B 338 11.97 0.96 33.89
CA LEU B 338 11.83 0.61 35.29
C LEU B 338 10.64 -0.34 35.43
N LYS B 339 9.63 -0.14 34.62
CA LYS B 339 8.49 -1.02 34.68
C LYS B 339 8.91 -2.44 34.35
N GLU B 340 9.78 -2.56 33.34
CA GLU B 340 10.28 -3.84 32.91
C GLU B 340 11.15 -4.52 34.02
N TRP B 341 12.03 -3.76 34.65
CA TRP B 341 12.80 -4.39 35.70
C TRP B 341 11.84 -4.86 36.83
N LYS B 342 10.78 -4.11 37.08
CA LYS B 342 9.87 -4.53 38.12
C LYS B 342 9.14 -5.81 37.68
N ARG B 343 8.82 -5.91 36.40
CA ARG B 343 8.16 -7.10 35.94
C ARG B 343 9.00 -8.33 36.33
N ILE B 344 10.30 -8.27 36.06
CA ILE B 344 11.18 -9.36 36.40
C ILE B 344 11.16 -9.57 37.90
N LYS B 345 11.28 -8.49 38.67
CA LYS B 345 11.27 -8.62 40.11
C LYS B 345 9.97 -9.29 40.62
N SER B 346 8.86 -9.07 39.95
CA SER B 346 7.63 -9.68 40.41
C SER B 346 7.41 -11.12 39.85
N GLY B 347 8.42 -11.66 39.18
CA GLY B 347 8.32 -13.00 38.63
C GLY B 347 7.44 -13.17 37.39
N LYS B 348 6.85 -12.07 36.90
CA LYS B 348 5.97 -12.13 35.75
C LYS B 348 6.69 -12.33 34.41
N ILE B 349 7.53 -13.36 34.34
CA ILE B 349 8.24 -13.66 33.11
C ILE B 349 7.97 -15.12 32.74
N SER B 350 7.90 -15.40 31.45
CA SER B 350 7.62 -16.75 30.96
C SER B 350 8.81 -17.72 30.85
N ASP B 351 8.52 -19.02 30.83
CA ASP B 351 9.58 -20.01 30.68
C ASP B 351 10.27 -19.74 29.35
N ALA B 352 9.44 -19.42 28.37
CA ALA B 352 9.92 -19.17 27.04
C ALA B 352 10.92 -18.01 27.00
N GLU B 353 10.64 -16.88 27.64
CA GLU B 353 11.63 -15.84 27.53
C GLU B 353 12.89 -16.18 28.33
N VAL B 354 12.75 -16.95 29.40
CA VAL B 354 13.94 -17.36 30.14
C VAL B 354 14.80 -18.26 29.24
N ASN B 355 14.15 -19.16 28.51
CA ASN B 355 14.88 -20.06 27.66
C ASN B 355 15.48 -19.35 26.50
N ARG B 356 14.77 -18.34 25.98
CA ARG B 356 15.24 -17.52 24.88
C ARG B 356 16.57 -16.85 25.33
N ALA B 357 16.54 -16.25 26.52
CA ALA B 357 17.72 -15.61 27.07
C ALA B 357 18.90 -16.58 27.29
N LYS B 358 18.64 -17.77 27.81
CA LYS B 358 19.75 -18.68 28.03
C LYS B 358 20.36 -19.08 26.68
N ALA B 359 19.50 -19.26 25.70
CA ALA B 359 19.98 -19.61 24.39
C ALA B 359 20.81 -18.46 23.81
N GLN B 360 20.33 -17.22 24.00
CA GLN B 360 21.03 -16.07 23.50
C GLN B 360 22.39 -16.03 24.17
N LEU B 361 22.38 -16.21 25.48
CA LEU B 361 23.61 -16.17 26.29
C LEU B 361 24.66 -17.22 25.91
N LYS B 362 24.23 -18.48 25.74
CA LYS B 362 25.13 -19.54 25.35
C LYS B 362 25.79 -19.25 23.99
N ALA B 363 25.00 -18.81 23.02
CA ALA B 363 25.55 -18.53 21.70
C ALA B 363 26.60 -17.41 21.76
N ALA B 364 26.21 -16.33 22.44
CA ALA B 364 27.07 -15.18 22.59
C ALA B 364 28.40 -15.53 23.27
N LEU B 365 28.38 -16.39 24.27
CA LEU B 365 29.61 -16.76 24.95
C LEU B 365 30.34 -17.92 24.30
N LEU B 366 29.62 -18.81 23.64
CA LEU B 366 30.29 -19.99 23.12
C LEU B 366 30.51 -20.12 21.64
N LEU B 367 29.47 -19.88 20.85
CA LEU B 367 29.58 -19.99 19.40
C LEU B 367 30.54 -18.91 18.88
N SER B 368 30.81 -17.93 19.70
CA SER B 368 31.73 -16.88 19.28
C SER B 368 33.21 -17.25 19.52
N LEU B 369 33.46 -18.32 20.28
CA LEU B 369 34.83 -18.74 20.50
C LEU B 369 35.24 -19.53 19.28
N ASP B 370 35.39 -18.87 18.15
CA ASP B 370 35.69 -19.57 16.91
C ASP B 370 37.15 -19.69 16.53
N GLY B 371 37.83 -18.60 16.22
CA GLY B 371 39.24 -18.79 15.88
C GLY B 371 40.23 -18.79 17.06
N SER B 372 41.52 -19.00 16.77
CA SER B 372 42.52 -19.02 17.84
C SER B 372 42.59 -17.68 18.55
N THR B 373 42.42 -16.60 17.79
CA THR B 373 42.47 -15.27 18.37
C THR B 373 41.34 -15.08 19.39
N ALA B 374 40.13 -15.46 19.06
CA ALA B 374 39.05 -15.31 20.04
C ALA B 374 39.31 -16.22 21.24
N ILE B 375 39.87 -17.40 20.98
CA ILE B 375 40.12 -18.32 22.06
C ILE B 375 41.25 -17.82 22.93
N VAL B 376 42.26 -17.19 22.34
CA VAL B 376 43.33 -16.65 23.17
C VAL B 376 42.71 -15.52 24.01
N GLU B 377 41.86 -14.75 23.38
CA GLU B 377 41.19 -13.69 24.08
C GLU B 377 40.53 -14.22 25.38
N ASP B 378 39.78 -15.30 25.26
CA ASP B 378 39.08 -15.89 26.38
C ASP B 378 40.05 -16.51 27.40
N ILE B 379 41.02 -17.29 26.94
CA ILE B 379 41.99 -17.88 27.86
C ILE B 379 42.67 -16.75 28.63
N GLY B 380 43.29 -15.84 27.89
CA GLY B 380 44.01 -14.74 28.50
C GLY B 380 43.25 -13.87 29.48
N ARG B 381 42.11 -13.35 29.06
CA ARG B 381 41.32 -12.50 29.92
C ARG B 381 40.85 -13.22 31.14
N GLN B 382 40.45 -14.48 31.00
CA GLN B 382 39.95 -15.20 32.16
C GLN B 382 41.05 -15.45 33.19
N VAL B 383 42.16 -16.01 32.73
CA VAL B 383 43.23 -16.27 33.66
C VAL B 383 43.80 -14.99 34.29
N VAL B 384 44.03 -13.96 33.50
CA VAL B 384 44.60 -12.75 34.06
C VAL B 384 43.70 -12.01 35.02
N THR B 385 42.38 -12.18 34.94
CA THR B 385 41.51 -11.44 35.85
C THR B 385 40.90 -12.36 36.89
N THR B 386 41.08 -13.64 36.69
CA THR B 386 40.41 -14.58 37.54
C THR B 386 41.28 -15.68 38.13
N GLY B 387 42.35 -16.04 37.43
CA GLY B 387 43.20 -17.11 37.93
C GLY B 387 42.85 -18.45 37.33
N LYS B 388 41.78 -18.54 36.56
CA LYS B 388 41.43 -19.80 35.92
C LYS B 388 40.66 -19.56 34.64
N ARG B 389 40.42 -20.64 33.88
CA ARG B 389 39.64 -20.56 32.65
C ARG B 389 38.52 -21.56 32.79
N LEU B 390 37.27 -21.10 32.81
CA LEU B 390 36.17 -22.04 32.76
C LEU B 390 36.21 -22.49 31.29
N SER B 391 36.04 -23.78 31.04
CA SER B 391 36.07 -24.28 29.69
C SER B 391 34.72 -24.00 29.03
N PRO B 392 34.66 -24.10 27.70
CA PRO B 392 33.41 -23.88 26.97
C PRO B 392 32.34 -24.80 27.57
N GLU B 393 32.72 -26.06 27.80
CA GLU B 393 31.77 -26.99 28.38
C GLU B 393 31.34 -26.57 29.79
N GLU B 394 32.26 -25.99 30.57
CA GLU B 394 31.87 -25.56 31.92
C GLU B 394 30.91 -24.35 31.85
N VAL B 395 31.21 -23.39 30.95
CA VAL B 395 30.35 -22.24 30.79
C VAL B 395 28.98 -22.72 30.34
N PHE B 396 28.96 -23.66 29.39
CA PHE B 396 27.69 -24.15 28.94
C PHE B 396 26.88 -24.64 30.15
N GLU B 397 27.55 -25.35 31.04
CA GLU B 397 26.91 -25.88 32.21
C GLU B 397 26.39 -24.72 33.07
N GLN B 398 27.24 -23.75 33.36
CA GLN B 398 26.79 -22.62 34.16
C GLN B 398 25.55 -21.92 33.59
N VAL B 399 25.48 -21.76 32.26
CA VAL B 399 24.32 -21.09 31.74
C VAL B 399 23.11 -22.01 31.77
N ASP B 400 23.30 -23.24 31.31
CA ASP B 400 22.23 -24.21 31.25
C ASP B 400 21.52 -24.46 32.58
N LYS B 401 22.21 -24.32 33.71
CA LYS B 401 21.52 -24.58 34.96
C LYS B 401 20.65 -23.42 35.48
N ILE B 402 20.78 -22.23 34.90
CA ILE B 402 20.00 -21.08 35.36
C ILE B 402 18.48 -21.30 35.30
N THR B 403 17.79 -20.92 36.37
CA THR B 403 16.32 -21.05 36.46
C THR B 403 15.59 -19.72 36.50
N LYS B 404 14.30 -19.78 36.21
CA LYS B 404 13.45 -18.59 36.25
C LYS B 404 13.68 -17.99 37.63
N ASP B 405 13.71 -18.87 38.62
CA ASP B 405 13.89 -18.44 39.98
C ASP B 405 15.19 -17.73 40.24
N ASP B 406 16.29 -18.25 39.70
CA ASP B 406 17.59 -17.61 39.90
C ASP B 406 17.51 -16.15 39.48
N ILE B 407 16.94 -15.91 38.29
CA ILE B 407 16.80 -14.57 37.77
C ILE B 407 15.93 -13.69 38.65
N ILE B 408 14.75 -14.21 39.04
CA ILE B 408 13.87 -13.43 39.91
C ILE B 408 14.60 -13.04 41.19
N MET B 409 15.34 -13.99 41.76
CA MET B 409 16.12 -13.72 42.96
C MET B 409 17.13 -12.60 42.79
N TRP B 410 17.96 -12.74 41.76
CA TRP B 410 19.00 -11.79 41.45
C TRP B 410 18.46 -10.39 41.25
N ALA B 411 17.38 -10.26 40.48
CA ALA B 411 16.82 -8.94 40.23
C ALA B 411 16.35 -8.32 41.53
N ASN B 412 15.71 -9.13 42.37
CA ASN B 412 15.20 -8.64 43.65
C ASN B 412 16.32 -8.25 44.59
N TYR B 413 17.52 -8.81 44.37
CA TYR B 413 18.63 -8.42 45.20
C TYR B 413 19.33 -7.16 44.68
N ARG B 414 19.69 -7.18 43.40
CA ARG B 414 20.40 -6.07 42.78
C ARG B 414 19.58 -4.84 42.34
N LEU B 415 18.27 -5.02 42.13
CA LEU B 415 17.45 -3.90 41.67
C LEU B 415 16.38 -3.45 42.67
N GLN B 416 16.60 -3.74 43.95
CA GLN B 416 15.65 -3.31 44.98
C GLN B 416 16.44 -2.74 46.17
N ASN B 417 16.13 -1.49 46.50
CA ASN B 417 16.81 -0.76 47.59
C ASN B 417 18.33 -0.76 47.45
N LYS B 418 18.78 -0.48 46.23
CA LYS B 418 20.21 -0.41 45.97
C LYS B 418 20.47 0.92 45.25
N PRO B 419 21.67 1.46 45.39
CA PRO B 419 21.96 2.73 44.72
C PRO B 419 22.14 2.65 43.22
N VAL B 420 21.77 3.74 42.55
CA VAL B 420 21.92 3.84 41.13
C VAL B 420 22.67 5.12 40.80
N SER B 421 23.46 5.11 39.72
CA SER B 421 24.16 6.31 39.30
C SER B 421 23.76 6.54 37.85
N MET B 422 23.74 7.79 37.46
CA MET B 422 23.30 8.10 36.12
C MET B 422 24.04 9.25 35.44
N VAL B 423 24.09 9.20 34.11
CA VAL B 423 24.72 10.26 33.32
C VAL B 423 23.82 10.54 32.11
N ALA B 424 23.66 11.82 31.78
CA ALA B 424 22.84 12.20 30.63
C ALA B 424 23.59 13.27 29.85
N LEU B 425 23.67 13.09 28.53
CA LEU B 425 24.35 14.03 27.67
C LEU B 425 23.43 14.46 26.52
N GLY B 426 23.27 15.77 26.37
CA GLY B 426 22.41 16.34 25.33
C GLY B 426 21.28 17.19 25.92
N ASN B 427 20.06 17.01 25.44
CA ASN B 427 18.95 17.80 25.96
C ASN B 427 18.50 17.22 27.29
N THR B 428 19.12 17.73 28.32
CA THR B 428 18.89 17.27 29.67
C THR B 428 17.55 17.65 30.31
N SER B 429 16.90 18.69 29.80
CA SER B 429 15.65 19.16 30.41
C SER B 429 14.56 18.13 30.69
N THR B 430 14.52 17.07 29.89
CA THR B 430 13.45 16.09 30.04
C THR B 430 13.89 14.82 30.78
N VAL B 431 15.11 14.81 31.31
CA VAL B 431 15.64 13.64 32.01
C VAL B 431 15.36 13.56 33.52
N PRO B 432 14.85 12.42 33.99
CA PRO B 432 14.57 12.34 35.42
C PRO B 432 15.79 12.18 36.33
N ASN B 433 15.54 12.53 37.57
CA ASN B 433 16.46 12.54 38.70
C ASN B 433 16.89 11.13 39.14
N VAL B 434 18.05 11.00 39.77
CA VAL B 434 18.45 9.68 40.27
C VAL B 434 17.57 9.26 41.46
N SER B 435 17.06 10.23 42.23
CA SER B 435 16.19 9.86 43.34
C SER B 435 14.81 9.51 42.74
N TYR B 436 14.49 10.07 41.58
CA TYR B 436 13.23 9.76 40.92
C TYR B 436 13.29 8.30 40.51
N ILE B 437 14.42 7.91 39.96
CA ILE B 437 14.59 6.56 39.50
C ILE B 437 14.51 5.52 40.59
N GLU B 438 15.17 5.77 41.70
CA GLU B 438 15.15 4.81 42.80
C GLU B 438 13.74 4.77 43.38
N GLU B 439 13.08 5.92 43.47
CA GLU B 439 11.74 5.92 44.02
C GLU B 439 10.84 5.00 43.23
N LYS B 440 10.82 5.18 41.91
CA LYS B 440 9.96 4.39 41.05
C LYS B 440 10.38 2.92 41.00
N LEU B 441 11.67 2.66 41.02
CA LEU B 441 12.16 1.28 40.96
C LEU B 441 11.86 0.48 42.21
N ASN B 442 12.07 1.06 43.38
CA ASN B 442 11.85 0.38 44.66
C ASN B 442 10.41 0.30 45.09
N GLN B 443 9.65 1.25 44.55
CA GLN B 443 8.23 1.40 44.75
C GLN B 443 7.49 0.07 44.51
N THR C 3 -19.57 21.90 12.04
CA THR C 3 -20.51 21.01 12.83
C THR C 3 -19.78 20.39 14.04
N ASP C 4 -20.58 20.06 15.06
CA ASP C 4 -20.13 19.53 16.33
C ASP C 4 -19.51 18.14 16.32
N ASN C 5 -19.54 17.45 15.19
CA ASN C 5 -19.00 16.12 15.11
C ASN C 5 -19.83 15.20 16.04
N PHE C 6 -21.12 15.49 16.07
CA PHE C 6 -22.04 14.75 16.87
C PHE C 6 -22.41 13.40 16.24
N LYS C 7 -22.27 12.32 17.00
CA LYS C 7 -22.62 11.01 16.48
C LYS C 7 -23.46 10.32 17.54
N LEU C 8 -24.44 9.55 17.08
CA LEU C 8 -25.35 8.86 17.98
C LEU C 8 -25.67 7.45 17.52
N SER C 9 -25.73 6.52 18.46
CA SER C 9 -26.14 5.16 18.11
C SER C 9 -26.60 4.43 19.35
N SER C 10 -27.12 3.22 19.19
CA SER C 10 -27.62 2.43 20.32
C SER C 10 -26.97 1.06 20.48
N LEU C 11 -26.99 0.57 21.70
CA LEU C 11 -26.48 -0.76 21.97
C LEU C 11 -27.74 -1.61 21.79
N ALA C 12 -27.57 -2.92 21.70
CA ALA C 12 -28.74 -3.74 21.50
C ALA C 12 -29.72 -3.64 22.65
N ASN C 13 -29.26 -3.34 23.85
CA ASN C 13 -30.22 -3.24 24.94
C ASN C 13 -30.95 -1.88 24.90
N GLY C 14 -30.62 -1.01 23.95
CA GLY C 14 -31.34 0.23 23.89
C GLY C 14 -30.65 1.44 24.50
N LEU C 15 -29.50 1.22 25.13
CA LEU C 15 -28.78 2.31 25.72
C LEU C 15 -28.32 3.17 24.56
N LYS C 16 -28.57 4.48 24.61
CA LYS C 16 -28.12 5.35 23.54
C LYS C 16 -26.70 5.88 23.88
N VAL C 17 -25.80 5.92 22.88
CA VAL C 17 -24.43 6.40 23.09
C VAL C 17 -24.17 7.67 22.24
N ALA C 18 -24.01 8.82 22.89
CA ALA C 18 -23.80 10.08 22.18
C ALA C 18 -22.41 10.71 22.35
N THR C 19 -21.79 11.08 21.24
CA THR C 19 -20.48 11.72 21.30
C THR C 19 -20.47 13.04 20.53
N SER C 20 -19.64 13.98 20.95
CA SER C 20 -19.52 15.23 20.21
C SER C 20 -18.15 15.83 20.40
N ASN C 21 -17.87 16.83 19.58
CA ASN C 21 -16.60 17.54 19.62
C ASN C 21 -15.43 16.62 19.20
N THR C 22 -14.23 17.16 19.29
CA THR C 22 -13.01 16.47 18.92
C THR C 22 -12.04 16.48 20.08
N PRO C 23 -10.95 15.72 19.97
CA PRO C 23 -9.96 15.67 21.04
C PRO C 23 -9.51 17.02 21.55
N GLY C 24 -9.38 17.10 22.87
CA GLY C 24 -8.96 18.32 23.51
C GLY C 24 -7.98 18.03 24.63
N HIS C 25 -7.84 18.99 25.54
CA HIS C 25 -6.89 18.84 26.65
C HIS C 25 -7.41 17.85 27.67
N PHE C 26 -8.69 17.51 27.60
CA PHE C 26 -9.29 16.54 28.50
C PHE C 26 -10.70 16.22 28.05
N SER C 27 -11.32 15.22 28.69
CA SER C 27 -12.66 14.79 28.29
C SER C 27 -13.74 14.93 29.37
N ALA C 28 -14.97 14.72 28.94
CA ALA C 28 -16.13 14.81 29.82
C ALA C 28 -17.03 13.65 29.45
N LEU C 29 -17.69 13.08 30.43
CA LEU C 29 -18.59 11.98 30.17
C LEU C 29 -19.63 11.92 31.28
N GLY C 30 -20.76 11.28 30.98
CA GLY C 30 -21.79 11.12 31.98
C GLY C 30 -22.90 10.16 31.60
N LEU C 31 -23.65 9.71 32.60
CA LEU C 31 -24.79 8.83 32.38
C LEU C 31 -26.01 9.66 32.77
N TYR C 32 -27.02 9.63 31.91
CA TYR C 32 -28.22 10.39 32.12
C TYR C 32 -29.44 9.49 32.14
N ILE C 33 -30.18 9.53 33.23
CA ILE C 33 -31.38 8.72 33.38
C ILE C 33 -32.64 9.58 33.34
N ASP C 34 -33.67 9.11 32.65
CA ASP C 34 -34.91 9.86 32.56
C ASP C 34 -35.70 9.59 33.82
N ALA C 35 -35.35 10.31 34.87
CA ALA C 35 -35.98 10.16 36.17
C ALA C 35 -36.03 11.54 36.81
N GLY C 36 -36.50 11.63 38.04
CA GLY C 36 -36.58 12.93 38.67
C GLY C 36 -37.76 12.97 39.61
N SER C 37 -37.89 14.03 40.38
CA SER C 37 -38.99 14.11 41.32
C SER C 37 -40.38 14.06 40.66
N ARG C 38 -40.51 14.45 39.38
CA ARG C 38 -41.83 14.44 38.76
C ARG C 38 -42.41 13.03 38.56
N PHE C 39 -41.58 12.00 38.70
CA PHE C 39 -42.04 10.65 38.54
C PHE C 39 -42.27 9.95 39.87
N GLU C 40 -41.96 10.60 40.98
CA GLU C 40 -42.09 9.92 42.24
C GLU C 40 -43.51 9.61 42.68
N GLY C 41 -44.48 10.35 42.17
CA GLY C 41 -45.82 10.08 42.62
C GLY C 41 -45.83 10.32 44.12
N ARG C 42 -46.79 9.74 44.84
CA ARG C 42 -46.85 9.93 46.28
C ARG C 42 -46.12 8.79 46.99
N ASN C 43 -45.96 7.68 46.29
CA ASN C 43 -45.33 6.51 46.87
C ASN C 43 -43.80 6.49 46.97
N LEU C 44 -43.12 7.22 46.09
CA LEU C 44 -41.67 7.21 46.08
C LEU C 44 -41.06 8.55 46.37
N LYS C 45 -41.82 9.39 47.07
CA LYS C 45 -41.38 10.74 47.38
C LYS C 45 -40.04 10.73 48.10
N GLY C 46 -39.09 11.53 47.59
CA GLY C 46 -37.76 11.57 48.17
C GLY C 46 -36.75 10.55 47.65
N CYS C 47 -37.21 9.57 46.89
CA CYS C 47 -36.26 8.60 46.41
C CYS C 47 -35.20 9.16 45.47
N THR C 48 -35.58 10.10 44.60
CA THR C 48 -34.62 10.62 43.66
C THR C 48 -33.44 11.29 44.38
N HIS C 49 -33.74 12.10 45.38
CA HIS C 49 -32.70 12.80 46.10
C HIS C 49 -31.77 11.83 46.86
N ILE C 50 -32.35 10.86 47.58
CA ILE C 50 -31.54 9.91 48.32
C ILE C 50 -30.66 9.10 47.37
N LEU C 51 -31.22 8.67 46.25
CA LEU C 51 -30.40 7.91 45.34
C LEU C 51 -29.25 8.74 44.83
N ASP C 52 -29.45 10.04 44.61
CA ASP C 52 -28.32 10.77 44.07
C ASP C 52 -27.26 11.07 45.13
N ARG C 53 -27.68 11.11 46.38
CA ARG C 53 -26.77 11.36 47.49
C ARG C 53 -26.03 10.06 47.81
N LEU C 54 -26.53 8.98 47.24
CA LEU C 54 -25.99 7.66 47.49
C LEU C 54 -25.02 7.33 46.35
N ALA C 55 -24.93 8.23 45.39
CA ALA C 55 -24.05 7.99 44.27
C ALA C 55 -22.58 7.75 44.65
N PHE C 56 -21.96 6.82 43.95
CA PHE C 56 -20.54 6.55 44.18
C PHE C 56 -20.15 6.02 45.55
N LYS C 57 -21.02 5.25 46.18
CA LYS C 57 -20.68 4.66 47.45
C LYS C 57 -20.30 3.23 47.09
N SER C 58 -20.33 2.29 48.01
CA SER C 58 -19.93 0.94 47.60
C SER C 58 -20.87 0.29 46.58
N THR C 59 -20.27 -0.54 45.73
CA THR C 59 -20.98 -1.27 44.71
C THR C 59 -20.64 -2.75 44.87
N GLU C 60 -21.25 -3.59 44.07
CA GLU C 60 -20.97 -5.02 44.18
C GLU C 60 -19.52 -5.36 43.90
N HIS C 61 -18.85 -4.57 43.06
CA HIS C 61 -17.48 -4.91 42.72
C HIS C 61 -16.44 -3.94 43.20
N VAL C 62 -16.84 -2.95 43.97
CA VAL C 62 -15.88 -1.96 44.43
C VAL C 62 -16.23 -1.50 45.83
N GLU C 63 -15.31 -1.74 46.77
CA GLU C 63 -15.48 -1.32 48.15
C GLU C 63 -15.64 0.21 48.21
N GLY C 64 -16.46 0.67 49.16
CA GLY C 64 -16.70 2.09 49.30
C GLY C 64 -15.43 2.93 49.38
N ARG C 65 -14.49 2.52 50.20
CA ARG C 65 -13.25 3.27 50.32
C ARG C 65 -12.51 3.35 48.97
N ALA C 66 -12.37 2.22 48.28
CA ALA C 66 -11.66 2.20 47.02
C ALA C 66 -12.34 3.05 45.98
N MET C 67 -13.66 3.11 46.04
CA MET C 67 -14.39 3.92 45.07
C MET C 67 -13.98 5.38 45.28
N ALA C 68 -14.03 5.81 46.53
CA ALA C 68 -13.69 7.17 46.86
C ALA C 68 -12.25 7.52 46.54
N GLU C 69 -11.31 6.65 46.89
CA GLU C 69 -9.92 6.95 46.62
C GLU C 69 -9.65 6.96 45.14
N THR C 70 -10.25 6.04 44.41
CA THR C 70 -10.01 6.02 42.98
C THR C 70 -10.55 7.27 42.34
N LEU C 71 -11.73 7.72 42.78
CA LEU C 71 -12.27 8.94 42.22
C LEU C 71 -11.34 10.10 42.54
N GLU C 72 -10.73 10.11 43.72
CA GLU C 72 -9.83 11.19 44.06
C GLU C 72 -8.70 11.13 43.06
N LEU C 73 -8.11 9.95 42.85
CA LEU C 73 -6.98 9.82 41.96
C LEU C 73 -7.33 10.22 40.53
N LEU C 74 -8.60 10.23 40.18
CA LEU C 74 -8.99 10.63 38.83
C LEU C 74 -9.22 12.12 38.74
N GLY C 75 -8.93 12.82 39.82
CA GLY C 75 -9.11 14.26 39.81
C GLY C 75 -10.31 14.72 40.62
N GLY C 76 -11.09 13.76 41.12
CA GLY C 76 -12.26 14.10 41.91
C GLY C 76 -13.28 15.07 41.31
N ASN C 77 -13.23 15.34 40.02
CA ASN C 77 -14.19 16.27 39.45
C ASN C 77 -15.38 15.53 38.85
N TYR C 78 -16.21 14.98 39.73
CA TYR C 78 -17.37 14.19 39.33
C TYR C 78 -18.56 14.51 40.21
N GLN C 79 -19.77 14.30 39.74
CA GLN C 79 -20.92 14.56 40.57
C GLN C 79 -22.18 13.92 40.07
N CYS C 80 -23.10 13.76 41.00
CA CYS C 80 -24.41 13.21 40.67
C CYS C 80 -25.41 14.23 41.16
N THR C 81 -26.36 14.59 40.33
CA THR C 81 -27.36 15.53 40.77
C THR C 81 -28.64 15.10 40.13
N SER C 82 -29.74 15.64 40.61
CA SER C 82 -31.06 15.32 40.06
C SER C 82 -31.96 16.52 40.18
N SER C 83 -33.02 16.57 39.39
CA SER C 83 -33.96 17.67 39.43
C SER C 83 -35.38 17.11 39.30
N ARG C 84 -36.28 17.92 38.77
CA ARG C 84 -37.64 17.50 38.60
C ARG C 84 -37.69 16.51 37.47
N GLU C 85 -36.86 16.75 36.43
CA GLU C 85 -36.84 15.89 35.25
C GLU C 85 -35.56 15.15 34.96
N ASN C 86 -34.57 15.23 35.83
CA ASN C 86 -33.34 14.53 35.50
C ASN C 86 -32.61 13.98 36.69
N LEU C 87 -31.76 13.01 36.37
CA LEU C 87 -30.91 12.32 37.31
C LEU C 87 -29.62 12.05 36.49
N MET C 88 -28.53 12.70 36.86
CA MET C 88 -27.32 12.52 36.08
C MET C 88 -26.02 12.37 36.84
N TYR C 89 -25.13 11.53 36.29
CA TYR C 89 -23.82 11.28 36.85
C TYR C 89 -22.84 11.88 35.83
N GLN C 90 -22.07 12.89 36.21
CA GLN C 90 -21.16 13.52 35.24
C GLN C 90 -19.77 13.76 35.78
N ALA C 91 -18.81 13.94 34.86
CA ALA C 91 -17.43 14.21 35.25
C ALA C 91 -16.59 14.63 34.06
N SER C 92 -15.50 15.33 34.37
CA SER C 92 -14.55 15.68 33.34
C SER C 92 -13.30 15.01 33.90
N VAL C 93 -12.55 14.33 33.04
CA VAL C 93 -11.33 13.60 33.44
C VAL C 93 -10.27 13.75 32.37
N PHE C 94 -9.03 13.37 32.69
CA PHE C 94 -8.00 13.45 31.67
C PHE C 94 -8.31 12.35 30.66
N ASN C 95 -7.96 12.62 29.39
CA ASN C 95 -8.25 11.74 28.29
C ASN C 95 -8.00 10.24 28.48
N GLN C 96 -6.90 9.87 29.12
CA GLN C 96 -6.62 8.46 29.31
C GLN C 96 -7.46 7.80 30.38
N ASP C 97 -8.24 8.59 31.11
CA ASP C 97 -9.04 8.03 32.18
C ASP C 97 -10.52 7.86 31.93
N VAL C 98 -10.98 8.08 30.71
CA VAL C 98 -12.38 7.92 30.40
C VAL C 98 -12.93 6.53 30.77
N GLY C 99 -12.22 5.48 30.35
CA GLY C 99 -12.67 4.13 30.64
C GLY C 99 -12.86 3.84 32.11
N LYS C 100 -11.89 4.25 32.92
CA LYS C 100 -11.98 3.99 34.36
C LYS C 100 -13.18 4.73 34.98
N MET C 101 -13.37 5.97 34.58
CA MET C 101 -14.47 6.73 35.11
C MET C 101 -15.78 6.09 34.64
N LEU C 102 -15.83 5.66 33.39
CA LEU C 102 -17.05 5.04 32.92
C LEU C 102 -17.34 3.80 33.71
N GLN C 103 -16.30 3.01 34.00
CA GLN C 103 -16.48 1.80 34.78
C GLN C 103 -17.10 2.14 36.17
N LEU C 104 -16.52 3.09 36.89
CA LEU C 104 -17.03 3.45 38.19
C LEU C 104 -18.47 3.95 38.05
N MET C 105 -18.75 4.77 37.03
CA MET C 105 -20.12 5.25 36.87
C MET C 105 -21.09 4.10 36.67
N SER C 106 -20.73 3.10 35.88
CA SER C 106 -21.69 2.04 35.68
C SER C 106 -21.78 1.13 36.89
N GLU C 107 -20.76 1.10 37.71
CA GLU C 107 -20.79 0.32 38.92
C GLU C 107 -21.82 0.92 39.88
N THR C 108 -21.79 2.24 40.05
CA THR C 108 -22.73 2.85 40.96
C THR C 108 -24.13 2.92 40.35
N VAL C 109 -24.21 2.89 39.02
CA VAL C 109 -25.53 2.91 38.43
C VAL C 109 -26.14 1.51 38.35
N ARG C 110 -25.35 0.47 38.19
CA ARG C 110 -25.88 -0.88 38.06
C ARG C 110 -25.73 -1.76 39.27
N PHE C 111 -24.70 -1.53 40.08
CA PHE C 111 -24.45 -2.42 41.21
C PHE C 111 -24.25 -1.78 42.57
N PRO C 112 -25.01 -0.71 42.86
CA PRO C 112 -24.85 -0.05 44.15
C PRO C 112 -25.24 -1.05 45.23
N LYS C 113 -24.51 -1.06 46.32
CA LYS C 113 -24.86 -1.98 47.42
C LYS C 113 -25.98 -1.40 48.29
N ILE C 114 -25.92 -0.10 48.57
CA ILE C 114 -26.88 0.58 49.43
C ILE C 114 -27.07 -0.19 50.72
N THR C 115 -26.05 -0.15 51.55
CA THR C 115 -26.05 -0.85 52.82
C THR C 115 -26.88 -0.11 53.87
N GLU C 116 -27.27 -0.81 54.94
CA GLU C 116 -28.03 -0.14 56.00
C GLU C 116 -27.30 1.13 56.43
N GLN C 117 -26.01 1.01 56.69
CA GLN C 117 -25.25 2.16 57.13
C GLN C 117 -25.26 3.33 56.12
N GLU C 118 -25.02 3.02 54.85
CA GLU C 118 -24.98 4.05 53.85
C GLU C 118 -26.30 4.79 53.82
N LEU C 119 -27.38 4.03 53.82
CA LEU C 119 -28.70 4.64 53.75
C LEU C 119 -28.99 5.48 54.98
N GLN C 120 -28.64 4.96 56.14
CA GLN C 120 -28.88 5.69 57.36
C GLN C 120 -28.13 7.02 57.35
N GLU C 121 -26.92 7.03 56.82
CA GLU C 121 -26.14 8.25 56.78
C GLU C 121 -26.82 9.29 55.91
N GLN C 122 -27.20 8.92 54.70
CA GLN C 122 -27.80 9.88 53.81
C GLN C 122 -29.14 10.37 54.33
N LYS C 123 -29.87 9.49 55.03
CA LYS C 123 -31.16 9.93 55.56
C LYS C 123 -30.93 10.95 56.69
N LEU C 124 -30.05 10.63 57.62
CA LEU C 124 -29.77 11.55 58.72
C LEU C 124 -29.35 12.90 58.15
N SER C 125 -28.50 12.82 57.15
CA SER C 125 -27.98 13.99 56.50
C SER C 125 -29.04 14.78 55.70
N ALA C 126 -29.97 14.09 55.05
CA ALA C 126 -31.01 14.80 54.33
C ALA C 126 -31.86 15.66 55.26
N GLU C 127 -32.13 15.19 56.49
CA GLU C 127 -32.98 15.99 57.38
C GLU C 127 -32.37 17.38 57.59
N TYR C 128 -31.07 17.41 57.88
CA TYR C 128 -30.39 18.68 58.09
C TYR C 128 -30.38 19.49 56.81
N GLU C 129 -30.20 18.83 55.67
CA GLU C 129 -30.23 19.56 54.42
C GLU C 129 -31.59 20.25 54.20
N ILE C 130 -32.67 19.55 54.47
CA ILE C 130 -34.00 20.13 54.29
C ILE C 130 -34.20 21.34 55.22
N ASP C 131 -33.79 21.20 56.47
CA ASP C 131 -33.95 22.29 57.40
C ASP C 131 -33.24 23.53 56.86
N GLU C 132 -32.09 23.37 56.23
CA GLU C 132 -31.39 24.53 55.70
C GLU C 132 -32.09 25.09 54.50
N VAL C 133 -32.48 24.22 53.59
CA VAL C 133 -33.16 24.66 52.38
C VAL C 133 -34.36 25.53 52.67
N TRP C 134 -35.13 25.20 53.69
CA TRP C 134 -36.32 25.97 54.01
C TRP C 134 -36.08 27.36 54.54
N MET C 135 -34.84 27.80 54.60
CA MET C 135 -34.57 29.13 55.12
C MET C 135 -34.11 30.00 53.97
N LYS C 136 -33.99 29.40 52.79
CA LYS C 136 -33.54 30.16 51.64
C LYS C 136 -34.66 30.50 50.65
N PRO C 137 -35.13 31.77 50.65
CA PRO C 137 -36.21 32.17 49.74
C PRO C 137 -35.92 31.83 48.29
N GLU C 138 -34.66 31.97 47.88
CA GLU C 138 -34.29 31.68 46.49
C GLU C 138 -34.63 30.23 46.13
N LEU C 139 -34.68 29.36 47.13
CA LEU C 139 -35.02 27.97 46.87
C LEU C 139 -36.50 27.73 47.13
N VAL C 140 -36.98 28.23 48.26
CA VAL C 140 -38.36 28.06 48.65
C VAL C 140 -39.43 28.64 47.72
N LEU C 141 -39.30 29.89 47.30
CA LEU C 141 -40.34 30.44 46.47
C LEU C 141 -40.58 29.63 45.20
N PRO C 142 -39.51 29.29 44.47
CA PRO C 142 -39.68 28.50 43.25
C PRO C 142 -40.34 27.16 43.54
N GLU C 143 -40.04 26.57 44.68
CA GLU C 143 -40.65 25.30 45.09
C GLU C 143 -42.17 25.53 45.21
N LEU C 144 -42.59 26.55 45.97
CA LEU C 144 -44.00 26.85 46.13
C LEU C 144 -44.65 27.15 44.78
N LEU C 145 -43.91 27.79 43.88
CA LEU C 145 -44.43 28.14 42.58
C LEU C 145 -44.88 26.89 41.81
N HIS C 146 -43.99 25.89 41.75
CA HIS C 146 -44.29 24.63 41.06
C HIS C 146 -45.43 23.84 41.71
N THR C 147 -45.39 23.73 43.03
CA THR C 147 -46.44 23.01 43.72
C THR C 147 -47.79 23.61 43.40
N ALA C 148 -47.86 24.93 43.42
CA ALA C 148 -49.11 25.54 43.11
C ALA C 148 -49.48 25.47 41.64
N ALA C 149 -48.48 25.55 40.76
CA ALA C 149 -48.79 25.56 39.34
C ALA C 149 -49.40 24.26 38.82
N TYR C 150 -49.03 23.15 39.47
CA TYR C 150 -49.52 21.82 39.09
C TYR C 150 -50.27 21.08 40.22
N SER C 151 -50.68 21.82 41.24
CA SER C 151 -51.40 21.23 42.37
C SER C 151 -50.72 20.00 42.94
N GLY C 152 -49.40 20.10 43.14
CA GLY C 152 -48.63 19.02 43.72
C GLY C 152 -48.43 17.76 42.92
N GLU C 153 -48.77 17.79 41.64
CA GLU C 153 -48.62 16.63 40.77
C GLU C 153 -47.48 16.86 39.81
N THR C 154 -46.81 15.76 39.45
CA THR C 154 -45.68 15.71 38.52
C THR C 154 -44.72 16.86 38.66
N LEU C 155 -44.73 17.81 37.71
CA LEU C 155 -43.81 18.94 37.80
C LEU C 155 -43.94 19.75 39.10
N GLY C 156 -45.06 19.59 39.77
CA GLY C 156 -45.32 20.28 41.01
C GLY C 156 -45.18 19.37 42.22
N SER C 157 -44.86 18.11 41.96
CA SER C 157 -44.61 17.18 43.04
C SER C 157 -43.33 17.67 43.71
N PRO C 158 -43.36 17.86 45.01
CA PRO C 158 -42.24 18.34 45.82
C PRO C 158 -40.83 17.98 45.40
N LEU C 159 -40.03 19.01 45.11
CA LEU C 159 -38.65 18.80 44.76
C LEU C 159 -37.90 18.73 46.09
N ILE C 160 -38.48 19.31 47.14
CA ILE C 160 -37.88 19.29 48.45
C ILE C 160 -38.69 18.26 49.21
N CYS C 161 -38.06 17.18 49.60
CA CYS C 161 -38.78 16.16 50.29
C CYS C 161 -39.25 16.54 51.68
N PRO C 162 -40.54 16.34 51.94
CA PRO C 162 -41.13 16.64 53.24
C PRO C 162 -40.27 15.96 54.33
N ARG C 163 -39.94 16.71 55.39
CA ARG C 163 -39.10 16.18 56.47
C ARG C 163 -39.57 14.84 57.02
N GLY C 164 -40.86 14.77 57.37
CA GLY C 164 -41.42 13.56 57.93
C GLY C 164 -41.44 12.33 57.03
N LEU C 165 -41.21 12.50 55.73
CA LEU C 165 -41.23 11.35 54.83
C LEU C 165 -39.86 10.73 54.61
N ILE C 166 -38.83 11.38 55.13
CA ILE C 166 -37.51 10.87 54.94
C ILE C 166 -37.20 9.58 55.68
N PRO C 167 -37.58 9.51 56.94
CA PRO C 167 -37.31 8.29 57.70
C PRO C 167 -37.94 7.04 57.14
N SER C 168 -39.00 7.18 56.35
CA SER C 168 -39.67 6.00 55.82
C SER C 168 -39.22 5.59 54.41
N ILE C 169 -38.17 6.23 53.90
CA ILE C 169 -37.60 5.89 52.62
C ILE C 169 -36.73 4.68 52.92
N SER C 170 -37.20 3.53 52.47
CA SER C 170 -36.55 2.26 52.70
C SER C 170 -35.75 1.72 51.53
N LYS C 171 -34.90 0.74 51.80
CA LYS C 171 -34.15 0.17 50.72
C LYS C 171 -35.13 -0.38 49.71
N TYR C 172 -36.23 -0.95 50.23
CA TYR C 172 -37.27 -1.51 49.39
C TYR C 172 -37.77 -0.47 48.38
N TYR C 173 -38.12 0.72 48.83
CA TYR C 173 -38.58 1.76 47.91
C TYR C 173 -37.48 2.22 46.94
N LEU C 174 -36.26 2.34 47.43
CA LEU C 174 -35.18 2.75 46.56
C LEU C 174 -34.99 1.66 45.46
N LEU C 175 -35.18 0.39 45.83
CA LEU C 175 -35.03 -0.64 44.83
C LEU C 175 -36.19 -0.57 43.84
N ASP C 176 -37.36 -0.16 44.34
CA ASP C 176 -38.52 -0.07 43.47
C ASP C 176 -38.28 1.02 42.45
N TYR C 177 -37.78 2.16 42.93
CA TYR C 177 -37.47 3.26 42.03
C TYR C 177 -36.40 2.83 41.02
N ARG C 178 -35.33 2.23 41.50
CA ARG C 178 -34.29 1.75 40.60
C ARG C 178 -34.83 0.78 39.55
N ASN C 179 -35.66 -0.16 39.96
CA ASN C 179 -36.17 -1.12 39.02
C ASN C 179 -37.15 -0.53 38.05
N LYS C 180 -37.69 0.65 38.34
CA LYS C 180 -38.59 1.26 37.37
C LYS C 180 -37.82 2.14 36.39
N PHE C 181 -36.84 2.92 36.89
CA PHE C 181 -36.14 3.87 36.00
C PHE C 181 -34.74 3.61 35.56
N TYR C 182 -34.01 2.83 36.34
CA TYR C 182 -32.65 2.53 35.97
C TYR C 182 -32.63 1.33 35.01
N THR C 183 -33.02 1.56 33.77
CA THR C 183 -33.00 0.52 32.76
C THR C 183 -32.17 1.07 31.60
N PRO C 184 -31.53 0.20 30.83
CA PRO C 184 -30.74 0.76 29.74
C PRO C 184 -31.52 1.58 28.72
N GLU C 185 -32.77 1.21 28.46
CA GLU C 185 -33.57 1.97 27.49
C GLU C 185 -34.01 3.35 28.03
N ASN C 186 -33.71 3.64 29.28
CA ASN C 186 -34.10 4.91 29.89
C ASN C 186 -32.81 5.70 30.24
N THR C 187 -31.71 5.31 29.61
CA THR C 187 -30.41 5.89 29.89
C THR C 187 -29.62 6.36 28.72
N VAL C 188 -28.76 7.34 28.92
CA VAL C 188 -27.95 7.77 27.82
C VAL C 188 -26.53 7.91 28.30
N ALA C 189 -25.56 7.50 27.49
CA ALA C 189 -24.18 7.66 27.87
C ALA C 189 -23.64 8.71 26.91
N ALA C 190 -23.15 9.83 27.43
CA ALA C 190 -22.63 10.88 26.54
C ALA C 190 -21.17 11.20 26.80
N PHE C 191 -20.43 11.55 25.75
CA PHE C 191 -19.01 11.88 25.92
C PHE C 191 -18.64 13.08 25.07
N VAL C 192 -17.75 13.91 25.59
CA VAL C 192 -17.28 15.05 24.82
C VAL C 192 -15.75 14.87 24.67
N GLY C 193 -15.26 14.94 23.42
CA GLY C 193 -13.85 14.77 23.16
C GLY C 193 -13.37 13.33 23.16
N VAL C 194 -14.29 12.40 22.95
CA VAL C 194 -13.98 10.98 22.91
C VAL C 194 -14.49 10.46 21.58
N PRO C 195 -13.63 9.78 20.81
CA PRO C 195 -14.08 9.25 19.51
C PRO C 195 -15.26 8.29 19.69
N HIS C 196 -16.27 8.44 18.82
CA HIS C 196 -17.47 7.64 18.90
C HIS C 196 -17.20 6.13 18.98
N GLU C 197 -16.23 5.69 18.19
CA GLU C 197 -15.86 4.28 18.14
C GLU C 197 -15.45 3.77 19.51
N LYS C 198 -14.58 4.55 20.15
CA LYS C 198 -14.06 4.24 21.46
C LYS C 198 -15.18 4.23 22.48
N ALA C 199 -16.09 5.18 22.36
CA ALA C 199 -17.21 5.28 23.29
C ALA C 199 -18.09 4.06 23.20
N LEU C 200 -18.34 3.59 21.96
CA LEU C 200 -19.14 2.39 21.77
C LEU C 200 -18.41 1.20 22.39
N GLU C 201 -17.09 1.18 22.23
CA GLU C 201 -16.29 0.11 22.76
C GLU C 201 -16.45 0.06 24.29
N LEU C 202 -16.22 1.19 24.92
CA LEU C 202 -16.31 1.27 26.38
C LEU C 202 -17.70 1.03 26.92
N THR C 203 -18.70 1.64 26.30
CA THR C 203 -20.07 1.48 26.76
C THR C 203 -20.48 0.01 26.69
N GLY C 204 -20.17 -0.64 25.57
CA GLY C 204 -20.51 -2.05 25.43
C GLY C 204 -19.86 -2.89 26.52
N LYS C 205 -18.61 -2.57 26.82
CA LYS C 205 -17.90 -3.30 27.83
C LYS C 205 -18.51 -3.17 29.22
N TYR C 206 -18.94 -1.97 29.60
CA TYR C 206 -19.50 -1.84 30.95
C TYR C 206 -21.01 -1.81 31.08
N LEU C 207 -21.72 -1.52 30.00
CA LEU C 207 -23.18 -1.47 30.06
C LEU C 207 -23.89 -2.36 29.05
N GLY C 208 -23.16 -2.97 28.12
CA GLY C 208 -23.80 -3.79 27.10
C GLY C 208 -24.64 -4.97 27.55
N ASP C 209 -24.22 -5.65 28.62
CA ASP C 209 -24.97 -6.81 29.11
C ASP C 209 -26.05 -6.41 30.14
N TRP C 210 -26.25 -5.11 30.31
CA TRP C 210 -27.26 -4.61 31.22
C TRP C 210 -28.62 -4.90 30.56
N GLN C 211 -29.54 -5.48 31.31
CA GLN C 211 -30.86 -5.87 30.78
C GLN C 211 -31.96 -5.14 31.50
N SER C 212 -33.04 -4.88 30.79
CA SER C 212 -34.15 -4.17 31.40
C SER C 212 -34.95 -5.04 32.38
N THR C 213 -35.65 -4.38 33.30
CA THR C 213 -36.50 -5.08 34.26
C THR C 213 -37.96 -5.07 33.78
N HIS C 214 -38.19 -4.43 32.61
CA HIS C 214 -39.51 -4.33 31.98
C HIS C 214 -40.62 -3.94 32.98
N PRO C 215 -40.41 -2.80 33.64
CA PRO C 215 -41.35 -2.27 34.64
C PRO C 215 -42.57 -1.62 34.02
N PRO C 216 -43.60 -1.37 34.84
CA PRO C 216 -44.86 -0.73 34.43
C PRO C 216 -44.56 0.75 34.05
N ILE C 217 -45.06 1.20 32.90
CA ILE C 217 -44.84 2.57 32.45
C ILE C 217 -45.65 3.57 33.28
N THR C 218 -45.03 4.29 34.19
CA THR C 218 -45.79 5.23 34.99
C THR C 218 -45.37 6.70 34.78
N LYS C 219 -45.50 7.19 33.55
CA LYS C 219 -45.13 8.59 33.27
C LYS C 219 -46.30 9.41 32.73
N LYS C 220 -46.86 10.19 33.65
CA LYS C 220 -48.02 11.05 33.42
C LYS C 220 -47.68 12.43 32.84
N VAL C 221 -48.51 12.94 31.95
CA VAL C 221 -48.22 14.26 31.43
C VAL C 221 -48.47 15.33 32.49
N ALA C 222 -47.67 16.40 32.45
CA ALA C 222 -47.87 17.51 33.37
C ALA C 222 -49.17 18.27 33.02
N GLN C 223 -50.01 18.50 34.03
CA GLN C 223 -51.25 19.24 33.82
C GLN C 223 -51.23 20.55 34.61
N TYR C 224 -51.00 21.64 33.91
CA TYR C 224 -50.95 22.92 34.62
C TYR C 224 -52.33 23.34 35.12
N THR C 225 -52.42 23.70 36.39
CA THR C 225 -53.69 24.13 36.96
C THR C 225 -53.67 25.62 37.36
N GLY C 226 -52.50 26.11 37.76
CA GLY C 226 -52.45 27.47 38.25
C GLY C 226 -52.95 27.40 39.69
N GLY C 227 -52.77 28.44 40.48
CA GLY C 227 -53.21 28.37 41.86
C GLY C 227 -52.53 29.42 42.73
N GLU C 228 -52.91 29.44 44.01
CA GLU C 228 -52.41 30.42 44.97
C GLU C 228 -51.87 29.81 46.24
N SER C 229 -50.87 30.46 46.85
CA SER C 229 -50.35 29.99 48.13
C SER C 229 -49.49 31.03 48.82
N CYS C 230 -49.53 31.03 50.15
CA CYS C 230 -48.76 32.01 50.89
C CYS C 230 -48.21 31.51 52.21
N ILE C 231 -46.90 31.65 52.40
CA ILE C 231 -46.31 31.21 53.67
C ILE C 231 -45.99 32.45 54.53
N PRO C 232 -45.81 32.26 55.85
CA PRO C 232 -45.49 33.36 56.79
C PRO C 232 -44.18 34.13 56.43
N PRO C 233 -44.03 35.42 56.85
CA PRO C 233 -42.83 36.25 56.58
C PRO C 233 -41.57 35.62 57.21
N ALA C 234 -40.41 35.78 56.56
CA ALA C 234 -39.16 35.21 57.10
C ALA C 234 -38.76 35.93 58.39
N PRO C 235 -37.98 35.27 59.25
CA PRO C 235 -37.55 35.89 60.52
C PRO C 235 -36.65 37.11 60.25
N VAL C 236 -36.87 38.18 61.04
CA VAL C 236 -36.07 39.42 60.93
C VAL C 236 -34.72 39.18 61.57
N PHE C 237 -33.70 39.02 60.72
CA PHE C 237 -32.33 38.76 61.15
C PHE C 237 -31.66 39.99 61.75
N GLY C 238 -30.38 40.16 61.45
CA GLY C 238 -29.66 41.30 61.99
C GLY C 238 -30.06 42.62 61.35
N ASN C 239 -29.08 43.25 60.70
CA ASN C 239 -29.29 44.52 60.03
C ASN C 239 -30.09 44.32 58.73
N LEU C 240 -30.13 43.07 58.26
CA LEU C 240 -30.84 42.73 57.03
C LEU C 240 -32.25 43.30 57.00
N PRO C 241 -32.62 43.88 55.85
CA PRO C 241 -33.95 44.47 55.64
C PRO C 241 -35.02 43.38 55.47
N GLU C 242 -36.02 43.38 56.33
CA GLU C 242 -37.09 42.41 56.19
C GLU C 242 -37.67 42.56 54.77
N LEU C 243 -37.92 41.43 54.12
CA LEU C 243 -38.48 41.44 52.76
C LEU C 243 -39.63 40.48 52.57
N PHE C 244 -40.55 40.86 51.69
CA PHE C 244 -41.65 40.00 51.31
C PHE C 244 -41.30 39.57 49.88
N HIS C 245 -41.82 38.42 49.47
CA HIS C 245 -41.53 37.91 48.13
C HIS C 245 -42.79 37.45 47.46
N ILE C 246 -42.81 37.58 46.14
CA ILE C 246 -43.94 37.13 45.36
C ILE C 246 -43.49 36.72 43.97
N GLN C 247 -44.07 35.63 43.48
CA GLN C 247 -43.75 35.15 42.15
C GLN C 247 -45.09 34.95 41.48
N ILE C 248 -45.20 35.47 40.26
CA ILE C 248 -46.43 35.38 39.49
C ILE C 248 -46.13 34.76 38.15
N GLY C 249 -46.82 33.66 37.82
CA GLY C 249 -46.55 33.04 36.53
C GLY C 249 -47.75 32.42 35.84
N PHE C 250 -47.52 32.00 34.60
CA PHE C 250 -48.55 31.33 33.78
C PHE C 250 -47.89 30.13 33.13
N GLU C 251 -48.69 29.18 32.66
CA GLU C 251 -48.10 28.04 32.01
C GLU C 251 -47.23 28.52 30.84
N GLY C 252 -46.00 28.02 30.80
CA GLY C 252 -45.05 28.36 29.75
C GLY C 252 -45.00 27.32 28.66
N LEU C 253 -43.84 27.15 28.02
CA LEU C 253 -43.69 26.19 26.94
C LEU C 253 -42.69 25.09 27.16
N PRO C 254 -42.89 23.94 26.52
CA PRO C 254 -42.01 22.76 26.60
C PRO C 254 -40.69 23.21 25.96
N ILE C 255 -39.56 22.69 26.43
CA ILE C 255 -38.27 23.12 25.87
C ILE C 255 -38.04 22.86 24.38
N ASP C 256 -38.83 21.98 23.77
CA ASP C 256 -38.64 21.71 22.36
C ASP C 256 -39.75 22.37 21.56
N HIS C 257 -40.55 23.23 22.19
CA HIS C 257 -41.65 23.88 21.48
C HIS C 257 -41.07 24.89 20.51
N PRO C 258 -41.70 25.07 19.34
CA PRO C 258 -41.21 26.01 18.33
C PRO C 258 -41.03 27.48 18.72
N ASP C 259 -41.81 27.94 19.69
CA ASP C 259 -41.68 29.34 20.09
C ASP C 259 -40.79 29.52 21.31
N ILE C 260 -40.10 28.45 21.67
CA ILE C 260 -39.24 28.47 22.82
C ILE C 260 -38.20 29.57 22.68
N TYR C 261 -37.63 29.75 21.51
CA TYR C 261 -36.64 30.78 21.35
C TYR C 261 -37.26 32.17 21.51
N ALA C 262 -38.45 32.36 20.96
CA ALA C 262 -39.09 33.66 21.11
C ALA C 262 -39.29 33.94 22.62
N LEU C 263 -39.78 32.92 23.33
CA LEU C 263 -40.03 33.01 24.77
C LEU C 263 -38.76 33.28 25.59
N ALA C 264 -37.63 32.73 25.15
CA ALA C 264 -36.38 32.96 25.88
C ALA C 264 -35.92 34.38 25.62
N THR C 265 -36.20 34.86 24.40
CA THR C 265 -35.86 36.23 24.05
C THR C 265 -36.71 37.14 24.93
N LEU C 266 -38.01 36.83 25.07
CA LEU C 266 -38.89 37.63 25.92
C LEU C 266 -38.35 37.69 27.36
N GLN C 267 -37.87 36.54 27.82
CA GLN C 267 -37.32 36.41 29.14
C GLN C 267 -36.11 37.37 29.25
N THR C 268 -35.24 37.35 28.25
CA THR C 268 -34.05 38.19 28.27
C THR C 268 -34.40 39.66 28.16
N LEU C 269 -35.39 39.96 27.33
CA LEU C 269 -35.83 41.32 27.15
C LEU C 269 -36.32 41.89 28.48
N LEU C 270 -37.07 41.09 29.26
CA LEU C 270 -37.54 41.56 30.56
C LEU C 270 -36.40 41.66 31.56
N GLY C 271 -35.52 40.64 31.56
CA GLY C 271 -34.35 40.60 32.44
C GLY C 271 -34.61 40.86 33.92
N GLY C 272 -34.00 41.90 34.45
CA GLY C 272 -34.22 42.22 35.85
C GLY C 272 -33.01 41.90 36.67
N GLY C 273 -33.14 42.02 37.99
CA GLY C 273 -32.05 41.76 38.90
C GLY C 273 -32.29 42.13 40.36
N GLY C 274 -31.20 42.21 41.13
CA GLY C 274 -31.33 42.57 42.53
C GLY C 274 -30.78 43.97 42.79
N GLY C 280 -19.07 44.71 35.35
CA GLY C 280 -18.92 45.69 34.24
C GLY C 280 -20.10 45.70 33.27
N PRO C 281 -20.06 46.53 32.21
CA PRO C 281 -21.13 46.63 31.20
C PRO C 281 -21.58 45.27 30.67
N GLY C 282 -22.88 45.17 30.30
CA GLY C 282 -23.42 43.92 29.78
C GLY C 282 -24.29 43.09 30.75
N LYS C 283 -24.39 43.54 32.00
CA LYS C 283 -25.17 42.88 33.07
C LYS C 283 -26.70 42.98 32.93
N GLY C 284 -27.16 43.58 31.81
CA GLY C 284 -28.58 43.72 31.56
C GLY C 284 -29.24 44.90 32.26
N MET C 285 -28.53 46.01 32.36
CA MET C 285 -29.08 47.17 33.02
C MET C 285 -30.07 47.89 32.11
N TYR C 286 -30.18 47.45 30.85
CA TYR C 286 -31.13 48.06 29.90
C TYR C 286 -32.33 47.14 29.61
N SER C 287 -32.62 46.23 30.52
CA SER C 287 -33.76 45.36 30.33
C SER C 287 -34.96 46.04 30.97
N ARG C 288 -36.14 45.72 30.49
CA ARG C 288 -37.33 46.38 31.01
C ARG C 288 -37.52 46.34 32.50
N LEU C 289 -37.35 45.18 33.13
CA LEU C 289 -37.56 45.13 34.55
C LEU C 289 -36.60 46.06 35.29
N TYR C 290 -35.44 46.33 34.68
CA TYR C 290 -34.48 47.25 35.30
C TYR C 290 -34.97 48.67 35.18
N THR C 291 -35.23 49.07 33.94
CA THR C 291 -35.70 50.41 33.62
C THR C 291 -37.06 50.78 34.19
N HIS C 292 -38.06 49.94 33.95
CA HIS C 292 -39.42 50.24 34.44
C HIS C 292 -39.69 49.89 35.90
N VAL C 293 -38.86 49.06 36.54
CA VAL C 293 -39.14 48.71 37.92
C VAL C 293 -38.02 49.01 38.89
N LEU C 294 -36.86 48.36 38.75
CA LEU C 294 -35.79 48.59 39.70
C LEU C 294 -35.41 50.06 39.79
N ASN C 295 -35.32 50.73 38.64
CA ASN C 295 -34.96 52.14 38.66
C ASN C 295 -36.07 53.05 39.17
N GLN C 296 -37.32 52.62 39.04
CA GLN C 296 -38.43 53.45 39.47
C GLN C 296 -38.83 53.32 40.93
N TYR C 297 -38.75 52.12 41.48
CA TYR C 297 -39.12 51.88 42.87
C TYR C 297 -37.97 51.22 43.59
N TYR C 298 -37.58 51.77 44.73
CA TYR C 298 -36.48 51.12 45.44
C TYR C 298 -37.01 50.45 46.68
N PHE C 299 -38.34 50.42 46.82
CA PHE C 299 -38.88 49.68 47.94
C PHE C 299 -38.82 48.23 47.40
N VAL C 300 -38.38 48.11 46.14
CA VAL C 300 -38.20 46.84 45.44
C VAL C 300 -36.70 46.53 45.47
N GLU C 301 -36.31 45.46 46.12
CA GLU C 301 -34.91 45.10 46.22
C GLU C 301 -34.50 44.12 45.11
N ASN C 302 -35.49 43.47 44.52
CA ASN C 302 -35.23 42.50 43.48
C ASN C 302 -36.45 42.31 42.60
N CYS C 303 -36.22 42.16 41.30
CA CYS C 303 -37.31 41.91 40.37
C CYS C 303 -36.75 41.30 39.10
N VAL C 304 -37.18 40.08 38.81
CA VAL C 304 -36.64 39.38 37.65
C VAL C 304 -37.61 38.46 36.93
N ALA C 305 -37.34 38.20 35.66
CA ALA C 305 -38.23 37.32 34.92
C ALA C 305 -37.69 35.92 34.99
N PHE C 306 -38.58 34.94 35.04
CA PHE C 306 -38.14 33.57 35.07
C PHE C 306 -38.84 32.75 34.01
N ASN C 307 -38.17 31.68 33.60
CA ASN C 307 -38.70 30.82 32.55
C ASN C 307 -38.32 29.37 32.83
N HIS C 308 -39.22 28.67 33.49
CA HIS C 308 -38.98 27.28 33.77
C HIS C 308 -39.59 26.52 32.61
N SER C 309 -38.79 25.74 31.92
CA SER C 309 -39.28 25.01 30.79
C SER C 309 -38.92 23.53 30.90
N TYR C 310 -39.91 22.65 30.76
CA TYR C 310 -39.62 21.22 30.85
C TYR C 310 -40.02 20.47 29.59
N SER C 311 -39.93 19.15 29.67
CA SER C 311 -40.28 18.31 28.53
C SER C 311 -41.71 18.52 28.01
N ASP C 312 -42.67 18.70 28.89
CA ASP C 312 -44.04 18.84 28.41
C ASP C 312 -44.79 20.08 28.89
N SER C 313 -44.08 20.99 29.54
CA SER C 313 -44.72 22.18 30.07
C SER C 313 -43.66 23.13 30.67
N GLY C 314 -44.12 24.24 31.23
CA GLY C 314 -43.21 25.17 31.85
C GLY C 314 -44.00 26.22 32.61
N ILE C 315 -43.30 27.06 33.37
CA ILE C 315 -43.97 28.14 34.08
C ILE C 315 -43.17 29.37 33.69
N PHE C 316 -43.86 30.42 33.27
CA PHE C 316 -43.22 31.66 32.86
C PHE C 316 -43.80 32.84 33.62
N GLY C 317 -42.94 33.69 34.15
CA GLY C 317 -43.46 34.84 34.91
C GLY C 317 -42.41 35.77 35.50
N ILE C 318 -42.84 36.58 36.47
CA ILE C 318 -41.94 37.53 37.10
C ILE C 318 -41.89 37.34 38.61
N SER C 319 -40.70 37.47 39.18
CA SER C 319 -40.47 37.36 40.61
C SER C 319 -40.17 38.78 41.14
N LEU C 320 -40.62 39.09 42.36
CA LEU C 320 -40.44 40.40 42.95
C LEU C 320 -40.27 40.31 44.46
N SER C 321 -39.29 41.04 44.99
CA SER C 321 -39.05 41.07 46.44
C SER C 321 -39.07 42.53 46.83
N CYS C 322 -39.81 42.82 47.89
CA CYS C 322 -39.91 44.20 48.31
C CYS C 322 -40.05 44.36 49.82
N ILE C 323 -40.17 45.61 50.22
CA ILE C 323 -40.32 45.97 51.61
C ILE C 323 -41.74 45.68 52.01
N PRO C 324 -41.94 45.15 53.22
CA PRO C 324 -43.29 44.82 53.71
C PRO C 324 -44.32 45.90 53.40
N GLN C 325 -43.91 47.16 53.60
CA GLN C 325 -44.77 48.29 53.35
C GLN C 325 -45.26 48.40 51.90
N ALA C 326 -44.44 47.96 50.94
CA ALA C 326 -44.82 48.03 49.53
C ALA C 326 -45.65 46.83 49.00
N ALA C 327 -45.70 45.73 49.75
CA ALA C 327 -46.45 44.55 49.33
C ALA C 327 -47.76 44.88 48.63
N PRO C 328 -48.52 45.82 49.18
CA PRO C 328 -49.79 46.18 48.55
C PRO C 328 -49.72 46.55 47.10
N GLN C 329 -48.57 47.00 46.64
CA GLN C 329 -48.44 47.40 45.24
C GLN C 329 -47.80 46.36 44.34
N ALA C 330 -47.15 45.37 44.95
CA ALA C 330 -46.42 44.34 44.21
C ALA C 330 -47.20 43.74 43.04
N VAL C 331 -48.36 43.17 43.32
CA VAL C 331 -49.15 42.57 42.24
C VAL C 331 -49.33 43.52 41.05
N GLU C 332 -49.81 44.73 41.31
CA GLU C 332 -50.05 45.65 40.21
C GLU C 332 -48.79 45.95 39.42
N VAL C 333 -47.68 46.17 40.11
CA VAL C 333 -46.44 46.47 39.42
C VAL C 333 -46.17 45.39 38.37
N ILE C 334 -46.20 44.14 38.82
CA ILE C 334 -45.95 42.98 37.97
C ILE C 334 -46.94 42.95 36.80
N ALA C 335 -48.22 43.03 37.13
CA ALA C 335 -49.27 43.02 36.13
C ALA C 335 -49.03 44.05 35.02
N GLN C 336 -48.62 45.27 35.39
CA GLN C 336 -48.34 46.29 34.40
C GLN C 336 -47.26 45.84 33.44
N GLN C 337 -46.16 45.33 33.98
CA GLN C 337 -45.06 44.88 33.15
C GLN C 337 -45.50 43.81 32.16
N MET C 338 -46.32 42.88 32.62
CA MET C 338 -46.77 41.82 31.73
C MET C 338 -47.62 42.39 30.65
N TYR C 339 -48.51 43.29 31.07
CA TYR C 339 -49.42 43.98 30.17
C TYR C 339 -48.61 44.74 29.12
N ASN C 340 -47.61 45.48 29.59
CA ASN C 340 -46.81 46.28 28.71
C ASN C 340 -46.01 45.56 27.66
N THR C 341 -46.03 44.24 27.66
CA THR C 341 -45.24 43.52 26.66
C THR C 341 -46.05 43.30 25.39
N PHE C 342 -47.36 43.44 25.49
CA PHE C 342 -48.18 43.25 24.31
C PHE C 342 -49.45 44.09 24.20
N ALA C 343 -50.12 44.39 25.31
CA ALA C 343 -51.37 45.14 25.30
C ALA C 343 -51.32 46.66 25.45
N ASN C 344 -50.13 47.23 25.44
CA ASN C 344 -49.99 48.66 25.56
C ASN C 344 -49.41 49.21 24.25
N LYS C 345 -50.32 49.71 23.41
CA LYS C 345 -49.95 50.27 22.10
C LYS C 345 -48.79 51.27 22.15
N ASP C 346 -48.63 51.96 23.28
CA ASP C 346 -47.56 52.96 23.40
C ASP C 346 -46.23 52.45 23.96
N LEU C 347 -46.22 51.18 24.37
CA LEU C 347 -45.01 50.55 24.89
C LEU C 347 -44.77 49.22 24.19
N ARG C 348 -45.15 49.18 22.92
CA ARG C 348 -44.96 48.01 22.09
C ARG C 348 -43.45 47.66 22.15
N LEU C 349 -43.11 46.39 21.93
CA LEU C 349 -41.71 45.97 21.96
C LEU C 349 -40.95 46.57 20.77
N THR C 350 -39.93 47.37 21.07
CA THR C 350 -39.15 48.03 20.04
C THR C 350 -38.04 47.21 19.39
N GLU C 351 -37.69 47.60 18.17
CA GLU C 351 -36.64 46.94 17.41
C GLU C 351 -35.36 46.88 18.23
N ASP C 352 -35.02 47.97 18.89
CA ASP C 352 -33.81 48.02 19.71
C ASP C 352 -33.84 46.99 20.82
N GLU C 353 -34.92 47.03 21.59
CA GLU C 353 -35.11 46.11 22.71
C GLU C 353 -34.95 44.67 22.26
N VAL C 354 -35.68 44.31 21.20
CA VAL C 354 -35.64 42.96 20.67
C VAL C 354 -34.27 42.56 20.13
N SER C 355 -33.64 43.48 19.41
CA SER C 355 -32.35 43.16 18.84
C SER C 355 -31.30 42.92 19.90
N ARG C 356 -31.36 43.73 20.96
CA ARG C 356 -30.42 43.59 22.07
C ARG C 356 -30.69 42.27 22.82
N ALA C 357 -31.96 41.99 23.07
CA ALA C 357 -32.35 40.79 23.77
C ALA C 357 -31.86 39.58 22.96
N LYS C 358 -32.13 39.58 21.66
CA LYS C 358 -31.68 38.47 20.83
C LYS C 358 -30.18 38.26 20.95
N ASN C 359 -29.38 39.31 20.82
CA ASN C 359 -27.95 39.13 20.94
C ASN C 359 -27.52 38.66 22.34
N GLN C 360 -28.20 39.12 23.37
CA GLN C 360 -27.85 38.66 24.72
C GLN C 360 -28.21 37.20 24.95
N LEU C 361 -29.27 36.74 24.31
CA LEU C 361 -29.66 35.34 24.44
C LEU C 361 -28.61 34.47 23.73
N LYS C 362 -28.34 34.77 22.44
CA LYS C 362 -27.35 34.00 21.69
C LYS C 362 -26.08 33.94 22.48
N SER C 363 -25.73 35.11 22.98
CA SER C 363 -24.52 35.29 23.74
C SER C 363 -24.41 34.36 24.91
N SER C 364 -25.39 34.40 25.81
CA SER C 364 -25.28 33.54 26.97
C SER C 364 -25.38 32.06 26.64
N LEU C 365 -26.07 31.69 25.57
CA LEU C 365 -26.11 30.29 25.25
C LEU C 365 -24.70 29.87 24.80
N LEU C 366 -24.22 30.50 23.73
CA LEU C 366 -22.90 30.18 23.20
C LEU C 366 -21.75 30.24 24.19
N MET C 367 -21.76 31.23 25.06
CA MET C 367 -20.66 31.35 25.99
C MET C 367 -20.70 30.21 26.98
N ASN C 368 -21.90 29.86 27.45
CA ASN C 368 -22.03 28.76 28.37
C ASN C 368 -21.53 27.47 27.74
N LEU C 369 -21.82 27.30 26.45
CA LEU C 369 -21.43 26.14 25.69
C LEU C 369 -19.92 26.03 25.48
N GLU C 370 -19.18 27.01 25.96
CA GLU C 370 -17.72 26.98 25.83
C GLU C 370 -17.15 25.91 26.79
N SER C 371 -17.93 25.63 27.83
CA SER C 371 -17.55 24.66 28.84
C SER C 371 -17.83 23.21 28.40
N LYS C 372 -16.85 22.32 28.53
CA LYS C 372 -17.05 20.94 28.12
C LYS C 372 -18.19 20.31 28.92
N LEU C 373 -18.21 20.53 30.22
CA LEU C 373 -19.27 19.96 31.03
C LEU C 373 -20.62 20.47 30.59
N VAL C 374 -20.69 21.74 30.17
CA VAL C 374 -21.97 22.25 29.72
C VAL C 374 -22.38 21.62 28.41
N GLU C 375 -21.42 21.48 27.50
CA GLU C 375 -21.72 20.86 26.23
C GLU C 375 -22.23 19.44 26.55
N LEU C 376 -21.49 18.74 27.42
CA LEU C 376 -21.82 17.39 27.80
C LEU C 376 -23.23 17.25 28.34
N GLU C 377 -23.55 18.03 29.36
CA GLU C 377 -24.87 17.94 29.96
C GLU C 377 -25.97 18.27 28.98
N ASP C 378 -25.78 19.32 28.18
CA ASP C 378 -26.79 19.68 27.22
C ASP C 378 -27.00 18.56 26.22
N MET C 379 -25.93 17.91 25.78
CA MET C 379 -26.08 16.82 24.84
C MET C 379 -26.83 15.66 25.50
N GLY C 380 -26.38 15.25 26.68
CA GLY C 380 -27.03 14.16 27.35
C GLY C 380 -28.54 14.37 27.50
N ARG C 381 -28.93 15.52 27.98
CA ARG C 381 -30.35 15.78 28.17
C ARG C 381 -31.12 15.86 26.87
N GLN C 382 -30.52 16.41 25.83
CA GLN C 382 -31.23 16.48 24.56
C GLN C 382 -31.48 15.09 24.00
N VAL C 383 -30.46 14.24 24.03
CA VAL C 383 -30.61 12.90 23.51
C VAL C 383 -31.59 12.14 24.39
N LEU C 384 -31.48 12.34 25.70
CA LEU C 384 -32.36 11.67 26.63
C LEU C 384 -33.78 12.03 26.30
N MET C 385 -34.02 13.31 26.01
CA MET C 385 -35.39 13.73 25.74
C MET C 385 -36.00 13.47 24.38
N HIS C 386 -35.33 13.85 23.30
CA HIS C 386 -35.92 13.59 21.99
C HIS C 386 -34.92 12.93 21.05
N GLY C 387 -33.97 12.22 21.64
CA GLY C 387 -32.97 11.49 20.87
C GLY C 387 -32.29 12.12 19.68
N ARG C 388 -31.80 13.34 19.84
CA ARG C 388 -31.11 14.04 18.76
C ARG C 388 -30.47 15.26 19.43
N LYS C 389 -29.43 15.81 18.81
CA LYS C 389 -28.80 16.99 19.38
C LYS C 389 -28.96 18.09 18.36
N ILE C 390 -29.77 19.08 18.68
CA ILE C 390 -29.95 20.18 17.74
C ILE C 390 -28.63 20.89 17.55
N PRO C 391 -28.20 21.03 16.29
CA PRO C 391 -26.93 21.70 15.98
C PRO C 391 -27.01 23.18 16.31
N VAL C 392 -25.93 23.66 16.90
CA VAL C 392 -25.82 25.05 17.29
C VAL C 392 -26.26 26.03 16.19
N ASN C 393 -25.81 25.80 14.98
CA ASN C 393 -26.20 26.65 13.84
C ASN C 393 -27.70 26.86 13.79
N GLU C 394 -28.44 25.77 13.82
CA GLU C 394 -29.90 25.81 13.74
C GLU C 394 -30.43 26.70 14.85
N MET C 395 -29.88 26.51 16.04
CA MET C 395 -30.30 27.28 17.21
C MET C 395 -30.11 28.80 17.02
N ILE C 396 -28.94 29.17 16.53
CA ILE C 396 -28.63 30.56 16.31
C ILE C 396 -29.56 31.13 15.25
N SER C 397 -29.73 30.39 14.16
CA SER C 397 -30.61 30.86 13.11
C SER C 397 -31.99 31.16 13.63
N LYS C 398 -32.58 30.22 14.36
CA LYS C 398 -33.93 30.43 14.84
C LYS C 398 -34.02 31.70 15.69
N ILE C 399 -32.94 32.04 16.40
CA ILE C 399 -32.99 33.24 17.20
C ILE C 399 -32.85 34.51 16.35
N GLU C 400 -31.89 34.49 15.44
CA GLU C 400 -31.63 35.63 14.58
C GLU C 400 -32.80 35.98 13.68
N ASP C 401 -33.64 35.00 13.37
CA ASP C 401 -34.78 35.24 12.51
C ASP C 401 -35.98 35.80 13.28
N LEU C 402 -35.84 35.88 14.60
CA LEU C 402 -36.93 36.40 15.39
C LEU C 402 -37.14 37.91 15.13
N LYS C 403 -38.40 38.31 15.08
CA LYS C 403 -38.77 39.71 14.86
C LYS C 403 -39.68 40.17 16.01
N PRO C 404 -39.69 41.48 16.30
CA PRO C 404 -40.54 41.99 17.39
C PRO C 404 -41.95 41.41 17.51
N ASP C 405 -42.63 41.24 16.37
CA ASP C 405 -43.99 40.69 16.40
C ASP C 405 -44.00 39.28 16.97
N ASP C 406 -42.93 38.53 16.70
CA ASP C 406 -42.83 37.16 17.21
C ASP C 406 -42.84 37.16 18.73
N ILE C 407 -42.05 38.06 19.30
CA ILE C 407 -41.98 38.15 20.74
C ILE C 407 -43.33 38.64 21.29
N SER C 408 -43.97 39.55 20.58
CA SER C 408 -45.25 40.06 21.06
C SER C 408 -46.32 38.99 21.01
N ARG C 409 -46.32 38.21 19.95
CA ARG C 409 -47.31 37.16 19.84
C ARG C 409 -47.14 36.18 21.01
N VAL C 410 -45.90 35.78 21.27
CA VAL C 410 -45.64 34.83 22.34
C VAL C 410 -45.98 35.41 23.69
N ALA C 411 -45.67 36.69 23.89
CA ALA C 411 -45.95 37.31 25.18
C ALA C 411 -47.45 37.27 25.46
N GLU C 412 -48.23 37.59 24.43
CA GLU C 412 -49.68 37.62 24.56
C GLU C 412 -50.20 36.24 24.89
N MET C 413 -49.72 35.25 24.14
CA MET C 413 -50.14 33.88 24.35
C MET C 413 -49.94 33.41 25.80
N ILE C 414 -48.75 33.69 26.34
CA ILE C 414 -48.45 33.27 27.68
C ILE C 414 -49.29 34.00 28.73
N PHE C 415 -49.29 35.32 28.67
CA PHE C 415 -50.04 36.09 29.66
C PHE C 415 -51.55 36.08 29.52
N THR C 416 -52.05 35.67 28.36
CA THR C 416 -53.49 35.56 28.12
C THR C 416 -53.97 34.20 28.62
N GLY C 417 -53.01 33.35 29.02
CA GLY C 417 -53.32 32.03 29.53
C GLY C 417 -53.72 31.18 28.35
N ASN C 418 -53.19 31.49 27.17
CA ASN C 418 -53.53 30.75 25.95
C ASN C 418 -52.55 29.66 25.49
N VAL C 419 -51.80 29.09 26.42
CA VAL C 419 -50.90 28.04 26.00
C VAL C 419 -51.67 26.71 25.90
N ASN C 420 -51.32 25.90 24.91
CA ASN C 420 -51.99 24.62 24.72
C ASN C 420 -51.05 23.44 24.67
N ASN C 421 -50.56 23.06 25.83
CA ASN C 421 -49.67 21.92 25.96
C ASN C 421 -50.47 20.62 26.10
N ALA C 422 -49.77 19.51 25.89
CA ALA C 422 -50.39 18.20 25.98
C ALA C 422 -51.24 17.99 27.25
N GLY C 423 -50.78 18.50 28.39
CA GLY C 423 -51.53 18.34 29.63
C GLY C 423 -52.81 19.14 29.70
N ASN C 424 -53.05 19.94 28.66
CA ASN C 424 -54.26 20.79 28.56
C ASN C 424 -54.49 21.60 29.84
N GLY C 425 -53.52 22.47 30.15
CA GLY C 425 -53.57 23.28 31.36
C GLY C 425 -54.61 24.37 31.37
N LYS C 426 -54.97 24.79 32.58
CA LYS C 426 -55.91 25.87 32.78
C LYS C 426 -55.17 27.15 32.40
N GLY C 427 -55.89 28.26 32.28
CA GLY C 427 -55.22 29.51 31.94
C GLY C 427 -55.19 30.39 33.20
N ARG C 428 -55.22 29.74 34.35
CA ARG C 428 -55.21 30.43 35.61
C ARG C 428 -53.79 30.74 36.02
N ALA C 429 -53.56 31.93 36.58
CA ALA C 429 -52.23 32.32 37.05
C ALA C 429 -51.76 31.50 38.26
N THR C 430 -50.46 31.48 38.48
CA THR C 430 -49.96 30.82 39.66
C THR C 430 -49.36 32.01 40.41
N VAL C 431 -49.78 32.17 41.66
CA VAL C 431 -49.28 33.26 42.47
C VAL C 431 -48.87 32.75 43.81
N VAL C 432 -47.59 32.90 44.08
CA VAL C 432 -47.10 32.38 45.32
C VAL C 432 -46.38 33.49 46.05
N MET C 433 -46.49 33.50 47.39
CA MET C 433 -45.85 34.57 48.15
C MET C 433 -45.48 34.28 49.60
N GLN C 434 -44.50 35.04 50.08
CA GLN C 434 -44.04 34.93 51.46
C GLN C 434 -44.23 36.32 52.10
N GLY C 435 -45.02 36.35 53.17
CA GLY C 435 -45.31 37.59 53.88
C GLY C 435 -46.71 37.46 54.45
N ASP C 436 -47.33 38.56 54.86
CA ASP C 436 -48.70 38.48 55.36
C ASP C 436 -49.62 38.47 54.15
N ARG C 437 -50.49 37.48 54.06
CA ARG C 437 -51.35 37.38 52.90
C ARG C 437 -52.09 38.67 52.60
N GLY C 438 -52.66 39.27 53.63
CA GLY C 438 -53.41 40.49 53.48
C GLY C 438 -52.64 41.56 52.71
N SER C 439 -51.41 41.78 53.13
CA SER C 439 -50.55 42.76 52.52
C SER C 439 -50.51 42.76 50.99
N PHE C 440 -50.89 41.66 50.36
CA PHE C 440 -50.83 41.61 48.92
C PHE C 440 -52.12 42.01 48.21
N GLY C 441 -53.19 42.12 48.98
CA GLY C 441 -54.48 42.54 48.43
C GLY C 441 -55.22 41.52 47.58
N ASP C 442 -56.24 41.97 46.86
CA ASP C 442 -57.02 41.08 46.02
C ASP C 442 -56.24 40.78 44.74
N VAL C 443 -55.33 39.82 44.86
CA VAL C 443 -54.49 39.40 43.73
C VAL C 443 -55.24 39.11 42.43
N GLU C 444 -56.25 38.24 42.49
CA GLU C 444 -56.98 37.88 41.28
C GLU C 444 -57.64 39.05 40.57
N ASN C 445 -58.20 39.97 41.36
CA ASN C 445 -58.87 41.12 40.80
C ASN C 445 -57.91 41.98 40.01
N VAL C 446 -56.72 42.22 40.55
CA VAL C 446 -55.77 43.04 39.85
C VAL C 446 -55.38 42.38 38.53
N LEU C 447 -55.19 41.07 38.55
CA LEU C 447 -54.82 40.39 37.32
C LEU C 447 -55.93 40.49 36.26
N LYS C 448 -57.17 40.25 36.66
CA LYS C 448 -58.26 40.35 35.70
C LYS C 448 -58.36 41.77 35.16
N ALA C 449 -58.20 42.75 36.04
CA ALA C 449 -58.28 44.13 35.62
C ALA C 449 -57.32 44.40 34.45
N TYR C 450 -56.21 43.68 34.42
CA TYR C 450 -55.26 43.89 33.33
C TYR C 450 -55.39 42.91 32.16
N GLY C 451 -56.48 42.13 32.16
CA GLY C 451 -56.71 41.18 31.07
C GLY C 451 -55.75 40.00 31.07
N LEU C 452 -55.04 39.80 32.17
CA LEU C 452 -54.10 38.71 32.26
C LEU C 452 -54.84 37.44 32.64
N GLY C 453 -54.39 36.31 32.10
CA GLY C 453 -55.03 35.05 32.44
C GLY C 453 -56.21 34.71 31.55
N ASN C 454 -56.92 33.66 31.91
CA ASN C 454 -58.05 33.19 31.12
C ASN C 454 -59.14 32.60 32.01
N SER C 455 -60.38 32.71 31.54
CA SER C 455 -61.54 32.16 32.27
C SER C 455 -62.45 31.32 31.34
N ALA D 1 -8.24 14.19 10.44
CA ALA D 1 -7.16 14.75 11.33
C ALA D 1 -7.77 15.25 12.65
N SER D 2 -6.90 15.71 13.55
CA SER D 2 -7.33 16.22 14.85
C SER D 2 -6.39 17.31 15.40
N GLN D 3 -5.41 16.90 16.18
CA GLN D 3 -4.43 17.79 16.81
C GLN D 3 -5.06 18.71 17.89
N ILE D 4 -4.63 18.50 19.14
CA ILE D 4 -5.12 19.31 20.24
C ILE D 4 -4.44 20.66 20.09
N PRO D 5 -5.25 21.72 20.04
CA PRO D 5 -4.81 23.11 19.87
C PRO D 5 -3.71 23.65 20.80
N GLY D 6 -2.67 24.22 20.21
CA GLY D 6 -1.60 24.82 20.99
C GLY D 6 -1.78 26.36 21.11
N THR D 7 -0.77 27.04 21.62
CA THR D 7 -0.88 28.47 21.74
C THR D 7 -0.04 29.20 20.67
N ARG D 8 -0.68 30.00 19.82
CA ARG D 8 0.02 30.75 18.75
C ARG D 8 0.60 32.05 19.31
N THR D 9 1.81 32.44 18.92
CA THR D 9 2.36 33.70 19.44
C THR D 9 2.91 34.59 18.35
N SER D 10 2.76 35.90 18.53
CA SER D 10 3.30 36.90 17.60
C SER D 10 3.65 38.16 18.37
N LYS D 11 4.67 38.89 17.90
CA LYS D 11 5.10 40.11 18.60
C LYS D 11 4.94 41.31 17.65
N LEU D 12 4.32 42.37 18.13
CA LEU D 12 4.13 43.58 17.33
C LEU D 12 5.42 44.38 17.35
N PRO D 13 5.66 45.22 16.35
CA PRO D 13 6.89 46.02 16.32
C PRO D 13 7.11 46.85 17.59
N ASN D 14 6.05 47.31 18.24
CA ASN D 14 6.24 48.07 19.49
C ASN D 14 6.50 47.21 20.76
N GLY D 15 6.67 45.90 20.58
CA GLY D 15 6.93 45.02 21.71
C GLY D 15 5.75 44.20 22.23
N LEU D 16 4.54 44.63 21.92
CA LEU D 16 3.34 43.93 22.37
C LEU D 16 3.27 42.51 21.87
N THR D 17 2.91 41.59 22.76
CA THR D 17 2.82 40.19 22.40
C THR D 17 1.36 39.80 22.21
N ILE D 18 1.07 38.97 21.21
CA ILE D 18 -0.28 38.49 20.94
C ILE D 18 -0.24 36.95 21.07
N ALA D 19 -0.90 36.40 22.09
CA ALA D 19 -0.94 34.95 22.33
C ALA D 19 -2.38 34.46 22.25
N THR D 20 -2.53 33.36 21.51
CA THR D 20 -3.82 32.82 21.21
C THR D 20 -4.04 31.31 21.26
N GLU D 21 -5.24 30.89 21.70
CA GLU D 21 -5.59 29.47 21.64
C GLU D 21 -6.98 29.36 21.08
N TYR D 22 -7.07 28.71 19.91
CA TYR D 22 -8.33 28.49 19.22
C TYR D 22 -9.07 27.37 19.91
N ILE D 23 -10.38 27.49 20.03
CA ILE D 23 -11.21 26.46 20.65
C ILE D 23 -12.21 26.02 19.60
N PRO D 24 -12.13 24.77 19.12
CA PRO D 24 -13.07 24.28 18.10
C PRO D 24 -14.52 24.29 18.56
N ASN D 25 -15.44 24.44 17.60
CA ASN D 25 -16.88 24.42 17.91
C ASN D 25 -17.30 25.51 18.88
N THR D 26 -16.88 26.73 18.62
CA THR D 26 -17.28 27.83 19.48
C THR D 26 -17.63 29.00 18.59
N SER D 27 -18.40 29.93 19.13
CA SER D 27 -18.81 31.08 18.37
C SER D 27 -18.64 32.32 19.21
N SER D 28 -17.97 32.15 20.33
CA SER D 28 -17.73 33.26 21.22
C SER D 28 -16.28 33.14 21.72
N ALA D 29 -15.76 34.21 22.32
CA ALA D 29 -14.39 34.20 22.79
C ALA D 29 -14.14 35.24 23.83
N THR D 30 -12.92 35.23 24.32
CA THR D 30 -12.52 36.18 25.32
C THR D 30 -11.21 36.83 24.85
N VAL D 31 -11.13 38.15 24.99
CA VAL D 31 -9.90 38.87 24.63
C VAL D 31 -9.53 39.75 25.81
N GLY D 32 -8.26 39.75 26.17
CA GLY D 32 -7.81 40.55 27.28
C GLY D 32 -6.43 41.13 27.13
N ILE D 33 -6.28 42.36 27.64
CA ILE D 33 -5.00 43.05 27.58
C ILE D 33 -4.39 42.97 28.97
N PHE D 34 -3.19 42.43 29.03
CA PHE D 34 -2.49 42.21 30.29
C PHE D 34 -1.28 43.13 30.32
N VAL D 35 -1.19 43.96 31.35
CA VAL D 35 -0.05 44.90 31.46
C VAL D 35 0.74 44.68 32.73
N ASP D 36 2.04 44.43 32.57
CA ASP D 36 2.91 44.19 33.70
C ASP D 36 3.09 45.51 34.45
N ALA D 37 2.11 45.83 35.30
CA ALA D 37 2.08 47.07 36.06
C ALA D 37 1.71 46.78 37.51
N GLY D 38 0.45 46.95 37.86
CA GLY D 38 0.02 46.66 39.21
C GLY D 38 0.71 47.48 40.28
N SER D 39 0.30 47.31 41.53
CA SER D 39 0.87 48.11 42.62
C SER D 39 2.39 47.99 42.84
N ARG D 40 3.02 46.93 42.35
CA ARG D 40 4.46 46.80 42.58
C ARG D 40 5.23 47.78 41.68
N ALA D 41 4.51 48.53 40.87
CA ALA D 41 5.13 49.50 39.98
C ALA D 41 4.98 50.90 40.56
N GLU D 42 4.27 51.02 41.67
CA GLU D 42 4.04 52.31 42.30
C GLU D 42 5.10 52.54 43.40
N ASN D 43 5.06 53.71 44.03
CA ASN D 43 5.99 54.03 45.12
C ASN D 43 5.11 54.44 46.29
N VAL D 44 5.72 54.86 47.39
CA VAL D 44 4.95 55.20 48.59
C VAL D 44 3.88 56.30 48.48
N LYS D 45 4.16 57.38 47.76
CA LYS D 45 3.20 58.47 47.63
C LYS D 45 2.33 58.21 46.42
N ASN D 46 2.78 57.26 45.61
CA ASN D 46 2.11 56.85 44.38
C ASN D 46 1.06 55.77 44.63
N ASN D 47 1.37 54.95 45.63
CA ASN D 47 0.57 53.81 46.07
C ASN D 47 -0.96 53.93 45.95
N GLY D 48 -1.53 53.09 45.09
CA GLY D 48 -2.96 53.08 44.88
C GLY D 48 -3.41 53.59 43.54
N THR D 49 -2.49 54.17 42.78
CA THR D 49 -2.79 54.73 41.46
C THR D 49 -3.36 53.71 40.45
N ALA D 50 -2.62 52.64 40.18
CA ALA D 50 -3.07 51.59 39.23
C ALA D 50 -4.51 51.15 39.44
N HIS D 51 -4.89 50.99 40.70
CA HIS D 51 -6.24 50.61 40.99
C HIS D 51 -7.15 51.80 40.66
N PHE D 52 -6.74 53.00 41.08
CA PHE D 52 -7.53 54.20 40.83
C PHE D 52 -7.80 54.32 39.32
N LEU D 53 -6.77 54.02 38.54
CA LEU D 53 -6.86 54.07 37.08
C LEU D 53 -7.94 53.13 36.56
N GLN D 54 -7.91 51.88 37.04
CA GLN D 54 -8.88 50.89 36.64
C GLN D 54 -10.31 51.42 36.77
N HIS D 55 -10.61 52.08 37.89
CA HIS D 55 -11.94 52.63 38.09
C HIS D 55 -12.31 53.67 37.02
N LEU D 56 -11.39 54.61 36.82
CA LEU D 56 -11.59 55.70 35.85
C LEU D 56 -11.68 55.26 34.40
N ALA D 57 -11.01 54.17 34.05
CA ALA D 57 -11.02 53.68 32.67
C ALA D 57 -12.45 53.48 32.15
N PHE D 58 -13.39 53.26 33.05
CA PHE D 58 -14.79 53.06 32.67
C PHE D 58 -15.64 54.33 32.63
N LYS D 59 -15.03 55.46 32.96
CA LYS D 59 -15.76 56.72 33.00
C LYS D 59 -15.84 57.51 31.70
N GLY D 60 -15.17 57.05 30.66
CA GLY D 60 -15.22 57.74 29.38
C GLY D 60 -13.87 57.91 28.73
N THR D 61 -13.85 57.84 27.41
CA THR D 61 -12.60 58.01 26.69
C THR D 61 -12.73 59.17 25.69
N GLN D 62 -11.64 59.51 25.02
CA GLN D 62 -11.65 60.59 24.05
C GLN D 62 -12.57 60.27 22.88
N ASN D 63 -13.01 59.02 22.76
CA ASN D 63 -13.87 58.64 21.64
C ASN D 63 -15.27 58.20 22.08
N ARG D 64 -15.36 57.79 23.33
CA ARG D 64 -16.61 57.29 23.85
C ARG D 64 -16.89 57.78 25.26
N PRO D 65 -18.05 58.41 25.46
CA PRO D 65 -18.41 58.91 26.79
C PRO D 65 -18.77 57.65 27.59
N GLN D 66 -18.83 57.76 28.91
CA GLN D 66 -19.14 56.59 29.73
C GLN D 66 -20.35 55.76 29.28
N GLN D 67 -21.55 56.33 29.39
CA GLN D 67 -22.75 55.59 29.03
C GLN D 67 -22.66 55.02 27.61
N GLY D 68 -21.75 55.56 26.80
CA GLY D 68 -21.60 55.06 25.44
C GLY D 68 -20.99 53.67 25.39
N ILE D 69 -19.96 53.48 26.20
CA ILE D 69 -19.27 52.19 26.32
C ILE D 69 -20.31 51.15 26.81
N GLU D 70 -21.00 51.47 27.90
CA GLU D 70 -21.98 50.56 28.48
C GLU D 70 -22.98 50.06 27.46
N LEU D 71 -23.69 51.00 26.87
CA LEU D 71 -24.73 50.71 25.90
C LEU D 71 -24.19 49.94 24.67
N GLU D 72 -23.00 50.30 24.20
CA GLU D 72 -22.44 49.62 23.05
C GLU D 72 -22.18 48.15 23.39
N ILE D 73 -21.62 47.90 24.57
CA ILE D 73 -21.30 46.55 25.01
C ILE D 73 -22.57 45.73 25.21
N GLU D 74 -23.52 46.33 25.90
CA GLU D 74 -24.76 45.63 26.15
C GLU D 74 -25.58 45.34 24.92
N ASN D 75 -25.42 46.14 23.87
CA ASN D 75 -26.20 45.90 22.67
C ASN D 75 -25.71 44.72 21.86
N ILE D 76 -24.43 44.40 21.95
CA ILE D 76 -23.91 43.25 21.20
C ILE D 76 -23.74 42.06 22.13
N GLY D 77 -24.28 42.20 23.34
CA GLY D 77 -24.20 41.14 24.32
C GLY D 77 -22.79 40.77 24.72
N SER D 78 -21.92 41.76 24.88
CA SER D 78 -20.58 41.44 25.32
C SER D 78 -20.51 41.73 26.82
N HIS D 79 -19.34 41.51 27.41
CA HIS D 79 -19.15 41.75 28.84
C HIS D 79 -17.78 42.37 28.95
N LEU D 80 -17.65 43.31 29.87
CA LEU D 80 -16.40 44.02 30.03
C LEU D 80 -16.02 44.03 31.50
N ASN D 81 -14.78 43.67 31.78
CA ASN D 81 -14.32 43.67 33.17
C ASN D 81 -12.83 43.95 33.28
N ALA D 82 -12.39 44.22 34.51
CA ALA D 82 -10.99 44.53 34.75
C ALA D 82 -10.62 44.21 36.19
N TYR D 83 -9.32 44.04 36.42
CA TYR D 83 -8.86 43.81 37.77
C TYR D 83 -7.41 44.24 37.90
N THR D 84 -6.98 44.49 39.13
CA THR D 84 -5.62 44.89 39.41
C THR D 84 -5.08 43.99 40.51
N SER D 85 -3.84 43.54 40.36
CA SER D 85 -3.18 42.69 41.36
C SER D 85 -1.89 43.40 41.69
N ARG D 86 -1.07 42.81 42.55
CA ARG D 86 0.19 43.47 42.88
C ARG D 86 1.13 43.43 41.70
N GLU D 87 0.94 42.46 40.79
CA GLU D 87 1.81 42.34 39.61
C GLU D 87 1.32 42.97 38.30
N ASN D 88 0.01 42.98 38.05
CA ASN D 88 -0.49 43.56 36.79
C ASN D 88 -1.88 44.18 36.82
N THR D 89 -2.23 44.74 35.67
CA THR D 89 -3.53 45.37 35.48
C THR D 89 -4.05 44.62 34.29
N VAL D 90 -5.32 44.22 34.35
CA VAL D 90 -5.91 43.44 33.27
C VAL D 90 -7.27 43.96 32.94
N TYR D 91 -7.52 44.12 31.65
CA TYR D 91 -8.81 44.57 31.16
C TYR D 91 -9.19 43.53 30.13
N TYR D 92 -10.43 43.03 30.17
CA TYR D 92 -10.83 42.00 29.21
C TYR D 92 -12.30 42.02 28.85
N ALA D 93 -12.60 41.37 27.74
CA ALA D 93 -13.96 41.31 27.27
C ALA D 93 -14.34 39.94 26.74
N LYS D 94 -15.63 39.62 26.90
CA LYS D 94 -16.18 38.37 26.41
C LYS D 94 -17.19 38.84 25.38
N SER D 95 -17.18 38.25 24.18
CA SER D 95 -18.15 38.63 23.17
C SER D 95 -18.29 37.57 22.10
N LEU D 96 -19.31 37.71 21.26
CA LEU D 96 -19.51 36.76 20.17
C LEU D 96 -18.36 36.97 19.22
N GLN D 97 -17.99 35.94 18.46
CA GLN D 97 -16.85 36.07 17.53
C GLN D 97 -16.91 37.27 16.57
N GLU D 98 -18.10 37.63 16.13
CA GLU D 98 -18.30 38.77 15.24
C GLU D 98 -17.78 40.06 15.88
N ASP D 99 -17.92 40.20 17.19
CA ASP D 99 -17.48 41.41 17.85
C ASP D 99 -16.03 41.44 18.37
N ILE D 100 -15.20 40.45 18.04
CA ILE D 100 -13.82 40.47 18.56
C ILE D 100 -13.13 41.80 18.28
N PRO D 101 -13.16 42.25 17.00
CA PRO D 101 -12.52 43.52 16.72
C PRO D 101 -13.10 44.66 17.56
N LYS D 102 -14.42 44.80 17.53
CA LYS D 102 -15.06 45.84 18.34
C LYS D 102 -14.50 45.79 19.76
N ALA D 103 -14.26 44.57 20.22
CA ALA D 103 -13.73 44.33 21.56
C ALA D 103 -12.31 44.88 21.74
N VAL D 104 -11.45 44.56 20.77
CA VAL D 104 -10.08 45.00 20.84
C VAL D 104 -10.07 46.52 20.81
N ASP D 105 -10.91 47.08 19.94
CA ASP D 105 -11.02 48.52 19.81
C ASP D 105 -11.30 49.13 21.19
N ILE D 106 -12.44 48.76 21.77
CA ILE D 106 -12.81 49.27 23.06
C ILE D 106 -11.78 49.01 24.17
N LEU D 107 -11.13 47.86 24.17
CA LEU D 107 -10.15 47.65 25.24
C LEU D 107 -9.05 48.70 25.12
N SER D 108 -8.44 48.81 23.93
CA SER D 108 -7.37 49.78 23.73
C SER D 108 -7.84 51.19 24.05
N ASP D 109 -9.08 51.49 23.67
CA ASP D 109 -9.64 52.81 23.94
C ASP D 109 -9.68 53.15 25.43
N ILE D 110 -10.20 52.21 26.23
CA ILE D 110 -10.31 52.43 27.66
C ILE D 110 -8.95 52.43 28.35
N LEU D 111 -8.03 51.63 27.84
CA LEU D 111 -6.73 51.55 28.45
C LEU D 111 -5.87 52.77 28.18
N THR D 112 -5.78 53.17 26.91
CA THR D 112 -4.93 54.30 26.53
C THR D 112 -5.57 55.65 26.22
N LYS D 113 -6.83 55.70 25.82
CA LYS D 113 -7.42 56.99 25.50
C LYS D 113 -8.49 57.44 26.47
N SER D 114 -8.31 57.09 27.73
CA SER D 114 -9.28 57.48 28.75
C SER D 114 -9.14 58.95 29.13
N VAL D 115 -10.30 59.62 29.24
CA VAL D 115 -10.41 61.05 29.58
C VAL D 115 -9.75 61.49 30.88
N LEU D 116 -10.09 60.80 31.97
CA LEU D 116 -9.57 61.13 33.29
C LEU D 116 -10.04 62.55 33.68
N ASP D 117 -11.34 62.77 33.59
CA ASP D 117 -11.91 64.05 33.95
C ASP D 117 -11.71 64.36 35.44
N ASN D 118 -11.29 65.59 35.73
CA ASN D 118 -11.06 66.04 37.10
C ASN D 118 -12.29 65.88 38.01
N SER D 119 -13.48 66.07 37.46
CA SER D 119 -14.70 65.92 38.24
C SER D 119 -14.80 64.45 38.64
N ALA D 120 -14.56 63.58 37.66
CA ALA D 120 -14.61 62.14 37.83
C ALA D 120 -13.63 61.70 38.90
N ILE D 121 -12.39 62.14 38.75
CA ILE D 121 -11.34 61.82 39.70
C ILE D 121 -11.70 62.18 41.13
N GLU D 122 -12.40 63.29 41.33
CA GLU D 122 -12.77 63.70 42.68
C GLU D 122 -13.94 62.92 43.24
N ARG D 123 -14.91 62.60 42.39
CA ARG D 123 -16.06 61.83 42.84
C ARG D 123 -15.65 60.41 43.20
N GLU D 124 -14.72 59.87 42.43
CA GLU D 124 -14.23 58.51 42.62
C GLU D 124 -13.44 58.28 43.92
N ARG D 125 -12.80 59.33 44.45
CA ARG D 125 -12.03 59.22 45.68
C ARG D 125 -12.90 58.62 46.78
N ASP D 126 -14.18 58.98 46.77
CA ASP D 126 -15.10 58.48 47.78
C ASP D 126 -15.40 56.99 47.59
N VAL D 127 -15.64 56.59 46.34
CA VAL D 127 -15.93 55.19 46.03
C VAL D 127 -14.78 54.30 46.54
N ILE D 128 -13.57 54.66 46.15
CA ILE D 128 -12.36 53.93 46.53
C ILE D 128 -12.26 53.83 48.06
N ILE D 129 -12.66 54.89 48.76
CA ILE D 129 -12.63 54.89 50.23
C ILE D 129 -13.63 53.85 50.74
N ARG D 130 -14.85 53.92 50.19
CA ARG D 130 -15.92 53.01 50.55
C ARG D 130 -15.38 51.59 50.40
N GLU D 131 -14.72 51.35 49.27
CA GLU D 131 -14.16 50.06 48.96
C GLU D 131 -13.14 49.64 50.02
N SER D 132 -12.32 50.59 50.44
CA SER D 132 -11.29 50.32 51.45
C SER D 132 -11.96 49.86 52.73
N GLU D 133 -13.06 50.53 53.09
CA GLU D 133 -13.81 50.19 54.29
C GLU D 133 -14.40 48.78 54.25
N GLU D 134 -14.61 48.26 53.04
CA GLU D 134 -15.17 46.93 52.88
C GLU D 134 -14.10 45.84 53.05
N VAL D 135 -12.91 46.12 52.56
CA VAL D 135 -11.82 45.17 52.68
C VAL D 135 -11.47 45.01 54.15
N ASP D 136 -11.56 46.11 54.90
CA ASP D 136 -11.26 46.07 56.34
C ASP D 136 -12.19 45.12 57.09
N LYS D 137 -13.29 44.72 56.45
CA LYS D 137 -14.24 43.81 57.07
C LYS D 137 -13.94 42.36 56.72
N MET D 138 -13.02 42.15 55.78
CA MET D 138 -12.63 40.78 55.40
C MET D 138 -11.32 40.48 56.14
N TYR D 139 -11.42 39.82 57.28
CA TYR D 139 -10.24 39.54 58.10
C TYR D 139 -9.08 38.84 57.40
N ASP D 140 -9.38 37.87 56.53
CA ASP D 140 -8.32 37.18 55.78
C ASP D 140 -7.53 38.24 54.94
N GLU D 141 -8.29 39.09 54.22
CA GLU D 141 -7.73 40.16 53.40
C GLU D 141 -6.77 41.04 54.21
N VAL D 142 -7.26 41.46 55.38
CA VAL D 142 -6.53 42.29 56.30
C VAL D 142 -5.24 41.60 56.72
N VAL D 143 -5.37 40.39 57.22
CA VAL D 143 -4.20 39.66 57.67
C VAL D 143 -3.15 39.54 56.54
N PHE D 144 -3.58 39.14 55.35
CA PHE D 144 -2.60 39.03 54.27
C PHE D 144 -1.98 40.38 53.84
N ASP D 145 -2.71 41.49 53.96
CA ASP D 145 -2.09 42.77 53.58
C ASP D 145 -0.98 43.11 54.57
N HIS D 146 -1.22 42.89 55.86
CA HIS D 146 -0.19 43.17 56.87
C HIS D 146 0.99 42.23 56.69
N LEU D 147 0.69 40.99 56.31
CA LEU D 147 1.74 40.02 56.10
C LEU D 147 2.67 40.50 54.97
N HIS D 148 2.11 41.10 53.93
CA HIS D 148 2.92 41.57 52.82
C HIS D 148 3.75 42.78 53.26
N GLU D 149 3.16 43.61 54.10
CA GLU D 149 3.85 44.80 54.58
C GLU D 149 5.11 44.47 55.36
N ILE D 150 5.03 43.50 56.27
CA ILE D 150 6.21 43.17 57.05
C ILE D 150 7.19 42.21 56.42
N THR D 151 6.69 41.33 55.57
CA THR D 151 7.54 40.37 54.92
C THR D 151 8.35 41.06 53.84
N TYR D 152 7.73 41.98 53.13
CA TYR D 152 8.45 42.70 52.10
C TYR D 152 8.64 44.11 52.64
N LYS D 153 9.19 44.21 53.84
CA LYS D 153 9.41 45.49 54.50
C LYS D 153 9.96 46.59 53.59
N ASP D 154 9.20 47.67 53.48
CA ASP D 154 9.57 48.81 52.66
C ASP D 154 9.90 48.47 51.23
N GLN D 155 9.26 47.46 50.66
CA GLN D 155 9.49 47.13 49.25
C GLN D 155 8.17 47.29 48.45
N PRO D 156 8.26 47.31 47.12
CA PRO D 156 7.06 47.46 46.26
C PRO D 156 5.98 46.43 46.56
N LEU D 157 6.40 45.17 46.68
CA LEU D 157 5.51 44.04 46.98
C LEU D 157 4.87 44.16 48.36
N GLY D 158 5.43 45.04 49.19
CA GLY D 158 4.91 45.19 50.54
C GLY D 158 3.73 46.13 50.65
N ARG D 159 3.42 46.86 49.58
CA ARG D 159 2.29 47.79 49.62
C ARG D 159 1.03 47.09 49.13
N THR D 160 -0.12 47.60 49.55
CA THR D 160 -1.40 47.04 49.13
C THR D 160 -1.81 47.59 47.75
N ILE D 161 -2.82 47.01 47.13
CA ILE D 161 -3.26 47.45 45.84
C ILE D 161 -4.06 48.75 45.93
N LEU D 162 -4.98 48.82 46.90
CA LEU D 162 -5.79 50.01 47.06
C LEU D 162 -4.99 51.24 47.51
N GLY D 163 -3.99 51.00 48.35
CA GLY D 163 -3.14 52.06 48.88
C GLY D 163 -3.76 52.66 50.14
N PRO D 164 -3.02 53.55 50.85
CA PRO D 164 -3.51 54.19 52.08
C PRO D 164 -4.64 55.20 51.81
N ILE D 165 -5.50 55.44 52.79
CA ILE D 165 -6.56 56.45 52.61
C ILE D 165 -5.90 57.78 52.21
N LYS D 166 -4.77 58.07 52.87
CA LYS D 166 -3.98 59.27 52.65
C LYS D 166 -3.78 59.49 51.15
N ASN D 167 -3.26 58.47 50.48
CA ASN D 167 -3.01 58.53 49.04
C ASN D 167 -4.29 58.57 48.20
N ILE D 168 -5.35 57.91 48.65
CA ILE D 168 -6.58 57.92 47.86
C ILE D 168 -7.11 59.34 47.79
N LYS D 169 -6.86 60.11 48.84
CA LYS D 169 -7.31 61.48 48.88
C LYS D 169 -6.36 62.41 48.18
N SER D 170 -5.12 62.00 47.98
CA SER D 170 -4.13 62.88 47.34
C SER D 170 -3.72 62.56 45.89
N ILE D 171 -4.15 61.43 45.35
CA ILE D 171 -3.76 61.10 43.97
C ILE D 171 -4.26 62.21 43.04
N THR D 172 -3.41 62.66 42.12
CA THR D 172 -3.81 63.72 41.16
C THR D 172 -3.77 63.27 39.71
N ARG D 173 -4.54 63.94 38.84
CA ARG D 173 -4.56 63.57 37.43
C ARG D 173 -3.15 63.45 36.87
N THR D 174 -2.21 64.19 37.45
CA THR D 174 -0.83 64.14 37.00
C THR D 174 -0.26 62.77 37.39
N ASP D 175 -0.48 62.35 38.64
CA ASP D 175 -0.01 61.04 39.11
C ASP D 175 -0.50 59.96 38.15
N LEU D 176 -1.80 60.02 37.84
CA LEU D 176 -2.45 59.07 36.94
C LEU D 176 -1.79 59.04 35.55
N LYS D 177 -1.64 60.20 34.92
CA LYS D 177 -1.07 60.23 33.59
C LYS D 177 0.39 59.81 33.56
N ASP D 178 1.10 60.00 34.67
CA ASP D 178 2.50 59.59 34.71
C ASP D 178 2.64 58.09 34.77
N TYR D 179 1.83 57.48 35.63
CA TYR D 179 1.81 56.04 35.78
C TYR D 179 1.57 55.44 34.38
N ILE D 180 0.59 55.98 33.67
CA ILE D 180 0.27 55.49 32.34
C ILE D 180 1.46 55.63 31.39
N THR D 181 2.10 56.79 31.44
CA THR D 181 3.24 57.10 30.59
C THR D 181 4.47 56.25 30.87
N LYS D 182 4.74 56.07 32.14
CA LYS D 182 5.87 55.29 32.58
C LYS D 182 5.72 53.79 32.31
N ASN D 183 4.58 53.22 32.68
CA ASN D 183 4.36 51.78 32.55
C ASN D 183 3.76 51.16 31.30
N TYR D 184 2.83 51.85 30.65
CA TYR D 184 2.21 51.31 29.46
C TYR D 184 3.05 51.24 28.19
N LYS D 185 3.94 50.25 28.12
CA LYS D 185 4.81 50.04 26.98
C LYS D 185 4.52 48.69 26.30
N GLY D 186 4.53 48.66 24.96
CA GLY D 186 4.28 47.44 24.23
C GLY D 186 4.97 46.20 24.78
N ASP D 187 6.26 46.33 25.08
CA ASP D 187 7.09 45.25 25.60
C ASP D 187 6.68 44.84 27.00
N ARG D 188 5.71 45.55 27.55
CA ARG D 188 5.24 45.24 28.89
C ARG D 188 3.79 44.79 28.91
N MET D 189 3.26 44.49 27.73
CA MET D 189 1.91 44.00 27.68
C MET D 189 1.64 42.82 26.73
N VAL D 190 0.55 42.12 27.02
CA VAL D 190 0.13 40.98 26.23
C VAL D 190 -1.33 41.10 25.87
N LEU D 191 -1.66 40.81 24.62
CA LEU D 191 -3.04 40.77 24.20
C LEU D 191 -3.30 39.25 24.03
N ALA D 192 -4.08 38.68 24.95
CA ALA D 192 -4.41 37.27 24.95
C ALA D 192 -5.83 37.00 24.56
N GLY D 193 -6.03 35.95 23.76
CA GLY D 193 -7.37 35.58 23.31
C GLY D 193 -7.54 34.07 23.14
N ALA D 194 -8.77 33.59 23.30
CA ALA D 194 -9.07 32.16 23.14
C ALA D 194 -10.54 32.04 22.78
N GLY D 195 -10.90 30.95 22.11
CA GLY D 195 -12.27 30.78 21.69
C GLY D 195 -12.33 30.79 20.17
N ALA D 196 -13.43 31.30 19.62
CA ALA D 196 -13.58 31.38 18.16
C ALA D 196 -12.74 32.56 17.72
N VAL D 197 -11.43 32.34 17.69
CA VAL D 197 -10.46 33.38 17.37
C VAL D 197 -9.42 33.03 16.30
N ASP D 198 -9.25 33.94 15.32
CA ASP D 198 -8.26 33.78 14.27
C ASP D 198 -6.98 34.53 14.68
N HIS D 199 -5.90 33.79 14.94
CA HIS D 199 -4.66 34.44 15.39
C HIS D 199 -4.13 35.54 14.48
N GLU D 200 -4.10 35.27 13.18
CA GLU D 200 -3.57 36.25 12.24
C GLU D 200 -4.37 37.54 12.31
N LYS D 201 -5.68 37.42 12.17
CA LYS D 201 -6.54 38.60 12.21
C LYS D 201 -6.40 39.33 13.54
N LEU D 202 -6.34 38.58 14.64
CA LEU D 202 -6.21 39.25 15.92
C LEU D 202 -4.90 40.03 15.98
N VAL D 203 -3.85 39.52 15.32
CA VAL D 203 -2.58 40.24 15.34
C VAL D 203 -2.75 41.56 14.58
N GLN D 204 -3.54 41.51 13.51
CA GLN D 204 -3.79 42.71 12.71
C GLN D 204 -4.47 43.76 13.58
N TYR D 205 -5.62 43.38 14.13
CA TYR D 205 -6.40 44.28 14.97
C TYR D 205 -5.54 44.82 16.07
N ALA D 206 -4.62 43.99 16.55
CA ALA D 206 -3.72 44.38 17.63
C ALA D 206 -2.91 45.59 17.14
N GLN D 207 -2.31 45.43 15.96
CA GLN D 207 -1.50 46.48 15.36
C GLN D 207 -2.37 47.70 15.15
N LYS D 208 -3.53 47.49 14.54
CA LYS D 208 -4.44 48.60 14.30
C LYS D 208 -4.82 49.42 15.51
N TYR D 209 -5.23 48.78 16.60
CA TYR D 209 -5.66 49.51 17.79
C TYR D 209 -4.66 49.65 18.90
N PHE D 210 -3.57 48.91 18.88
CA PHE D 210 -2.58 49.00 19.95
C PHE D 210 -1.20 49.42 19.41
N GLY D 211 -1.11 49.51 18.08
CA GLY D 211 0.14 49.87 17.44
C GLY D 211 0.71 51.16 17.95
N HIS D 212 -0.17 52.10 18.27
CA HIS D 212 0.26 53.40 18.75
C HIS D 212 0.91 53.38 20.13
N VAL D 213 0.96 52.24 20.80
CA VAL D 213 1.57 52.24 22.12
C VAL D 213 3.09 52.21 22.00
N PRO D 214 3.73 53.13 22.73
CA PRO D 214 5.17 53.36 22.81
C PRO D 214 5.93 52.13 23.26
N LYS D 215 7.11 51.95 22.70
CA LYS D 215 7.97 50.84 23.06
C LYS D 215 8.84 51.41 24.16
N SER D 216 9.26 50.60 25.13
CA SER D 216 10.14 51.14 26.18
C SER D 216 11.47 51.45 25.51
N GLU D 217 12.25 52.40 26.03
CA GLU D 217 13.53 52.71 25.38
C GLU D 217 14.56 51.64 25.71
N SER D 218 14.36 50.99 26.86
CA SER D 218 15.23 49.90 27.28
C SER D 218 14.32 48.69 27.44
N PRO D 219 13.82 48.15 26.32
CA PRO D 219 12.92 46.99 26.33
C PRO D 219 13.54 45.77 27.01
N VAL D 220 12.70 44.99 27.67
CA VAL D 220 13.15 43.78 28.33
C VAL D 220 12.09 42.72 28.12
N PRO D 221 12.51 41.48 27.82
CA PRO D 221 11.54 40.40 27.60
C PRO D 221 10.66 40.30 28.88
N LEU D 222 9.36 40.08 28.69
CA LEU D 222 8.45 39.98 29.81
C LEU D 222 8.89 39.05 30.95
N GLY D 223 9.73 38.06 30.65
CA GLY D 223 10.19 37.18 31.71
C GLY D 223 11.32 37.75 32.56
N SER D 224 12.29 38.39 31.89
CA SER D 224 13.48 38.96 32.52
C SER D 224 13.23 39.71 33.83
N PRO D 225 14.19 39.61 34.77
CA PRO D 225 14.16 40.24 36.11
C PRO D 225 13.89 41.74 36.16
N ARG D 226 12.87 42.10 36.96
CA ARG D 226 12.45 43.48 37.15
C ARG D 226 13.63 44.33 37.62
N GLY D 227 14.46 43.76 38.47
CA GLY D 227 15.61 44.47 38.97
C GLY D 227 16.15 43.73 40.17
N PRO D 228 16.39 44.43 41.29
CA PRO D 228 16.91 43.82 42.52
C PRO D 228 15.84 42.96 43.18
N LEU D 229 16.17 41.69 43.37
CA LEU D 229 15.28 40.71 43.97
C LEU D 229 14.70 41.08 45.34
N PRO D 230 13.38 40.89 45.52
CA PRO D 230 12.70 41.20 46.79
C PRO D 230 13.30 40.37 47.93
N VAL D 231 13.24 40.85 49.18
CA VAL D 231 13.82 40.08 50.29
C VAL D 231 12.83 39.79 51.41
N PHE D 232 12.75 38.51 51.78
CA PHE D 232 11.84 38.05 52.81
C PHE D 232 12.34 38.45 54.17
N CYS D 233 11.52 39.16 54.95
CA CYS D 233 11.91 39.64 56.29
C CYS D 233 11.15 38.94 57.38
N ARG D 234 11.85 38.33 58.32
CA ARG D 234 11.09 37.68 59.36
C ARG D 234 10.54 38.75 60.28
N GLY D 235 9.32 38.54 60.75
CA GLY D 235 8.70 39.50 61.61
C GLY D 235 7.36 39.02 62.10
N GLU D 236 6.77 39.78 62.99
CA GLU D 236 5.47 39.45 63.57
C GLU D 236 4.72 40.73 63.87
N ARG D 237 3.40 40.66 63.76
CA ARG D 237 2.56 41.79 64.05
C ARG D 237 1.31 41.22 64.69
N PHE D 238 1.12 41.56 65.96
CA PHE D 238 -0.06 41.12 66.69
C PHE D 238 -1.06 42.27 66.69
N ILE D 239 -2.27 42.02 66.24
CA ILE D 239 -3.28 43.07 66.22
C ILE D 239 -4.36 42.65 67.21
N LYS D 240 -4.25 43.17 68.44
CA LYS D 240 -5.19 42.88 69.50
C LYS D 240 -6.56 43.45 69.13
N GLU D 241 -7.59 42.61 69.22
CA GLU D 241 -8.94 43.00 68.92
C GLU D 241 -9.89 42.10 69.72
N ASN D 242 -10.00 42.38 71.02
CA ASN D 242 -10.82 41.59 71.94
C ASN D 242 -12.27 41.50 71.54
N THR D 243 -12.73 42.37 70.66
CA THR D 243 -14.13 42.35 70.27
C THR D 243 -14.47 41.27 69.24
N LEU D 244 -13.45 40.83 68.49
CA LEU D 244 -13.62 39.81 67.47
C LEU D 244 -13.90 38.43 68.01
N PRO D 245 -14.94 37.76 67.49
CA PRO D 245 -15.41 36.41 67.84
C PRO D 245 -14.44 35.30 67.42
N THR D 246 -13.77 35.54 66.31
CA THR D 246 -12.81 34.60 65.76
C THR D 246 -11.47 35.29 65.68
N THR D 247 -10.40 34.50 65.75
CA THR D 247 -9.07 35.07 65.65
C THR D 247 -8.46 34.50 64.39
N HIS D 248 -7.68 35.32 63.68
CA HIS D 248 -7.10 34.92 62.41
C HIS D 248 -5.59 35.00 62.40
N ILE D 249 -4.96 33.88 62.05
CA ILE D 249 -3.51 33.82 62.03
C ILE D 249 -2.96 33.33 60.69
N ALA D 250 -1.88 33.95 60.24
CA ALA D 250 -1.21 33.56 59.01
C ALA D 250 0.26 33.37 59.32
N ILE D 251 0.81 32.22 58.98
CA ILE D 251 2.20 31.92 59.20
C ILE D 251 2.86 31.63 57.85
N ALA D 252 3.91 32.36 57.51
CA ALA D 252 4.58 32.16 56.21
C ALA D 252 6.09 32.03 56.22
N LEU D 253 6.61 31.47 55.14
CA LEU D 253 8.05 31.35 54.94
C LEU D 253 8.28 31.73 53.49
N GLU D 254 9.51 32.05 53.12
CA GLU D 254 9.73 32.41 51.73
C GLU D 254 9.31 31.24 50.87
N GLY D 255 8.48 31.55 49.87
CA GLY D 255 7.98 30.54 48.96
C GLY D 255 8.73 30.43 47.64
N VAL D 256 7.97 30.29 46.56
CA VAL D 256 8.53 30.11 45.24
C VAL D 256 7.93 31.08 44.23
N SER D 257 8.68 31.42 43.19
CA SER D 257 8.19 32.36 42.17
C SER D 257 7.58 31.60 40.99
N TRP D 258 6.80 32.30 40.17
CA TRP D 258 6.12 31.68 39.02
C TRP D 258 7.01 30.75 38.17
N SER D 259 8.25 31.15 37.94
CA SER D 259 9.12 30.36 37.09
C SER D 259 10.05 29.42 37.81
N ALA D 260 9.96 29.34 39.13
CA ALA D 260 10.86 28.45 39.87
C ALA D 260 10.76 27.00 39.41
N PRO D 261 11.89 26.29 39.33
CA PRO D 261 11.85 24.90 38.90
C PRO D 261 11.03 24.05 39.86
N ASP D 262 11.01 24.46 41.12
CA ASP D 262 10.29 23.73 42.14
C ASP D 262 8.87 24.27 42.40
N TYR D 263 8.40 25.16 41.50
CA TYR D 263 7.06 25.74 41.58
C TYR D 263 5.95 24.69 41.84
N PHE D 264 5.88 23.67 41.01
CA PHE D 264 4.84 22.66 41.18
C PHE D 264 5.07 21.79 42.39
N VAL D 265 6.33 21.55 42.72
CA VAL D 265 6.63 20.73 43.90
C VAL D 265 6.12 21.47 45.15
N ALA D 266 6.26 22.79 45.14
CA ALA D 266 5.82 23.62 46.25
C ALA D 266 4.29 23.50 46.35
N LEU D 267 3.62 23.55 45.20
CA LEU D 267 2.17 23.42 45.22
C LEU D 267 1.79 22.02 45.68
N ALA D 268 2.61 21.03 45.34
CA ALA D 268 2.30 19.68 45.70
C ALA D 268 2.37 19.56 47.22
N THR D 269 3.42 20.11 47.80
CA THR D 269 3.56 20.02 49.23
C THR D 269 2.39 20.69 49.94
N GLN D 270 1.96 21.86 49.42
CA GLN D 270 0.84 22.58 49.99
C GLN D 270 -0.38 21.67 50.09
N ALA D 271 -0.66 20.98 48.98
CA ALA D 271 -1.76 20.06 48.86
C ALA D 271 -1.66 18.87 49.79
N ILE D 272 -0.45 18.44 50.10
CA ILE D 272 -0.34 17.31 51.00
C ILE D 272 -0.84 17.70 52.39
N VAL D 273 -0.60 18.94 52.80
CA VAL D 273 -1.06 19.42 54.09
C VAL D 273 -2.55 19.72 53.99
N GLY D 274 -2.93 20.36 52.89
CA GLY D 274 -4.32 20.65 52.62
C GLY D 274 -5.04 21.62 53.53
N ASN D 275 -6.36 21.45 53.59
CA ASN D 275 -7.20 22.30 54.43
C ASN D 275 -8.04 21.46 55.34
N TRP D 276 -8.78 22.16 56.22
CA TRP D 276 -9.68 21.54 57.17
C TRP D 276 -10.65 22.56 57.74
N ASP D 277 -11.90 22.16 57.84
CA ASP D 277 -12.90 23.03 58.43
C ASP D 277 -13.58 22.21 59.50
N ARG D 278 -13.76 22.84 60.67
CA ARG D 278 -14.38 22.22 61.84
C ARG D 278 -15.72 21.56 61.54
N ALA D 279 -16.49 22.17 60.63
CA ALA D 279 -17.81 21.65 60.25
C ALA D 279 -17.78 20.64 59.10
N ILE D 280 -17.10 21.00 58.01
CA ILE D 280 -17.03 20.15 56.82
C ILE D 280 -16.03 19.01 56.83
N GLY D 281 -14.87 19.22 57.45
CA GLY D 281 -13.85 18.18 57.43
C GLY D 281 -12.79 18.59 56.42
N THR D 282 -12.22 17.61 55.73
CA THR D 282 -11.17 17.93 54.76
C THR D 282 -11.64 17.92 53.32
N GLY D 283 -12.76 17.26 53.06
CA GLY D 283 -13.23 17.18 51.69
C GLY D 283 -12.34 16.17 50.96
N THR D 284 -11.81 15.23 51.76
CA THR D 284 -10.94 14.16 51.31
C THR D 284 -11.52 12.97 52.00
N ASN D 285 -11.41 11.79 51.38
CA ASN D 285 -11.93 10.59 51.99
C ASN D 285 -11.13 10.20 53.23
N SER D 286 -9.84 10.53 53.22
CA SER D 286 -8.98 10.20 54.34
C SER D 286 -8.16 11.41 54.83
N PRO D 287 -8.48 11.89 56.04
CA PRO D 287 -7.83 13.04 56.66
C PRO D 287 -6.42 12.74 57.16
N SER D 288 -5.60 13.79 57.14
CA SER D 288 -4.23 13.73 57.60
C SER D 288 -4.16 13.72 59.14
N PRO D 289 -3.01 13.33 59.69
CA PRO D 289 -2.88 13.31 61.14
C PRO D 289 -3.19 14.70 61.69
N LEU D 290 -2.83 15.73 60.93
CA LEU D 290 -3.10 17.10 61.37
C LEU D 290 -4.60 17.36 61.42
N ALA D 291 -5.32 17.00 60.37
CA ALA D 291 -6.75 17.20 60.36
C ALA D 291 -7.43 16.43 61.51
N VAL D 292 -6.96 15.22 61.78
CA VAL D 292 -7.54 14.42 62.86
C VAL D 292 -7.33 15.13 64.19
N ALA D 293 -6.10 15.52 64.47
CA ALA D 293 -5.83 16.20 65.73
C ALA D 293 -6.63 17.52 65.84
N ALA D 294 -6.77 18.26 64.74
CA ALA D 294 -7.51 19.51 64.77
C ALA D 294 -8.95 19.29 65.20
N SER D 295 -9.51 18.15 64.84
CA SER D 295 -10.88 17.91 65.19
C SER D 295 -11.06 17.22 66.53
N GLN D 296 -9.98 16.73 67.13
CA GLN D 296 -10.13 16.01 68.38
C GLN D 296 -10.30 16.83 69.67
N ASN D 297 -10.83 16.14 70.69
CA ASN D 297 -11.19 16.71 71.99
C ASN D 297 -11.59 18.18 71.94
N GLY D 298 -12.77 18.41 71.37
CA GLY D 298 -13.32 19.74 71.28
C GLY D 298 -13.03 20.60 70.08
N SER D 299 -11.94 20.27 69.35
CA SER D 299 -11.47 20.98 68.16
C SER D 299 -10.37 21.92 68.63
N LEU D 300 -9.39 22.18 67.77
CA LEU D 300 -8.28 23.07 68.11
C LEU D 300 -8.37 24.39 67.36
N ALA D 301 -9.37 24.52 66.51
CA ALA D 301 -9.57 25.73 65.73
C ALA D 301 -10.84 25.55 64.93
N ASN D 302 -11.26 26.63 64.24
CA ASN D 302 -12.45 26.56 63.40
C ASN D 302 -12.07 26.02 62.01
N SER D 303 -10.90 26.44 61.52
CA SER D 303 -10.43 26.00 60.22
C SER D 303 -8.96 26.37 59.98
N TYR D 304 -8.34 25.66 59.05
CA TYR D 304 -6.99 25.98 58.65
C TYR D 304 -6.92 25.77 57.15
N MET D 305 -6.14 26.60 56.49
CA MET D 305 -6.00 26.55 55.05
C MET D 305 -4.56 26.75 54.63
N SER D 306 -4.01 25.80 53.89
CA SER D 306 -2.64 25.93 53.41
C SER D 306 -2.69 26.90 52.21
N PHE D 307 -1.73 27.80 52.11
CA PHE D 307 -1.76 28.73 50.99
C PHE D 307 -0.38 28.90 50.39
N SER D 308 -0.36 29.37 49.16
CA SER D 308 0.89 29.61 48.47
C SER D 308 0.65 30.77 47.53
N THR D 309 1.50 31.78 47.61
CA THR D 309 1.33 32.88 46.67
C THR D 309 2.60 33.06 45.89
N SER D 310 2.47 33.32 44.60
CA SER D 310 3.67 33.53 43.79
C SER D 310 3.71 34.82 43.02
N TYR D 311 4.93 35.26 42.79
CA TYR D 311 5.22 36.47 42.06
C TYR D 311 6.36 36.13 41.12
N ALA D 312 6.65 37.03 40.20
CA ALA D 312 7.70 36.78 39.24
C ALA D 312 9.06 36.54 39.89
N ASP D 313 9.32 37.23 40.98
CA ASP D 313 10.61 37.09 41.63
C ASP D 313 10.57 36.64 43.08
N SER D 314 9.42 36.24 43.57
CA SER D 314 9.35 35.81 44.96
C SER D 314 8.06 35.03 45.21
N GLY D 315 7.92 34.51 46.43
CA GLY D 315 6.72 33.78 46.82
C GLY D 315 6.53 33.65 48.32
N LEU D 316 5.31 33.32 48.73
CA LEU D 316 4.96 33.11 50.14
C LEU D 316 4.22 31.78 50.23
N TRP D 317 4.60 30.97 51.21
CA TRP D 317 4.01 29.65 51.41
C TRP D 317 3.72 29.49 52.90
N GLY D 318 2.55 28.99 53.24
CA GLY D 318 2.25 28.81 54.65
C GLY D 318 0.86 28.37 55.05
N MET D 319 0.50 28.69 56.28
CA MET D 319 -0.81 28.31 56.79
C MET D 319 -1.66 29.51 57.21
N TYR D 320 -2.96 29.39 57.04
CA TYR D 320 -3.91 30.43 57.45
C TYR D 320 -4.84 29.72 58.44
N ILE D 321 -4.90 30.24 59.66
CA ILE D 321 -5.73 29.63 60.72
C ILE D 321 -6.86 30.54 61.20
N VAL D 322 -8.00 29.92 61.54
CA VAL D 322 -9.12 30.66 62.08
C VAL D 322 -9.57 29.93 63.33
N THR D 323 -9.52 30.63 64.46
CA THR D 323 -9.91 30.03 65.75
C THR D 323 -11.03 30.83 66.40
N ASP D 324 -11.66 30.19 67.39
CA ASP D 324 -12.72 30.81 68.17
C ASP D 324 -11.97 31.61 69.22
N SER D 325 -12.20 32.91 69.23
CA SER D 325 -11.51 33.79 70.18
C SER D 325 -11.71 33.47 71.66
N ASN D 326 -12.81 32.79 71.97
CA ASN D 326 -13.10 32.44 73.36
C ASN D 326 -12.94 30.96 73.67
N GLU D 327 -12.69 30.14 72.66
CA GLU D 327 -12.58 28.73 72.91
C GLU D 327 -11.26 28.07 72.67
N HIS D 328 -10.46 28.64 71.77
CA HIS D 328 -9.19 28.01 71.40
C HIS D 328 -7.89 28.59 71.83
N ASN D 329 -6.99 27.70 72.24
CA ASN D 329 -5.62 28.08 72.61
C ASN D 329 -4.83 27.96 71.27
N VAL D 330 -4.52 29.10 70.66
CA VAL D 330 -3.83 29.13 69.35
C VAL D 330 -2.54 28.31 69.32
N ARG D 331 -1.81 28.35 70.41
CA ARG D 331 -0.54 27.61 70.50
C ARG D 331 -0.71 26.11 70.12
N LEU D 332 -1.80 25.51 70.57
CA LEU D 332 -2.05 24.10 70.29
C LEU D 332 -2.23 23.79 68.80
N ILE D 333 -3.09 24.55 68.11
CA ILE D 333 -3.28 24.26 66.70
C ILE D 333 -1.96 24.54 65.96
N VAL D 334 -1.24 25.58 66.38
CA VAL D 334 0.01 25.87 65.72
C VAL D 334 0.97 24.68 65.88
N ASN D 335 1.01 24.12 67.07
CA ASN D 335 1.87 22.97 67.31
C ASN D 335 1.59 21.82 66.34
N GLU D 336 0.33 21.50 66.17
CA GLU D 336 -0.04 20.43 65.29
C GLU D 336 0.40 20.72 63.83
N ILE D 337 0.24 21.95 63.40
CA ILE D 337 0.64 22.33 62.06
C ILE D 337 2.15 22.15 61.89
N LEU D 338 2.92 22.58 62.88
CA LEU D 338 4.35 22.45 62.78
C LEU D 338 4.70 20.98 62.81
N LYS D 339 3.92 20.22 63.56
CA LYS D 339 4.19 18.81 63.65
C LYS D 339 4.04 18.18 62.28
N GLU D 340 3.03 18.65 61.56
CA GLU D 340 2.74 18.13 60.23
C GLU D 340 3.87 18.52 59.25
N TRP D 341 4.31 19.76 59.29
CA TRP D 341 5.40 20.09 58.40
C TRP D 341 6.61 19.20 58.72
N LYS D 342 6.86 18.93 59.99
CA LYS D 342 7.99 18.09 60.31
C LYS D 342 7.79 16.67 59.80
N ARG D 343 6.55 16.21 59.79
CA ARG D 343 6.28 14.87 59.32
C ARG D 343 6.78 14.74 57.88
N ILE D 344 6.46 15.78 57.09
CA ILE D 344 6.86 15.81 55.72
C ILE D 344 8.40 15.85 55.67
N LYS D 345 8.99 16.74 56.46
CA LYS D 345 10.44 16.84 56.45
C LYS D 345 11.14 15.52 56.82
N SER D 346 10.48 14.67 57.59
CA SER D 346 11.08 13.41 57.99
C SER D 346 10.76 12.26 57.03
N GLY D 347 10.10 12.62 55.92
CA GLY D 347 9.73 11.64 54.91
C GLY D 347 8.61 10.69 55.29
N LYS D 348 8.02 10.85 56.48
CA LYS D 348 6.94 9.98 56.92
C LYS D 348 5.60 10.20 56.20
N ILE D 349 5.62 10.20 54.88
CA ILE D 349 4.39 10.36 54.11
C ILE D 349 4.22 9.16 53.17
N SER D 350 2.97 8.80 52.89
CA SER D 350 2.71 7.65 52.05
C SER D 350 2.65 7.92 50.53
N ASP D 351 2.80 6.85 49.74
CA ASP D 351 2.74 6.99 48.29
C ASP D 351 1.33 7.52 47.97
N ALA D 352 0.37 6.96 48.70
CA ALA D 352 -1.00 7.33 48.47
C ALA D 352 -1.26 8.81 48.68
N GLU D 353 -0.72 9.42 49.73
CA GLU D 353 -1.02 10.82 49.88
C GLU D 353 -0.27 11.68 48.89
N VAL D 354 0.88 11.21 48.43
CA VAL D 354 1.60 11.97 47.44
C VAL D 354 0.76 11.93 46.16
N ASN D 355 0.24 10.74 45.83
CA ASN D 355 -0.54 10.61 44.62
C ASN D 355 -1.82 11.39 44.67
N ARG D 356 -2.41 11.44 45.86
CA ARG D 356 -3.65 12.16 46.10
C ARG D 356 -3.39 13.66 45.77
N ALA D 357 -2.31 14.17 46.33
CA ALA D 357 -1.91 15.55 46.11
C ALA D 357 -1.63 15.84 44.62
N LYS D 358 -0.96 14.92 43.93
CA LYS D 358 -0.67 15.23 42.52
C LYS D 358 -1.99 15.28 41.75
N ALA D 359 -2.90 14.38 42.13
CA ALA D 359 -4.17 14.33 41.46
C ALA D 359 -4.95 15.65 41.76
N GLN D 360 -4.87 16.07 43.01
CA GLN D 360 -5.58 17.27 43.38
C GLN D 360 -5.00 18.45 42.59
N LEU D 361 -3.68 18.49 42.52
CA LEU D 361 -2.99 19.55 41.83
C LEU D 361 -3.30 19.60 40.34
N LYS D 362 -3.29 18.45 39.68
CA LYS D 362 -3.58 18.39 38.23
C LYS D 362 -4.97 18.90 37.93
N ALA D 363 -5.96 18.50 38.73
CA ALA D 363 -7.34 18.91 38.49
C ALA D 363 -7.49 20.42 38.65
N ALA D 364 -6.93 20.89 39.74
CA ALA D 364 -6.99 22.27 40.07
C ALA D 364 -6.37 23.15 39.01
N LEU D 365 -5.22 22.74 38.45
CA LEU D 365 -4.58 23.54 37.42
C LEU D 365 -5.11 23.28 36.01
N LEU D 366 -5.57 22.06 35.74
CA LEU D 366 -5.97 21.76 34.38
C LEU D 366 -7.45 21.60 34.06
N LEU D 367 -8.18 20.90 34.90
CA LEU D 367 -9.59 20.70 34.59
C LEU D 367 -10.32 22.03 34.74
N SER D 368 -9.68 22.97 35.41
CA SER D 368 -10.29 24.28 35.59
C SER D 368 -10.10 25.18 34.37
N LEU D 369 -9.23 24.82 33.43
CA LEU D 369 -9.04 25.61 32.22
C LEU D 369 -10.16 25.22 31.29
N ASP D 370 -11.38 25.64 31.60
CA ASP D 370 -12.52 25.24 30.80
C ASP D 370 -12.99 26.24 29.74
N GLY D 371 -13.43 27.43 30.13
CA GLY D 371 -13.86 28.35 29.07
C GLY D 371 -12.75 29.24 28.48
N SER D 372 -13.09 30.02 27.46
CA SER D 372 -12.11 30.92 26.85
C SER D 372 -11.59 31.92 27.89
N THR D 373 -12.48 32.37 28.77
CA THR D 373 -12.08 33.31 29.77
C THR D 373 -11.01 32.73 30.74
N ALA D 374 -11.21 31.51 31.19
CA ALA D 374 -10.21 30.91 32.08
C ALA D 374 -8.91 30.69 31.32
N ILE D 375 -9.04 30.39 30.04
CA ILE D 375 -7.86 30.15 29.22
C ILE D 375 -7.13 31.44 28.92
N VAL D 376 -7.85 32.54 28.69
CA VAL D 376 -7.17 33.80 28.47
C VAL D 376 -6.46 34.14 29.78
N GLU D 377 -7.14 33.88 30.88
CA GLU D 377 -6.56 34.13 32.17
C GLU D 377 -5.16 33.45 32.26
N ASP D 378 -5.10 32.17 31.94
CA ASP D 378 -3.87 31.42 32.02
C ASP D 378 -2.83 31.91 31.01
N ILE D 379 -3.22 32.06 29.74
CA ILE D 379 -2.31 32.62 28.71
C ILE D 379 -1.75 33.95 29.16
N GLY D 380 -2.65 34.89 29.44
CA GLY D 380 -2.25 36.22 29.85
C GLY D 380 -1.34 36.32 31.05
N ARG D 381 -1.75 35.71 32.16
CA ARG D 381 -0.98 35.77 33.37
C ARG D 381 0.39 35.12 33.23
N GLN D 382 0.45 34.01 32.49
CA GLN D 382 1.72 33.34 32.35
C GLN D 382 2.69 34.14 31.47
N VAL D 383 2.21 34.61 30.33
CA VAL D 383 3.09 35.39 29.49
C VAL D 383 3.51 36.74 30.12
N VAL D 384 2.57 37.44 30.73
CA VAL D 384 2.95 38.71 31.31
C VAL D 384 3.88 38.64 32.51
N THR D 385 3.86 37.53 33.23
CA THR D 385 4.73 37.43 34.41
C THR D 385 5.91 36.50 34.19
N THR D 386 5.89 35.80 33.08
CA THR D 386 6.90 34.81 32.86
C THR D 386 7.55 34.84 31.50
N GLY D 387 6.81 35.30 30.49
CA GLY D 387 7.40 35.37 29.18
C GLY D 387 6.99 34.23 28.29
N LYS D 388 6.35 33.24 28.87
CA LYS D 388 5.93 32.08 28.08
C LYS D 388 4.69 31.47 28.70
N ARG D 389 4.09 30.51 27.98
CA ARG D 389 2.93 29.79 28.46
C ARG D 389 3.23 28.31 28.48
N LEU D 390 3.29 27.66 29.65
CA LEU D 390 3.47 26.22 29.61
C LEU D 390 2.06 25.75 29.16
N SER D 391 2.00 24.78 28.27
CA SER D 391 0.72 24.31 27.82
C SER D 391 0.11 23.39 28.87
N PRO D 392 -1.16 23.06 28.69
CA PRO D 392 -1.85 22.16 29.63
C PRO D 392 -1.05 20.85 29.68
N GLU D 393 -0.67 20.39 28.49
CA GLU D 393 0.09 19.15 28.42
C GLU D 393 1.44 19.28 29.14
N GLU D 394 2.07 20.44 29.03
CA GLU D 394 3.36 20.63 29.72
C GLU D 394 3.19 20.68 31.22
N VAL D 395 2.14 21.35 31.68
CA VAL D 395 1.88 21.44 33.12
C VAL D 395 1.59 20.02 33.65
N PHE D 396 0.76 19.28 32.91
CA PHE D 396 0.47 17.92 33.31
C PHE D 396 1.79 17.19 33.56
N GLU D 397 2.70 17.32 32.62
CA GLU D 397 3.96 16.66 32.72
C GLU D 397 4.73 17.11 33.96
N GLN D 398 4.80 18.44 34.20
CA GLN D 398 5.48 18.93 35.39
C GLN D 398 4.90 18.35 36.69
N VAL D 399 3.59 18.18 36.74
CA VAL D 399 3.03 17.65 37.97
C VAL D 399 3.27 16.16 38.04
N ASP D 400 2.92 15.46 36.96
CA ASP D 400 3.07 14.00 36.91
C ASP D 400 4.48 13.50 37.26
N LYS D 401 5.53 14.30 37.01
CA LYS D 401 6.84 13.79 37.36
C LYS D 401 7.25 13.90 38.84
N ILE D 402 6.54 14.72 39.63
CA ILE D 402 6.87 14.91 41.04
C ILE D 402 6.91 13.62 41.86
N THR D 403 7.95 13.49 42.68
CA THR D 403 8.13 12.29 43.49
C THR D 403 8.02 12.58 44.97
N LYS D 404 7.83 11.52 45.77
CA LYS D 404 7.78 11.66 47.22
C LYS D 404 9.09 12.39 47.55
N ASP D 405 10.18 11.95 46.96
CA ASP D 405 11.45 12.56 47.25
C ASP D 405 11.56 14.05 46.97
N ASP D 406 11.01 14.50 45.84
CA ASP D 406 11.04 15.91 45.51
C ASP D 406 10.42 16.73 46.66
N ILE D 407 9.26 16.26 47.14
CA ILE D 407 8.57 16.95 48.22
C ILE D 407 9.37 16.94 49.51
N ILE D 408 9.87 15.78 49.93
CA ILE D 408 10.68 15.74 51.15
C ILE D 408 11.86 16.73 51.02
N MET D 409 12.55 16.71 49.89
CA MET D 409 13.65 17.64 49.66
C MET D 409 13.23 19.09 49.82
N TRP D 410 12.19 19.47 49.10
CA TRP D 410 11.71 20.83 49.14
C TRP D 410 11.34 21.29 50.54
N ALA D 411 10.61 20.46 51.26
CA ALA D 411 10.23 20.83 52.62
C ALA D 411 11.47 21.03 53.50
N ASN D 412 12.45 20.14 53.34
CA ASN D 412 13.66 20.24 54.13
C ASN D 412 14.46 21.48 53.76
N TYR D 413 14.25 22.01 52.56
CA TYR D 413 14.97 23.21 52.18
C TYR D 413 14.23 24.46 52.64
N ARG D 414 12.95 24.57 52.30
CA ARG D 414 12.15 25.74 52.64
C ARG D 414 11.63 25.87 54.08
N LEU D 415 11.49 24.73 54.78
CA LEU D 415 10.94 24.75 56.14
C LEU D 415 11.91 24.36 57.26
N GLN D 416 13.21 24.48 56.99
CA GLN D 416 14.23 24.16 57.99
C GLN D 416 15.28 25.28 57.96
N ASN D 417 15.47 25.90 59.14
CA ASN D 417 16.41 27.01 59.33
C ASN D 417 16.17 28.13 58.35
N LYS D 418 14.91 28.51 58.21
CA LYS D 418 14.56 29.59 57.31
C LYS D 418 13.69 30.53 58.10
N PRO D 419 13.69 31.81 57.74
CA PRO D 419 12.85 32.76 58.49
C PRO D 419 11.34 32.62 58.22
N VAL D 420 10.54 32.99 59.23
CA VAL D 420 9.08 32.97 59.11
C VAL D 420 8.52 34.31 59.56
N SER D 421 7.43 34.76 58.95
CA SER D 421 6.82 36.01 59.40
C SER D 421 5.39 35.65 59.72
N MET D 422 4.82 36.36 60.69
CA MET D 422 3.48 36.03 61.12
C MET D 422 2.60 37.22 61.47
N VAL D 423 1.30 37.04 61.27
CA VAL D 423 0.32 38.08 61.60
C VAL D 423 -0.85 37.44 62.34
N ALA D 424 -1.31 38.09 63.40
CA ALA D 424 -2.45 37.56 64.17
C ALA D 424 -3.44 38.70 64.45
N LEU D 425 -4.72 38.46 64.15
CA LEU D 425 -5.74 39.46 64.37
C LEU D 425 -6.88 38.88 65.20
N GLY D 426 -7.19 39.56 66.33
CA GLY D 426 -8.25 39.11 67.23
C GLY D 426 -7.71 38.87 68.64
N ASN D 427 -8.14 37.78 69.27
CA ASN D 427 -7.65 37.49 70.60
C ASN D 427 -6.22 36.97 70.53
N THR D 428 -5.30 37.92 70.59
CA THR D 428 -3.88 37.65 70.49
C THR D 428 -3.22 36.98 71.71
N SER D 429 -3.85 37.05 72.88
CA SER D 429 -3.23 36.49 74.09
C SER D 429 -2.74 35.04 74.03
N THR D 430 -3.40 34.22 73.22
CA THR D 430 -3.06 32.79 73.14
C THR D 430 -2.19 32.40 71.91
N VAL D 431 -1.70 33.39 71.17
CA VAL D 431 -0.89 33.15 69.99
C VAL D 431 0.61 33.10 70.23
N PRO D 432 1.26 32.04 69.76
CA PRO D 432 2.71 31.97 69.98
C PRO D 432 3.58 32.93 69.15
N ASN D 433 4.80 33.10 69.64
CA ASN D 433 5.85 33.96 69.11
C ASN D 433 6.48 33.47 67.79
N VAL D 434 7.02 34.39 66.98
CA VAL D 434 7.66 33.94 65.76
C VAL D 434 8.92 33.14 66.09
N SER D 435 9.59 33.47 67.19
CA SER D 435 10.79 32.70 67.55
C SER D 435 10.36 31.36 68.17
N TYR D 436 9.15 31.32 68.71
CA TYR D 436 8.62 30.08 69.26
C TYR D 436 8.40 29.14 68.06
N ILE D 437 7.78 29.67 67.02
CA ILE D 437 7.51 28.87 65.84
C ILE D 437 8.76 28.29 65.19
N GLU D 438 9.78 29.12 64.98
CA GLU D 438 11.01 28.66 64.35
C GLU D 438 11.68 27.62 65.24
N GLU D 439 11.68 27.87 66.54
CA GLU D 439 12.30 26.91 67.44
C GLU D 439 11.68 25.53 67.29
N LYS D 440 10.36 25.46 67.39
CA LYS D 440 9.66 24.19 67.27
C LYS D 440 9.79 23.56 65.88
N LEU D 441 9.80 24.39 64.83
CA LEU D 441 9.88 23.89 63.46
C LEU D 441 11.24 23.31 63.10
N ASN D 442 12.30 24.03 63.49
CA ASN D 442 13.66 23.63 63.20
C ASN D 442 14.15 22.54 64.13
N GLN D 443 13.51 22.45 65.27
CA GLN D 443 13.78 21.48 66.32
C GLN D 443 13.78 20.04 65.76
N ALA E 1 -13.75 11.22 -40.37
CA ALA E 1 -15.06 10.91 -41.00
C ALA E 1 -15.50 11.77 -42.24
N ARG E 2 -16.32 12.82 -42.07
CA ARG E 2 -16.80 13.64 -43.21
C ARG E 2 -16.10 14.97 -43.59
N THR E 3 -16.02 15.92 -42.67
CA THR E 3 -15.34 17.16 -43.00
C THR E 3 -13.82 17.06 -43.11
N ASP E 4 -13.17 16.22 -42.29
CA ASP E 4 -11.72 16.10 -42.35
C ASP E 4 -11.20 15.49 -43.63
N ASN E 5 -12.08 14.95 -44.47
CA ASN E 5 -11.66 14.32 -45.71
C ASN E 5 -10.78 13.09 -45.38
N PHE E 6 -11.19 12.41 -44.32
CA PHE E 6 -10.51 11.24 -43.84
C PHE E 6 -10.86 10.01 -44.66
N LYS E 7 -9.84 9.30 -45.13
CA LYS E 7 -10.08 8.10 -45.92
C LYS E 7 -9.18 7.02 -45.37
N LEU E 8 -9.66 5.79 -45.36
CA LEU E 8 -8.89 4.68 -44.83
C LEU E 8 -9.03 3.41 -45.65
N SER E 9 -7.94 2.67 -45.83
CA SER E 9 -8.05 1.39 -46.53
C SER E 9 -6.84 0.54 -46.21
N SER E 10 -6.81 -0.70 -46.72
CA SER E 10 -5.71 -1.63 -46.43
C SER E 10 -5.04 -2.20 -47.64
N LEU E 11 -3.76 -2.53 -47.49
CA LEU E 11 -3.05 -3.18 -48.57
C LEU E 11 -3.36 -4.62 -48.33
N ALA E 12 -3.08 -5.47 -49.30
CA ALA E 12 -3.39 -6.87 -49.08
C ALA E 12 -2.61 -7.45 -47.92
N ASN E 13 -1.44 -6.89 -47.57
CA ASN E 13 -0.71 -7.47 -46.45
C ASN E 13 -1.23 -6.97 -45.10
N GLY E 14 -2.28 -6.16 -45.13
CA GLY E 14 -2.85 -5.69 -43.87
C GLY E 14 -2.41 -4.31 -43.39
N LEU E 15 -1.42 -3.74 -44.07
CA LEU E 15 -0.96 -2.44 -43.68
C LEU E 15 -2.12 -1.48 -43.90
N LYS E 16 -2.51 -0.73 -42.88
CA LYS E 16 -3.58 0.24 -43.03
C LYS E 16 -3.04 1.58 -43.54
N VAL E 17 -3.73 2.21 -44.49
CA VAL E 17 -3.29 3.49 -45.05
C VAL E 17 -4.35 4.58 -44.79
N ALA E 18 -4.00 5.57 -43.98
CA ALA E 18 -4.92 6.64 -43.61
C ALA E 18 -4.51 8.03 -44.09
N THR E 19 -5.45 8.75 -44.68
CA THR E 19 -5.23 10.11 -45.17
C THR E 19 -6.30 11.05 -44.68
N SER E 20 -5.92 12.30 -44.47
CA SER E 20 -6.89 13.32 -44.05
C SER E 20 -6.47 14.68 -44.54
N ASN E 21 -7.39 15.63 -44.39
CA ASN E 21 -7.19 17.00 -44.80
C ASN E 21 -7.02 17.11 -46.31
N THR E 22 -6.74 18.32 -46.76
CA THR E 22 -6.59 18.60 -48.18
C THR E 22 -5.25 19.28 -48.41
N PRO E 23 -4.85 19.45 -49.68
CA PRO E 23 -3.58 20.07 -50.00
C PRO E 23 -3.34 21.39 -49.26
N GLY E 24 -2.10 21.57 -48.83
CA GLY E 24 -1.70 22.75 -48.11
C GLY E 24 -0.31 23.20 -48.53
N HIS E 25 0.30 24.03 -47.71
CA HIS E 25 1.61 24.56 -48.01
C HIS E 25 2.68 23.46 -47.94
N PHE E 26 2.36 22.35 -47.28
CA PHE E 26 3.29 21.21 -47.15
C PHE E 26 2.58 20.02 -46.52
N SER E 27 3.23 18.86 -46.53
CA SER E 27 2.64 17.65 -46.00
C SER E 27 3.30 17.04 -44.78
N ALA E 28 2.61 16.06 -44.20
CA ALA E 28 3.09 15.32 -43.04
C ALA E 28 2.77 13.84 -43.27
N LEU E 29 3.65 12.97 -42.81
CA LEU E 29 3.44 11.55 -43.00
C LEU E 29 4.22 10.83 -41.92
N GLY E 30 3.81 9.60 -41.65
CA GLY E 30 4.50 8.81 -40.66
C GLY E 30 4.07 7.35 -40.63
N LEU E 31 4.92 6.51 -40.04
CA LEU E 31 4.61 5.11 -39.89
C LEU E 31 4.43 4.88 -38.38
N TYR E 32 3.34 4.19 -38.04
CA TYR E 32 3.04 3.92 -36.65
C TYR E 32 2.97 2.42 -36.39
N ILE E 33 3.76 1.96 -35.40
CA ILE E 33 3.79 0.56 -35.04
C ILE E 33 3.20 0.35 -33.65
N ASP E 34 2.36 -0.68 -33.51
CA ASP E 34 1.74 -0.97 -32.23
C ASP E 34 2.79 -1.69 -31.39
N ALA E 35 3.68 -0.91 -30.81
CA ALA E 35 4.76 -1.42 -29.98
C ALA E 35 4.99 -0.44 -28.83
N GLY E 36 5.94 -0.74 -27.95
CA GLY E 36 6.17 0.16 -26.85
C GLY E 36 6.72 -0.60 -25.67
N SER E 37 7.08 0.12 -24.63
CA SER E 37 7.66 -0.55 -23.47
C SER E 37 6.71 -1.52 -22.79
N ARG E 38 5.40 -1.35 -22.95
CA ARG E 38 4.46 -2.26 -22.29
C ARG E 38 4.48 -3.67 -22.91
N PHE E 39 5.12 -3.85 -24.06
CA PHE E 39 5.18 -5.16 -24.65
C PHE E 39 6.53 -5.84 -24.45
N GLU E 40 7.47 -5.18 -23.80
CA GLU E 40 8.78 -5.73 -23.64
C GLU E 40 8.88 -6.94 -22.69
N GLY E 41 7.95 -7.04 -21.74
CA GLY E 41 8.04 -8.13 -20.81
C GLY E 41 9.37 -7.98 -20.10
N ARG E 42 9.92 -9.06 -19.55
CA ARG E 42 11.21 -8.94 -18.85
C ARG E 42 12.33 -9.29 -19.80
N ASN E 43 11.99 -9.99 -20.88
CA ASN E 43 13.01 -10.43 -21.82
C ASN E 43 13.54 -9.40 -22.82
N LEU E 44 12.70 -8.44 -23.19
CA LEU E 44 13.09 -7.44 -24.19
C LEU E 44 13.17 -6.04 -23.66
N LYS E 45 13.41 -5.93 -22.37
CA LYS E 45 13.50 -4.64 -21.72
C LYS E 45 14.55 -3.75 -22.40
N GLY E 46 14.14 -2.54 -22.73
CA GLY E 46 15.05 -1.62 -23.37
C GLY E 46 15.09 -1.67 -24.89
N CYS E 47 14.49 -2.70 -25.49
CA CYS E 47 14.54 -2.77 -26.92
C CYS E 47 13.80 -1.65 -27.64
N THR E 48 12.67 -1.21 -27.11
CA THR E 48 11.93 -0.16 -27.79
C THR E 48 12.76 1.12 -27.90
N HIS E 49 13.38 1.51 -26.80
CA HIS E 49 14.20 2.74 -26.79
C HIS E 49 15.41 2.67 -27.74
N ILE E 50 16.13 1.55 -27.72
CA ILE E 50 17.29 1.40 -28.59
C ILE E 50 16.88 1.38 -30.08
N LEU E 51 15.77 0.72 -30.40
CA LEU E 51 15.38 0.69 -31.79
C LEU E 51 15.00 2.09 -32.24
N ASP E 52 14.41 2.89 -31.36
CA ASP E 52 14.02 4.19 -31.85
C ASP E 52 15.20 5.13 -31.99
N ARG E 53 16.25 4.88 -31.23
CA ARG E 53 17.45 5.70 -31.27
C ARG E 53 18.29 5.27 -32.48
N LEU E 54 17.93 4.12 -33.03
CA LEU E 54 18.62 3.49 -34.13
C LEU E 54 17.92 3.87 -35.44
N ALA E 55 16.84 4.62 -35.30
CA ALA E 55 16.09 5.03 -36.49
C ALA E 55 16.90 5.86 -37.48
N PHE E 56 16.65 5.61 -38.74
CA PHE E 56 17.31 6.35 -39.80
C PHE E 56 18.84 6.23 -39.89
N LYS E 57 19.38 5.07 -39.56
CA LYS E 57 20.81 4.87 -39.68
C LYS E 57 20.92 4.06 -40.96
N SER E 58 22.03 3.37 -41.20
CA SER E 58 22.09 2.62 -42.45
C SER E 58 21.06 1.50 -42.58
N THR E 59 20.63 1.30 -43.82
CA THR E 59 19.66 0.28 -44.17
C THR E 59 20.30 -0.56 -45.26
N GLU E 60 19.63 -1.64 -45.65
CA GLU E 60 20.17 -2.50 -46.70
C GLU E 60 20.40 -1.76 -48.02
N HIS E 61 19.57 -0.76 -48.32
CA HIS E 61 19.72 -0.08 -49.60
C HIS E 61 20.21 1.32 -49.53
N VAL E 62 20.51 1.80 -48.33
CA VAL E 62 20.98 3.17 -48.19
C VAL E 62 22.09 3.31 -47.15
N GLU E 63 23.26 3.73 -47.60
CA GLU E 63 24.39 3.93 -46.72
C GLU E 63 24.02 4.93 -45.65
N GLY E 64 24.57 4.74 -44.45
CA GLY E 64 24.27 5.63 -43.34
C GLY E 64 24.43 7.11 -43.65
N ARG E 65 25.57 7.46 -44.23
CA ARG E 65 25.84 8.85 -44.56
C ARG E 65 24.80 9.41 -45.53
N ALA E 66 24.48 8.65 -46.56
CA ALA E 66 23.54 9.09 -47.54
C ALA E 66 22.16 9.28 -46.93
N MET E 67 21.82 8.42 -45.96
CA MET E 67 20.52 8.54 -45.32
C MET E 67 20.44 9.89 -44.62
N ALA E 68 21.46 10.18 -43.82
CA ALA E 68 21.51 11.43 -43.11
C ALA E 68 21.52 12.64 -44.03
N GLU E 69 22.32 12.62 -45.09
CA GLU E 69 22.38 13.78 -45.96
C GLU E 69 21.09 13.98 -46.72
N THR E 70 20.46 12.89 -47.12
CA THR E 70 19.21 13.03 -47.84
C THR E 70 18.16 13.59 -46.89
N LEU E 71 18.16 13.14 -45.64
CA LEU E 71 17.18 13.66 -44.72
C LEU E 71 17.41 15.14 -44.51
N GLU E 72 18.67 15.56 -44.50
CA GLU E 72 18.98 16.99 -44.32
C GLU E 72 18.35 17.74 -45.51
N LEU E 73 18.63 17.26 -46.71
CA LEU E 73 18.12 17.91 -47.88
C LEU E 73 16.59 17.95 -47.93
N LEU E 74 15.91 17.11 -47.16
CA LEU E 74 14.45 17.11 -47.18
C LEU E 74 13.92 18.06 -46.12
N GLY E 75 14.81 18.80 -45.48
CA GLY E 75 14.37 19.74 -44.45
C GLY E 75 14.71 19.27 -43.06
N GLY E 76 15.15 18.01 -42.94
CA GLY E 76 15.53 17.46 -41.66
C GLY E 76 14.48 17.51 -40.56
N ASN E 77 13.21 17.64 -40.93
CA ASN E 77 12.17 17.71 -39.88
C ASN E 77 11.46 16.37 -39.76
N TYR E 78 12.19 15.42 -39.20
CA TYR E 78 11.69 14.05 -39.04
C TYR E 78 12.13 13.54 -37.68
N GLN E 79 11.40 12.57 -37.13
CA GLN E 79 11.80 11.97 -35.87
C GLN E 79 11.16 10.63 -35.61
N CYS E 80 11.80 9.89 -34.72
CA CYS E 80 11.29 8.62 -34.30
C CYS E 80 11.22 8.71 -32.79
N THR E 81 10.10 8.33 -32.22
CA THR E 81 10.00 8.35 -30.79
C THR E 81 9.13 7.19 -30.40
N SER E 82 9.16 6.84 -29.12
CA SER E 82 8.38 5.70 -28.62
C SER E 82 7.96 6.01 -27.20
N SER E 83 6.92 5.33 -26.75
CA SER E 83 6.43 5.50 -25.38
C SER E 83 6.08 4.11 -24.79
N ARG E 84 5.10 4.09 -23.90
CA ARG E 84 4.68 2.85 -23.31
C ARG E 84 3.84 2.09 -24.33
N GLU E 85 3.07 2.81 -25.14
CA GLU E 85 2.19 2.17 -26.13
C GLU E 85 2.44 2.51 -27.58
N ASN E 86 3.48 3.27 -27.88
CA ASN E 86 3.72 3.58 -29.28
C ASN E 86 5.17 3.68 -29.68
N LEU E 87 5.35 3.53 -30.98
CA LEU E 87 6.63 3.58 -31.64
C LEU E 87 6.32 4.24 -32.98
N MET E 88 6.77 5.47 -33.19
CA MET E 88 6.44 6.14 -34.45
C MET E 88 7.54 6.90 -35.17
N TYR E 89 7.46 6.88 -36.50
CA TYR E 89 8.42 7.60 -37.34
C TYR E 89 7.60 8.66 -38.04
N GLN E 90 7.90 9.93 -37.78
CA GLN E 90 7.09 11.00 -38.37
C GLN E 90 7.90 12.13 -38.99
N ALA E 91 7.27 12.85 -39.91
CA ALA E 91 7.93 13.99 -40.51
C ALA E 91 6.97 14.88 -41.28
N SER E 92 7.34 16.15 -41.42
CA SER E 92 6.57 17.06 -42.26
C SER E 92 7.61 17.43 -43.33
N VAL E 93 7.18 17.41 -44.58
CA VAL E 93 8.06 17.70 -45.73
C VAL E 93 7.30 18.51 -46.76
N PHE E 94 8.03 19.06 -47.73
CA PHE E 94 7.36 19.79 -48.77
C PHE E 94 6.59 18.78 -49.61
N ASN E 95 5.45 19.20 -50.15
CA ASN E 95 4.57 18.34 -50.93
C ASN E 95 5.22 17.43 -51.96
N GLN E 96 6.20 17.93 -52.70
CA GLN E 96 6.80 17.06 -53.71
C GLN E 96 7.73 15.98 -53.15
N ASP E 97 8.06 16.08 -51.88
CA ASP E 97 8.97 15.11 -51.27
C ASP E 97 8.37 13.96 -50.47
N VAL E 98 7.05 13.85 -50.47
CA VAL E 98 6.40 12.78 -49.71
C VAL E 98 6.92 11.37 -50.05
N GLY E 99 7.02 11.06 -51.34
CA GLY E 99 7.49 9.74 -51.77
C GLY E 99 8.92 9.42 -51.31
N LYS E 100 9.84 10.38 -51.41
CA LYS E 100 11.20 10.13 -50.97
C LYS E 100 11.28 9.87 -49.45
N MET E 101 10.56 10.67 -48.68
CA MET E 101 10.56 10.49 -47.24
C MET E 101 9.94 9.13 -46.93
N LEU E 102 8.87 8.77 -47.65
CA LEU E 102 8.23 7.50 -47.37
C LEU E 102 9.19 6.37 -47.63
N GLN E 103 9.97 6.53 -48.69
CA GLN E 103 10.93 5.51 -49.05
C GLN E 103 11.96 5.32 -47.93
N LEU E 104 12.52 6.42 -47.46
CA LEU E 104 13.50 6.35 -46.37
C LEU E 104 12.83 5.72 -45.13
N MET E 105 11.64 6.17 -44.81
CA MET E 105 10.98 5.61 -43.65
C MET E 105 10.84 4.11 -43.76
N SER E 106 10.41 3.62 -44.90
CA SER E 106 10.25 2.18 -44.98
C SER E 106 11.59 1.47 -45.03
N GLU E 107 12.64 2.16 -45.44
CA GLU E 107 13.96 1.54 -45.46
C GLU E 107 14.42 1.29 -44.05
N THR E 108 14.23 2.26 -43.17
CA THR E 108 14.67 2.10 -41.79
C THR E 108 13.70 1.23 -41.02
N VAL E 109 12.47 1.12 -41.49
CA VAL E 109 11.54 0.28 -40.80
C VAL E 109 11.61 -1.17 -41.26
N ARG E 110 12.03 -1.42 -42.50
CA ARG E 110 12.09 -2.78 -43.04
C ARG E 110 13.46 -3.34 -43.25
N PHE E 111 14.45 -2.47 -43.50
CA PHE E 111 15.79 -2.95 -43.83
C PHE E 111 16.92 -2.33 -43.06
N PRO E 112 16.70 -2.07 -41.78
CA PRO E 112 17.77 -1.46 -40.99
C PRO E 112 18.95 -2.44 -40.92
N LYS E 113 20.17 -1.94 -41.03
CA LYS E 113 21.33 -2.84 -40.94
C LYS E 113 21.67 -3.17 -39.48
N ILE E 114 21.61 -2.17 -38.63
CA ILE E 114 21.95 -2.33 -37.22
C ILE E 114 23.32 -3.01 -37.08
N THR E 115 24.36 -2.29 -37.44
CA THR E 115 25.72 -2.79 -37.38
C THR E 115 26.25 -2.79 -35.96
N GLU E 116 27.30 -3.57 -35.72
CA GLU E 116 27.90 -3.62 -34.39
C GLU E 116 28.18 -2.19 -33.96
N GLN E 117 28.80 -1.41 -34.85
CA GLN E 117 29.13 -0.04 -34.49
C GLN E 117 27.90 0.80 -34.13
N GLU E 118 26.88 0.77 -34.97
CA GLU E 118 25.69 1.57 -34.71
C GLU E 118 25.09 1.21 -33.34
N LEU E 119 24.99 -0.09 -33.08
CA LEU E 119 24.43 -0.55 -31.80
C LEU E 119 25.27 -0.14 -30.62
N GLN E 120 26.58 -0.28 -30.75
CA GLN E 120 27.49 0.10 -29.69
C GLN E 120 27.35 1.60 -29.38
N GLU E 121 27.20 2.43 -30.41
CA GLU E 121 27.03 3.86 -30.20
C GLU E 121 25.77 4.16 -29.40
N GLN E 122 24.64 3.64 -29.84
CA GLN E 122 23.40 3.92 -29.13
C GLN E 122 23.40 3.39 -27.70
N LYS E 123 24.03 2.23 -27.50
CA LYS E 123 24.11 1.66 -26.16
C LYS E 123 24.97 2.55 -25.24
N LEU E 124 26.14 2.98 -25.72
CA LEU E 124 27.00 3.83 -24.91
C LEU E 124 26.23 5.11 -24.56
N SER E 125 25.60 5.66 -25.57
CA SER E 125 24.82 6.87 -25.44
C SER E 125 23.60 6.71 -24.49
N ALA E 126 22.93 5.55 -24.52
CA ALA E 126 21.78 5.35 -23.65
C ALA E 126 22.17 5.40 -22.16
N GLU E 127 23.36 4.92 -21.81
CA GLU E 127 23.77 4.96 -20.40
C GLU E 127 23.80 6.39 -19.87
N TYR E 128 24.39 7.30 -20.64
CA TYR E 128 24.46 8.69 -20.23
C TYR E 128 23.06 9.28 -20.21
N GLU E 129 22.23 8.95 -21.19
CA GLU E 129 20.86 9.46 -21.20
C GLU E 129 20.10 9.05 -19.91
N ILE E 130 20.23 7.79 -19.49
CA ILE E 130 19.55 7.31 -18.29
C ILE E 130 20.07 8.04 -17.05
N ASP E 131 21.37 8.24 -16.98
CA ASP E 131 21.91 8.92 -15.83
C ASP E 131 21.27 10.31 -15.72
N GLU E 132 21.08 11.00 -16.85
CA GLU E 132 20.48 12.33 -16.81
C GLU E 132 19.01 12.25 -16.41
N VAL E 133 18.28 11.36 -17.06
CA VAL E 133 16.87 11.22 -16.74
C VAL E 133 16.60 11.03 -15.26
N TRP E 134 17.47 10.29 -14.57
CA TRP E 134 17.22 10.04 -13.15
C TRP E 134 17.40 11.23 -12.23
N MET E 135 17.71 12.39 -12.79
CA MET E 135 17.89 13.56 -11.96
C MET E 135 16.73 14.51 -12.16
N LYS E 136 15.80 14.15 -13.03
CA LYS E 136 14.66 14.99 -13.31
C LYS E 136 13.35 14.46 -12.69
N PRO E 137 12.91 15.07 -11.58
CA PRO E 137 11.67 14.62 -10.94
C PRO E 137 10.50 14.57 -11.89
N GLU E 138 10.41 15.54 -12.80
CA GLU E 138 9.30 15.57 -13.76
C GLU E 138 9.25 14.27 -14.56
N LEU E 139 10.39 13.59 -14.70
CA LEU E 139 10.40 12.35 -15.44
C LEU E 139 10.33 11.17 -14.49
N VAL E 140 11.10 11.24 -13.42
CA VAL E 140 11.14 10.16 -12.45
C VAL E 140 9.85 9.81 -11.71
N LEU E 141 9.19 10.80 -11.14
CA LEU E 141 7.97 10.51 -10.42
C LEU E 141 6.93 9.77 -11.27
N PRO E 142 6.63 10.28 -12.46
CA PRO E 142 5.63 9.58 -13.28
C PRO E 142 6.08 8.15 -13.53
N GLU E 143 7.39 7.94 -13.64
CA GLU E 143 7.91 6.61 -13.90
C GLU E 143 7.56 5.73 -12.70
N LEU E 144 7.86 6.21 -11.50
CA LEU E 144 7.54 5.46 -10.28
C LEU E 144 6.04 5.23 -10.15
N LEU E 145 5.27 6.22 -10.56
CA LEU E 145 3.83 6.10 -10.48
C LEU E 145 3.33 4.87 -11.25
N HIS E 146 3.77 4.75 -12.51
CA HIS E 146 3.33 3.64 -13.36
C HIS E 146 3.81 2.29 -12.85
N THR E 147 5.06 2.23 -12.41
CA THR E 147 5.59 0.99 -11.91
C THR E 147 4.77 0.52 -10.74
N ALA E 148 4.37 1.44 -9.88
CA ALA E 148 3.64 1.00 -8.75
C ALA E 148 2.20 0.70 -9.08
N ALA E 149 1.65 1.44 -10.05
CA ALA E 149 0.25 1.25 -10.38
C ALA E 149 -0.04 -0.11 -10.98
N TYR E 150 0.95 -0.68 -11.67
CA TYR E 150 0.78 -2.00 -12.28
C TYR E 150 1.80 -3.06 -11.81
N SER E 151 2.48 -2.77 -10.71
CA SER E 151 3.45 -3.70 -10.18
C SER E 151 4.46 -4.15 -11.21
N GLY E 152 5.02 -3.19 -11.93
CA GLY E 152 6.04 -3.51 -12.92
C GLY E 152 5.64 -4.26 -14.17
N GLU E 153 4.35 -4.53 -14.36
CA GLU E 153 3.88 -5.25 -15.53
C GLU E 153 3.25 -4.32 -16.55
N THR E 154 3.39 -4.67 -17.83
CA THR E 154 2.85 -3.93 -18.98
C THR E 154 2.99 -2.40 -18.87
N LEU E 155 1.87 -1.70 -18.63
CA LEU E 155 1.90 -0.23 -18.52
C LEU E 155 2.83 0.27 -17.42
N GLY E 156 3.21 -0.62 -16.50
CA GLY E 156 4.11 -0.28 -15.43
C GLY E 156 5.47 -0.88 -15.66
N SER E 157 5.64 -1.57 -16.76
CA SER E 157 6.95 -2.11 -17.06
C SER E 157 7.78 -0.84 -17.38
N PRO E 158 8.97 -0.74 -16.82
CA PRO E 158 9.91 0.39 -16.96
C PRO E 158 10.00 1.08 -18.29
N LEU E 159 9.68 2.37 -18.29
CA LEU E 159 9.79 3.14 -19.49
C LEU E 159 11.27 3.57 -19.57
N ILE E 160 11.90 3.69 -18.40
CA ILE E 160 13.30 4.07 -18.34
C ILE E 160 14.04 2.76 -18.15
N CYS E 161 14.87 2.42 -19.12
CA CYS E 161 15.58 1.17 -19.01
C CYS E 161 16.62 1.11 -17.93
N PRO E 162 16.55 0.08 -17.08
CA PRO E 162 17.52 -0.13 -15.99
C PRO E 162 18.95 -0.07 -16.57
N ARG E 163 19.84 0.70 -15.95
CA ARG E 163 21.20 0.83 -16.46
C ARG E 163 21.91 -0.49 -16.77
N GLY E 164 21.89 -1.43 -15.82
CA GLY E 164 22.57 -2.70 -16.00
C GLY E 164 22.06 -3.61 -17.09
N LEU E 165 20.87 -3.32 -17.61
CA LEU E 165 20.32 -4.15 -18.66
C LEU E 165 20.65 -3.62 -20.06
N ILE E 166 21.25 -2.44 -20.16
CA ILE E 166 21.56 -1.90 -21.44
C ILE E 166 22.64 -2.65 -22.19
N PRO E 167 23.74 -2.95 -21.50
CA PRO E 167 24.83 -3.67 -22.19
C PRO E 167 24.46 -5.03 -22.71
N SER E 168 23.39 -5.62 -22.19
CA SER E 168 23.02 -6.95 -22.69
C SER E 168 22.00 -6.94 -23.79
N ILE E 169 21.63 -5.75 -24.25
CA ILE E 169 20.69 -5.62 -25.34
C ILE E 169 21.52 -5.94 -26.62
N SER E 170 21.26 -7.11 -27.16
CA SER E 170 21.98 -7.59 -28.32
C SER E 170 21.23 -7.44 -29.64
N LYS E 171 21.96 -7.58 -30.74
CA LYS E 171 21.30 -7.52 -32.02
C LYS E 171 20.22 -8.59 -32.04
N TYR E 172 20.56 -9.77 -31.49
CA TYR E 172 19.62 -10.91 -31.43
C TYR E 172 18.27 -10.50 -30.83
N TYR E 173 18.28 -9.83 -29.68
CA TYR E 173 17.06 -9.37 -29.05
C TYR E 173 16.37 -8.28 -29.85
N LEU E 174 17.14 -7.39 -30.47
CA LEU E 174 16.50 -6.33 -31.27
C LEU E 174 15.80 -6.98 -32.46
N LEU E 175 16.41 -8.04 -33.00
CA LEU E 175 15.78 -8.75 -34.12
C LEU E 175 14.53 -9.49 -33.61
N ASP E 176 14.60 -9.95 -32.37
CA ASP E 176 13.46 -10.68 -31.85
C ASP E 176 12.31 -9.73 -31.75
N TYR E 177 12.59 -8.55 -31.19
CA TYR E 177 11.55 -7.55 -31.04
C TYR E 177 11.01 -7.16 -32.42
N ARG E 178 11.91 -6.85 -33.35
CA ARG E 178 11.46 -6.48 -34.69
C ARG E 178 10.58 -7.57 -35.31
N ASN E 179 10.97 -8.84 -35.19
CA ASN E 179 10.20 -9.89 -35.80
C ASN E 179 8.85 -10.12 -35.10
N LYS E 180 8.68 -9.58 -33.93
CA LYS E 180 7.39 -9.75 -33.28
C LYS E 180 6.46 -8.57 -33.60
N PHE E 181 6.99 -7.36 -33.61
CA PHE E 181 6.15 -6.20 -33.81
C PHE E 181 6.20 -5.44 -35.12
N TYR E 182 7.33 -5.51 -35.80
CA TYR E 182 7.43 -4.83 -37.08
C TYR E 182 6.85 -5.70 -38.21
N THR E 183 5.53 -5.86 -38.23
CA THR E 183 4.88 -6.62 -39.29
C THR E 183 3.88 -5.64 -39.92
N PRO E 184 3.57 -5.81 -41.21
CA PRO E 184 2.62 -4.88 -41.81
C PRO E 184 1.26 -4.81 -41.12
N GLU E 185 0.74 -5.94 -40.64
CA GLU E 185 -0.56 -5.91 -39.97
C GLU E 185 -0.55 -5.22 -38.60
N ASN E 186 0.62 -4.75 -38.15
CA ASN E 186 0.76 -4.08 -36.86
C ASN E 186 1.25 -2.64 -37.11
N THR E 187 1.09 -2.20 -38.35
CA THR E 187 1.57 -0.89 -38.78
C THR E 187 0.54 0.00 -39.50
N VAL E 188 0.68 1.30 -39.36
CA VAL E 188 -0.23 2.18 -40.06
C VAL E 188 0.60 3.24 -40.76
N ALA E 189 0.23 3.59 -41.98
CA ALA E 189 0.94 4.64 -42.70
C ALA E 189 -0.09 5.74 -42.77
N ALA E 190 0.25 6.91 -42.26
CA ALA E 190 -0.69 8.02 -42.27
C ALA E 190 -0.12 9.26 -42.97
N PHE E 191 -1.00 10.00 -43.65
CA PHE E 191 -0.59 11.21 -44.37
C PHE E 191 -1.57 12.35 -44.17
N VAL E 192 -1.07 13.57 -44.07
CA VAL E 192 -1.96 14.73 -43.96
C VAL E 192 -1.63 15.62 -45.16
N GLY E 193 -2.67 15.94 -45.94
CA GLY E 193 -2.48 16.79 -47.11
C GLY E 193 -2.00 16.05 -48.33
N VAL E 194 -2.18 14.74 -48.33
CA VAL E 194 -1.77 13.91 -49.46
C VAL E 194 -3.02 13.17 -49.96
N PRO E 195 -3.29 13.24 -51.26
CA PRO E 195 -4.48 12.55 -51.80
C PRO E 195 -4.42 11.05 -51.53
N HIS E 196 -5.53 10.51 -51.02
CA HIS E 196 -5.56 9.11 -50.66
C HIS E 196 -5.04 8.18 -51.75
N GLU E 197 -5.40 8.49 -52.99
CA GLU E 197 -5.00 7.70 -54.14
C GLU E 197 -3.48 7.61 -54.22
N LYS E 198 -2.86 8.78 -54.11
CA LYS E 198 -1.43 8.90 -54.19
C LYS E 198 -0.77 8.12 -53.06
N ALA E 199 -1.37 8.19 -51.87
CA ALA E 199 -0.84 7.52 -50.70
C ALA E 199 -0.86 6.02 -50.89
N LEU E 200 -1.95 5.52 -51.47
CA LEU E 200 -2.04 4.10 -51.72
C LEU E 200 -0.97 3.72 -52.72
N GLU E 201 -0.75 4.60 -53.69
CA GLU E 201 0.24 4.34 -54.72
C GLU E 201 1.63 4.17 -54.08
N LEU E 202 2.01 5.18 -53.32
CA LEU E 202 3.30 5.20 -52.67
C LEU E 202 3.46 4.10 -51.64
N THR E 203 2.46 3.92 -50.79
CA THR E 203 2.56 2.92 -49.76
C THR E 203 2.77 1.56 -50.42
N GLY E 204 1.97 1.29 -51.45
CA GLY E 204 2.09 0.02 -52.14
C GLY E 204 3.49 -0.17 -52.73
N LYS E 205 4.03 0.91 -53.28
CA LYS E 205 5.36 0.85 -53.88
C LYS E 205 6.45 0.48 -52.88
N TYR E 206 6.38 1.04 -51.69
CA TYR E 206 7.43 0.78 -50.70
C TYR E 206 7.18 -0.24 -49.59
N LEU E 207 5.90 -0.51 -49.29
CA LEU E 207 5.54 -1.44 -48.24
C LEU E 207 4.62 -2.56 -48.69
N GLY E 208 4.12 -2.51 -49.92
CA GLY E 208 3.22 -3.55 -50.36
C GLY E 208 3.72 -4.99 -50.36
N ASP E 209 4.99 -5.22 -50.70
CA ASP E 209 5.50 -6.58 -50.74
C ASP E 209 6.04 -7.04 -49.37
N TRP E 210 5.85 -6.19 -48.36
CA TRP E 210 6.30 -6.51 -47.01
C TRP E 210 5.37 -7.63 -46.51
N GLN E 211 5.96 -8.70 -45.98
CA GLN E 211 5.22 -9.86 -45.51
C GLN E 211 5.42 -10.05 -44.03
N SER E 212 4.42 -10.60 -43.37
CA SER E 212 4.48 -10.84 -41.95
C SER E 212 5.41 -12.01 -41.57
N THR E 213 5.90 -12.00 -40.33
CA THR E 213 6.72 -13.09 -39.83
C THR E 213 5.84 -14.06 -39.05
N HIS E 214 4.55 -13.74 -38.89
CA HIS E 214 3.60 -14.59 -38.15
C HIS E 214 4.11 -15.03 -36.78
N PRO E 215 4.49 -14.05 -35.95
CA PRO E 215 5.01 -14.28 -34.60
C PRO E 215 3.94 -14.66 -33.59
N PRO E 216 4.36 -15.14 -32.42
CA PRO E 216 3.49 -15.53 -31.30
C PRO E 216 2.84 -14.25 -30.72
N ILE E 217 1.52 -14.25 -30.54
CA ILE E 217 0.82 -13.09 -30.01
C ILE E 217 1.10 -12.89 -28.54
N THR E 218 1.94 -11.93 -28.19
CA THR E 218 2.23 -11.73 -26.77
C THR E 218 1.77 -10.36 -26.23
N LYS E 219 0.46 -10.09 -26.29
CA LYS E 219 -0.05 -8.83 -25.76
C LYS E 219 -1.08 -9.01 -24.63
N LYS E 220 -0.59 -8.81 -23.41
CA LYS E 220 -1.34 -8.95 -22.17
C LYS E 220 -2.12 -7.69 -21.79
N VAL E 221 -3.31 -7.85 -21.21
CA VAL E 221 -4.06 -6.67 -20.80
C VAL E 221 -3.41 -6.09 -19.55
N ALA E 222 -3.55 -4.78 -19.41
CA ALA E 222 -3.00 -4.10 -18.25
C ALA E 222 -3.88 -4.39 -17.02
N GLN E 223 -3.24 -4.78 -15.92
CA GLN E 223 -3.95 -5.07 -14.68
C GLN E 223 -3.52 -4.08 -13.60
N TYR E 224 -4.39 -3.13 -13.33
CA TYR E 224 -4.06 -2.15 -12.32
C TYR E 224 -4.10 -2.79 -10.92
N THR E 225 -3.05 -2.56 -10.13
CA THR E 225 -2.94 -3.12 -8.79
C THR E 225 -2.93 -2.03 -7.73
N GLY E 226 -2.35 -0.88 -8.08
CA GLY E 226 -2.21 0.19 -7.13
C GLY E 226 -1.01 -0.22 -6.26
N GLY E 227 -0.49 0.69 -5.44
CA GLY E 227 0.66 0.37 -4.61
C GLY E 227 1.39 1.59 -4.07
N GLU E 228 2.47 1.33 -3.35
CA GLU E 228 3.25 2.38 -2.71
C GLU E 228 4.75 2.30 -3.00
N SER E 229 5.40 3.46 -3.05
CA SER E 229 6.84 3.47 -3.20
C SER E 229 7.44 4.83 -2.88
N CYS E 230 8.67 4.81 -2.38
CA CYS E 230 9.33 6.04 -1.99
C CYS E 230 10.83 6.01 -2.23
N ILE E 231 11.36 7.02 -2.91
CA ILE E 231 12.81 7.08 -3.14
C ILE E 231 13.35 8.19 -2.27
N PRO E 232 14.66 8.19 -2.03
CA PRO E 232 15.34 9.20 -1.22
C PRO E 232 15.22 10.63 -1.78
N PRO E 233 15.37 11.62 -0.89
CA PRO E 233 15.29 13.02 -1.26
C PRO E 233 16.40 13.34 -2.26
N ALA E 234 16.17 14.26 -3.19
CA ALA E 234 17.22 14.62 -4.13
C ALA E 234 18.35 15.37 -3.42
N PRO E 235 19.55 15.39 -4.00
CA PRO E 235 20.65 16.11 -3.34
C PRO E 235 20.35 17.62 -3.27
N VAL E 236 20.75 18.25 -2.16
CA VAL E 236 20.55 19.70 -1.96
C VAL E 236 21.60 20.49 -2.77
N PHE E 237 21.16 21.07 -3.89
CA PHE E 237 22.03 21.83 -4.79
C PHE E 237 22.42 23.18 -4.24
N GLY E 238 22.55 24.17 -5.14
CA GLY E 238 22.94 25.49 -4.70
C GLY E 238 21.91 26.20 -3.83
N ASN E 239 21.42 27.32 -4.36
CA ASN E 239 20.42 28.11 -3.66
C ASN E 239 19.05 27.45 -3.80
N LEU E 240 18.92 26.52 -4.74
CA LEU E 240 17.66 25.79 -4.98
C LEU E 240 17.02 25.25 -3.69
N PRO E 241 15.69 25.39 -3.55
CA PRO E 241 14.93 24.92 -2.40
C PRO E 241 14.73 23.41 -2.38
N GLU E 242 15.13 22.73 -1.31
CA GLU E 242 14.94 21.29 -1.23
C GLU E 242 13.43 21.02 -1.27
N LEU E 243 13.03 20.01 -2.02
CA LEU E 243 11.61 19.67 -2.16
C LEU E 243 11.35 18.19 -2.08
N PHE E 244 10.17 17.84 -1.57
CA PHE E 244 9.73 16.46 -1.50
C PHE E 244 8.61 16.40 -2.54
N HIS E 245 8.34 15.20 -3.03
CA HIS E 245 7.33 15.06 -4.07
C HIS E 245 6.46 13.87 -3.75
N ILE E 246 5.20 13.97 -4.15
CA ILE E 246 4.29 12.87 -3.97
C ILE E 246 3.24 12.89 -5.07
N GLN E 247 2.91 11.71 -5.56
CA GLN E 247 1.88 11.60 -6.57
C GLN E 247 0.92 10.55 -6.04
N ILE E 248 -0.38 10.86 -6.10
CA ILE E 248 -1.41 9.96 -5.64
C ILE E 248 -2.43 9.75 -6.75
N GLY E 249 -2.68 8.49 -7.10
CA GLY E 249 -3.66 8.24 -8.15
C GLY E 249 -4.48 6.98 -7.98
N PHE E 250 -5.43 6.82 -8.89
CA PHE E 250 -6.31 5.65 -8.92
C PHE E 250 -6.45 5.23 -10.36
N GLU E 251 -6.92 4.00 -10.59
CA GLU E 251 -7.05 3.56 -11.97
C GLU E 251 -8.00 4.49 -12.71
N GLY E 252 -7.54 4.98 -13.86
CA GLY E 252 -8.32 5.89 -14.69
C GLY E 252 -9.05 5.16 -15.81
N LEU E 253 -9.29 5.85 -16.91
CA LEU E 253 -10.01 5.23 -18.02
C LEU E 253 -9.24 5.14 -19.31
N PRO E 254 -9.62 4.18 -20.18
CA PRO E 254 -9.02 3.92 -21.50
C PRO E 254 -9.32 5.14 -22.35
N ILE E 255 -8.42 5.53 -23.25
CA ILE E 255 -8.67 6.73 -24.05
C ILE E 255 -9.92 6.71 -24.92
N ASP E 256 -10.48 5.52 -25.18
CA ASP E 256 -11.69 5.43 -25.99
C ASP E 256 -12.92 5.15 -25.12
N HIS E 257 -12.76 5.28 -23.81
CA HIS E 257 -13.87 5.03 -22.91
C HIS E 257 -14.86 6.19 -23.03
N PRO E 258 -16.18 5.89 -22.95
CA PRO E 258 -17.21 6.92 -23.07
C PRO E 258 -17.17 8.08 -22.08
N ASP E 259 -16.59 7.89 -20.90
CA ASP E 259 -16.54 8.99 -19.95
C ASP E 259 -15.21 9.72 -19.99
N ILE E 260 -14.42 9.40 -21.00
CA ILE E 260 -13.11 9.98 -21.16
C ILE E 260 -13.19 11.51 -21.23
N TYR E 261 -14.18 12.03 -21.94
CA TYR E 261 -14.30 13.48 -22.02
C TYR E 261 -14.67 14.06 -20.64
N ALA E 262 -15.58 13.39 -19.95
CA ALA E 262 -15.95 13.89 -18.63
C ALA E 262 -14.67 13.96 -17.78
N LEU E 263 -13.90 12.85 -17.81
CA LEU E 263 -12.66 12.74 -17.04
C LEU E 263 -11.62 13.79 -17.40
N ALA E 264 -11.55 14.15 -18.68
CA ALA E 264 -10.58 15.17 -19.09
C ALA E 264 -11.04 16.52 -18.58
N THR E 265 -12.36 16.70 -18.56
CA THR E 265 -12.94 17.94 -18.07
C THR E 265 -12.59 18.03 -16.59
N LEU E 266 -12.74 16.92 -15.87
CA LEU E 266 -12.42 16.90 -14.44
C LEU E 266 -10.94 17.27 -14.23
N GLN E 267 -10.09 16.76 -15.11
CA GLN E 267 -8.67 17.03 -15.05
C GLN E 267 -8.44 18.56 -15.24
N THR E 268 -9.11 19.14 -16.23
CA THR E 268 -8.99 20.57 -16.49
C THR E 268 -9.56 21.42 -15.37
N LEU E 269 -10.68 20.97 -14.81
CA LEU E 269 -11.32 21.67 -13.72
C LEU E 269 -10.37 21.75 -12.52
N LEU E 270 -9.68 20.65 -12.22
CA LEU E 270 -8.71 20.64 -11.11
C LEU E 270 -7.48 21.49 -11.44
N GLY E 271 -6.98 21.33 -12.67
CA GLY E 271 -5.82 22.09 -13.14
C GLY E 271 -4.60 22.08 -12.25
N GLY E 272 -4.19 23.25 -11.80
CA GLY E 272 -3.02 23.32 -10.95
C GLY E 272 -1.80 23.86 -11.68
N GLY E 273 -0.65 23.78 -11.01
CA GLY E 273 0.59 24.26 -11.60
C GLY E 273 1.69 24.52 -10.56
N GLY E 274 2.72 25.26 -10.98
CA GLY E 274 3.82 25.58 -10.10
C GLY E 274 3.72 27.03 -9.72
N MET E 285 -5.51 29.59 -14.08
CA MET E 285 -5.26 30.13 -12.72
C MET E 285 -6.53 30.11 -11.88
N TYR E 286 -7.66 29.87 -12.53
CA TYR E 286 -8.96 29.81 -11.88
C TYR E 286 -9.44 28.35 -11.70
N SER E 287 -8.50 27.41 -11.64
CA SER E 287 -8.81 26.00 -11.48
C SER E 287 -8.72 25.68 -9.99
N ARG E 288 -9.43 24.66 -9.54
CA ARG E 288 -9.43 24.32 -8.13
C ARG E 288 -8.08 24.12 -7.46
N LEU E 289 -7.18 23.41 -8.09
CA LEU E 289 -5.91 23.21 -7.44
C LEU E 289 -5.18 24.54 -7.23
N TYR E 290 -5.47 25.52 -8.09
CA TYR E 290 -4.85 26.83 -7.95
C TYR E 290 -5.45 27.57 -6.77
N THR E 291 -6.78 27.65 -6.80
CA THR E 291 -7.54 28.33 -5.77
C THR E 291 -7.47 27.66 -4.40
N HIS E 292 -7.79 26.38 -4.32
CA HIS E 292 -7.78 25.67 -3.04
C HIS E 292 -6.43 25.19 -2.53
N VAL E 293 -5.41 25.17 -3.38
CA VAL E 293 -4.12 24.71 -2.88
C VAL E 293 -2.95 25.67 -3.07
N LEU E 294 -2.60 26.00 -4.32
CA LEU E 294 -1.46 26.89 -4.55
C LEU E 294 -1.62 28.24 -3.86
N ASN E 295 -2.83 28.81 -3.90
CA ASN E 295 -3.07 30.10 -3.28
C ASN E 295 -3.16 30.02 -1.75
N GLN E 296 -3.51 28.87 -1.21
CA GLN E 296 -3.64 28.70 0.24
C GLN E 296 -2.35 28.33 0.98
N TYR E 297 -1.55 27.48 0.36
CA TYR E 297 -0.30 27.04 0.98
C TYR E 297 0.85 27.33 0.05
N TYR E 298 1.90 27.96 0.55
CA TYR E 298 3.02 28.22 -0.34
C TYR E 298 4.18 27.33 0.08
N PHE E 299 3.94 26.43 1.02
CA PHE E 299 4.99 25.50 1.33
C PHE E 299 4.85 24.47 0.19
N VAL E 300 3.86 24.71 -0.66
CA VAL E 300 3.56 23.90 -1.86
C VAL E 300 4.10 24.68 -3.06
N GLU E 301 5.08 24.12 -3.77
CA GLU E 301 5.65 24.83 -4.91
C GLU E 301 4.98 24.39 -6.20
N ASN E 302 4.32 23.24 -6.15
CA ASN E 302 3.67 22.73 -7.33
C ASN E 302 2.56 21.79 -6.94
N CYS E 303 1.47 21.82 -7.71
CA CYS E 303 0.36 20.91 -7.45
C CYS E 303 -0.50 20.83 -8.71
N VAL E 304 -0.61 19.64 -9.29
CA VAL E 304 -1.35 19.55 -10.52
C VAL E 304 -2.05 18.21 -10.73
N ALA E 305 -3.10 18.22 -11.53
CA ALA E 305 -3.84 16.99 -11.77
C ALA E 305 -3.30 16.30 -12.99
N PHE E 306 -3.27 14.97 -12.96
CA PHE E 306 -2.76 14.25 -14.12
C PHE E 306 -3.74 13.21 -14.57
N ASN E 307 -3.68 12.90 -15.86
CA ASN E 307 -4.56 11.93 -16.42
C ASN E 307 -3.84 11.14 -17.48
N HIS E 308 -3.32 9.98 -17.08
CA HIS E 308 -2.63 9.11 -18.01
C HIS E 308 -3.68 8.14 -18.50
N SER E 309 -3.93 8.13 -19.80
CA SER E 309 -4.94 7.26 -20.38
C SER E 309 -4.37 6.42 -21.52
N TYR E 310 -4.55 5.10 -21.46
CA TYR E 310 -4.04 4.22 -22.50
C TYR E 310 -5.15 3.43 -23.14
N SER E 311 -4.74 2.50 -24.00
CA SER E 311 -5.68 1.67 -24.72
C SER E 311 -6.63 0.86 -23.82
N ASP E 312 -6.11 0.34 -22.72
CA ASP E 312 -6.96 -0.49 -21.89
C ASP E 312 -7.00 -0.10 -20.43
N SER E 313 -6.44 1.05 -20.09
CA SER E 313 -6.44 1.47 -18.69
C SER E 313 -5.82 2.84 -18.60
N GLY E 314 -5.74 3.38 -17.38
CA GLY E 314 -5.14 4.68 -17.18
C GLY E 314 -4.89 4.94 -15.70
N ILE E 315 -4.16 5.99 -15.37
CA ILE E 315 -3.95 6.34 -13.98
C ILE E 315 -4.38 7.80 -13.87
N PHE E 316 -5.25 8.10 -12.91
CA PHE E 316 -5.73 9.47 -12.73
C PHE E 316 -5.47 9.94 -11.29
N GLY E 317 -4.96 11.15 -11.14
CA GLY E 317 -4.69 11.63 -9.79
C GLY E 317 -4.07 13.00 -9.69
N ILE E 318 -3.51 13.32 -8.54
CA ILE E 318 -2.88 14.61 -8.30
C ILE E 318 -1.43 14.49 -7.86
N SER E 319 -0.59 15.39 -8.37
CA SER E 319 0.83 15.42 -8.06
C SER E 319 1.03 16.65 -7.20
N LEU E 320 1.97 16.57 -6.26
CA LEU E 320 2.22 17.68 -5.34
C LEU E 320 3.71 17.74 -4.95
N SER E 321 4.27 18.93 -4.97
CA SER E 321 5.67 19.07 -4.55
C SER E 321 5.65 20.12 -3.47
N CYS E 322 6.35 19.82 -2.39
CA CYS E 322 6.39 20.76 -1.28
C CYS E 322 7.72 20.78 -0.51
N ILE E 323 7.77 21.65 0.50
CA ILE E 323 8.95 21.79 1.35
C ILE E 323 8.98 20.60 2.29
N PRO E 324 10.17 20.05 2.54
CA PRO E 324 10.31 18.89 3.42
C PRO E 324 9.45 19.01 4.68
N GLN E 325 9.45 20.20 5.26
CA GLN E 325 8.71 20.44 6.48
C GLN E 325 7.20 20.18 6.35
N ALA E 326 6.63 20.44 5.16
CA ALA E 326 5.19 20.26 4.96
C ALA E 326 4.77 18.83 4.57
N ALA E 327 5.73 18.00 4.18
CA ALA E 327 5.43 16.62 3.78
C ALA E 327 4.33 15.98 4.61
N PRO E 328 4.39 16.15 5.94
CA PRO E 328 3.35 15.54 6.78
C PRO E 328 1.91 15.88 6.42
N GLN E 329 1.69 17.01 5.76
CA GLN E 329 0.33 17.41 5.39
C GLN E 329 -0.06 17.11 3.94
N ALA E 330 0.94 16.80 3.11
CA ALA E 330 0.71 16.55 1.71
C ALA E 330 -0.42 15.59 1.43
N VAL E 331 -0.35 14.37 1.98
CA VAL E 331 -1.42 13.41 1.71
C VAL E 331 -2.82 13.98 1.99
N GLU E 332 -3.01 14.56 3.17
CA GLU E 332 -4.32 15.10 3.51
C GLU E 332 -4.80 16.17 2.53
N VAL E 333 -3.92 17.11 2.19
CA VAL E 333 -4.26 18.17 1.25
C VAL E 333 -4.88 17.55 0.01
N ILE E 334 -4.15 16.60 -0.60
CA ILE E 334 -4.60 15.92 -1.81
C ILE E 334 -5.94 15.25 -1.59
N ALA E 335 -6.03 14.46 -0.51
CA ALA E 335 -7.25 13.73 -0.18
C ALA E 335 -8.45 14.67 -0.13
N GLN E 336 -8.26 15.84 0.48
CA GLN E 336 -9.36 16.79 0.56
C GLN E 336 -9.84 17.18 -0.82
N GLN E 337 -8.92 17.55 -1.69
CA GLN E 337 -9.28 17.97 -3.03
C GLN E 337 -10.08 16.89 -3.77
N MET E 338 -9.62 15.65 -3.66
CA MET E 338 -10.32 14.58 -4.37
C MET E 338 -11.71 14.47 -3.80
N TYR E 339 -11.79 14.50 -2.47
CA TYR E 339 -13.04 14.41 -1.74
C TYR E 339 -13.98 15.54 -2.18
N ASN E 340 -13.45 16.75 -2.22
CA ASN E 340 -14.26 17.91 -2.59
C ASN E 340 -14.80 17.92 -4.01
N THR E 341 -14.47 16.92 -4.83
CA THR E 341 -15.00 16.94 -6.18
C THR E 341 -16.34 16.24 -6.25
N PHE E 342 -16.68 15.47 -5.22
CA PHE E 342 -17.95 14.76 -5.24
C PHE E 342 -18.61 14.52 -3.88
N ALA E 343 -17.83 14.30 -2.84
CA ALA E 343 -18.38 13.98 -1.52
C ALA E 343 -18.62 15.14 -0.54
N ASN E 344 -18.42 16.36 -1.01
CA ASN E 344 -18.62 17.53 -0.16
C ASN E 344 -19.81 18.32 -0.69
N LYS E 345 -20.97 18.11 -0.07
CA LYS E 345 -22.21 18.77 -0.46
C LYS E 345 -22.10 20.29 -0.59
N ASP E 346 -21.15 20.89 0.15
CA ASP E 346 -20.97 22.34 0.12
C ASP E 346 -19.96 22.86 -0.90
N LEU E 347 -19.26 21.93 -1.57
CA LEU E 347 -18.29 22.30 -2.60
C LEU E 347 -18.58 21.52 -3.87
N ARG E 348 -19.86 21.22 -4.10
CA ARG E 348 -20.27 20.47 -5.28
C ARG E 348 -19.69 21.19 -6.50
N LEU E 349 -19.54 20.48 -7.61
CA LEU E 349 -18.98 21.13 -8.81
C LEU E 349 -19.98 22.10 -9.41
N THR E 350 -19.60 23.37 -9.47
CA THR E 350 -20.49 24.41 -9.99
C THR E 350 -20.60 24.55 -11.49
N GLU E 351 -21.71 25.12 -11.95
CA GLU E 351 -21.98 25.34 -13.37
C GLU E 351 -20.86 26.15 -13.99
N ASP E 352 -20.39 27.17 -13.27
CA ASP E 352 -19.32 28.02 -13.76
C ASP E 352 -18.05 27.23 -13.97
N GLU E 353 -17.62 26.52 -12.92
CA GLU E 353 -16.43 25.69 -12.94
C GLU E 353 -16.45 24.75 -14.13
N VAL E 354 -17.53 23.98 -14.24
CA VAL E 354 -17.69 23.03 -15.32
C VAL E 354 -17.72 23.68 -16.70
N SER E 355 -18.43 24.79 -16.85
CA SER E 355 -18.51 25.42 -18.17
C SER E 355 -17.15 25.95 -18.62
N ARG E 356 -16.39 26.49 -17.69
CA ARG E 356 -15.07 27.02 -18.00
C ARG E 356 -14.13 25.84 -18.37
N ALA E 357 -14.17 24.79 -17.56
CA ALA E 357 -13.34 23.63 -17.80
C ALA E 357 -13.66 23.09 -19.19
N LYS E 358 -14.94 22.90 -19.49
CA LYS E 358 -15.33 22.40 -20.79
C LYS E 358 -14.72 23.24 -21.92
N ASN E 359 -14.87 24.55 -21.85
CA ASN E 359 -14.32 25.38 -22.91
C ASN E 359 -12.80 25.30 -22.97
N GLN E 360 -12.13 25.17 -21.83
CA GLN E 360 -10.67 25.08 -21.86
C GLN E 360 -10.22 23.75 -22.45
N LEU E 361 -11.01 22.71 -22.25
CA LEU E 361 -10.65 21.42 -22.80
C LEU E 361 -10.80 21.50 -24.31
N LYS E 362 -11.98 21.89 -24.80
CA LYS E 362 -12.22 22.02 -26.25
C LYS E 362 -11.11 22.86 -26.88
N SER E 363 -10.82 23.94 -26.19
CA SER E 363 -9.83 24.88 -26.61
C SER E 363 -8.49 24.24 -26.84
N SER E 364 -7.92 23.62 -25.82
CA SER E 364 -6.60 23.04 -25.99
C SER E 364 -6.60 21.89 -27.00
N LEU E 365 -7.68 21.14 -27.14
CA LEU E 365 -7.66 20.07 -28.11
C LEU E 365 -7.57 20.69 -29.49
N LEU E 366 -8.56 21.51 -29.81
CA LEU E 366 -8.62 22.18 -31.11
C LEU E 366 -7.39 22.98 -31.49
N MET E 367 -6.85 23.72 -30.53
CA MET E 367 -5.71 24.53 -30.86
C MET E 367 -4.52 23.63 -31.21
N ASN E 368 -4.33 22.58 -30.41
CA ASN E 368 -3.24 21.66 -30.67
C ASN E 368 -3.39 21.06 -32.07
N LEU E 369 -4.62 20.73 -32.43
CA LEU E 369 -4.92 20.16 -33.72
C LEU E 369 -4.69 21.09 -34.89
N GLU E 370 -4.25 22.32 -34.63
CA GLU E 370 -3.95 23.28 -35.70
C GLU E 370 -2.65 22.87 -36.40
N SER E 371 -1.81 22.15 -35.65
CA SER E 371 -0.52 21.69 -36.16
C SER E 371 -0.64 20.44 -37.00
N LYS E 372 -0.07 20.45 -38.20
CA LYS E 372 -0.14 19.27 -39.08
C LYS E 372 0.42 18.02 -38.44
N LEU E 373 1.56 18.15 -37.76
CA LEU E 373 2.16 17.00 -37.13
C LEU E 373 1.23 16.47 -36.03
N VAL E 374 0.51 17.36 -35.33
CA VAL E 374 -0.38 16.88 -34.30
C VAL E 374 -1.56 16.17 -34.91
N GLU E 375 -2.07 16.70 -36.00
CA GLU E 375 -3.18 16.05 -36.66
C GLU E 375 -2.70 14.66 -37.10
N LEU E 376 -1.51 14.64 -37.72
CA LEU E 376 -0.92 13.41 -38.20
C LEU E 376 -0.78 12.34 -37.12
N GLU E 377 -0.11 12.69 -36.03
CA GLU E 377 0.11 11.76 -34.97
C GLU E 377 -1.20 11.27 -34.38
N ASP E 378 -2.13 12.20 -34.15
CA ASP E 378 -3.39 11.79 -33.57
C ASP E 378 -4.11 10.82 -34.49
N MET E 379 -4.03 11.06 -35.79
CA MET E 379 -4.69 10.17 -36.73
C MET E 379 -4.03 8.78 -36.71
N GLY E 380 -2.70 8.77 -36.82
CA GLY E 380 -1.99 7.51 -36.82
C GLY E 380 -2.34 6.65 -35.62
N ARG E 381 -2.30 7.25 -34.43
CA ARG E 381 -2.57 6.49 -33.23
C ARG E 381 -4.00 6.01 -33.14
N GLN E 382 -4.94 6.84 -33.57
CA GLN E 382 -6.33 6.44 -33.53
C GLN E 382 -6.58 5.26 -34.44
N VAL E 383 -6.03 5.31 -35.65
CA VAL E 383 -6.25 4.23 -36.59
C VAL E 383 -5.55 2.99 -36.06
N LEU E 384 -4.32 3.20 -35.56
CA LEU E 384 -3.56 2.08 -35.02
C LEU E 384 -4.36 1.39 -33.95
N MET E 385 -5.00 2.17 -33.08
CA MET E 385 -5.73 1.58 -31.97
C MET E 385 -7.12 0.98 -32.24
N HIS E 386 -8.01 1.72 -32.89
CA HIS E 386 -9.32 1.15 -33.14
C HIS E 386 -9.74 1.33 -34.58
N GLY E 387 -8.75 1.44 -35.46
CA GLY E 387 -9.02 1.57 -36.88
C GLY E 387 -10.07 2.53 -37.40
N ARG E 388 -10.12 3.76 -36.89
CA ARG E 388 -11.09 4.78 -37.31
C ARG E 388 -10.59 6.11 -36.74
N LYS E 389 -11.00 7.22 -37.34
CA LYS E 389 -10.59 8.50 -36.82
C LYS E 389 -11.86 9.21 -36.39
N ILE E 390 -12.02 9.43 -35.10
CA ILE E 390 -13.21 10.12 -34.65
C ILE E 390 -13.19 11.54 -35.19
N PRO E 391 -14.29 11.93 -35.86
CA PRO E 391 -14.37 13.28 -36.42
C PRO E 391 -14.44 14.32 -35.33
N VAL E 392 -13.70 15.39 -35.53
CA VAL E 392 -13.65 16.48 -34.58
C VAL E 392 -15.03 16.91 -34.08
N ASN E 393 -15.99 17.03 -34.99
CA ASN E 393 -17.35 17.43 -34.61
C ASN E 393 -17.88 16.60 -33.46
N GLU E 394 -17.80 15.27 -33.61
CA GLU E 394 -18.27 14.33 -32.63
C GLU E 394 -17.62 14.59 -31.27
N MET E 395 -16.32 14.82 -31.32
CA MET E 395 -15.55 15.09 -30.13
C MET E 395 -16.06 16.34 -29.39
N ILE E 396 -16.23 17.41 -30.13
CA ILE E 396 -16.71 18.65 -29.55
C ILE E 396 -18.09 18.46 -28.94
N SER E 397 -18.97 17.81 -29.69
CA SER E 397 -20.32 17.55 -29.21
C SER E 397 -20.30 16.85 -27.88
N LYS E 398 -19.60 15.73 -27.82
CA LYS E 398 -19.54 14.99 -26.57
C LYS E 398 -19.07 15.83 -25.40
N ILE E 399 -18.24 16.83 -25.66
CA ILE E 399 -17.78 17.67 -24.56
C ILE E 399 -18.84 18.70 -24.19
N GLU E 400 -19.40 19.36 -25.20
CA GLU E 400 -20.40 20.40 -24.96
C GLU E 400 -21.65 19.86 -24.29
N ASP E 401 -21.95 18.58 -24.47
CA ASP E 401 -23.12 17.99 -23.84
C ASP E 401 -22.89 17.57 -22.40
N LEU E 402 -21.67 17.75 -21.91
CA LEU E 402 -21.36 17.39 -20.53
C LEU E 402 -22.01 18.35 -19.56
N LYS E 403 -22.52 17.81 -18.46
CA LYS E 403 -23.17 18.61 -17.41
C LYS E 403 -22.48 18.31 -16.09
N PRO E 404 -22.53 19.26 -15.15
CA PRO E 404 -21.87 19.05 -13.85
C PRO E 404 -22.05 17.67 -13.21
N ASP E 405 -23.26 17.10 -13.27
CA ASP E 405 -23.46 15.78 -12.69
C ASP E 405 -22.57 14.73 -13.35
N ASP E 406 -22.36 14.87 -14.65
CA ASP E 406 -21.52 13.94 -15.38
C ASP E 406 -20.11 13.94 -14.79
N ILE E 407 -19.57 15.12 -14.57
CA ILE E 407 -18.24 15.23 -14.02
C ILE E 407 -18.23 14.67 -12.61
N SER E 408 -19.29 14.92 -11.86
CA SER E 408 -19.34 14.42 -10.48
C SER E 408 -19.42 12.91 -10.45
N ARG E 409 -20.23 12.33 -11.34
CA ARG E 409 -20.36 10.88 -11.35
C ARG E 409 -18.99 10.26 -11.63
N VAL E 410 -18.30 10.81 -12.64
CA VAL E 410 -16.99 10.29 -13.00
C VAL E 410 -15.98 10.48 -11.89
N ALA E 411 -16.01 11.62 -11.23
CA ALA E 411 -15.05 11.86 -10.16
C ALA E 411 -15.21 10.82 -9.07
N GLU E 412 -16.45 10.55 -8.71
CA GLU E 412 -16.74 9.59 -7.67
C GLU E 412 -16.25 8.22 -8.06
N MET E 413 -16.56 7.83 -9.29
CA MET E 413 -16.16 6.52 -9.78
C MET E 413 -14.66 6.30 -9.66
N ILE E 414 -13.88 7.28 -10.11
CA ILE E 414 -12.44 7.17 -10.06
C ILE E 414 -11.90 7.13 -8.66
N PHE E 415 -12.30 8.09 -7.83
CA PHE E 415 -11.78 8.15 -6.47
C PHE E 415 -12.31 7.11 -5.51
N THR E 416 -13.40 6.48 -5.89
CA THR E 416 -13.99 5.45 -5.06
C THR E 416 -13.31 4.12 -5.38
N GLY E 417 -12.48 4.14 -6.41
CA GLY E 417 -11.80 2.93 -6.83
C GLY E 417 -12.79 2.03 -7.53
N ASN E 418 -13.80 2.63 -8.16
CA ASN E 418 -14.85 1.88 -8.85
C ASN E 418 -14.75 1.75 -10.37
N VAL E 419 -13.55 1.81 -10.91
CA VAL E 419 -13.41 1.67 -12.34
C VAL E 419 -13.38 0.18 -12.67
N ASN E 420 -14.03 -0.19 -13.79
CA ASN E 420 -14.06 -1.57 -14.23
C ASN E 420 -13.56 -1.79 -15.64
N ASN E 421 -12.24 -1.79 -15.77
CA ASN E 421 -11.59 -2.02 -17.05
C ASN E 421 -11.34 -3.50 -17.27
N ALA E 422 -11.06 -3.86 -18.52
CA ALA E 422 -10.81 -5.25 -18.88
C ALA E 422 -9.84 -5.98 -17.95
N GLY E 423 -8.80 -5.29 -17.51
CA GLY E 423 -7.83 -5.93 -16.65
C GLY E 423 -8.35 -6.23 -15.25
N ASN E 424 -9.57 -5.79 -14.97
CA ASN E 424 -10.19 -5.99 -13.66
C ASN E 424 -9.25 -5.53 -12.51
N GLY E 425 -8.92 -4.24 -12.50
CA GLY E 425 -8.01 -3.72 -11.50
C GLY E 425 -8.56 -3.61 -10.10
N LYS E 426 -7.65 -3.54 -9.14
CA LYS E 426 -8.00 -3.38 -7.74
C LYS E 426 -8.45 -1.95 -7.55
N GLY E 427 -9.04 -1.63 -6.41
CA GLY E 427 -9.47 -0.25 -6.21
C GLY E 427 -8.51 0.41 -5.27
N ARG E 428 -7.30 -0.13 -5.18
CA ARG E 428 -6.30 0.42 -4.30
C ARG E 428 -5.60 1.62 -4.92
N ALA E 429 -5.27 2.62 -4.10
CA ALA E 429 -4.58 3.81 -4.60
C ALA E 429 -3.14 3.52 -4.96
N THR E 430 -2.59 4.38 -5.79
CA THR E 430 -1.18 4.23 -6.12
C THR E 430 -0.59 5.49 -5.50
N VAL E 431 0.40 5.29 -4.64
CA VAL E 431 1.04 6.43 -3.98
C VAL E 431 2.53 6.31 -4.11
N VAL E 432 3.13 7.29 -4.73
CA VAL E 432 4.54 7.22 -4.94
C VAL E 432 5.14 8.54 -4.47
N MET E 433 6.32 8.47 -3.88
CA MET E 433 6.93 9.68 -3.36
C MET E 433 8.45 9.69 -3.24
N GLN E 434 9.00 10.90 -3.25
CA GLN E 434 10.44 11.13 -3.11
C GLN E 434 10.64 12.01 -1.89
N GLY E 435 11.42 11.49 -0.93
CA GLY E 435 11.69 12.20 0.32
C GLY E 435 11.83 11.15 1.42
N ASP E 436 11.77 11.56 2.69
CA ASP E 436 11.88 10.58 3.75
C ASP E 436 10.51 9.94 3.90
N ARG E 437 10.44 8.61 3.87
CA ARG E 437 9.13 7.96 3.93
C ARG E 437 8.30 8.38 5.13
N GLY E 438 8.93 8.42 6.30
CA GLY E 438 8.21 8.81 7.50
C GLY E 438 7.51 10.15 7.34
N SER E 439 8.21 11.13 6.81
CA SER E 439 7.67 12.48 6.62
C SER E 439 6.27 12.53 6.04
N PHE E 440 5.85 11.47 5.37
CA PHE E 440 4.53 11.48 4.75
C PHE E 440 3.40 10.92 5.61
N GLY E 441 3.77 10.25 6.70
CA GLY E 441 2.79 9.71 7.62
C GLY E 441 2.05 8.46 7.18
N ASP E 442 0.98 8.11 7.88
CA ASP E 442 0.21 6.92 7.53
C ASP E 442 -0.67 7.23 6.34
N VAL E 443 -0.07 7.14 5.15
CA VAL E 443 -0.77 7.42 3.93
C VAL E 443 -2.11 6.70 3.76
N GLU E 444 -2.12 5.38 3.93
CA GLU E 444 -3.36 4.65 3.74
C GLU E 444 -4.49 5.07 4.67
N ASN E 445 -4.14 5.38 5.91
CA ASN E 445 -5.14 5.76 6.87
C ASN E 445 -5.84 7.05 6.43
N VAL E 446 -5.06 8.04 6.02
CA VAL E 446 -5.64 9.29 5.61
C VAL E 446 -6.59 9.10 4.44
N LEU E 447 -6.22 8.22 3.51
CA LEU E 447 -7.08 8.00 2.37
C LEU E 447 -8.38 7.36 2.78
N LYS E 448 -8.30 6.35 3.64
CA LYS E 448 -9.52 5.68 4.06
C LYS E 448 -10.39 6.67 4.81
N ALA E 449 -9.78 7.48 5.66
CA ALA E 449 -10.54 8.46 6.42
C ALA E 449 -11.39 9.29 5.48
N TYR E 450 -10.94 9.51 4.26
CA TYR E 450 -11.74 10.32 3.35
C TYR E 450 -12.63 9.53 2.39
N GLY E 451 -12.72 8.22 2.61
CA GLY E 451 -13.56 7.39 1.77
C GLY E 451 -13.01 7.18 0.38
N LEU E 452 -11.73 7.49 0.20
CA LEU E 452 -11.12 7.30 -1.09
C LEU E 452 -10.66 5.85 -1.22
N GLY E 453 -10.71 5.33 -2.43
CA GLY E 453 -10.29 3.96 -2.66
C GLY E 453 -11.38 2.95 -2.43
N ASN E 454 -11.00 1.68 -2.47
CA ASN E 454 -11.94 0.59 -2.31
C ASN E 454 -11.32 -0.63 -1.62
N SER E 455 -12.16 -1.37 -0.89
CA SER E 455 -11.81 -2.60 -0.15
C SER E 455 -10.87 -2.40 1.04
N ALA F 1 -11.34 19.02 -52.17
CA ALA F 1 -9.97 19.56 -52.40
C ALA F 1 -9.91 20.40 -53.69
N SER F 2 -9.15 21.50 -53.66
CA SER F 2 -9.01 22.39 -54.83
C SER F 2 -7.70 23.21 -54.90
N GLN F 3 -7.68 24.35 -54.21
CA GLN F 3 -6.51 25.23 -54.23
C GLN F 3 -5.93 25.59 -52.86
N ILE F 4 -4.60 25.59 -52.81
CA ILE F 4 -3.89 25.93 -51.60
C ILE F 4 -4.24 27.40 -51.31
N PRO F 5 -4.81 27.65 -50.13
CA PRO F 5 -5.24 28.94 -49.62
C PRO F 5 -4.23 30.07 -49.68
N GLY F 6 -4.71 31.25 -50.11
CA GLY F 6 -3.87 32.43 -50.17
C GLY F 6 -4.22 33.43 -49.05
N THR F 7 -3.67 34.64 -49.14
CA THR F 7 -3.95 35.62 -48.13
C THR F 7 -4.90 36.72 -48.65
N ARG F 8 -6.07 36.87 -48.02
CA ARG F 8 -7.06 37.88 -48.41
C ARG F 8 -6.71 39.22 -47.75
N THR F 9 -6.85 40.32 -48.50
CA THR F 9 -6.56 41.63 -47.91
C THR F 9 -7.66 42.64 -48.14
N SER F 10 -7.84 43.53 -47.17
CA SER F 10 -8.82 44.60 -47.23
C SER F 10 -8.31 45.76 -46.40
N LYS F 11 -8.70 46.99 -46.78
CA LYS F 11 -8.26 48.19 -46.06
C LYS F 11 -9.48 48.95 -45.55
N LEU F 12 -9.44 49.34 -44.28
CA LEU F 12 -10.53 50.09 -43.67
C LEU F 12 -10.38 51.57 -44.04
N PRO F 13 -11.49 52.31 -44.07
CA PRO F 13 -11.39 53.72 -44.42
C PRO F 13 -10.35 54.50 -43.60
N ASN F 14 -10.13 54.13 -42.34
CA ASN F 14 -9.13 54.85 -41.54
C ASN F 14 -7.68 54.41 -41.80
N GLY F 15 -7.48 53.55 -42.80
CA GLY F 15 -6.12 53.10 -43.12
C GLY F 15 -5.72 51.72 -42.65
N LEU F 16 -6.45 51.19 -41.67
CA LEU F 16 -6.17 49.86 -41.11
C LEU F 16 -6.30 48.75 -42.12
N THR F 17 -5.31 47.86 -42.15
CA THR F 17 -5.32 46.75 -43.08
C THR F 17 -5.78 45.47 -42.40
N ILE F 18 -6.54 44.66 -43.11
CA ILE F 18 -7.04 43.39 -42.56
C ILE F 18 -6.53 42.27 -43.49
N ALA F 19 -5.59 41.46 -42.99
CA ALA F 19 -5.02 40.36 -43.78
C ALA F 19 -5.36 39.02 -43.14
N THR F 20 -5.79 38.10 -44.00
CA THR F 20 -6.27 36.81 -43.55
C THR F 20 -5.95 35.55 -44.35
N GLU F 21 -5.69 34.44 -43.64
CA GLU F 21 -5.48 33.16 -44.32
C GLU F 21 -6.33 32.13 -43.65
N TYR F 22 -7.28 31.58 -44.41
CA TYR F 22 -8.18 30.56 -43.90
C TYR F 22 -7.44 29.24 -43.86
N ILE F 23 -7.73 28.44 -42.83
CA ILE F 23 -7.10 27.12 -42.68
C ILE F 23 -8.22 26.10 -42.62
N PRO F 24 -8.32 25.24 -43.64
CA PRO F 24 -9.38 24.22 -43.67
C PRO F 24 -9.32 23.24 -42.51
N ASN F 25 -10.49 22.72 -42.12
CA ASN F 25 -10.57 21.77 -41.04
C ASN F 25 -10.03 22.29 -39.73
N THR F 26 -10.48 23.47 -39.31
CA THR F 26 -10.07 24.03 -38.04
C THR F 26 -11.29 24.65 -37.38
N SER F 27 -11.22 24.81 -36.08
CA SER F 27 -12.33 25.36 -35.33
C SER F 27 -11.80 26.38 -34.37
N SER F 28 -10.56 26.78 -34.57
CA SER F 28 -9.95 27.76 -33.68
C SER F 28 -9.11 28.64 -34.57
N ALA F 29 -8.66 29.76 -34.01
CA ALA F 29 -7.87 30.67 -34.80
C ALA F 29 -7.07 31.62 -33.96
N THR F 30 -6.31 32.46 -34.65
CA THR F 30 -5.49 33.46 -33.99
C THR F 30 -5.77 34.82 -34.65
N VAL F 31 -5.92 35.85 -33.82
CA VAL F 31 -6.14 37.19 -34.35
C VAL F 31 -5.18 38.11 -33.64
N GLY F 32 -4.53 38.98 -34.41
CA GLY F 32 -3.59 39.88 -33.81
C GLY F 32 -3.55 41.26 -34.44
N ILE F 33 -3.34 42.25 -33.60
CA ILE F 33 -3.24 43.61 -34.06
C ILE F 33 -1.75 43.98 -34.03
N PHE F 34 -1.26 44.39 -35.20
CA PHE F 34 0.13 44.76 -35.34
C PHE F 34 0.24 46.26 -35.58
N VAL F 35 1.02 46.93 -34.75
CA VAL F 35 1.20 48.37 -34.90
C VAL F 35 2.66 48.75 -35.14
N ASP F 36 2.90 49.44 -36.24
CA ASP F 36 4.24 49.89 -36.59
C ASP F 36 4.64 50.97 -35.60
N ALA F 37 5.09 50.56 -34.42
CA ALA F 37 5.49 51.46 -33.36
C ALA F 37 6.82 51.03 -32.77
N GLY F 38 6.77 50.27 -31.68
CA GLY F 38 8.00 49.81 -31.05
C GLY F 38 8.93 50.92 -30.60
N SER F 39 10.05 50.55 -29.98
CA SER F 39 11.02 51.53 -29.49
C SER F 39 11.65 52.47 -30.54
N ARG F 40 11.62 52.11 -31.81
CA ARG F 40 12.24 52.99 -32.79
C ARG F 40 11.37 54.21 -33.05
N ALA F 41 10.23 54.26 -32.36
CA ALA F 41 9.32 55.38 -32.50
C ALA F 41 9.45 56.33 -31.32
N GLU F 42 10.27 55.97 -30.34
CA GLU F 42 10.49 56.78 -29.15
C GLU F 42 11.71 57.67 -29.35
N ASN F 43 12.02 58.51 -28.36
CA ASN F 43 13.19 59.39 -28.41
C ASN F 43 13.98 59.11 -27.14
N VAL F 44 15.04 59.85 -26.89
CA VAL F 44 15.88 59.60 -25.71
C VAL F 44 15.24 59.67 -24.32
N LYS F 45 14.36 60.65 -24.09
CA LYS F 45 13.72 60.78 -22.77
C LYS F 45 12.43 59.99 -22.77
N ASN F 46 12.00 59.59 -23.96
CA ASN F 46 10.79 58.83 -24.21
C ASN F 46 11.04 57.32 -24.09
N ASN F 47 12.25 56.92 -24.48
CA ASN F 47 12.73 55.55 -24.48
C ASN F 47 12.20 54.61 -23.40
N GLY F 48 11.45 53.60 -23.84
CA GLY F 48 10.90 52.62 -22.94
C GLY F 48 9.40 52.66 -22.81
N THR F 49 8.80 53.71 -23.34
CA THR F 49 7.36 53.88 -23.26
C THR F 49 6.52 52.74 -23.86
N ALA F 50 6.71 52.45 -25.13
CA ALA F 50 5.97 51.38 -25.82
C ALA F 50 5.91 50.08 -25.00
N HIS F 51 7.03 49.71 -24.40
CA HIS F 51 7.07 48.50 -23.59
C HIS F 51 6.23 48.76 -22.33
N PHE F 52 6.42 49.92 -21.71
CA PHE F 52 5.69 50.27 -20.51
C PHE F 52 4.19 50.17 -20.79
N LEU F 53 3.79 50.67 -21.96
CA LEU F 53 2.39 50.61 -22.38
C LEU F 53 1.89 49.18 -22.41
N GLN F 54 2.65 48.30 -23.07
CA GLN F 54 2.27 46.90 -23.18
C GLN F 54 1.90 46.33 -21.82
N HIS F 55 2.69 46.63 -20.79
CA HIS F 55 2.39 46.14 -19.45
C HIS F 55 1.05 46.64 -18.92
N LEU F 56 0.86 47.94 -19.02
CA LEU F 56 -0.37 48.56 -18.55
C LEU F 56 -1.65 48.15 -19.31
N ALA F 57 -1.53 47.83 -20.59
CA ALA F 57 -2.70 47.45 -21.37
C ALA F 57 -3.51 46.33 -20.71
N PHE F 58 -2.87 45.53 -19.87
CA PHE F 58 -3.54 44.44 -19.19
C PHE F 58 -4.08 44.80 -17.81
N LYS F 59 -3.91 46.05 -17.41
CA LYS F 59 -4.35 46.48 -16.08
C LYS F 59 -5.78 47.00 -15.98
N GLY F 60 -6.46 47.11 -17.12
CA GLY F 60 -7.84 47.56 -17.08
C GLY F 60 -8.15 48.58 -18.15
N THR F 61 -9.36 48.53 -18.68
CA THR F 61 -9.77 49.49 -19.70
C THR F 61 -11.05 50.21 -19.22
N GLN F 62 -11.47 51.20 -20.01
CA GLN F 62 -12.66 51.98 -19.69
C GLN F 62 -13.91 51.11 -19.68
N ASN F 63 -13.82 49.90 -20.19
CA ASN F 63 -14.97 49.01 -20.25
C ASN F 63 -14.80 47.74 -19.44
N ARG F 64 -13.54 47.39 -19.18
CA ARG F 64 -13.24 46.19 -18.44
C ARG F 64 -12.13 46.37 -17.43
N PRO F 65 -12.39 46.06 -16.16
CA PRO F 65 -11.36 46.21 -15.12
C PRO F 65 -10.38 45.05 -15.37
N GLN F 66 -9.20 45.09 -14.79
CA GLN F 66 -8.22 44.04 -15.00
C GLN F 66 -8.73 42.61 -14.85
N GLN F 67 -9.12 42.23 -13.63
CA GLN F 67 -9.57 40.86 -13.40
C GLN F 67 -10.72 40.48 -14.34
N GLY F 68 -11.38 41.49 -14.91
CA GLY F 68 -12.49 41.21 -15.82
C GLY F 68 -12.00 40.61 -17.12
N ILE F 69 -10.92 41.18 -17.64
CA ILE F 69 -10.33 40.69 -18.87
C ILE F 69 -9.90 39.23 -18.65
N GLU F 70 -9.13 39.01 -17.58
CA GLU F 70 -8.62 37.68 -17.27
C GLU F 70 -9.73 36.64 -17.27
N LEU F 71 -10.67 36.83 -16.35
CA LEU F 71 -11.77 35.92 -16.20
C LEU F 71 -12.57 35.69 -17.50
N GLU F 72 -12.77 36.74 -18.27
CA GLU F 72 -13.54 36.60 -19.50
C GLU F 72 -12.80 35.71 -20.49
N ILE F 73 -11.50 35.92 -20.61
CA ILE F 73 -10.68 35.15 -21.53
C ILE F 73 -10.62 33.69 -21.10
N GLU F 74 -10.35 33.48 -19.81
CA GLU F 74 -10.28 32.13 -19.29
C GLU F 74 -11.57 31.35 -19.35
N ASN F 75 -12.71 32.04 -19.37
CA ASN F 75 -13.97 31.30 -19.41
C ASN F 75 -14.31 30.76 -20.78
N ILE F 76 -13.79 31.39 -21.82
CA ILE F 76 -14.07 30.89 -23.18
C ILE F 76 -12.85 30.14 -23.71
N GLY F 77 -11.88 29.91 -22.83
CA GLY F 77 -10.68 29.18 -23.19
C GLY F 77 -9.86 29.87 -24.25
N SER F 78 -9.72 31.18 -24.14
CA SER F 78 -8.91 31.89 -25.09
C SER F 78 -7.60 32.21 -24.40
N HIS F 79 -6.67 32.78 -25.14
CA HIS F 79 -5.35 33.12 -24.61
C HIS F 79 -5.06 34.50 -25.15
N LEU F 80 -4.41 35.30 -24.30
CA LEU F 80 -4.10 36.66 -24.67
C LEU F 80 -2.65 36.98 -24.41
N ASN F 81 -1.96 37.52 -25.41
CA ASN F 81 -0.56 37.84 -25.21
C ASN F 81 -0.14 39.08 -26.01
N ALA F 82 1.04 39.60 -25.68
CA ALA F 82 1.57 40.78 -26.35
C ALA F 82 3.08 40.82 -26.31
N TYR F 83 3.67 41.55 -27.24
CA TYR F 83 5.12 41.71 -27.25
C TYR F 83 5.49 42.99 -27.95
N THR F 84 6.67 43.49 -27.62
CA THR F 84 7.19 44.71 -28.22
C THR F 84 8.61 44.43 -28.74
N SER F 85 8.88 44.91 -29.95
CA SER F 85 10.17 44.76 -30.58
C SER F 85 10.64 46.17 -30.91
N ARG F 86 11.81 46.32 -31.54
CA ARG F 86 12.28 47.65 -31.88
C ARG F 86 11.41 48.25 -32.97
N GLU F 87 10.78 47.40 -33.77
CA GLU F 87 9.93 47.88 -34.88
C GLU F 87 8.42 47.99 -34.61
N ASN F 88 7.85 47.10 -33.80
CA ASN F 88 6.42 47.17 -33.53
C ASN F 88 5.94 46.69 -32.17
N THR F 89 4.63 46.87 -31.97
CA THR F 89 3.95 46.45 -30.75
C THR F 89 2.88 45.50 -31.28
N VAL F 90 2.74 44.36 -30.63
CA VAL F 90 1.79 43.38 -31.07
C VAL F 90 0.96 42.83 -29.92
N TYR F 91 -0.35 42.77 -30.15
CA TYR F 91 -1.25 42.22 -29.15
C TYR F 91 -2.04 41.19 -29.93
N TYR F 92 -2.17 39.99 -29.36
CA TYR F 92 -2.92 38.95 -30.07
C TYR F 92 -3.64 38.00 -29.14
N ALA F 93 -4.54 37.24 -29.76
CA ALA F 93 -5.35 36.29 -29.05
C ALA F 93 -5.61 35.02 -29.85
N LYS F 94 -5.71 33.92 -29.11
CA LYS F 94 -6.00 32.62 -29.70
C LYS F 94 -7.34 32.25 -29.08
N SER F 95 -8.29 31.81 -29.89
CA SER F 95 -9.59 31.42 -29.34
C SER F 95 -10.35 30.55 -30.31
N LEU F 96 -11.44 29.95 -29.82
CA LEU F 96 -12.28 29.10 -30.65
C LEU F 96 -12.93 30.03 -31.65
N GLN F 97 -13.30 29.52 -32.83
CA GLN F 97 -13.88 30.36 -33.86
C GLN F 97 -15.08 31.19 -33.40
N GLU F 98 -15.89 30.61 -32.52
CA GLU F 98 -17.05 31.31 -32.00
C GLU F 98 -16.66 32.63 -31.32
N ASP F 99 -15.48 32.66 -30.69
CA ASP F 99 -15.06 33.86 -29.98
C ASP F 99 -14.22 34.87 -30.77
N ILE F 100 -14.05 34.68 -32.09
CA ILE F 100 -13.23 35.64 -32.84
C ILE F 100 -13.65 37.09 -32.58
N PRO F 101 -14.95 37.40 -32.74
CA PRO F 101 -15.37 38.78 -32.49
C PRO F 101 -15.04 39.20 -31.06
N LYS F 102 -15.42 38.40 -30.07
CA LYS F 102 -15.12 38.77 -28.69
C LYS F 102 -13.64 39.13 -28.61
N ALA F 103 -12.83 38.39 -29.36
CA ALA F 103 -11.39 38.59 -29.38
C ALA F 103 -11.00 39.95 -29.94
N VAL F 104 -11.55 40.28 -31.09
CA VAL F 104 -11.26 41.56 -31.74
C VAL F 104 -11.69 42.68 -30.80
N ASP F 105 -12.85 42.52 -30.18
CA ASP F 105 -13.38 43.49 -29.25
C ASP F 105 -12.32 43.74 -28.18
N ILE F 106 -11.97 42.70 -27.44
CA ILE F 106 -10.99 42.85 -26.38
C ILE F 106 -9.64 43.37 -26.83
N LEU F 107 -9.19 42.97 -28.02
CA LEU F 107 -7.90 43.48 -28.44
C LEU F 107 -7.98 45.00 -28.57
N SER F 108 -8.94 45.49 -29.38
CA SER F 108 -9.10 46.94 -29.57
C SER F 108 -9.28 47.66 -28.24
N ASP F 109 -10.01 47.03 -27.32
CA ASP F 109 -10.25 47.62 -26.02
C ASP F 109 -8.96 47.84 -25.26
N ILE F 110 -8.11 46.83 -25.23
CA ILE F 110 -6.86 46.94 -24.48
C ILE F 110 -5.87 47.88 -25.14
N LEU F 111 -5.90 47.90 -26.46
CA LEU F 111 -4.98 48.74 -27.19
C LEU F 111 -5.32 50.21 -27.10
N THR F 112 -6.58 50.55 -27.38
CA THR F 112 -7.00 51.94 -27.38
C THR F 112 -7.79 52.52 -26.20
N LYS F 113 -8.51 51.70 -25.45
CA LYS F 113 -9.29 52.26 -24.35
C LYS F 113 -8.77 51.88 -22.97
N SER F 114 -7.46 51.74 -22.86
CA SER F 114 -6.86 51.37 -21.59
C SER F 114 -6.85 52.55 -20.63
N VAL F 115 -7.21 52.26 -19.39
CA VAL F 115 -7.28 53.23 -18.29
C VAL F 115 -6.00 54.01 -18.00
N LEU F 116 -4.90 53.29 -17.79
CA LEU F 116 -3.62 53.92 -17.46
C LEU F 116 -3.72 54.61 -16.11
N ASP F 117 -4.20 53.90 -15.10
CA ASP F 117 -4.34 54.47 -13.77
C ASP F 117 -3.00 54.85 -13.17
N ASN F 118 -2.92 56.05 -12.59
CA ASN F 118 -1.70 56.55 -11.98
C ASN F 118 -1.11 55.61 -10.91
N SER F 119 -1.98 54.94 -10.18
CA SER F 119 -1.52 54.02 -9.15
C SER F 119 -0.81 52.87 -9.86
N ALA F 120 -1.46 52.35 -10.90
CA ALA F 120 -0.93 51.26 -11.70
C ALA F 120 0.44 51.62 -12.27
N ILE F 121 0.50 52.79 -12.90
CA ILE F 121 1.72 53.28 -13.50
C ILE F 121 2.88 53.33 -12.50
N GLU F 122 2.59 53.64 -11.25
CA GLU F 122 3.66 53.73 -10.26
C GLU F 122 4.09 52.37 -9.74
N ARG F 123 3.14 51.47 -9.58
CA ARG F 123 3.46 50.14 -9.10
C ARG F 123 4.27 49.39 -10.15
N GLU F 124 3.90 49.60 -11.41
CA GLU F 124 4.54 48.93 -12.53
C GLU F 124 6.02 49.32 -12.74
N ARG F 125 6.41 50.54 -12.34
CA ARG F 125 7.79 51.00 -12.50
C ARG F 125 8.74 49.98 -11.88
N ASP F 126 8.32 49.37 -10.78
CA ASP F 126 9.15 48.39 -10.10
C ASP F 126 9.27 47.09 -10.91
N VAL F 127 8.16 46.61 -11.45
CA VAL F 127 8.15 45.37 -12.24
C VAL F 127 9.12 45.52 -13.42
N ILE F 128 8.98 46.62 -14.15
CA ILE F 128 9.83 46.90 -15.30
C ILE F 128 11.29 46.91 -14.86
N ILE F 129 11.58 47.42 -13.67
CA ILE F 129 12.96 47.46 -13.19
C ILE F 129 13.43 46.03 -12.97
N ARG F 130 12.62 45.26 -12.28
CA ARG F 130 12.92 43.86 -11.98
C ARG F 130 13.25 43.17 -13.30
N GLU F 131 12.43 43.42 -14.31
CA GLU F 131 12.61 42.84 -15.63
C GLU F 131 13.97 43.25 -16.21
N SER F 132 14.33 44.51 -16.04
CA SER F 132 15.59 45.03 -16.54
C SER F 132 16.73 44.24 -15.90
N GLU F 133 16.63 44.00 -14.59
CA GLU F 133 17.66 43.26 -13.86
C GLU F 133 17.82 41.81 -14.35
N GLU F 134 16.78 41.28 -14.98
CA GLU F 134 16.81 39.92 -15.49
C GLU F 134 17.53 39.83 -16.83
N VAL F 135 17.30 40.83 -17.68
CA VAL F 135 17.92 40.89 -18.99
C VAL F 135 19.43 41.02 -18.78
N ASP F 136 19.84 41.76 -17.76
CA ASP F 136 21.26 41.97 -17.47
C ASP F 136 21.95 40.64 -17.14
N LYS F 137 21.17 39.61 -16.88
CA LYS F 137 21.73 38.29 -16.57
C LYS F 137 21.87 37.41 -17.82
N MET F 138 21.30 37.86 -18.94
CA MET F 138 21.39 37.15 -20.21
C MET F 138 22.46 37.85 -21.05
N TYR F 139 23.68 37.34 -20.97
CA TYR F 139 24.81 37.94 -21.66
C TYR F 139 24.62 38.18 -23.16
N ASP F 140 23.94 37.25 -23.85
CA ASP F 140 23.73 37.45 -25.27
C ASP F 140 22.90 38.74 -25.46
N GLU F 141 21.82 38.84 -24.69
CA GLU F 141 20.91 40.00 -24.71
C GLU F 141 21.70 41.28 -24.52
N VAL F 142 22.54 41.26 -23.50
CA VAL F 142 23.37 42.40 -23.16
C VAL F 142 24.26 42.78 -24.31
N VAL F 143 25.00 41.79 -24.82
CA VAL F 143 25.91 42.06 -25.92
C VAL F 143 25.16 42.67 -27.11
N PHE F 144 24.04 42.05 -27.51
CA PHE F 144 23.32 42.63 -28.63
C PHE F 144 22.73 44.03 -28.38
N ASP F 145 22.40 44.35 -27.13
CA ASP F 145 21.88 45.69 -26.89
C ASP F 145 23.00 46.72 -27.11
N HIS F 146 24.20 46.43 -26.57
CA HIS F 146 25.30 47.35 -26.74
C HIS F 146 25.67 47.48 -28.21
N LEU F 147 25.56 46.36 -28.93
CA LEU F 147 25.87 46.35 -30.34
C LEU F 147 24.95 47.32 -31.07
N HIS F 148 23.68 47.33 -30.70
CA HIS F 148 22.74 48.23 -31.35
C HIS F 148 23.03 49.68 -31.02
N GLU F 149 23.47 49.90 -29.78
CA GLU F 149 23.79 51.25 -29.35
C GLU F 149 24.92 51.88 -30.15
N ILE F 150 26.01 51.14 -30.36
CA ILE F 150 27.13 51.71 -31.09
C ILE F 150 27.01 51.65 -32.60
N THR F 151 26.27 50.67 -33.11
CA THR F 151 26.13 50.52 -34.54
C THR F 151 25.18 51.54 -35.09
N TYR F 152 24.13 51.80 -34.33
CA TYR F 152 23.17 52.82 -34.74
C TYR F 152 23.35 53.97 -33.77
N LYS F 153 24.59 54.43 -33.66
CA LYS F 153 24.96 55.53 -32.76
C LYS F 153 23.97 56.70 -32.80
N ASP F 154 23.41 56.98 -31.62
CA ASP F 154 22.45 58.07 -31.45
C ASP F 154 21.26 58.03 -32.40
N GLN F 155 20.82 56.83 -32.78
CA GLN F 155 19.66 56.74 -33.68
C GLN F 155 18.57 55.96 -32.95
N PRO F 156 17.33 55.99 -33.48
CA PRO F 156 16.19 55.27 -32.88
C PRO F 156 16.46 53.77 -32.66
N LEU F 157 16.96 53.13 -33.72
CA LEU F 157 17.30 51.70 -33.68
C LEU F 157 18.41 51.39 -32.69
N GLY F 158 19.12 52.41 -32.23
CA GLY F 158 20.19 52.20 -31.29
C GLY F 158 19.75 52.11 -29.83
N ARG F 159 18.48 52.40 -29.54
CA ARG F 159 18.01 52.33 -28.16
C ARG F 159 17.39 50.99 -27.89
N THR F 160 17.38 50.60 -26.63
CA THR F 160 16.80 49.31 -26.23
C THR F 160 15.28 49.41 -26.11
N ILE F 161 14.59 48.26 -26.01
CA ILE F 161 13.14 48.24 -25.91
C ILE F 161 12.68 48.66 -24.51
N LEU F 162 13.34 48.13 -23.49
CA LEU F 162 13.01 48.45 -22.11
C LEU F 162 13.33 49.88 -21.72
N GLY F 163 14.43 50.42 -22.25
CA GLY F 163 14.84 51.78 -21.95
C GLY F 163 15.72 51.82 -20.72
N PRO F 164 16.34 52.98 -20.41
CA PRO F 164 17.24 53.13 -19.23
C PRO F 164 16.45 53.12 -17.92
N ILE F 165 17.08 52.74 -16.81
CA ILE F 165 16.39 52.75 -15.52
C ILE F 165 15.84 54.16 -15.30
N LYS F 166 16.68 55.15 -15.63
CA LYS F 166 16.35 56.57 -15.53
C LYS F 166 14.94 56.85 -16.06
N ASN F 167 14.72 56.44 -17.31
CA ASN F 167 13.43 56.64 -17.96
C ASN F 167 12.29 55.80 -17.37
N ILE F 168 12.60 54.60 -16.88
CA ILE F 168 11.56 53.75 -16.30
C ILE F 168 11.00 54.42 -15.05
N LYS F 169 11.84 55.20 -14.38
CA LYS F 169 11.42 55.90 -13.19
C LYS F 169 10.78 57.24 -13.51
N SER F 170 11.02 57.78 -14.71
CA SER F 170 10.47 59.07 -15.09
C SER F 170 9.31 59.10 -16.10
N ILE F 171 8.94 57.95 -16.68
CA ILE F 171 7.84 57.95 -17.64
C ILE F 171 6.54 58.41 -16.95
N THR F 172 5.78 59.30 -17.59
CA THR F 172 4.54 59.79 -16.99
C THR F 172 3.32 59.44 -17.85
N ARG F 173 2.16 59.42 -17.21
CA ARG F 173 0.91 59.10 -17.92
C ARG F 173 0.81 59.96 -19.16
N THR F 174 1.38 61.16 -19.11
CA THR F 174 1.33 62.04 -20.26
C THR F 174 2.17 61.44 -21.39
N ASP F 175 3.37 60.99 -21.04
CA ASP F 175 4.26 60.38 -22.01
C ASP F 175 3.49 59.24 -22.68
N LEU F 176 2.87 58.40 -21.85
CA LEU F 176 2.10 57.26 -22.33
C LEU F 176 1.00 57.66 -23.30
N LYS F 177 0.17 58.61 -22.92
CA LYS F 177 -0.94 59.00 -23.79
C LYS F 177 -0.49 59.67 -25.06
N ASP F 178 0.68 60.31 -25.02
CA ASP F 178 1.18 60.97 -26.22
C ASP F 178 1.63 59.95 -27.23
N TYR F 179 2.39 58.96 -26.76
CA TYR F 179 2.89 57.91 -27.61
C TYR F 179 1.69 57.28 -28.33
N ILE F 180 0.63 57.01 -27.57
CA ILE F 180 -0.58 56.42 -28.13
C ILE F 180 -1.20 57.31 -29.21
N THR F 181 -1.28 58.60 -28.90
CA THR F 181 -1.87 59.59 -29.78
C THR F 181 -1.07 59.79 -31.07
N LYS F 182 0.25 59.87 -30.92
CA LYS F 182 1.14 60.06 -32.04
C LYS F 182 1.24 58.86 -32.97
N ASN F 183 1.44 57.66 -32.41
CA ASN F 183 1.63 56.45 -33.21
C ASN F 183 0.45 55.59 -33.64
N TYR F 184 -0.55 55.45 -32.79
CA TYR F 184 -1.70 54.60 -33.13
C TYR F 184 -2.65 55.11 -34.22
N LYS F 185 -2.25 54.93 -35.48
CA LYS F 185 -3.04 55.36 -36.63
C LYS F 185 -3.40 54.17 -37.54
N GLY F 186 -4.63 54.14 -38.01
CA GLY F 186 -5.07 53.05 -38.87
C GLY F 186 -4.07 52.65 -39.94
N ASP F 187 -3.52 53.64 -40.63
CA ASP F 187 -2.53 53.43 -41.70
C ASP F 187 -1.21 52.89 -41.16
N ARG F 188 -1.14 52.72 -39.85
CA ARG F 188 0.08 52.20 -39.26
C ARG F 188 -0.16 50.87 -38.53
N MET F 189 -1.31 50.24 -38.80
CA MET F 189 -1.58 48.98 -38.17
C MET F 189 -2.29 47.97 -39.05
N VAL F 190 -2.08 46.69 -38.68
CA VAL F 190 -2.64 45.55 -39.38
C VAL F 190 -3.35 44.62 -38.42
N LEU F 191 -4.52 44.16 -38.84
CA LEU F 191 -5.28 43.21 -38.06
C LEU F 191 -5.16 41.93 -38.87
N ALA F 192 -4.33 41.01 -38.38
CA ALA F 192 -4.09 39.74 -39.08
C ALA F 192 -4.73 38.58 -38.35
N GLY F 193 -5.25 37.65 -39.13
CA GLY F 193 -5.90 36.48 -38.58
C GLY F 193 -5.77 35.28 -39.50
N ALA F 194 -5.76 34.09 -38.91
CA ALA F 194 -5.65 32.84 -39.66
C ALA F 194 -6.34 31.75 -38.86
N GLY F 195 -6.81 30.71 -39.54
CA GLY F 195 -7.50 29.63 -38.85
C GLY F 195 -8.93 29.56 -39.35
N ALA F 196 -9.86 29.20 -38.46
CA ALA F 196 -11.26 29.12 -38.83
C ALA F 196 -11.76 30.56 -38.85
N VAL F 197 -11.41 31.27 -39.91
CA VAL F 197 -11.72 32.68 -40.04
C VAL F 197 -12.36 33.12 -41.36
N ASP F 198 -13.42 33.92 -41.26
CA ASP F 198 -14.12 34.44 -42.42
C ASP F 198 -13.59 35.84 -42.67
N HIS F 199 -12.90 36.04 -43.78
CA HIS F 199 -12.32 37.36 -44.06
C HIS F 199 -13.32 38.53 -44.07
N GLU F 200 -14.44 38.35 -44.76
CA GLU F 200 -15.44 39.41 -44.84
C GLU F 200 -15.91 39.82 -43.44
N LYS F 201 -16.34 38.84 -42.66
CA LYS F 201 -16.82 39.12 -41.31
C LYS F 201 -15.73 39.76 -40.47
N LEU F 202 -14.50 39.30 -40.60
CA LEU F 202 -13.44 39.88 -39.78
C LEU F 202 -13.25 41.35 -40.18
N VAL F 203 -13.45 41.67 -41.45
CA VAL F 203 -13.29 43.06 -41.87
C VAL F 203 -14.38 43.89 -41.20
N GLN F 204 -15.58 43.33 -41.08
CA GLN F 204 -16.68 44.03 -40.43
C GLN F 204 -16.33 44.33 -38.99
N TYR F 205 -15.99 43.27 -38.25
CA TYR F 205 -15.62 43.42 -36.85
C TYR F 205 -14.51 44.40 -36.71
N ALA F 206 -13.62 44.42 -37.69
CA ALA F 206 -12.49 45.35 -37.68
C ALA F 206 -13.03 46.78 -37.66
N GLN F 207 -13.94 47.06 -38.60
CA GLN F 207 -14.57 48.37 -38.70
C GLN F 207 -15.29 48.68 -37.41
N LYS F 208 -16.10 47.72 -36.95
CA LYS F 208 -16.84 47.91 -35.72
C LYS F 208 -16.02 48.28 -34.49
N TYR F 209 -14.93 47.54 -34.24
CA TYR F 209 -14.11 47.80 -33.06
C TYR F 209 -12.85 48.63 -33.24
N PHE F 210 -12.39 48.76 -34.48
CA PHE F 210 -11.18 49.55 -34.74
C PHE F 210 -11.44 50.77 -35.62
N GLY F 211 -12.68 50.87 -36.12
CA GLY F 211 -13.05 51.99 -36.97
C GLY F 211 -12.75 53.34 -36.35
N HIS F 212 -12.95 53.45 -35.03
CA HIS F 212 -12.73 54.70 -34.32
C HIS F 212 -11.26 55.15 -34.30
N VAL F 213 -10.33 54.35 -34.81
CA VAL F 213 -8.95 54.77 -34.76
C VAL F 213 -8.63 55.79 -35.85
N PRO F 214 -7.98 56.91 -35.45
CA PRO F 214 -7.57 58.06 -36.27
C PRO F 214 -6.67 57.68 -37.43
N LYS F 215 -6.85 58.36 -38.56
CA LYS F 215 -6.00 58.12 -39.71
C LYS F 215 -4.86 59.15 -39.55
N SER F 216 -3.67 58.83 -40.05
CA SER F 216 -2.57 59.79 -39.96
C SER F 216 -2.97 60.90 -40.93
N GLU F 217 -2.52 62.12 -40.69
CA GLU F 217 -2.87 63.21 -41.58
C GLU F 217 -2.03 63.11 -42.85
N SER F 218 -0.86 62.53 -42.69
CA SER F 218 0.04 62.31 -43.82
C SER F 218 0.26 60.79 -43.91
N PRO F 219 -0.79 60.04 -44.31
CA PRO F 219 -0.72 58.58 -44.45
C PRO F 219 0.36 58.12 -45.40
N VAL F 220 0.97 57.00 -45.06
CA VAL F 220 2.03 56.39 -45.88
C VAL F 220 1.81 54.88 -45.87
N PRO F 221 1.90 54.24 -47.05
CA PRO F 221 1.72 52.80 -47.13
C PRO F 221 2.71 52.13 -46.17
N LEU F 222 2.25 51.09 -45.48
CA LEU F 222 3.10 50.40 -44.51
C LEU F 222 4.51 50.07 -44.97
N GLY F 223 4.68 49.89 -46.29
CA GLY F 223 5.99 49.58 -46.81
C GLY F 223 6.92 50.77 -46.96
N SER F 224 6.39 51.91 -47.41
CA SER F 224 7.18 53.13 -47.64
C SER F 224 8.12 53.53 -46.51
N PRO F 225 9.28 54.07 -46.90
CA PRO F 225 10.36 54.52 -46.03
C PRO F 225 9.98 55.45 -44.89
N ARG F 226 10.36 55.04 -43.67
CA ARG F 226 10.08 55.80 -42.46
C ARG F 226 10.62 57.23 -42.59
N GLY F 227 11.77 57.37 -43.23
CA GLY F 227 12.37 58.68 -43.41
C GLY F 227 13.83 58.52 -43.81
N PRO F 228 14.75 59.22 -43.13
CA PRO F 228 16.19 59.12 -43.43
C PRO F 228 16.73 57.76 -43.02
N LEU F 229 17.30 57.04 -43.98
CA LEU F 229 17.85 55.70 -43.74
C LEU F 229 18.85 55.64 -42.61
N PRO F 230 18.73 54.63 -41.74
CA PRO F 230 19.65 54.46 -40.61
C PRO F 230 21.07 54.31 -41.17
N VAL F 231 22.08 54.69 -40.40
CA VAL F 231 23.45 54.54 -40.91
C VAL F 231 24.33 53.66 -39.99
N PHE F 232 24.96 52.67 -40.60
CA PHE F 232 25.81 51.75 -39.89
C PHE F 232 27.11 52.45 -39.52
N CYS F 233 27.44 52.42 -38.23
CA CYS F 233 28.66 53.06 -37.71
C CYS F 233 29.70 52.06 -37.22
N ARG F 234 30.90 52.06 -37.79
CA ARG F 234 31.87 51.10 -37.30
C ARG F 234 32.28 51.55 -35.90
N GLY F 235 32.50 50.59 -35.02
CA GLY F 235 32.88 50.93 -33.67
C GLY F 235 33.14 49.68 -32.86
N GLU F 236 33.62 49.86 -31.64
CA GLU F 236 33.89 48.74 -30.77
C GLU F 236 33.63 49.16 -29.34
N ARG F 237 33.21 48.21 -28.51
CA ARG F 237 32.99 48.47 -27.11
C ARG F 237 33.43 47.23 -26.33
N PHE F 238 34.48 47.39 -25.55
CA PHE F 238 34.99 46.30 -24.74
C PHE F 238 34.47 46.49 -23.33
N ILE F 239 33.81 45.46 -22.82
CA ILE F 239 33.28 45.56 -21.47
C ILE F 239 34.02 44.56 -20.60
N LYS F 240 35.06 45.05 -19.93
CA LYS F 240 35.88 44.22 -19.06
C LYS F 240 35.07 43.71 -17.88
N GLU F 241 35.12 42.40 -17.66
CA GLU F 241 34.38 41.77 -16.58
C GLU F 241 35.10 40.50 -16.20
N ASN F 242 36.22 40.65 -15.49
CA ASN F 242 37.05 39.52 -15.11
C ASN F 242 36.37 38.46 -14.28
N THR F 243 35.21 38.78 -13.74
CA THR F 243 34.50 37.80 -12.93
C THR F 243 33.73 36.76 -13.75
N LEU F 244 33.41 37.11 -15.00
CA LEU F 244 32.67 36.19 -15.88
C LEU F 244 33.50 34.99 -16.34
N PRO F 245 32.90 33.78 -16.24
CA PRO F 245 33.46 32.47 -16.61
C PRO F 245 33.59 32.29 -18.12
N THR F 246 32.66 32.91 -18.83
CA THR F 246 32.63 32.86 -20.28
C THR F 246 32.72 34.28 -20.82
N THR F 247 33.23 34.42 -22.03
CA THR F 247 33.34 35.74 -22.66
C THR F 247 32.46 35.69 -23.91
N HIS F 248 31.81 36.81 -24.18
CA HIS F 248 30.87 36.87 -25.27
C HIS F 248 31.23 37.94 -26.27
N ILE F 249 31.32 37.53 -27.52
CA ILE F 249 31.67 38.46 -28.58
C ILE F 249 30.68 38.45 -29.73
N ALA F 250 30.36 39.63 -30.25
CA ALA F 250 29.47 39.77 -31.42
C ALA F 250 30.15 40.65 -32.46
N ILE F 251 30.24 40.14 -33.68
CA ILE F 251 30.88 40.88 -34.75
C ILE F 251 29.88 41.07 -35.86
N ALA F 252 29.65 42.32 -36.25
CA ALA F 252 28.68 42.59 -37.31
C ALA F 252 29.12 43.54 -38.43
N LEU F 253 28.38 43.45 -39.53
CA LEU F 253 28.57 44.31 -40.68
C LEU F 253 27.16 44.68 -41.11
N GLU F 254 27.04 45.75 -41.89
CA GLU F 254 25.71 46.14 -42.32
C GLU F 254 25.10 44.98 -43.09
N GLY F 255 23.91 44.60 -42.66
CA GLY F 255 23.19 43.52 -43.29
C GLY F 255 22.19 43.91 -44.35
N VAL F 256 21.03 43.27 -44.30
CA VAL F 256 19.99 43.47 -45.29
C VAL F 256 18.64 43.76 -44.61
N SER F 257 17.75 44.47 -45.29
CA SER F 257 16.43 44.80 -44.74
C SER F 257 15.37 43.80 -45.21
N TRP F 258 14.22 43.78 -44.54
CA TRP F 258 13.14 42.85 -44.88
C TRP F 258 12.79 42.76 -46.35
N SER F 259 12.84 43.88 -47.04
CA SER F 259 12.46 43.89 -48.44
C SER F 259 13.61 43.82 -49.45
N ALA F 260 14.84 43.77 -48.95
CA ALA F 260 15.98 43.72 -49.85
C ALA F 260 15.88 42.57 -50.85
N PRO F 261 16.30 42.80 -52.10
CA PRO F 261 16.24 41.73 -53.10
C PRO F 261 17.15 40.57 -52.73
N ASP F 262 18.21 40.89 -51.98
CA ASP F 262 19.16 39.88 -51.57
C ASP F 262 18.91 39.35 -50.15
N TYR F 263 17.70 39.61 -49.64
CA TYR F 263 17.32 39.16 -48.31
C TYR F 263 17.55 37.66 -48.08
N PHE F 264 17.02 36.84 -48.97
CA PHE F 264 17.18 35.42 -48.80
C PHE F 264 18.61 34.96 -49.07
N VAL F 265 19.29 35.63 -49.99
CA VAL F 265 20.66 35.25 -50.28
C VAL F 265 21.49 35.50 -49.03
N ALA F 266 21.18 36.58 -48.32
CA ALA F 266 21.90 36.90 -47.10
C ALA F 266 21.65 35.78 -46.08
N LEU F 267 20.40 35.30 -46.00
CA LEU F 267 20.07 34.23 -45.07
C LEU F 267 20.76 32.94 -45.51
N ALA F 268 20.85 32.75 -46.82
CA ALA F 268 21.52 31.58 -47.32
C ALA F 268 22.98 31.58 -46.87
N THR F 269 23.63 32.71 -47.01
CA THR F 269 25.03 32.77 -46.66
C THR F 269 25.24 32.50 -45.18
N GLN F 270 24.36 33.06 -44.35
CA GLN F 270 24.43 32.87 -42.90
C GLN F 270 24.42 31.37 -42.62
N ALA F 271 23.48 30.68 -43.26
CA ALA F 271 23.34 29.25 -43.12
C ALA F 271 24.55 28.43 -43.58
N ILE F 272 25.28 28.90 -44.58
CA ILE F 272 26.43 28.16 -45.05
C ILE F 272 27.50 28.17 -43.98
N VAL F 273 27.62 29.27 -43.23
CA VAL F 273 28.60 29.35 -42.13
C VAL F 273 28.04 28.58 -40.93
N GLY F 274 26.75 28.74 -40.68
CA GLY F 274 26.07 28.02 -39.60
C GLY F 274 26.51 28.24 -38.18
N ASN F 275 26.24 27.26 -37.33
CA ASN F 275 26.62 27.35 -35.92
C ASN F 275 27.48 26.16 -35.53
N TRP F 276 27.92 26.19 -34.29
CA TRP F 276 28.74 25.12 -33.72
C TRP F 276 28.76 25.25 -32.22
N ASP F 277 28.67 24.11 -31.55
CA ASP F 277 28.75 24.07 -30.10
C ASP F 277 29.79 23.03 -29.73
N ARG F 278 30.68 23.43 -28.84
CA ARG F 278 31.76 22.58 -28.35
C ARG F 278 31.31 21.18 -27.94
N ALA F 279 30.13 21.09 -27.37
CA ALA F 279 29.62 19.79 -26.93
C ALA F 279 28.80 19.05 -27.97
N ILE F 280 27.87 19.76 -28.62
CA ILE F 280 26.97 19.16 -29.59
C ILE F 280 27.51 19.01 -31.00
N GLY F 281 28.34 19.94 -31.43
CA GLY F 281 28.83 19.86 -32.80
C GLY F 281 28.04 20.86 -33.64
N THR F 282 27.78 20.50 -34.89
CA THR F 282 27.06 21.41 -35.78
C THR F 282 25.61 21.07 -35.99
N GLY F 283 25.24 19.84 -35.69
CA GLY F 283 23.86 19.43 -35.91
C GLY F 283 23.70 19.23 -37.40
N THR F 284 24.83 18.94 -38.05
CA THR F 284 24.92 18.71 -39.48
C THR F 284 25.71 17.43 -39.59
N ASN F 285 25.44 16.64 -40.62
CA ASN F 285 26.19 15.41 -40.79
C ASN F 285 27.65 15.72 -41.15
N SER F 286 27.87 16.83 -41.86
CA SER F 286 29.21 17.21 -42.28
C SER F 286 29.55 18.66 -41.91
N PRO F 287 30.47 18.82 -40.96
CA PRO F 287 30.92 20.12 -40.47
C PRO F 287 31.82 20.87 -41.46
N SER F 288 31.74 22.19 -41.40
CA SER F 288 32.54 23.08 -42.23
C SER F 288 34.00 23.14 -41.74
N PRO F 289 34.89 23.67 -42.56
CA PRO F 289 36.27 23.78 -42.13
C PRO F 289 36.35 24.58 -40.87
N LEU F 290 35.46 25.57 -40.75
CA LEU F 290 35.44 26.40 -39.55
C LEU F 290 35.08 25.58 -38.30
N ALA F 291 34.02 24.77 -38.42
CA ALA F 291 33.59 23.97 -37.30
C ALA F 291 34.67 22.99 -36.90
N VAL F 292 35.37 22.43 -37.88
CA VAL F 292 36.41 21.47 -37.58
C VAL F 292 37.52 22.18 -36.81
N ALA F 293 37.98 23.30 -37.33
CA ALA F 293 39.04 24.06 -36.66
C ALA F 293 38.64 24.45 -35.24
N ALA F 294 37.39 24.88 -35.06
CA ALA F 294 36.92 25.30 -33.75
C ALA F 294 37.05 24.18 -32.73
N SER F 295 36.81 22.96 -33.17
CA SER F 295 36.88 21.85 -32.25
C SER F 295 38.28 21.26 -32.07
N GLN F 296 39.22 21.61 -32.94
CA GLN F 296 40.55 21.02 -32.81
C GLN F 296 41.47 21.53 -31.72
N ASN F 297 42.47 20.70 -31.43
CA ASN F 297 43.43 20.91 -30.36
C ASN F 297 42.91 21.73 -29.17
N GLY F 298 42.05 21.09 -28.42
CA GLY F 298 41.51 21.69 -27.22
C GLY F 298 40.25 22.52 -27.31
N SER F 299 39.90 22.95 -28.52
CA SER F 299 38.72 23.78 -28.84
C SER F 299 39.20 25.24 -28.85
N LEU F 300 38.55 26.08 -29.67
CA LEU F 300 38.95 27.47 -29.76
C LEU F 300 37.91 28.35 -29.15
N ALA F 301 36.81 27.73 -28.72
CA ALA F 301 35.70 28.46 -28.11
C ALA F 301 34.66 27.48 -27.59
N ASN F 302 33.63 27.98 -26.91
CA ASN F 302 32.58 27.10 -26.42
C ASN F 302 31.54 26.97 -27.52
N SER F 303 31.29 28.07 -28.21
CA SER F 303 30.30 28.04 -29.27
C SER F 303 30.35 29.29 -30.15
N TYR F 304 29.79 29.18 -31.35
CA TYR F 304 29.67 30.32 -32.23
C TYR F 304 28.36 30.14 -32.95
N MET F 305 27.71 31.27 -33.22
CA MET F 305 26.42 31.28 -33.88
C MET F 305 26.35 32.40 -34.90
N SER F 306 26.04 32.06 -36.14
CA SER F 306 25.89 33.06 -37.20
C SER F 306 24.51 33.70 -37.01
N PHE F 307 24.41 35.01 -37.15
CA PHE F 307 23.13 35.65 -36.96
C PHE F 307 22.86 36.68 -38.01
N SER F 308 21.59 37.00 -38.18
CA SER F 308 21.19 38.02 -39.13
C SER F 308 19.94 38.70 -38.59
N THR F 309 19.96 40.02 -38.52
CA THR F 309 18.77 40.71 -38.03
C THR F 309 18.34 41.69 -39.07
N SER F 310 17.04 41.77 -39.28
CA SER F 310 16.53 42.68 -40.28
C SER F 310 15.49 43.66 -39.78
N TYR F 311 15.45 44.81 -40.43
CA TYR F 311 14.51 45.87 -40.13
C TYR F 311 14.01 46.36 -41.46
N ALA F 312 12.97 47.18 -41.44
CA ALA F 312 12.41 47.69 -42.67
C ALA F 312 13.42 48.47 -43.52
N ASP F 313 14.35 49.18 -42.89
CA ASP F 313 15.33 49.96 -43.64
C ASP F 313 16.79 49.64 -43.36
N SER F 314 17.07 48.56 -42.65
CA SER F 314 18.46 48.23 -42.36
C SER F 314 18.57 46.81 -41.84
N GLY F 315 19.81 46.38 -41.58
CA GLY F 315 20.03 45.03 -41.09
C GLY F 315 21.43 44.81 -40.53
N LEU F 316 21.57 43.76 -39.73
CA LEU F 316 22.87 43.39 -39.15
C LEU F 316 23.12 41.93 -39.45
N TRP F 317 24.34 41.63 -39.87
CA TRP F 317 24.72 40.26 -40.22
C TRP F 317 26.08 39.97 -39.59
N GLY F 318 26.21 38.81 -38.94
CA GLY F 318 27.48 38.52 -38.31
C GLY F 318 27.62 37.24 -37.50
N MET F 319 28.56 37.25 -36.57
CA MET F 319 28.83 36.08 -35.75
C MET F 319 28.73 36.42 -34.28
N TYR F 320 28.26 35.46 -33.49
CA TYR F 320 28.17 35.62 -32.04
C TYR F 320 29.02 34.49 -31.48
N ILE F 321 30.01 34.84 -30.67
CA ILE F 321 30.93 33.86 -30.11
C ILE F 321 30.89 33.76 -28.61
N VAL F 322 31.09 32.56 -28.09
CA VAL F 322 31.15 32.36 -26.65
C VAL F 322 32.40 31.55 -26.36
N THR F 323 33.27 32.12 -25.53
CA THR F 323 34.51 31.45 -25.17
C THR F 323 34.66 31.28 -23.67
N ASP F 324 35.60 30.42 -23.28
CA ASP F 324 35.90 30.20 -21.88
C ASP F 324 36.86 31.33 -21.52
N SER F 325 36.49 32.12 -20.53
CA SER F 325 37.29 33.25 -20.13
C SER F 325 38.71 32.93 -19.68
N ASN F 326 38.92 31.70 -19.22
CA ASN F 326 40.23 31.29 -18.75
C ASN F 326 40.93 30.33 -19.67
N GLU F 327 40.25 29.84 -20.70
CA GLU F 327 40.89 28.87 -21.56
C GLU F 327 41.15 29.28 -23.00
N HIS F 328 40.35 30.20 -23.52
CA HIS F 328 40.48 30.56 -24.93
C HIS F 328 41.09 31.90 -25.33
N ASN F 329 41.93 31.85 -26.37
CA ASN F 329 42.51 33.06 -26.93
C ASN F 329 41.51 33.48 -28.00
N VAL F 330 40.69 34.48 -27.71
CA VAL F 330 39.63 34.91 -28.64
C VAL F 330 40.12 35.16 -30.05
N ARG F 331 41.32 35.72 -30.15
CA ARG F 331 41.90 36.01 -31.44
C ARG F 331 41.91 34.81 -32.40
N LEU F 332 42.22 33.63 -31.87
CA LEU F 332 42.26 32.41 -32.69
C LEU F 332 40.91 32.04 -33.30
N ILE F 333 39.86 32.03 -32.50
CA ILE F 333 38.56 31.67 -33.05
C ILE F 333 38.12 32.74 -34.03
N VAL F 334 38.45 34.01 -33.74
CA VAL F 334 38.04 35.06 -34.66
C VAL F 334 38.74 34.83 -36.02
N ASN F 335 40.03 34.52 -35.97
CA ASN F 335 40.75 34.26 -37.21
C ASN F 335 40.06 33.19 -38.07
N GLU F 336 39.66 32.09 -37.43
CA GLU F 336 39.02 31.01 -38.18
C GLU F 336 37.70 31.47 -38.82
N ILE F 337 36.95 32.30 -38.10
CA ILE F 337 35.71 32.83 -38.62
C ILE F 337 35.97 33.71 -39.85
N LEU F 338 36.96 34.60 -39.76
CA LEU F 338 37.28 35.45 -40.88
C LEU F 338 37.78 34.59 -42.03
N LYS F 339 38.50 33.54 -41.70
CA LYS F 339 39.00 32.66 -42.73
C LYS F 339 37.82 32.04 -43.50
N GLU F 340 36.77 31.66 -42.77
CA GLU F 340 35.58 31.06 -43.37
C GLU F 340 34.84 32.06 -44.28
N TRP F 341 34.73 33.31 -43.84
CA TRP F 341 34.07 34.28 -44.67
C TRP F 341 34.86 34.44 -45.94
N LYS F 342 36.17 34.45 -45.82
CA LYS F 342 37.00 34.60 -47.00
C LYS F 342 36.82 33.41 -47.93
N ARG F 343 36.69 32.22 -47.35
CA ARG F 343 36.50 31.04 -48.18
C ARG F 343 35.29 31.26 -49.11
N ILE F 344 34.20 31.77 -48.52
CA ILE F 344 33.01 32.03 -49.30
C ILE F 344 33.32 33.10 -50.35
N LYS F 345 34.00 34.17 -49.94
CA LYS F 345 34.32 35.23 -50.89
C LYS F 345 35.19 34.74 -52.05
N SER F 346 35.97 33.69 -51.83
CA SER F 346 36.81 33.19 -52.91
C SER F 346 36.09 32.09 -53.72
N GLY F 347 34.82 31.87 -53.44
CA GLY F 347 34.07 30.87 -54.18
C GLY F 347 34.38 29.41 -53.85
N LYS F 348 35.28 29.17 -52.91
CA LYS F 348 35.65 27.80 -52.54
C LYS F 348 34.59 27.06 -51.73
N ILE F 349 33.35 27.04 -52.22
CA ILE F 349 32.29 26.32 -51.54
C ILE F 349 31.67 25.32 -52.51
N SER F 350 31.20 24.19 -52.00
CA SER F 350 30.65 23.14 -52.85
C SER F 350 29.17 23.29 -53.15
N ASP F 351 28.72 22.60 -54.20
CA ASP F 351 27.30 22.62 -54.59
C ASP F 351 26.51 22.03 -53.41
N ALA F 352 27.09 21.00 -52.84
CA ALA F 352 26.47 20.32 -51.74
C ALA F 352 26.21 21.24 -50.55
N GLU F 353 27.18 22.05 -50.14
CA GLU F 353 26.89 22.89 -48.99
C GLU F 353 25.92 24.01 -49.35
N VAL F 354 25.91 24.44 -50.60
CA VAL F 354 24.98 25.46 -51.02
C VAL F 354 23.58 24.85 -50.94
N ASN F 355 23.45 23.61 -51.40
CA ASN F 355 22.16 22.96 -51.39
C ASN F 355 21.69 22.66 -49.97
N ARG F 356 22.65 22.36 -49.10
CA ARG F 356 22.37 22.04 -47.71
C ARG F 356 21.74 23.30 -47.09
N ALA F 357 22.40 24.43 -47.33
CA ALA F 357 21.93 25.72 -46.82
C ALA F 357 20.53 26.10 -47.35
N LYS F 358 20.26 25.87 -48.63
CA LYS F 358 18.97 26.25 -49.13
C LYS F 358 17.90 25.39 -48.49
N ALA F 359 18.22 24.11 -48.28
CA ALA F 359 17.31 23.17 -47.66
C ALA F 359 17.08 23.60 -46.21
N GLN F 360 18.15 23.98 -45.53
CA GLN F 360 18.02 24.43 -44.15
C GLN F 360 17.12 25.66 -44.09
N LEU F 361 17.37 26.60 -45.01
CA LEU F 361 16.61 27.84 -45.11
C LEU F 361 15.13 27.64 -45.38
N LYS F 362 14.81 26.77 -46.33
CA LYS F 362 13.42 26.51 -46.68
C LYS F 362 12.62 25.95 -45.54
N ALA F 363 13.20 24.98 -44.82
CA ALA F 363 12.54 24.35 -43.69
C ALA F 363 12.28 25.38 -42.60
N ALA F 364 13.35 26.11 -42.26
CA ALA F 364 13.29 27.13 -41.24
C ALA F 364 12.20 28.20 -41.52
N LEU F 365 12.06 28.59 -42.79
CA LEU F 365 11.06 29.59 -43.11
C LEU F 365 9.70 29.03 -43.40
N LEU F 366 9.64 27.83 -43.93
CA LEU F 366 8.36 27.29 -44.33
C LEU F 366 7.72 26.20 -43.49
N LEU F 367 8.48 25.16 -43.15
CA LEU F 367 7.92 24.06 -42.38
C LEU F 367 7.55 24.55 -41.01
N SER F 368 8.08 25.70 -40.62
CA SER F 368 7.76 26.27 -39.33
C SER F 368 6.43 27.05 -39.33
N LEU F 369 5.88 27.32 -40.50
CA LEU F 369 4.60 28.02 -40.57
C LEU F 369 3.53 26.96 -40.35
N ASP F 370 3.38 26.49 -39.12
CA ASP F 370 2.46 25.41 -38.84
C ASP F 370 1.11 25.79 -38.27
N GLY F 371 1.09 26.38 -37.09
CA GLY F 371 -0.21 26.76 -36.54
C GLY F 371 -0.74 28.14 -37.00
N SER F 372 -1.98 28.45 -36.64
CA SER F 372 -2.57 29.74 -37.01
C SER F 372 -1.73 30.85 -36.38
N THR F 373 -1.24 30.60 -35.17
CA THR F 373 -0.45 31.60 -34.48
C THR F 373 0.84 31.93 -35.22
N ALA F 374 1.53 30.92 -35.71
CA ALA F 374 2.77 31.15 -36.45
C ALA F 374 2.44 31.86 -37.77
N ILE F 375 1.31 31.50 -38.35
CA ILE F 375 0.92 32.09 -39.61
C ILE F 375 0.48 33.54 -39.40
N VAL F 376 -0.18 33.83 -38.29
CA VAL F 376 -0.56 35.20 -38.06
C VAL F 376 0.73 35.97 -37.89
N GLU F 377 1.65 35.40 -37.13
CA GLU F 377 2.95 36.01 -36.93
C GLU F 377 3.56 36.43 -38.29
N ASP F 378 3.59 35.51 -39.25
CA ASP F 378 4.16 35.80 -40.57
C ASP F 378 3.37 36.85 -41.35
N ILE F 379 2.04 36.71 -41.39
CA ILE F 379 1.17 37.67 -42.08
C ILE F 379 1.39 39.05 -41.47
N GLY F 380 1.15 39.13 -40.17
CA GLY F 380 1.32 40.39 -39.48
C GLY F 380 2.66 41.09 -39.62
N ARG F 381 3.74 40.38 -39.32
CA ARG F 381 5.05 41.01 -39.39
C ARG F 381 5.40 41.43 -40.80
N GLN F 382 5.07 40.61 -41.77
CA GLN F 382 5.41 40.98 -43.13
C GLN F 382 4.66 42.22 -43.60
N VAL F 383 3.35 42.24 -43.42
CA VAL F 383 2.58 43.37 -43.86
C VAL F 383 2.94 44.64 -43.10
N VAL F 384 3.06 44.54 -41.79
CA VAL F 384 3.37 45.74 -41.02
C VAL F 384 4.75 46.35 -41.25
N THR F 385 5.71 45.55 -41.71
CA THR F 385 7.06 46.09 -41.93
C THR F 385 7.38 46.20 -43.40
N THR F 386 6.52 45.63 -44.22
CA THR F 386 6.80 45.59 -45.63
C THR F 386 5.67 46.02 -46.56
N GLY F 387 4.43 45.88 -46.12
CA GLY F 387 3.34 46.28 -46.97
C GLY F 387 2.76 45.12 -47.74
N LYS F 388 3.38 43.95 -47.66
CA LYS F 388 2.84 42.79 -48.36
C LYS F 388 3.26 41.51 -47.67
N ARG F 389 2.68 40.40 -48.13
CA ARG F 389 3.02 39.09 -47.59
C ARG F 389 3.47 38.20 -48.74
N LEU F 390 4.73 37.76 -48.75
CA LEU F 390 5.13 36.82 -49.78
C LEU F 390 4.49 35.53 -49.29
N SER F 391 3.90 34.77 -50.19
CA SER F 391 3.28 33.54 -49.75
C SER F 391 4.32 32.45 -49.53
N PRO F 392 3.93 31.36 -48.85
CA PRO F 392 4.87 30.26 -48.61
C PRO F 392 5.45 29.84 -49.96
N GLU F 393 4.56 29.69 -50.94
CA GLU F 393 5.01 29.30 -52.26
C GLU F 393 5.97 30.32 -52.87
N GLU F 394 5.72 31.61 -52.63
CA GLU F 394 6.62 32.62 -53.18
C GLU F 394 7.98 32.54 -52.49
N VAL F 395 7.97 32.42 -51.18
CA VAL F 395 9.22 32.31 -50.43
C VAL F 395 9.99 31.08 -50.92
N PHE F 396 9.28 29.97 -51.08
CA PHE F 396 9.96 28.78 -51.56
C PHE F 396 10.69 29.12 -52.84
N GLU F 397 10.00 29.84 -53.72
CA GLU F 397 10.57 30.21 -54.99
C GLU F 397 11.82 31.07 -54.79
N GLN F 398 11.73 32.06 -53.91
CA GLN F 398 12.87 32.93 -53.66
C GLN F 398 14.11 32.17 -53.19
N VAL F 399 13.91 31.16 -52.35
CA VAL F 399 15.05 30.41 -51.85
C VAL F 399 15.54 29.46 -52.91
N ASP F 400 14.64 28.70 -53.47
CA ASP F 400 15.00 27.74 -54.50
C ASP F 400 15.83 28.31 -55.67
N LYS F 401 15.65 29.58 -56.01
CA LYS F 401 16.42 30.12 -57.12
C LYS F 401 17.87 30.50 -56.80
N ILE F 402 18.20 30.62 -55.52
CA ILE F 402 19.55 31.02 -55.13
C ILE F 402 20.65 30.12 -55.69
N THR F 403 21.73 30.74 -56.14
CA THR F 403 22.85 30.02 -56.74
C THR F 403 24.15 30.20 -55.96
N LYS F 404 25.10 29.31 -56.22
CA LYS F 404 26.41 29.40 -55.59
C LYS F 404 26.91 30.82 -55.89
N ASP F 405 26.73 31.21 -57.14
CA ASP F 405 27.15 32.53 -57.56
C ASP F 405 26.51 33.70 -56.81
N ASP F 406 25.19 33.64 -56.58
CA ASP F 406 24.52 34.70 -55.82
C ASP F 406 25.24 34.91 -54.49
N ILE F 407 25.48 33.81 -53.78
CA ILE F 407 26.14 33.85 -52.49
C ILE F 407 27.55 34.43 -52.58
N ILE F 408 28.35 33.93 -53.51
CA ILE F 408 29.71 34.44 -53.65
C ILE F 408 29.67 35.95 -53.89
N MET F 409 28.73 36.40 -54.73
CA MET F 409 28.56 37.81 -55.02
C MET F 409 28.25 38.59 -53.76
N TRP F 410 27.22 38.16 -53.06
CA TRP F 410 26.77 38.86 -51.85
C TRP F 410 27.89 38.98 -50.81
N ALA F 411 28.62 37.90 -50.57
CA ALA F 411 29.70 37.93 -49.61
C ALA F 411 30.75 38.94 -50.02
N ASN F 412 31.07 38.95 -51.31
CA ASN F 412 32.08 39.87 -51.80
C ASN F 412 31.63 41.32 -51.71
N TYR F 413 30.32 41.53 -51.70
CA TYR F 413 29.83 42.88 -51.57
C TYR F 413 29.77 43.31 -50.12
N ARG F 414 29.09 42.52 -49.30
CA ARG F 414 28.92 42.86 -47.89
C ARG F 414 30.10 42.63 -46.93
N LEU F 415 31.01 41.72 -47.30
CA LEU F 415 32.13 41.40 -46.42
C LEU F 415 33.51 41.79 -46.92
N GLN F 416 33.55 42.77 -47.82
CA GLN F 416 34.80 43.25 -48.38
C GLN F 416 34.77 44.77 -48.39
N ASN F 417 35.74 45.37 -47.73
CA ASN F 417 35.88 46.82 -47.62
C ASN F 417 34.64 47.49 -47.11
N LYS F 418 34.06 46.89 -46.07
CA LYS F 418 32.86 47.44 -45.47
C LYS F 418 33.15 47.55 -44.00
N PRO F 419 32.49 48.49 -43.30
CA PRO F 419 32.72 48.64 -41.86
C PRO F 419 32.13 47.52 -41.01
N VAL F 420 32.74 47.30 -39.85
CA VAL F 420 32.28 46.30 -38.92
C VAL F 420 32.23 46.92 -37.52
N SER F 421 31.28 46.49 -36.70
CA SER F 421 31.22 47.01 -35.34
C SER F 421 31.26 45.79 -34.44
N MET F 422 31.81 45.95 -33.24
CA MET F 422 31.96 44.81 -32.36
C MET F 422 31.77 45.09 -30.88
N VAL F 423 31.33 44.08 -30.15
CA VAL F 423 31.12 44.20 -28.71
C VAL F 423 31.69 42.95 -28.02
N ALA F 424 32.40 43.16 -26.92
CA ALA F 424 32.96 42.03 -26.19
C ALA F 424 32.69 42.21 -24.71
N LEU F 425 32.15 41.15 -24.09
CA LEU F 425 31.85 41.19 -22.67
C LEU F 425 32.51 40.03 -21.95
N GLY F 426 33.30 40.36 -20.92
CA GLY F 426 34.00 39.33 -20.16
C GLY F 426 35.50 39.56 -20.12
N ASN F 427 36.28 38.48 -20.28
CA ASN F 427 37.74 38.63 -20.29
C ASN F 427 38.16 39.20 -21.64
N THR F 428 38.20 40.51 -21.70
CA THR F 428 38.51 41.25 -22.88
C THR F 428 39.98 41.22 -23.35
N SER F 429 40.90 40.90 -22.45
CA SER F 429 42.32 40.91 -22.80
C SER F 429 42.76 40.15 -24.05
N THR F 430 42.04 39.10 -24.41
CA THR F 430 42.43 38.30 -25.56
C THR F 430 41.63 38.57 -26.84
N VAL F 431 40.78 39.59 -26.81
CA VAL F 431 39.94 39.94 -27.96
C VAL F 431 40.53 40.93 -28.96
N PRO F 432 40.53 40.57 -30.25
CA PRO F 432 41.08 41.51 -31.22
C PRO F 432 40.26 42.78 -31.52
N ASN F 433 40.99 43.74 -32.06
CA ASN F 433 40.54 45.07 -32.45
C ASN F 433 39.59 45.09 -33.65
N VAL F 434 38.78 46.12 -33.77
CA VAL F 434 37.91 46.19 -34.93
C VAL F 434 38.74 46.46 -36.18
N SER F 435 39.87 47.17 -36.05
CA SER F 435 40.68 47.44 -37.25
C SER F 435 41.49 46.16 -37.58
N TYR F 436 41.71 45.33 -36.56
CA TYR F 436 42.40 44.07 -36.76
C TYR F 436 41.48 43.21 -37.61
N ILE F 437 40.22 43.17 -37.23
CA ILE F 437 39.26 42.36 -37.96
C ILE F 437 39.11 42.77 -39.42
N GLU F 438 38.99 44.07 -39.69
CA GLU F 438 38.82 44.54 -41.06
C GLU F 438 40.08 44.23 -41.85
N GLU F 439 41.23 44.45 -41.22
CA GLU F 439 42.46 44.19 -41.93
C GLU F 439 42.53 42.76 -42.41
N LYS F 440 42.28 41.82 -41.50
CA LYS F 440 42.32 40.40 -41.86
C LYS F 440 41.24 39.99 -42.85
N LEU F 441 40.04 40.55 -42.71
CA LEU F 441 38.91 40.20 -43.56
C LEU F 441 39.06 40.69 -45.00
N ASN F 442 39.52 41.94 -45.15
CA ASN F 442 39.67 42.56 -46.48
C ASN F 442 40.93 42.11 -47.18
N GLN F 443 41.89 41.68 -46.37
CA GLN F 443 43.19 41.17 -46.79
C GLN F 443 43.06 40.09 -47.86
N ALA G 1 -30.59 -20.38 -12.37
CA ALA G 1 -30.72 -19.23 -13.25
C ALA G 1 -32.19 -18.86 -13.46
N ARG G 2 -33.14 -19.70 -13.00
CA ARG G 2 -34.60 -19.45 -13.12
C ARG G 2 -35.42 -20.52 -12.38
N THR G 3 -35.43 -21.72 -12.95
CA THR G 3 -36.14 -22.86 -12.40
C THR G 3 -35.14 -23.90 -11.90
N ASP G 4 -33.91 -23.83 -12.39
CA ASP G 4 -32.88 -24.80 -12.01
C ASP G 4 -32.34 -24.65 -10.59
N ASN G 5 -32.71 -23.57 -9.91
CA ASN G 5 -32.22 -23.34 -8.56
C ASN G 5 -30.68 -23.13 -8.64
N PHE G 6 -30.28 -22.44 -9.69
CA PHE G 6 -28.88 -22.14 -9.92
C PHE G 6 -28.38 -20.96 -9.09
N LYS G 7 -27.31 -21.16 -8.35
CA LYS G 7 -26.77 -20.08 -7.54
C LYS G 7 -25.30 -20.02 -7.82
N LEU G 8 -24.75 -18.81 -7.82
CA LEU G 8 -23.33 -18.62 -8.09
C LEU G 8 -22.67 -17.58 -7.23
N SER G 9 -21.46 -17.84 -6.76
CA SER G 9 -20.76 -16.82 -5.99
C SER G 9 -19.27 -17.11 -5.99
N SER G 10 -18.47 -16.22 -5.41
CA SER G 10 -17.02 -16.39 -5.39
C SER G 10 -16.38 -16.35 -4.02
N LEU G 11 -15.26 -17.07 -3.90
CA LEU G 11 -14.53 -17.04 -2.65
C LEU G 11 -13.65 -15.81 -2.82
N ALA G 12 -13.05 -15.34 -1.74
CA ALA G 12 -12.22 -14.16 -1.90
C ALA G 12 -11.05 -14.39 -2.86
N ASN G 13 -10.58 -15.63 -3.01
CA ASN G 13 -9.45 -15.84 -3.91
C ASN G 13 -9.90 -15.93 -5.37
N GLY G 14 -11.20 -15.77 -5.61
CA GLY G 14 -11.68 -15.78 -6.97
C GLY G 14 -12.26 -17.09 -7.50
N LEU G 15 -12.16 -18.14 -6.70
CA LEU G 15 -12.69 -19.42 -7.08
C LEU G 15 -14.20 -19.24 -7.17
N LYS G 16 -14.79 -19.62 -8.30
CA LYS G 16 -16.24 -19.50 -8.43
C LYS G 16 -16.91 -20.79 -7.97
N VAL G 17 -18.00 -20.67 -7.20
CA VAL G 17 -18.73 -21.82 -6.68
C VAL G 17 -20.15 -21.83 -7.24
N ALA G 18 -20.48 -22.82 -8.06
CA ALA G 18 -21.79 -22.95 -8.70
C ALA G 18 -22.60 -24.17 -8.25
N THR G 19 -23.88 -23.95 -7.93
CA THR G 19 -24.78 -25.03 -7.51
C THR G 19 -26.07 -24.97 -8.31
N SER G 20 -26.69 -26.12 -8.51
CA SER G 20 -27.96 -26.15 -9.21
C SER G 20 -28.75 -27.37 -8.77
N ASN G 21 -30.04 -27.36 -9.14
CA ASN G 21 -30.95 -28.44 -8.82
C ASN G 21 -31.22 -28.51 -7.32
N THR G 22 -31.96 -29.53 -6.93
CA THR G 22 -32.33 -29.73 -5.54
C THR G 22 -31.95 -31.13 -5.10
N PRO G 23 -32.06 -31.44 -3.80
CA PRO G 23 -31.72 -32.76 -3.28
C PRO G 23 -32.31 -33.91 -4.05
N GLY G 24 -31.50 -34.93 -4.24
CA GLY G 24 -31.94 -36.09 -4.98
C GLY G 24 -31.43 -37.35 -4.35
N HIS G 25 -31.41 -38.44 -5.12
CA HIS G 25 -30.98 -39.73 -4.59
C HIS G 25 -29.46 -39.75 -4.37
N PHE G 26 -28.75 -38.80 -4.97
CA PHE G 26 -27.30 -38.69 -4.81
C PHE G 26 -26.84 -37.40 -5.46
N SER G 27 -25.57 -37.05 -5.30
CA SER G 27 -25.01 -35.80 -5.82
C SER G 27 -23.86 -35.96 -6.82
N ALA G 28 -23.55 -34.83 -7.45
CA ALA G 28 -22.48 -34.74 -8.44
C ALA G 28 -21.69 -33.46 -8.13
N LEU G 29 -20.38 -33.51 -8.32
CA LEU G 29 -19.54 -32.35 -8.07
C LEU G 29 -18.29 -32.51 -8.90
N GLY G 30 -17.63 -31.38 -9.15
CA GLY G 30 -16.40 -31.41 -9.90
C GLY G 30 -15.65 -30.10 -9.89
N LEU G 31 -14.36 -30.17 -10.25
CA LEU G 31 -13.53 -28.97 -10.35
C LEU G 31 -13.22 -28.81 -11.85
N TYR G 32 -13.40 -27.59 -12.34
CA TYR G 32 -13.15 -27.28 -13.74
C TYR G 32 -12.06 -26.20 -13.86
N ILE G 33 -11.04 -26.51 -14.65
CA ILE G 33 -9.93 -25.59 -14.86
C ILE G 33 -9.92 -25.14 -16.29
N ASP G 34 -9.72 -23.83 -16.50
CA ASP G 34 -9.67 -23.29 -17.88
C ASP G 34 -8.30 -23.61 -18.44
N ALA G 35 -8.14 -24.83 -18.91
CA ALA G 35 -6.88 -25.28 -19.47
C ALA G 35 -7.19 -26.23 -20.60
N GLY G 36 -6.17 -26.77 -21.22
CA GLY G 36 -6.41 -27.67 -22.33
C GLY G 36 -5.27 -27.61 -23.33
N SER G 37 -5.29 -28.51 -24.30
CA SER G 37 -4.23 -28.52 -25.28
C SER G 37 -4.10 -27.19 -26.04
N ARG G 38 -5.16 -26.41 -26.16
CA ARG G 38 -5.01 -25.16 -26.91
C ARG G 38 -4.11 -24.11 -26.22
N PHE G 39 -3.73 -24.35 -24.98
CA PHE G 39 -2.88 -23.44 -24.26
C PHE G 39 -1.45 -23.92 -24.15
N GLU G 40 -1.17 -25.12 -24.62
CA GLU G 40 0.16 -25.67 -24.48
C GLU G 40 1.24 -24.98 -25.31
N GLY G 41 0.88 -24.35 -26.40
CA GLY G 41 1.90 -23.73 -27.22
C GLY G 41 2.82 -24.85 -27.67
N ARG G 42 4.06 -24.54 -28.02
CA ARG G 42 4.99 -25.58 -28.44
C ARG G 42 5.83 -26.04 -27.24
N ASN G 43 5.87 -25.22 -26.20
CA ASN G 43 6.68 -25.56 -25.05
C ASN G 43 6.12 -26.56 -24.06
N LEU G 44 4.80 -26.62 -23.93
CA LEU G 44 4.17 -27.51 -22.96
C LEU G 44 3.32 -28.60 -23.60
N LYS G 45 3.68 -28.97 -24.81
CA LYS G 45 2.94 -29.98 -25.53
C LYS G 45 2.87 -31.28 -24.75
N GLY G 46 1.66 -31.80 -24.60
CA GLY G 46 1.48 -33.05 -23.89
C GLY G 46 1.24 -32.91 -22.38
N CYS G 47 1.45 -31.70 -21.84
CA CYS G 47 1.27 -31.57 -20.41
C CYS G 47 -0.16 -31.74 -19.95
N THR G 48 -1.13 -31.29 -20.72
CA THR G 48 -2.51 -31.44 -20.30
C THR G 48 -2.89 -32.92 -20.14
N HIS G 49 -2.53 -33.74 -21.12
CA HIS G 49 -2.86 -35.17 -21.04
C HIS G 49 -2.18 -35.87 -19.84
N ILE G 50 -0.88 -35.68 -19.68
CA ILE G 50 -0.16 -36.31 -18.58
C ILE G 50 -0.72 -35.88 -17.21
N LEU G 51 -1.01 -34.59 -17.05
CA LEU G 51 -1.56 -34.17 -15.77
C LEU G 51 -2.89 -34.84 -15.54
N ASP G 52 -3.72 -35.04 -16.58
CA ASP G 52 -5.00 -35.63 -16.29
C ASP G 52 -4.89 -37.14 -16.01
N ARG G 53 -3.84 -37.78 -16.54
CA ARG G 53 -3.60 -39.19 -16.32
C ARG G 53 -2.96 -39.40 -14.94
N LEU G 54 -2.50 -38.29 -14.37
CA LEU G 54 -1.82 -38.27 -13.08
C LEU G 54 -2.84 -37.91 -11.99
N ALA G 55 -4.07 -37.69 -12.41
CA ALA G 55 -5.10 -37.34 -11.47
C ALA G 55 -5.33 -38.39 -10.38
N PHE G 56 -5.57 -37.94 -9.15
CA PHE G 56 -5.85 -38.87 -8.07
C PHE G 56 -4.75 -39.85 -7.67
N LYS G 57 -3.50 -39.46 -7.80
CA LYS G 57 -2.41 -40.33 -7.38
C LYS G 57 -2.02 -39.75 -6.02
N SER G 58 -0.82 -40.02 -5.53
CA SER G 58 -0.48 -39.45 -4.23
C SER G 58 -0.44 -37.91 -4.21
N THR G 59 -0.80 -37.37 -3.04
CA THR G 59 -0.79 -35.94 -2.81
C THR G 59 0.00 -35.70 -1.53
N GLU G 60 0.28 -34.44 -1.22
CA GLU G 60 1.05 -34.13 -0.01
C GLU G 60 0.42 -34.71 1.26
N HIS G 61 -0.91 -34.81 1.31
CA HIS G 61 -1.55 -35.28 2.52
C HIS G 61 -2.20 -36.63 2.42
N VAL G 62 -2.11 -37.28 1.27
CA VAL G 62 -2.75 -38.57 1.12
C VAL G 62 -1.91 -39.54 0.32
N GLU G 63 -1.50 -40.64 0.94
CA GLU G 63 -0.71 -41.66 0.27
C GLU G 63 -1.45 -42.19 -0.95
N GLY G 64 -0.70 -42.53 -2.00
CA GLY G 64 -1.32 -43.03 -3.20
C GLY G 64 -2.32 -44.16 -2.98
N ARG G 65 -1.92 -45.16 -2.20
CA ARG G 65 -2.79 -46.29 -1.95
C ARG G 65 -4.08 -45.84 -1.26
N ALA G 66 -3.95 -45.02 -0.21
CA ALA G 66 -5.12 -44.54 0.52
C ALA G 66 -6.05 -43.74 -0.38
N MET G 67 -5.48 -42.99 -1.32
CA MET G 67 -6.31 -42.21 -2.23
C MET G 67 -7.19 -43.17 -3.04
N ALA G 68 -6.56 -44.16 -3.65
CA ALA G 68 -7.28 -45.12 -4.45
C ALA G 68 -8.31 -45.89 -3.64
N GLU G 69 -7.93 -46.40 -2.47
CA GLU G 69 -8.89 -47.16 -1.68
C GLU G 69 -10.06 -46.31 -1.22
N THR G 70 -9.79 -45.07 -0.84
CA THR G 70 -10.88 -44.21 -0.40
C THR G 70 -11.81 -43.91 -1.58
N LEU G 71 -11.26 -43.72 -2.75
CA LEU G 71 -12.11 -43.45 -3.89
C LEU G 71 -12.95 -44.69 -4.18
N GLU G 72 -12.40 -45.89 -3.97
CA GLU G 72 -13.19 -47.08 -4.20
C GLU G 72 -14.35 -47.05 -3.23
N LEU G 73 -14.04 -46.83 -1.96
CA LEU G 73 -15.07 -46.82 -0.95
C LEU G 73 -16.15 -45.78 -1.19
N LEU G 74 -15.86 -44.76 -1.98
CA LEU G 74 -16.86 -43.74 -2.28
C LEU G 74 -17.68 -44.10 -3.50
N GLY G 75 -17.48 -45.31 -4.03
CA GLY G 75 -18.23 -45.74 -5.20
C GLY G 75 -17.39 -45.78 -6.47
N GLY G 76 -16.19 -45.24 -6.40
CA GLY G 76 -15.31 -45.24 -7.56
C GLY G 76 -15.83 -44.58 -8.82
N ASN G 77 -16.88 -43.77 -8.73
CA ASN G 77 -17.41 -43.15 -9.93
C ASN G 77 -16.89 -41.70 -10.08
N TYR G 78 -15.60 -41.61 -10.39
CA TYR G 78 -14.95 -40.33 -10.53
C TYR G 78 -14.03 -40.36 -11.74
N GLN G 79 -13.72 -39.21 -12.30
CA GLN G 79 -12.78 -39.18 -13.40
C GLN G 79 -12.22 -37.79 -13.68
N CYS G 80 -11.08 -37.80 -14.35
CA CYS G 80 -10.45 -36.59 -14.76
C CYS G 80 -10.28 -36.74 -16.28
N THR G 81 -10.66 -35.72 -17.02
CA THR G 81 -10.47 -35.79 -18.44
C THR G 81 -10.15 -34.37 -18.88
N SER G 82 -9.60 -34.24 -20.08
CA SER G 82 -9.22 -32.95 -20.63
C SER G 82 -9.45 -32.96 -22.12
N SER G 83 -9.57 -31.78 -22.70
CA SER G 83 -9.77 -31.65 -24.13
C SER G 83 -8.92 -30.49 -24.68
N ARG G 84 -9.40 -29.86 -25.74
CA ARG G 84 -8.69 -28.76 -26.33
C ARG G 84 -8.88 -27.56 -25.44
N GLU G 85 -10.07 -27.44 -24.86
CA GLU G 85 -10.42 -26.31 -24.01
C GLU G 85 -10.76 -26.60 -22.57
N ASN G 86 -10.61 -27.83 -22.10
CA ASN G 86 -10.97 -28.09 -20.73
C ASN G 86 -10.13 -29.15 -20.04
N LEU G 87 -10.18 -29.05 -18.72
CA LEU G 87 -9.48 -29.96 -17.83
C LEU G 87 -10.43 -30.09 -16.64
N MET G 88 -11.03 -31.26 -16.45
CA MET G 88 -11.99 -31.40 -15.37
C MET G 88 -11.92 -32.67 -14.54
N TYR G 89 -12.25 -32.51 -13.25
CA TYR G 89 -12.26 -33.61 -12.34
C TYR G 89 -13.73 -33.71 -11.90
N GLN G 90 -14.37 -34.84 -12.19
CA GLN G 90 -15.79 -34.96 -11.83
C GLN G 90 -16.13 -36.29 -11.15
N ALA G 91 -17.26 -36.28 -10.45
CA ALA G 91 -17.75 -37.47 -9.80
C ALA G 91 -19.18 -37.35 -9.30
N SER G 92 -19.87 -38.49 -9.20
CA SER G 92 -21.20 -38.49 -8.62
C SER G 92 -20.97 -39.38 -7.40
N VAL G 93 -21.49 -38.97 -6.25
CA VAL G 93 -21.31 -39.73 -5.01
C VAL G 93 -22.59 -39.68 -4.23
N PHE G 94 -22.69 -40.48 -3.16
CA PHE G 94 -23.89 -40.44 -2.34
C PHE G 94 -23.85 -39.14 -1.56
N ASN G 95 -25.03 -38.58 -1.31
CA ASN G 95 -25.15 -37.28 -0.64
C ASN G 95 -24.26 -37.01 0.56
N GLN G 96 -24.10 -37.98 1.44
CA GLN G 96 -23.27 -37.74 2.62
C GLN G 96 -21.77 -37.70 2.34
N ASP G 97 -21.36 -38.11 1.13
CA ASP G 97 -19.93 -38.11 0.81
C ASP G 97 -19.38 -36.96 0.00
N VAL G 98 -20.18 -35.93 -0.25
CA VAL G 98 -19.70 -34.80 -1.01
C VAL G 98 -18.43 -34.16 -0.46
N GLY G 99 -18.41 -33.90 0.84
CA GLY G 99 -17.25 -33.28 1.44
C GLY G 99 -15.98 -34.10 1.29
N LYS G 100 -16.05 -35.41 1.49
CA LYS G 100 -14.86 -36.24 1.36
C LYS G 100 -14.34 -36.25 -0.08
N MET G 101 -15.24 -36.35 -1.06
CA MET G 101 -14.83 -36.34 -2.44
C MET G 101 -14.20 -34.99 -2.76
N LEU G 102 -14.81 -33.91 -2.27
CA LEU G 102 -14.27 -32.58 -2.54
C LEU G 102 -12.88 -32.48 -1.99
N GLN G 103 -12.69 -33.03 -0.79
CA GLN G 103 -11.37 -32.99 -0.19
C GLN G 103 -10.32 -33.69 -1.08
N LEU G 104 -10.62 -34.91 -1.51
CA LEU G 104 -9.68 -35.62 -2.34
C LEU G 104 -9.45 -34.84 -3.65
N MET G 105 -10.51 -34.31 -4.25
CA MET G 105 -10.34 -33.54 -5.46
C MET G 105 -9.41 -32.38 -5.26
N SER G 106 -9.55 -31.66 -4.16
CA SER G 106 -8.67 -30.52 -3.99
C SER G 106 -7.28 -30.93 -3.62
N GLU G 107 -7.13 -32.14 -3.09
CA GLU G 107 -5.81 -32.66 -2.76
C GLU G 107 -5.02 -32.92 -4.07
N THR G 108 -5.67 -33.58 -5.03
CA THR G 108 -5.00 -33.86 -6.27
C THR G 108 -4.89 -32.64 -7.15
N VAL G 109 -5.74 -31.64 -6.92
CA VAL G 109 -5.62 -30.44 -7.71
C VAL G 109 -4.63 -29.46 -7.09
N ARG G 110 -4.47 -29.47 -5.76
CA ARG G 110 -3.53 -28.54 -5.11
C ARG G 110 -2.24 -29.12 -4.58
N PHE G 111 -2.24 -30.39 -4.22
CA PHE G 111 -1.05 -30.98 -3.63
C PHE G 111 -0.57 -32.25 -4.22
N PRO G 112 -0.68 -32.42 -5.54
CA PRO G 112 -0.22 -33.66 -6.17
C PRO G 112 1.28 -33.78 -5.94
N LYS G 113 1.75 -34.98 -5.63
CA LYS G 113 3.17 -35.19 -5.40
C LYS G 113 3.92 -35.33 -6.72
N ILE G 114 3.32 -36.07 -7.66
CA ILE G 114 3.97 -36.34 -8.96
C ILE G 114 5.38 -36.85 -8.77
N THR G 115 5.50 -38.05 -8.23
CA THR G 115 6.81 -38.65 -7.98
C THR G 115 7.46 -39.16 -9.27
N GLU G 116 8.79 -39.39 -9.24
CA GLU G 116 9.47 -39.91 -10.42
C GLU G 116 8.72 -41.15 -10.93
N GLN G 117 8.40 -42.06 -10.03
CA GLN G 117 7.70 -43.27 -10.43
C GLN G 117 6.33 -43.01 -11.07
N GLU G 118 5.51 -42.18 -10.44
CA GLU G 118 4.21 -41.93 -10.99
C GLU G 118 4.31 -41.37 -12.40
N LEU G 119 5.22 -40.41 -12.58
CA LEU G 119 5.38 -39.78 -13.89
C LEU G 119 5.90 -40.78 -14.91
N GLN G 120 6.85 -41.63 -14.51
CA GLN G 120 7.42 -42.62 -15.41
C GLN G 120 6.33 -43.56 -15.89
N GLU G 121 5.46 -43.98 -14.97
CA GLU G 121 4.36 -44.85 -15.34
C GLU G 121 3.45 -44.23 -16.40
N GLN G 122 2.95 -43.02 -16.15
CA GLN G 122 2.08 -42.38 -17.10
C GLN G 122 2.74 -42.11 -18.44
N LYS G 123 4.02 -41.77 -18.45
CA LYS G 123 4.72 -41.54 -19.71
C LYS G 123 4.84 -42.85 -20.51
N LEU G 124 5.27 -43.94 -19.87
CA LEU G 124 5.40 -45.23 -20.54
C LEU G 124 4.04 -45.63 -21.15
N SER G 125 3.02 -45.45 -20.34
CA SER G 125 1.65 -45.73 -20.70
C SER G 125 1.11 -44.81 -21.81
N ALA G 126 1.51 -43.55 -21.83
CA ALA G 126 1.06 -42.65 -22.89
C ALA G 126 1.57 -43.09 -24.26
N GLU G 127 2.80 -43.62 -24.34
CA GLU G 127 3.31 -44.05 -25.64
C GLU G 127 2.38 -45.11 -26.27
N TYR G 128 1.99 -46.10 -25.47
CA TYR G 128 1.12 -47.16 -25.96
C TYR G 128 -0.24 -46.59 -26.30
N GLU G 129 -0.73 -45.67 -25.50
CA GLU G 129 -2.02 -45.07 -25.81
C GLU G 129 -1.99 -44.34 -27.17
N ILE G 130 -0.91 -43.61 -27.46
CA ILE G 130 -0.81 -42.89 -28.72
C ILE G 130 -0.74 -43.86 -29.88
N ASP G 131 0.00 -44.96 -29.70
CA ASP G 131 0.10 -45.91 -30.77
C ASP G 131 -1.28 -46.46 -31.14
N GLU G 132 -2.14 -46.67 -30.14
CA GLU G 132 -3.49 -47.17 -30.42
C GLU G 132 -4.35 -46.11 -31.09
N VAL G 133 -4.32 -44.89 -30.53
CA VAL G 133 -5.11 -43.81 -31.08
C VAL G 133 -4.89 -43.63 -32.57
N TRP G 134 -3.64 -43.74 -33.03
CA TRP G 134 -3.36 -43.55 -34.44
C TRP G 134 -3.89 -44.61 -35.39
N MET G 135 -4.64 -45.57 -34.87
CA MET G 135 -5.19 -46.59 -35.74
C MET G 135 -6.68 -46.43 -35.84
N LYS G 136 -7.22 -45.46 -35.14
CA LYS G 136 -8.65 -45.21 -35.17
C LYS G 136 -9.00 -43.96 -35.97
N PRO G 137 -9.57 -44.16 -37.18
CA PRO G 137 -9.94 -43.01 -38.01
C PRO G 137 -10.88 -42.04 -37.33
N GLU G 138 -11.80 -42.56 -36.53
CA GLU G 138 -12.74 -41.72 -35.80
C GLU G 138 -12.03 -40.71 -34.91
N LEU G 139 -10.80 -41.02 -34.52
CA LEU G 139 -10.02 -40.11 -33.69
C LEU G 139 -9.06 -39.30 -34.54
N VAL G 140 -8.35 -40.01 -35.41
CA VAL G 140 -7.38 -39.38 -36.26
C VAL G 140 -7.88 -38.29 -37.22
N LEU G 141 -8.95 -38.56 -37.97
CA LEU G 141 -9.43 -37.55 -38.92
C LEU G 141 -9.77 -36.21 -38.24
N PRO G 142 -10.55 -36.25 -37.16
CA PRO G 142 -10.87 -34.98 -36.51
C PRO G 142 -9.59 -34.26 -36.03
N GLU G 143 -8.60 -35.03 -35.62
CA GLU G 143 -7.34 -34.46 -35.18
C GLU G 143 -6.73 -33.69 -36.36
N LEU G 144 -6.62 -34.35 -37.52
CA LEU G 144 -6.07 -33.73 -38.71
C LEU G 144 -6.87 -32.51 -39.11
N LEU G 145 -8.19 -32.59 -38.92
CA LEU G 145 -9.07 -31.51 -39.30
C LEU G 145 -8.69 -30.22 -38.54
N HIS G 146 -8.53 -30.35 -37.21
CA HIS G 146 -8.18 -29.19 -36.36
C HIS G 146 -6.80 -28.62 -36.68
N THR G 147 -5.82 -29.50 -36.81
CA THR G 147 -4.47 -29.05 -37.11
C THR G 147 -4.48 -28.23 -38.39
N ALA G 148 -5.19 -28.72 -39.39
CA ALA G 148 -5.21 -27.99 -40.62
C ALA G 148 -6.06 -26.73 -40.55
N ALA G 149 -7.17 -26.76 -39.82
CA ALA G 149 -8.02 -25.60 -39.74
C ALA G 149 -7.36 -24.39 -39.08
N TYR G 150 -6.43 -24.63 -38.15
CA TYR G 150 -5.72 -23.53 -37.49
C TYR G 150 -4.19 -23.56 -37.66
N SER G 151 -3.71 -24.33 -38.63
CA SER G 151 -2.29 -24.42 -38.85
C SER G 151 -1.47 -24.74 -37.62
N GLY G 152 -1.92 -25.74 -36.88
CA GLY G 152 -1.20 -26.19 -35.71
C GLY G 152 -1.18 -25.27 -34.51
N GLU G 153 -1.90 -24.15 -34.56
CA GLU G 153 -1.94 -23.22 -33.44
C GLU G 153 -3.22 -23.34 -32.63
N THR G 154 -3.11 -23.06 -31.33
CA THR G 154 -4.23 -23.10 -30.38
C THR G 154 -5.23 -24.24 -30.59
N LEU G 155 -6.41 -23.94 -31.11
CA LEU G 155 -7.42 -24.99 -31.33
C LEU G 155 -6.95 -26.11 -32.24
N GLY G 156 -5.88 -25.83 -32.99
CA GLY G 156 -5.29 -26.82 -33.89
C GLY G 156 -3.97 -27.37 -33.37
N SER G 157 -3.60 -26.94 -32.18
CA SER G 157 -2.38 -27.46 -31.56
C SER G 157 -2.76 -28.90 -31.18
N PRO G 158 -1.95 -29.85 -31.57
CA PRO G 158 -2.15 -31.30 -31.32
C PRO G 158 -2.86 -31.73 -30.06
N LEU G 159 -3.96 -32.44 -30.22
CA LEU G 159 -4.69 -32.94 -29.06
C LEU G 159 -4.04 -34.29 -28.75
N ILE G 160 -3.45 -34.90 -29.75
CA ILE G 160 -2.75 -36.17 -29.57
C ILE G 160 -1.29 -35.77 -29.52
N CYS G 161 -0.66 -36.01 -28.39
CA CYS G 161 0.72 -35.64 -28.25
C CYS G 161 1.65 -36.46 -29.11
N PRO G 162 2.53 -35.79 -29.85
CA PRO G 162 3.52 -36.45 -30.72
C PRO G 162 4.31 -37.47 -29.89
N ARG G 163 4.51 -38.69 -30.39
CA ARG G 163 5.26 -39.72 -29.63
C ARG G 163 6.62 -39.29 -29.07
N GLY G 164 7.45 -38.71 -29.94
CA GLY G 164 8.78 -38.28 -29.53
C GLY G 164 8.88 -37.18 -28.48
N LEU G 165 7.78 -36.48 -28.23
CA LEU G 165 7.79 -35.42 -27.24
C LEU G 165 7.37 -35.92 -25.87
N ILE G 166 6.91 -37.16 -25.78
CA ILE G 166 6.47 -37.68 -24.50
C ILE G 166 7.60 -37.88 -23.48
N PRO G 167 8.71 -38.46 -23.92
CA PRO G 167 9.81 -38.68 -22.99
C PRO G 167 10.41 -37.41 -22.41
N SER G 168 10.23 -36.29 -23.07
CA SER G 168 10.81 -35.06 -22.57
C SER G 168 9.87 -34.20 -21.72
N ILE G 169 8.70 -34.76 -21.40
CA ILE G 169 7.76 -34.10 -20.52
C ILE G 169 8.29 -34.38 -19.12
N SER G 170 8.82 -33.34 -18.50
CA SER G 170 9.44 -33.39 -17.19
C SER G 170 8.58 -32.85 -16.06
N LYS G 171 8.96 -33.22 -14.85
CA LYS G 171 8.24 -32.68 -13.73
C LYS G 171 8.30 -31.14 -13.81
N TYR G 172 9.45 -30.63 -14.24
CA TYR G 172 9.62 -29.20 -14.38
C TYR G 172 8.54 -28.59 -15.25
N TYR G 173 8.31 -29.18 -16.43
CA TYR G 173 7.27 -28.66 -17.32
C TYR G 173 5.84 -28.83 -16.76
N LEU G 174 5.59 -29.96 -16.10
CA LEU G 174 4.28 -30.16 -15.51
C LEU G 174 4.06 -29.08 -14.41
N LEU G 175 5.13 -28.72 -13.69
CA LEU G 175 4.97 -27.70 -12.66
C LEU G 175 4.78 -26.36 -13.31
N ASP G 176 5.41 -26.16 -14.47
CA ASP G 176 5.23 -24.88 -15.15
C ASP G 176 3.79 -24.73 -15.59
N TYR G 177 3.24 -25.80 -16.15
CA TYR G 177 1.85 -25.78 -16.59
C TYR G 177 0.96 -25.51 -15.35
N ARG G 178 1.14 -26.31 -14.29
CA ARG G 178 0.33 -26.15 -13.10
C ARG G 178 0.39 -24.71 -12.58
N ASN G 179 1.58 -24.14 -12.50
CA ASN G 179 1.70 -22.80 -11.98
C ASN G 179 1.09 -21.75 -12.89
N LYS G 180 0.81 -22.10 -14.14
CA LYS G 180 0.21 -21.12 -15.00
C LYS G 180 -1.30 -21.24 -14.96
N PHE G 181 -1.81 -22.47 -14.94
CA PHE G 181 -3.25 -22.66 -15.03
C PHE G 181 -4.04 -23.13 -13.83
N TYR G 182 -3.37 -23.82 -12.91
CA TYR G 182 -4.04 -24.27 -11.71
C TYR G 182 -4.03 -23.14 -10.64
N THR G 183 -4.84 -22.10 -10.85
CA THR G 183 -4.93 -21.02 -9.88
C THR G 183 -6.40 -20.93 -9.54
N PRO G 184 -6.73 -20.47 -8.32
CA PRO G 184 -8.16 -20.41 -8.00
C PRO G 184 -8.99 -19.54 -8.95
N GLU G 185 -8.42 -18.43 -9.42
CA GLU G 185 -9.20 -17.58 -10.34
C GLU G 185 -9.42 -18.22 -11.73
N ASN G 186 -8.86 -19.40 -11.95
CA ASN G 186 -9.00 -20.08 -13.24
C ASN G 186 -9.73 -21.41 -13.03
N THR G 187 -10.43 -21.49 -11.91
CA THR G 187 -11.12 -22.71 -11.53
C THR G 187 -12.58 -22.53 -11.10
N VAL G 188 -13.38 -23.57 -11.30
CA VAL G 188 -14.76 -23.48 -10.87
C VAL G 188 -15.09 -24.74 -10.10
N ALA G 189 -15.80 -24.59 -9.00
CA ALA G 189 -16.23 -25.77 -8.25
C ALA G 189 -17.74 -25.82 -8.48
N ALA G 190 -18.25 -26.94 -9.00
CA ALA G 190 -19.68 -27.04 -9.28
C ALA G 190 -20.32 -28.25 -8.59
N PHE G 191 -21.57 -28.09 -8.17
CA PHE G 191 -22.27 -29.16 -7.48
C PHE G 191 -23.70 -29.24 -7.93
N VAL G 192 -24.20 -30.47 -8.06
CA VAL G 192 -25.60 -30.68 -8.42
C VAL G 192 -26.25 -31.44 -7.25
N GLY G 193 -27.35 -30.88 -6.73
CA GLY G 193 -28.06 -31.50 -5.63
C GLY G 193 -27.42 -31.23 -4.28
N VAL G 194 -26.63 -30.16 -4.20
CA VAL G 194 -25.97 -29.80 -2.96
C VAL G 194 -26.39 -28.36 -2.68
N PRO G 195 -26.89 -28.08 -1.47
CA PRO G 195 -27.32 -26.72 -1.15
C PRO G 195 -26.15 -25.74 -1.29
N HIS G 196 -26.41 -24.61 -1.93
CA HIS G 196 -25.37 -23.62 -2.13
C HIS G 196 -24.57 -23.26 -0.87
N GLU G 197 -25.28 -23.14 0.25
CA GLU G 197 -24.66 -22.76 1.52
C GLU G 197 -23.61 -23.77 1.91
N LYS G 198 -23.97 -25.04 1.82
CA LYS G 198 -23.10 -26.15 2.15
C LYS G 198 -21.88 -26.14 1.23
N ALA G 199 -22.12 -25.87 -0.05
CA ALA G 199 -21.05 -25.89 -1.03
C ALA G 199 -20.05 -24.81 -0.74
N LEU G 200 -20.53 -23.64 -0.35
CA LEU G 200 -19.63 -22.54 0.01
C LEU G 200 -18.83 -22.97 1.26
N GLU G 201 -19.50 -23.63 2.18
CA GLU G 201 -18.85 -24.09 3.38
C GLU G 201 -17.69 -25.01 3.04
N LEU G 202 -17.98 -26.07 2.29
CA LEU G 202 -17.00 -27.04 1.90
C LEU G 202 -15.90 -26.48 1.01
N THR G 203 -16.29 -25.67 0.02
CA THR G 203 -15.32 -25.09 -0.90
C THR G 203 -14.33 -24.22 -0.13
N GLY G 204 -14.88 -23.39 0.75
CA GLY G 204 -14.02 -22.50 1.54
C GLY G 204 -13.06 -23.32 2.40
N LYS G 205 -13.57 -24.42 2.96
CA LYS G 205 -12.75 -25.26 3.79
C LYS G 205 -11.55 -25.88 3.06
N TYR G 206 -11.75 -26.38 1.85
CA TYR G 206 -10.67 -27.04 1.13
C TYR G 206 -9.95 -26.23 0.08
N LEU G 207 -10.57 -25.19 -0.43
CA LEU G 207 -9.95 -24.37 -1.45
C LEU G 207 -9.81 -22.89 -1.09
N GLY G 208 -10.45 -22.44 -0.02
CA GLY G 208 -10.37 -21.04 0.35
C GLY G 208 -9.00 -20.40 0.58
N ASP G 209 -8.04 -21.13 1.17
CA ASP G 209 -6.74 -20.55 1.41
C ASP G 209 -5.79 -20.75 0.24
N TRP G 210 -6.31 -21.28 -0.85
CA TRP G 210 -5.51 -21.50 -2.04
C TRP G 210 -5.21 -20.09 -2.60
N GLN G 211 -3.95 -19.82 -2.93
CA GLN G 211 -3.57 -18.51 -3.45
C GLN G 211 -3.04 -18.64 -4.85
N SER G 212 -3.17 -17.57 -5.65
CA SER G 212 -2.69 -17.59 -7.01
C SER G 212 -1.16 -17.45 -7.13
N THR G 213 -0.61 -17.90 -8.25
CA THR G 213 0.83 -17.77 -8.47
C THR G 213 1.09 -16.54 -9.30
N HIS G 214 0.03 -15.88 -9.76
CA HIS G 214 0.14 -14.65 -10.58
C HIS G 214 1.06 -14.83 -11.79
N PRO G 215 0.77 -15.87 -12.59
CA PRO G 215 1.57 -16.18 -13.78
C PRO G 215 1.30 -15.24 -14.93
N PRO G 216 2.15 -15.30 -15.97
CA PRO G 216 2.05 -14.50 -17.20
C PRO G 216 0.80 -14.97 -18.01
N ILE G 217 -0.06 -14.04 -18.45
CA ILE G 217 -1.26 -14.38 -19.21
C ILE G 217 -0.91 -14.82 -20.63
N THR G 218 -0.95 -16.12 -20.90
CA THR G 218 -0.61 -16.59 -22.24
C THR G 218 -1.78 -17.27 -22.98
N LYS G 219 -2.88 -16.52 -23.20
CA LYS G 219 -4.04 -17.08 -23.89
C LYS G 219 -4.39 -16.31 -25.17
N LYS G 220 -3.95 -16.89 -26.28
CA LYS G 220 -4.11 -16.35 -27.64
C LYS G 220 -5.46 -16.72 -28.29
N VAL G 221 -6.06 -15.79 -29.04
CA VAL G 221 -7.32 -16.10 -29.72
C VAL G 221 -7.08 -17.06 -30.88
N ALA G 222 -8.07 -17.90 -31.14
CA ALA G 222 -7.96 -18.87 -32.23
C ALA G 222 -8.09 -18.16 -33.57
N GLN G 223 -7.14 -18.42 -34.48
CA GLN G 223 -7.19 -17.80 -35.81
C GLN G 223 -7.41 -18.88 -36.86
N TYR G 224 -8.62 -18.95 -37.37
CA TYR G 224 -8.89 -19.97 -38.37
C TYR G 224 -8.17 -19.64 -39.69
N THR G 225 -7.49 -20.61 -40.28
CA THR G 225 -6.76 -20.40 -41.53
C THR G 225 -7.33 -21.25 -42.66
N GLY G 226 -7.80 -22.45 -42.31
CA GLY G 226 -8.28 -23.36 -43.32
C GLY G 226 -7.02 -24.00 -43.89
N GLY G 227 -7.15 -25.07 -44.66
CA GLY G 227 -5.98 -25.72 -45.20
C GLY G 227 -6.24 -27.15 -45.65
N GLU G 228 -5.19 -27.80 -46.13
CA GLU G 228 -5.30 -29.15 -46.68
C GLU G 228 -4.29 -30.15 -46.12
N SER G 229 -4.67 -31.41 -46.02
CA SER G 229 -3.72 -32.42 -45.60
C SER G 229 -4.23 -33.82 -45.90
N CYS G 230 -3.29 -34.72 -46.13
CA CYS G 230 -3.64 -36.09 -46.50
C CYS G 230 -2.67 -37.14 -45.99
N ILE G 231 -3.15 -38.13 -45.26
CA ILE G 231 -2.26 -39.19 -44.77
C ILE G 231 -2.52 -40.44 -45.62
N PRO G 232 -1.58 -41.39 -45.62
CA PRO G 232 -1.66 -42.67 -46.36
C PRO G 232 -2.84 -43.54 -45.95
N PRO G 233 -3.20 -44.51 -46.80
CA PRO G 233 -4.30 -45.43 -46.55
C PRO G 233 -3.97 -46.34 -45.37
N ALA G 234 -4.95 -46.59 -44.52
CA ALA G 234 -4.77 -47.47 -43.37
C ALA G 234 -4.47 -48.87 -43.88
N PRO G 235 -3.71 -49.65 -43.09
CA PRO G 235 -3.37 -51.02 -43.50
C PRO G 235 -4.61 -51.89 -43.72
N VAL G 236 -4.57 -52.74 -44.75
CA VAL G 236 -5.67 -53.65 -45.07
C VAL G 236 -5.67 -54.85 -44.09
N PHE G 237 -6.57 -54.81 -43.11
CA PHE G 237 -6.68 -55.86 -42.09
C PHE G 237 -7.22 -57.18 -42.63
N GLY G 238 -8.02 -57.86 -41.82
CA GLY G 238 -8.59 -59.13 -42.26
C GLY G 238 -9.63 -58.98 -43.35
N ASN G 239 -10.86 -59.37 -43.00
CA ASN G 239 -11.99 -59.29 -43.92
C ASN G 239 -12.50 -57.85 -44.05
N LEU G 240 -12.08 -56.97 -43.14
CA LEU G 240 -12.50 -55.56 -43.14
C LEU G 240 -12.28 -54.89 -44.49
N PRO G 241 -13.27 -54.10 -44.96
CA PRO G 241 -13.23 -53.37 -46.24
C PRO G 241 -12.31 -52.17 -46.18
N GLU G 242 -11.39 -52.07 -47.14
CA GLU G 242 -10.49 -50.93 -47.16
C GLU G 242 -11.35 -49.67 -47.41
N LEU G 243 -11.05 -48.61 -46.65
CA LEU G 243 -11.79 -47.36 -46.79
C LEU G 243 -10.90 -46.13 -46.81
N PHE G 244 -11.35 -45.11 -47.53
CA PHE G 244 -10.65 -43.85 -47.59
C PHE G 244 -11.54 -42.91 -46.79
N HIS G 245 -10.96 -41.82 -46.27
CA HIS G 245 -11.77 -40.91 -45.46
C HIS G 245 -11.49 -39.50 -45.87
N ILE G 246 -12.48 -38.64 -45.70
CA ILE G 246 -12.29 -37.25 -46.01
C ILE G 246 -13.24 -36.43 -45.15
N GLN G 247 -12.74 -35.29 -44.66
CA GLN G 247 -13.55 -34.38 -43.87
C GLN G 247 -13.33 -33.02 -44.52
N ILE G 248 -14.43 -32.32 -44.72
CA ILE G 248 -14.41 -30.99 -45.34
C ILE G 248 -15.15 -30.04 -44.42
N GLY G 249 -14.49 -28.95 -44.03
CA GLY G 249 -15.16 -28.00 -43.18
C GLY G 249 -14.78 -26.56 -43.45
N PHE G 250 -15.50 -25.68 -42.76
CA PHE G 250 -15.28 -24.23 -42.83
C PHE G 250 -15.35 -23.68 -41.40
N GLU G 251 -14.81 -22.49 -41.17
CA GLU G 251 -14.87 -21.96 -39.83
C GLU G 251 -16.33 -21.90 -39.40
N GLY G 252 -16.60 -22.43 -38.20
CA GLY G 252 -17.94 -22.41 -37.63
C GLY G 252 -18.13 -21.27 -36.64
N LEU G 253 -18.97 -21.49 -35.62
CA LEU G 253 -19.24 -20.45 -34.64
C LEU G 253 -18.90 -20.79 -33.21
N PRO G 254 -18.66 -19.76 -32.39
CA PRO G 254 -18.33 -19.88 -30.96
C PRO G 254 -19.59 -20.43 -30.29
N ILE G 255 -19.44 -21.25 -29.25
CA ILE G 255 -20.62 -21.85 -28.62
C ILE G 255 -21.62 -20.87 -28.01
N ASP G 256 -21.21 -19.63 -27.81
CA ASP G 256 -22.13 -18.65 -27.24
C ASP G 256 -22.60 -17.69 -28.31
N HIS G 257 -22.31 -17.99 -29.57
CA HIS G 257 -22.72 -17.10 -30.66
C HIS G 257 -24.26 -17.19 -30.83
N PRO G 258 -24.91 -16.05 -31.15
CA PRO G 258 -26.37 -16.03 -31.32
C PRO G 258 -26.97 -16.98 -32.34
N ASP G 259 -26.22 -17.35 -33.38
CA ASP G 259 -26.77 -18.27 -34.39
C ASP G 259 -26.38 -19.72 -34.14
N ILE G 260 -25.81 -19.96 -32.96
CA ILE G 260 -25.36 -21.28 -32.61
C ILE G 260 -26.52 -22.28 -32.68
N TYR G 261 -27.70 -21.87 -32.24
CA TYR G 261 -28.84 -22.79 -32.29
C TYR G 261 -29.24 -23.09 -33.73
N ALA G 262 -29.24 -22.07 -34.59
CA ALA G 262 -29.57 -22.28 -35.99
C ALA G 262 -28.57 -23.28 -36.55
N LEU G 263 -27.29 -23.07 -36.25
CA LEU G 263 -26.21 -23.94 -36.72
C LEU G 263 -26.30 -25.38 -36.23
N ALA G 264 -26.77 -25.56 -35.01
CA ALA G 264 -26.91 -26.91 -34.47
C ALA G 264 -28.12 -27.56 -35.16
N THR G 265 -29.13 -26.76 -35.46
CA THR G 265 -30.29 -27.28 -36.16
C THR G 265 -29.83 -27.75 -37.54
N LEU G 266 -29.02 -26.93 -38.22
CA LEU G 266 -28.49 -27.28 -39.55
C LEU G 266 -27.72 -28.61 -39.49
N GLN G 267 -26.96 -28.75 -38.40
CA GLN G 267 -26.18 -29.95 -38.17
C GLN G 267 -27.14 -31.14 -38.07
N THR G 268 -28.21 -30.97 -37.31
CA THR G 268 -29.19 -32.04 -37.13
C THR G 268 -29.93 -32.35 -38.42
N LEU G 269 -30.26 -31.28 -39.15
CA LEU G 269 -30.97 -31.43 -40.39
C LEU G 269 -30.15 -32.27 -41.37
N LEU G 270 -28.84 -32.03 -41.43
CA LEU G 270 -27.96 -32.81 -42.30
C LEU G 270 -27.82 -34.25 -41.78
N GLY G 271 -27.61 -34.39 -40.47
CA GLY G 271 -27.50 -35.70 -39.84
C GLY G 271 -26.47 -36.61 -40.46
N GLY G 272 -26.90 -37.78 -40.88
CA GLY G 272 -25.96 -38.71 -41.48
C GLY G 272 -25.71 -39.88 -40.56
N GLY G 273 -24.83 -40.79 -40.95
CA GLY G 273 -24.57 -41.94 -40.10
C GLY G 273 -23.69 -42.98 -40.73
N GLY G 274 -23.71 -44.17 -40.15
CA GLY G 274 -22.93 -45.26 -40.67
C GLY G 274 -23.91 -46.18 -41.37
N GLY G 284 -32.42 -40.90 -36.87
CA GLY G 284 -32.36 -39.79 -37.87
C GLY G 284 -32.16 -40.30 -39.29
N MET G 285 -32.91 -41.33 -39.66
CA MET G 285 -32.80 -41.91 -40.99
C MET G 285 -33.47 -41.01 -42.05
N TYR G 286 -34.15 -39.97 -41.59
CA TYR G 286 -34.84 -39.01 -42.46
C TYR G 286 -34.07 -37.67 -42.54
N SER G 287 -32.77 -37.74 -42.26
CA SER G 287 -31.93 -36.54 -42.35
C SER G 287 -31.34 -36.55 -43.78
N ARG G 288 -31.02 -35.38 -44.29
CA ARG G 288 -30.50 -35.27 -45.64
C ARG G 288 -29.33 -36.16 -45.98
N LEU G 289 -28.32 -36.22 -45.13
CA LEU G 289 -27.18 -37.06 -45.48
C LEU G 289 -27.60 -38.51 -45.64
N TYR G 290 -28.66 -38.91 -44.96
CA TYR G 290 -29.16 -40.28 -45.07
C TYR G 290 -29.85 -40.47 -46.41
N THR G 291 -30.81 -39.60 -46.66
CA THR G 291 -31.60 -39.63 -47.86
C THR G 291 -30.83 -39.36 -49.16
N HIS G 292 -30.10 -38.25 -49.20
CA HIS G 292 -29.36 -37.87 -50.40
C HIS G 292 -28.02 -38.54 -50.59
N VAL G 293 -27.48 -39.18 -49.55
CA VAL G 293 -26.16 -39.80 -49.73
C VAL G 293 -26.09 -41.29 -49.36
N LEU G 294 -26.32 -41.64 -48.10
CA LEU G 294 -26.23 -43.04 -47.71
C LEU G 294 -27.15 -43.94 -48.51
N ASN G 295 -28.37 -43.48 -48.76
CA ASN G 295 -29.33 -44.28 -49.51
C ASN G 295 -29.03 -44.32 -51.00
N GLN G 296 -28.34 -43.32 -51.53
CA GLN G 296 -28.05 -43.26 -52.96
C GLN G 296 -26.76 -43.98 -53.38
N TYR G 297 -25.75 -43.89 -52.53
CA TYR G 297 -24.46 -44.51 -52.86
C TYR G 297 -24.05 -45.43 -51.74
N TYR G 298 -23.72 -46.67 -52.06
CA TYR G 298 -23.29 -47.54 -50.99
C TYR G 298 -21.80 -47.78 -51.10
N PHE G 299 -21.15 -47.06 -52.00
CA PHE G 299 -19.71 -47.17 -52.03
C PHE G 299 -19.31 -46.24 -50.83
N VAL G 300 -20.32 -45.62 -50.21
CA VAL G 300 -20.17 -44.74 -49.05
C VAL G 300 -20.59 -45.52 -47.82
N GLU G 301 -19.66 -45.80 -46.91
CA GLU G 301 -19.99 -46.60 -45.73
C GLU G 301 -20.40 -45.70 -44.56
N ASN G 302 -20.02 -44.43 -44.66
CA ASN G 302 -20.33 -43.48 -43.62
C ASN G 302 -20.37 -42.05 -44.11
N CYS G 303 -21.31 -41.26 -43.63
CA CYS G 303 -21.33 -39.87 -44.03
C CYS G 303 -22.11 -39.10 -42.99
N VAL G 304 -21.46 -38.14 -42.34
CA VAL G 304 -22.11 -37.42 -41.27
C VAL G 304 -21.69 -35.95 -41.13
N ALA G 305 -22.57 -35.14 -40.58
CA ALA G 305 -22.24 -33.72 -40.41
C ALA G 305 -21.61 -33.53 -39.03
N PHE G 306 -20.64 -32.65 -38.95
CA PHE G 306 -20.03 -32.38 -37.67
C PHE G 306 -20.06 -30.88 -37.37
N ASN G 307 -20.07 -30.58 -36.07
CA ASN G 307 -20.07 -29.20 -35.62
C ASN G 307 -19.22 -29.04 -34.36
N HIS G 308 -17.95 -28.67 -34.56
CA HIS G 308 -17.03 -28.46 -33.45
C HIS G 308 -17.18 -26.99 -33.14
N SER G 309 -17.57 -26.69 -31.92
CA SER G 309 -17.74 -25.31 -31.50
C SER G 309 -16.97 -25.01 -30.20
N TYR G 310 -16.20 -23.94 -30.18
CA TYR G 310 -15.42 -23.61 -28.99
C TYR G 310 -15.72 -22.20 -28.53
N SER G 311 -14.97 -21.77 -27.53
CA SER G 311 -15.15 -20.45 -26.96
C SER G 311 -15.03 -19.32 -27.96
N ASP G 312 -14.13 -19.43 -28.92
CA ASP G 312 -13.95 -18.33 -29.85
C ASP G 312 -13.97 -18.71 -31.32
N SER G 313 -14.38 -19.93 -31.64
CA SER G 313 -14.37 -20.33 -33.03
C SER G 313 -14.90 -21.75 -33.09
N GLY G 314 -15.02 -22.28 -34.31
CA GLY G 314 -15.48 -23.64 -34.50
C GLY G 314 -15.19 -24.13 -35.91
N ILE G 315 -15.38 -25.43 -36.15
CA ILE G 315 -15.20 -25.96 -37.50
C ILE G 315 -16.51 -26.67 -37.77
N PHE G 316 -17.12 -26.36 -38.92
CA PHE G 316 -18.38 -27.00 -39.29
C PHE G 316 -18.28 -27.65 -40.69
N GLY G 317 -18.73 -28.89 -40.82
CA GLY G 317 -18.63 -29.53 -42.11
C GLY G 317 -19.19 -30.94 -42.18
N ILE G 318 -18.76 -31.70 -43.20
CA ILE G 318 -19.23 -33.07 -43.39
C ILE G 318 -18.08 -34.05 -43.50
N SER G 319 -18.25 -35.21 -42.91
CA SER G 319 -17.25 -36.26 -42.93
C SER G 319 -17.80 -37.37 -43.85
N LEU G 320 -16.91 -38.08 -44.54
CA LEU G 320 -17.34 -39.12 -45.47
C LEU G 320 -16.30 -40.23 -45.56
N SER G 321 -16.77 -41.47 -45.53
CA SER G 321 -15.88 -42.60 -45.65
C SER G 321 -16.38 -43.44 -46.80
N CYS G 322 -15.49 -43.82 -47.69
CA CYS G 322 -15.92 -44.59 -48.84
C CYS G 322 -14.89 -45.59 -49.30
N ILE G 323 -15.26 -46.32 -50.36
CA ILE G 323 -14.40 -47.33 -50.96
C ILE G 323 -13.34 -46.60 -51.77
N PRO G 324 -12.11 -47.09 -51.72
CA PRO G 324 -11.01 -46.49 -52.47
C PRO G 324 -11.42 -46.08 -53.87
N GLN G 325 -12.16 -46.95 -54.54
CA GLN G 325 -12.60 -46.70 -55.92
C GLN G 325 -13.47 -45.45 -56.06
N ALA G 326 -14.23 -45.13 -55.03
CA ALA G 326 -15.12 -43.96 -55.10
C ALA G 326 -14.49 -42.63 -54.69
N ALA G 327 -13.32 -42.69 -54.07
CA ALA G 327 -12.66 -41.48 -53.64
C ALA G 327 -12.79 -40.32 -54.64
N PRO G 328 -12.61 -40.63 -55.95
CA PRO G 328 -12.73 -39.55 -56.93
C PRO G 328 -14.01 -38.72 -56.88
N GLN G 329 -15.07 -39.31 -56.35
CA GLN G 329 -16.34 -38.60 -56.30
C GLN G 329 -16.65 -37.98 -54.96
N ALA G 330 -15.96 -38.41 -53.93
CA ALA G 330 -16.21 -37.91 -52.58
C ALA G 330 -16.36 -36.40 -52.51
N VAL G 331 -15.32 -35.66 -52.90
CA VAL G 331 -15.44 -34.21 -52.81
C VAL G 331 -16.73 -33.66 -53.39
N GLU G 332 -17.04 -34.04 -54.62
CA GLU G 332 -18.25 -33.52 -55.25
C GLU G 332 -19.52 -33.85 -54.47
N VAL G 333 -19.64 -35.10 -54.06
CA VAL G 333 -20.80 -35.49 -53.28
C VAL G 333 -21.05 -34.49 -52.14
N ILE G 334 -20.01 -34.29 -51.33
CA ILE G 334 -20.05 -33.39 -50.19
C ILE G 334 -20.44 -31.99 -50.62
N ALA G 335 -19.71 -31.45 -51.61
CA ALA G 335 -19.98 -30.11 -52.13
C ALA G 335 -21.45 -29.93 -52.50
N GLN G 336 -22.03 -30.93 -53.17
CA GLN G 336 -23.43 -30.84 -53.56
C GLN G 336 -24.33 -30.67 -52.33
N GLN G 337 -24.12 -31.50 -51.32
CA GLN G 337 -24.93 -31.42 -50.10
C GLN G 337 -24.86 -30.03 -49.47
N MET G 338 -23.64 -29.47 -49.38
CA MET G 338 -23.48 -28.16 -48.77
C MET G 338 -24.25 -27.14 -49.60
N TYR G 339 -24.05 -27.22 -50.91
CA TYR G 339 -24.70 -26.35 -51.87
C TYR G 339 -26.22 -26.43 -51.68
N ASN G 340 -26.72 -27.65 -51.64
CA ASN G 340 -28.14 -27.87 -51.51
C ASN G 340 -28.81 -27.37 -50.26
N THR G 341 -28.05 -26.81 -49.32
CA THR G 341 -28.69 -26.34 -48.12
C THR G 341 -29.10 -24.91 -48.28
N PHE G 342 -28.58 -24.22 -49.29
CA PHE G 342 -28.96 -22.82 -49.48
C PHE G 342 -28.97 -22.30 -50.90
N ALA G 343 -28.08 -22.80 -51.75
CA ALA G 343 -27.98 -22.30 -53.15
C ALA G 343 -28.76 -23.05 -54.23
N ASN G 344 -29.60 -24.00 -53.83
CA ASN G 344 -30.39 -24.77 -54.78
C ASN G 344 -31.86 -24.43 -54.56
N LYS G 345 -32.38 -23.51 -55.38
CA LYS G 345 -33.77 -23.05 -55.31
C LYS G 345 -34.80 -24.18 -55.28
N ASP G 346 -34.45 -25.33 -55.84
CA ASP G 346 -35.35 -26.48 -55.89
C ASP G 346 -35.22 -27.47 -54.72
N LEU G 347 -34.24 -27.24 -53.84
CA LEU G 347 -34.03 -28.11 -52.68
C LEU G 347 -33.89 -27.24 -51.45
N ARG G 348 -34.57 -26.10 -51.47
CA ARG G 348 -34.57 -25.17 -50.35
C ARG G 348 -34.94 -25.99 -49.09
N LEU G 349 -34.53 -25.51 -47.91
CA LEU G 349 -34.85 -26.25 -46.68
C LEU G 349 -36.35 -26.17 -46.39
N THR G 350 -37.01 -27.33 -46.31
CA THR G 350 -38.45 -27.37 -46.08
C THR G 350 -38.91 -27.27 -44.62
N GLU G 351 -40.15 -26.81 -44.45
CA GLU G 351 -40.76 -26.66 -43.13
C GLU G 351 -40.68 -27.97 -42.36
N ASP G 352 -40.98 -29.06 -43.05
CA ASP G 352 -40.95 -30.38 -42.42
C ASP G 352 -39.56 -30.71 -41.91
N GLU G 353 -38.56 -30.55 -42.79
CA GLU G 353 -37.17 -30.83 -42.47
C GLU G 353 -36.74 -30.04 -41.25
N VAL G 354 -36.97 -28.74 -41.29
CA VAL G 354 -36.61 -27.85 -40.20
C VAL G 354 -37.34 -28.17 -38.91
N SER G 355 -38.63 -28.40 -38.99
CA SER G 355 -39.39 -28.69 -37.78
C SER G 355 -38.91 -29.97 -37.11
N ARG G 356 -38.65 -31.00 -37.90
CA ARG G 356 -38.16 -32.26 -37.38
C ARG G 356 -36.78 -32.08 -36.73
N ALA G 357 -35.91 -31.36 -37.43
CA ALA G 357 -34.56 -31.10 -36.94
C ALA G 357 -34.65 -30.37 -35.61
N LYS G 358 -35.45 -29.31 -35.56
CA LYS G 358 -35.63 -28.56 -34.32
C LYS G 358 -36.05 -29.48 -33.17
N ASN G 359 -37.05 -30.32 -33.39
CA ASN G 359 -37.46 -31.18 -32.30
C ASN G 359 -36.38 -32.20 -31.93
N GLN G 360 -35.61 -32.67 -32.90
CA GLN G 360 -34.57 -33.63 -32.58
C GLN G 360 -33.43 -32.98 -31.80
N LEU G 361 -33.21 -31.70 -32.06
CA LEU G 361 -32.17 -30.99 -31.34
C LEU G 361 -32.62 -30.82 -29.89
N LYS G 362 -33.80 -30.21 -29.69
CA LYS G 362 -34.32 -30.01 -28.34
C LYS G 362 -34.27 -31.33 -27.58
N SER G 363 -34.71 -32.36 -28.28
CA SER G 363 -34.79 -33.67 -27.73
C SER G 363 -33.46 -34.14 -27.20
N SER G 364 -32.44 -34.19 -28.04
CA SER G 364 -31.18 -34.71 -27.54
C SER G 364 -30.53 -33.83 -26.48
N LEU G 365 -30.79 -32.53 -26.49
CA LEU G 365 -30.21 -31.69 -25.44
C LEU G 365 -30.88 -32.07 -24.13
N LEU G 366 -32.18 -31.90 -24.09
CA LEU G 366 -32.94 -32.20 -22.88
C LEU G 366 -32.76 -33.60 -22.33
N MET G 367 -32.71 -34.60 -23.19
CA MET G 367 -32.56 -35.96 -22.69
C MET G 367 -31.18 -36.15 -22.08
N ASN G 368 -30.16 -35.59 -22.72
CA ASN G 368 -28.82 -35.70 -22.20
C ASN G 368 -28.78 -35.05 -20.80
N LEU G 369 -29.46 -33.92 -20.67
CA LEU G 369 -29.50 -33.17 -19.41
C LEU G 369 -30.23 -33.89 -18.28
N GLU G 370 -30.75 -35.08 -18.56
CA GLU G 370 -31.43 -35.86 -17.55
C GLU G 370 -30.39 -36.40 -16.58
N SER G 371 -29.17 -36.58 -17.08
CA SER G 371 -28.07 -37.12 -16.29
C SER G 371 -27.43 -36.08 -15.38
N LYS G 372 -27.24 -36.41 -14.11
CA LYS G 372 -26.65 -35.44 -13.18
C LYS G 372 -25.27 -35.01 -13.63
N LEU G 373 -24.45 -35.98 -14.03
CA LEU G 373 -23.11 -35.65 -14.46
C LEU G 373 -23.16 -34.72 -15.65
N VAL G 374 -24.13 -34.91 -16.53
CA VAL G 374 -24.20 -34.04 -17.68
C VAL G 374 -24.60 -32.65 -17.30
N GLU G 375 -25.54 -32.53 -16.35
CA GLU G 375 -25.97 -31.23 -15.90
C GLU G 375 -24.75 -30.58 -15.26
N LEU G 376 -24.04 -31.36 -14.45
CA LEU G 376 -22.88 -30.87 -13.76
C LEU G 376 -21.83 -30.32 -14.73
N GLU G 377 -21.41 -31.14 -15.68
CA GLU G 377 -20.39 -30.71 -16.61
C GLU G 377 -20.79 -29.49 -17.41
N ASP G 378 -22.03 -29.49 -17.88
CA ASP G 378 -22.49 -28.38 -18.65
C ASP G 378 -22.46 -27.11 -17.80
N MET G 379 -22.84 -27.22 -16.53
CA MET G 379 -22.83 -26.04 -15.68
C MET G 379 -21.39 -25.54 -15.46
N GLY G 380 -20.52 -26.46 -15.07
CA GLY G 380 -19.14 -26.09 -14.84
C GLY G 380 -18.54 -25.36 -16.03
N ARG G 381 -18.70 -25.92 -17.22
CA ARG G 381 -18.11 -25.28 -18.38
C ARG G 381 -18.75 -23.95 -18.72
N GLN G 382 -20.05 -23.83 -18.58
CA GLN G 382 -20.68 -22.57 -18.88
C GLN G 382 -20.16 -21.48 -17.93
N VAL G 383 -20.08 -21.79 -16.64
CA VAL G 383 -19.65 -20.79 -15.69
C VAL G 383 -18.20 -20.47 -15.95
N LEU G 384 -17.44 -21.51 -16.22
CA LEU G 384 -16.04 -21.33 -16.50
C LEU G 384 -15.87 -20.37 -17.65
N MET G 385 -16.69 -20.52 -18.70
CA MET G 385 -16.54 -19.69 -19.88
C MET G 385 -17.11 -18.28 -19.86
N HIS G 386 -18.38 -18.11 -19.49
CA HIS G 386 -18.93 -16.76 -19.46
C HIS G 386 -19.63 -16.45 -18.15
N GLY G 387 -19.21 -17.16 -17.11
CA GLY G 387 -19.74 -16.97 -15.77
C GLY G 387 -21.22 -16.83 -15.55
N ARG G 388 -22.03 -17.71 -16.17
CA ARG G 388 -23.48 -17.68 -16.01
C ARG G 388 -23.96 -19.00 -16.55
N LYS G 389 -25.15 -19.44 -16.15
CA LYS G 389 -25.69 -20.68 -16.67
C LYS G 389 -26.96 -20.32 -17.39
N ILE G 390 -26.97 -20.49 -18.72
CA ILE G 390 -28.18 -20.18 -19.46
C ILE G 390 -29.28 -21.13 -19.03
N PRO G 391 -30.44 -20.58 -18.63
CA PRO G 391 -31.55 -21.41 -18.19
C PRO G 391 -32.13 -22.20 -19.35
N VAL G 392 -32.43 -23.45 -19.09
CA VAL G 392 -32.98 -24.34 -20.09
C VAL G 392 -34.12 -23.71 -20.90
N ASN G 393 -35.04 -23.04 -20.22
CA ASN G 393 -36.18 -22.38 -20.90
C ASN G 393 -35.72 -21.52 -22.05
N GLU G 394 -34.76 -20.64 -21.78
CA GLU G 394 -34.23 -19.73 -22.77
C GLU G 394 -33.70 -20.51 -23.96
N MET G 395 -33.01 -21.59 -23.68
CA MET G 395 -32.43 -22.44 -24.72
C MET G 395 -33.49 -23.03 -25.65
N ILE G 396 -34.53 -23.59 -25.04
CA ILE G 396 -35.61 -24.17 -25.79
C ILE G 396 -36.29 -23.10 -26.63
N SER G 397 -36.58 -21.97 -26.01
CA SER G 397 -37.21 -20.89 -26.73
C SER G 397 -36.45 -20.53 -27.98
N LYS G 398 -35.16 -20.26 -27.85
CA LYS G 398 -34.36 -19.88 -29.00
C LYS G 398 -34.42 -20.90 -30.13
N ILE G 399 -34.57 -22.18 -29.79
CA ILE G 399 -34.66 -23.19 -30.83
C ILE G 399 -36.05 -23.19 -31.48
N GLU G 400 -37.10 -23.18 -30.66
CA GLU G 400 -38.47 -23.20 -31.16
C GLU G 400 -38.81 -22.01 -32.02
N ASP G 401 -38.11 -20.89 -31.82
CA ASP G 401 -38.37 -19.70 -32.61
C ASP G 401 -37.64 -19.73 -33.94
N LEU G 402 -36.84 -20.77 -34.16
CA LEU G 402 -36.10 -20.85 -35.40
C LEU G 402 -37.05 -21.16 -36.56
N LYS G 403 -36.82 -20.51 -37.71
CA LYS G 403 -37.60 -20.69 -38.92
C LYS G 403 -36.67 -21.09 -40.06
N PRO G 404 -37.19 -21.84 -41.06
CA PRO G 404 -36.34 -22.27 -42.19
C PRO G 404 -35.35 -21.24 -42.74
N ASP G 405 -35.77 -19.99 -42.89
CA ASP G 405 -34.86 -18.96 -43.41
C ASP G 405 -33.64 -18.77 -42.49
N ASP G 406 -33.86 -18.92 -41.20
CA ASP G 406 -32.77 -18.77 -40.23
C ASP G 406 -31.68 -19.80 -40.52
N ILE G 407 -32.12 -21.05 -40.73
CA ILE G 407 -31.19 -22.12 -41.00
C ILE G 407 -30.52 -21.87 -42.34
N SER G 408 -31.27 -21.34 -43.30
CA SER G 408 -30.69 -21.08 -44.61
C SER G 408 -29.69 -19.96 -44.57
N ARG G 409 -29.97 -18.92 -43.81
CA ARG G 409 -29.05 -17.81 -43.70
C ARG G 409 -27.73 -18.32 -43.09
N VAL G 410 -27.85 -19.09 -42.00
CA VAL G 410 -26.67 -19.62 -41.34
C VAL G 410 -25.88 -20.59 -42.25
N ALA G 411 -26.58 -21.43 -42.99
CA ALA G 411 -25.89 -22.38 -43.86
C ALA G 411 -25.03 -21.64 -44.88
N GLU G 412 -25.62 -20.61 -45.49
CA GLU G 412 -24.93 -19.81 -46.49
C GLU G 412 -23.69 -19.14 -45.89
N MET G 413 -23.87 -18.51 -44.75
CA MET G 413 -22.77 -17.85 -44.08
C MET G 413 -21.56 -18.79 -43.87
N ILE G 414 -21.83 -19.99 -43.36
CA ILE G 414 -20.79 -20.94 -43.09
C ILE G 414 -20.10 -21.42 -44.36
N PHE G 415 -20.89 -21.92 -45.31
CA PHE G 415 -20.31 -22.45 -46.52
C PHE G 415 -19.76 -21.42 -47.49
N THR G 416 -20.14 -20.17 -47.30
CA THR G 416 -19.65 -19.10 -48.14
C THR G 416 -18.32 -18.63 -47.61
N GLY G 417 -17.96 -19.12 -46.43
CA GLY G 417 -16.72 -18.72 -45.79
C GLY G 417 -16.90 -17.31 -45.24
N ASN G 418 -18.12 -16.96 -44.88
CA ASN G 418 -18.43 -15.63 -44.37
C ASN G 418 -18.56 -15.48 -42.88
N VAL G 419 -17.89 -16.31 -42.10
CA VAL G 419 -17.98 -16.17 -40.65
C VAL G 419 -16.98 -15.10 -40.20
N ASN G 420 -17.38 -14.30 -39.22
CA ASN G 420 -16.50 -13.26 -38.71
C ASN G 420 -16.27 -13.34 -37.21
N ASN G 421 -15.40 -14.28 -36.82
CA ASN G 421 -15.07 -14.44 -35.41
C ASN G 421 -13.88 -13.55 -35.03
N ALA G 422 -13.68 -13.37 -33.73
CA ALA G 422 -12.60 -12.53 -33.23
C ALA G 422 -11.24 -12.78 -33.86
N GLY G 423 -10.92 -14.04 -34.14
CA GLY G 423 -9.64 -14.37 -34.75
C GLY G 423 -9.52 -13.93 -36.20
N ASN G 424 -10.62 -13.40 -36.75
CA ASN G 424 -10.66 -12.94 -38.13
C ASN G 424 -10.12 -14.02 -39.09
N GLY G 425 -10.81 -15.16 -39.11
CA GLY G 425 -10.39 -16.27 -39.94
C GLY G 425 -10.57 -16.08 -41.44
N LYS G 426 -9.81 -16.85 -42.21
CA LYS G 426 -9.86 -16.84 -43.66
C LYS G 426 -11.16 -17.56 -44.02
N GLY G 427 -11.56 -17.47 -45.28
CA GLY G 427 -12.78 -18.16 -45.68
C GLY G 427 -12.42 -19.39 -46.48
N ARG G 428 -11.21 -19.89 -46.27
CA ARG G 428 -10.73 -21.06 -46.98
C ARG G 428 -11.23 -22.34 -46.30
N ALA G 429 -11.56 -23.34 -47.10
CA ALA G 429 -12.03 -24.61 -46.57
C ALA G 429 -10.90 -25.38 -45.91
N THR G 430 -11.27 -26.34 -45.06
CA THR G 430 -10.28 -27.19 -44.44
C THR G 430 -10.64 -28.54 -45.00
N VAL G 431 -9.67 -29.18 -45.64
CA VAL G 431 -9.93 -30.48 -46.21
C VAL G 431 -8.86 -31.44 -45.77
N VAL G 432 -9.28 -32.51 -45.12
CA VAL G 432 -8.30 -33.42 -44.63
C VAL G 432 -8.71 -34.79 -45.07
N MET G 433 -7.75 -35.64 -45.44
CA MET G 433 -8.10 -36.97 -45.90
C MET G 433 -7.06 -38.08 -45.70
N GLN G 434 -7.56 -39.31 -45.64
CA GLN G 434 -6.71 -40.49 -45.50
C GLN G 434 -6.96 -41.37 -46.74
N GLY G 435 -5.88 -41.65 -47.48
CA GLY G 435 -5.92 -42.47 -48.68
C GLY G 435 -4.86 -41.95 -49.64
N ASP G 436 -4.93 -42.30 -50.91
CA ASP G 436 -3.97 -41.78 -51.87
C ASP G 436 -4.43 -40.36 -52.26
N ARG G 437 -3.56 -39.36 -52.10
CA ARG G 437 -4.00 -38.01 -52.40
C ARG G 437 -4.63 -37.84 -53.80
N GLY G 438 -3.98 -38.43 -54.81
CA GLY G 438 -4.50 -38.33 -56.16
C GLY G 438 -5.96 -38.74 -56.24
N SER G 439 -6.29 -39.87 -55.64
CA SER G 439 -7.63 -40.40 -55.67
C SER G 439 -8.72 -39.39 -55.38
N PHE G 440 -8.39 -38.27 -54.76
CA PHE G 440 -9.42 -37.31 -54.42
C PHE G 440 -9.63 -36.22 -55.43
N GLY G 441 -8.70 -36.10 -56.38
CA GLY G 441 -8.81 -35.11 -57.43
C GLY G 441 -8.53 -33.68 -57.05
N ASP G 442 -8.85 -32.74 -57.95
CA ASP G 442 -8.60 -31.33 -57.67
C ASP G 442 -9.66 -30.83 -56.70
N VAL G 443 -9.42 -31.05 -55.42
CA VAL G 443 -10.34 -30.65 -54.36
C VAL G 443 -10.76 -29.19 -54.42
N GLU G 444 -9.81 -28.26 -54.50
CA GLU G 444 -10.17 -26.86 -54.52
C GLU G 444 -11.06 -26.44 -55.69
N ASN G 445 -10.78 -27.02 -56.84
CA ASN G 445 -11.54 -26.68 -58.03
C ASN G 445 -13.01 -27.04 -57.86
N VAL G 446 -13.27 -28.24 -57.36
CA VAL G 446 -14.64 -28.68 -57.16
C VAL G 446 -15.37 -27.76 -56.20
N LEU G 447 -14.68 -27.36 -55.13
CA LEU G 447 -15.32 -26.49 -54.19
C LEU G 447 -15.66 -25.16 -54.84
N LYS G 448 -14.71 -24.57 -55.54
CA LYS G 448 -14.99 -23.28 -56.16
C LYS G 448 -16.14 -23.42 -57.15
N ALA G 449 -16.12 -24.52 -57.90
CA ALA G 449 -17.17 -24.73 -58.86
C ALA G 449 -18.54 -24.62 -58.19
N TYR G 450 -18.63 -24.97 -56.92
CA TYR G 450 -19.92 -24.88 -56.24
C TYR G 450 -20.14 -23.61 -55.45
N GLY G 451 -19.23 -22.66 -55.59
CA GLY G 451 -19.38 -21.40 -54.88
C GLY G 451 -19.12 -21.49 -53.39
N LEU G 452 -18.54 -22.61 -52.96
CA LEU G 452 -18.24 -22.81 -51.56
C LEU G 452 -16.94 -22.09 -51.22
N GLY G 453 -16.85 -21.56 -50.01
CA GLY G 453 -15.64 -20.87 -49.58
C GLY G 453 -15.61 -19.43 -49.97
N ASN G 454 -14.46 -18.80 -49.75
CA ASN G 454 -14.31 -17.39 -50.06
C ASN G 454 -12.92 -17.20 -50.63
N SER G 455 -12.86 -16.52 -51.77
CA SER G 455 -11.59 -16.29 -52.45
C SER G 455 -11.01 -14.88 -52.24
N SER G 456 -11.84 -13.96 -51.76
CA SER G 456 -11.40 -12.59 -51.48
C SER G 456 -10.77 -12.50 -50.09
N SER G 457 -9.95 -11.47 -49.86
CA SER G 457 -9.29 -11.31 -48.56
C SER G 457 -10.06 -10.29 -47.68
N GLN H 3 -39.38 -32.77 -1.34
CA GLN H 3 -38.57 -33.77 -0.57
C GLN H 3 -37.78 -34.57 -1.60
N ILE H 4 -37.41 -35.80 -1.27
CA ILE H 4 -36.70 -36.67 -2.21
C ILE H 4 -37.80 -37.58 -2.77
N PRO H 5 -38.15 -37.38 -4.06
CA PRO H 5 -39.19 -38.12 -4.77
C PRO H 5 -39.27 -39.65 -4.62
N GLY H 6 -40.51 -40.11 -4.45
CA GLY H 6 -40.75 -41.53 -4.32
C GLY H 6 -41.46 -42.05 -5.56
N THR H 7 -41.94 -43.28 -5.52
CA THR H 7 -42.62 -43.85 -6.65
C THR H 7 -44.14 -43.93 -6.44
N ARG H 8 -44.92 -43.24 -7.28
CA ARG H 8 -46.39 -43.25 -7.18
C ARG H 8 -46.97 -44.49 -7.88
N THR H 9 -47.99 -45.12 -7.30
CA THR H 9 -48.58 -46.30 -7.93
C THR H 9 -50.09 -46.23 -8.02
N SER H 10 -50.64 -46.80 -9.08
CA SER H 10 -52.07 -46.86 -9.30
C SER H 10 -52.36 -48.10 -10.13
N LYS H 11 -53.54 -48.68 -9.95
CA LYS H 11 -53.93 -49.89 -10.68
C LYS H 11 -55.20 -49.61 -11.51
N LEU H 12 -55.18 -49.99 -12.77
CA LEU H 12 -56.33 -49.81 -13.65
C LEU H 12 -57.32 -50.92 -13.39
N PRO H 13 -58.62 -50.67 -13.65
CA PRO H 13 -59.62 -51.73 -13.42
C PRO H 13 -59.28 -53.07 -14.09
N ASN H 14 -58.62 -53.05 -15.24
CA ASN H 14 -58.27 -54.30 -15.90
C ASN H 14 -57.00 -55.00 -15.33
N GLY H 15 -56.47 -54.46 -14.22
CA GLY H 15 -55.29 -55.08 -13.62
C GLY H 15 -53.97 -54.41 -13.88
N LEU H 16 -53.90 -53.59 -14.93
CA LEU H 16 -52.68 -52.88 -15.29
C LEU H 16 -52.21 -51.94 -14.20
N THR H 17 -50.90 -52.00 -13.92
CA THR H 17 -50.31 -51.14 -12.91
C THR H 17 -49.58 -49.95 -13.54
N ILE H 18 -49.72 -48.77 -12.93
CA ILE H 18 -49.06 -47.56 -13.42
C ILE H 18 -48.11 -47.05 -12.32
N ALA H 19 -46.80 -47.18 -12.55
CA ALA H 19 -45.78 -46.76 -11.57
C ALA H 19 -44.95 -45.59 -12.11
N THR H 20 -44.76 -44.60 -11.27
CA THR H 20 -44.12 -43.36 -11.68
C THR H 20 -43.16 -42.67 -10.74
N GLU H 21 -42.08 -42.10 -11.29
CA GLU H 21 -41.20 -41.29 -10.47
C GLU H 21 -40.93 -39.99 -11.20
N TYR H 22 -41.34 -38.89 -10.58
CA TYR H 22 -41.17 -37.55 -11.12
C TYR H 22 -39.73 -37.13 -10.91
N ILE H 23 -39.15 -36.44 -11.87
CA ILE H 23 -37.76 -35.96 -11.75
C ILE H 23 -37.81 -34.45 -11.91
N PRO H 24 -37.49 -33.70 -10.85
CA PRO H 24 -37.52 -32.23 -10.94
C PRO H 24 -36.57 -31.65 -11.98
N ASN H 25 -36.94 -30.49 -12.53
CA ASN H 25 -36.11 -29.83 -13.52
C ASN H 25 -35.84 -30.64 -14.77
N THR H 26 -36.88 -31.20 -15.35
CA THR H 26 -36.72 -31.96 -16.57
C THR H 26 -37.86 -31.58 -17.50
N SER H 27 -37.67 -31.86 -18.78
CA SER H 27 -38.68 -31.52 -19.76
C SER H 27 -38.84 -32.67 -20.72
N SER H 28 -38.30 -33.81 -20.33
CA SER H 28 -38.39 -35.00 -21.17
C SER H 28 -38.58 -36.16 -20.22
N ALA H 29 -38.94 -37.31 -20.78
CA ALA H 29 -39.20 -38.48 -19.96
C ALA H 29 -39.14 -39.76 -20.74
N THR H 30 -39.33 -40.84 -20.00
CA THR H 30 -39.34 -42.16 -20.60
C THR H 30 -40.61 -42.87 -20.12
N VAL H 31 -41.28 -43.54 -21.04
CA VAL H 31 -42.47 -44.31 -20.70
C VAL H 31 -42.31 -45.70 -21.29
N GLY H 32 -42.59 -46.72 -20.50
CA GLY H 32 -42.45 -48.08 -20.98
C GLY H 32 -43.50 -49.05 -20.50
N ILE H 33 -43.89 -49.95 -21.38
CA ILE H 33 -44.89 -50.94 -21.05
C ILE H 33 -44.13 -52.24 -20.83
N PHE H 34 -44.30 -52.81 -19.64
CA PHE H 34 -43.62 -54.04 -19.27
C PHE H 34 -44.63 -55.16 -19.15
N VAL H 35 -44.39 -56.25 -19.86
CA VAL H 35 -45.31 -57.38 -19.83
C VAL H 35 -44.62 -58.65 -19.36
N ASP H 36 -45.17 -59.25 -18.32
CA ASP H 36 -44.63 -60.49 -17.78
C ASP H 36 -44.91 -61.59 -18.77
N ALA H 37 -44.06 -61.70 -19.79
CA ALA H 37 -44.21 -62.70 -20.84
C ALA H 37 -42.88 -63.37 -21.12
N GLY H 38 -42.17 -62.87 -22.13
CA GLY H 38 -40.87 -63.44 -22.47
C GLY H 38 -40.91 -64.91 -22.84
N SER H 39 -39.76 -65.47 -23.19
CA SER H 39 -39.67 -66.87 -23.60
C SER H 39 -40.10 -67.90 -22.54
N ARG H 40 -40.10 -67.53 -21.27
CA ARG H 40 -40.51 -68.52 -20.26
C ARG H 40 -42.02 -68.77 -20.30
N ALA H 41 -42.72 -68.05 -21.17
CA ALA H 41 -44.15 -68.19 -21.33
C ALA H 41 -44.49 -69.04 -22.55
N GLU H 42 -43.45 -69.42 -23.31
CA GLU H 42 -43.63 -70.24 -24.52
C GLU H 42 -43.45 -71.73 -24.18
N ASN H 43 -43.63 -72.59 -25.19
CA ASN H 43 -43.45 -74.02 -25.01
C ASN H 43 -42.45 -74.45 -26.08
N VAL H 44 -42.18 -75.74 -26.18
CA VAL H 44 -41.19 -76.22 -27.14
C VAL H 44 -41.41 -75.92 -28.63
N LYS H 45 -42.64 -76.02 -29.11
CA LYS H 45 -42.91 -75.75 -30.53
C LYS H 45 -43.24 -74.28 -30.69
N ASN H 46 -43.50 -73.64 -29.55
CA ASN H 46 -43.85 -72.23 -29.47
C ASN H 46 -42.60 -71.33 -29.41
N ASN H 47 -41.57 -71.88 -28.78
CA ASN H 47 -40.28 -71.25 -28.55
C ASN H 47 -39.78 -70.27 -29.61
N GLY H 48 -39.67 -69.01 -29.23
CA GLY H 48 -39.19 -67.97 -30.12
C GLY H 48 -40.23 -66.95 -30.55
N THR H 49 -41.48 -67.25 -30.24
CA THR H 49 -42.60 -66.37 -30.60
C THR H 49 -42.50 -64.93 -30.08
N ALA H 50 -42.42 -64.78 -28.75
CA ALA H 50 -42.33 -63.45 -28.13
C ALA H 50 -41.31 -62.54 -28.82
N HIS H 51 -40.15 -63.11 -29.16
CA HIS H 51 -39.12 -62.33 -29.82
C HIS H 51 -39.60 -62.00 -31.23
N PHE H 52 -40.17 -63.00 -31.90
CA PHE H 52 -40.67 -62.80 -33.25
C PHE H 52 -41.69 -61.66 -33.24
N LEU H 53 -42.53 -61.66 -32.21
CA LEU H 53 -43.54 -60.62 -32.06
C LEU H 53 -42.91 -59.23 -32.01
N GLN H 54 -41.90 -59.10 -31.14
CA GLN H 54 -41.20 -57.85 -30.98
C GLN H 54 -40.80 -57.25 -32.32
N HIS H 55 -40.23 -58.08 -33.20
CA HIS H 55 -39.83 -57.62 -34.52
C HIS H 55 -41.01 -57.07 -35.33
N LEU H 56 -42.09 -57.84 -35.37
CA LEU H 56 -43.28 -57.47 -36.13
C LEU H 56 -44.03 -56.25 -35.60
N ALA H 57 -43.96 -56.01 -34.30
CA ALA H 57 -44.65 -54.88 -33.71
C ALA H 57 -44.31 -53.55 -34.41
N PHE H 58 -43.13 -53.49 -35.03
CA PHE H 58 -42.68 -52.30 -35.73
C PHE H 58 -43.03 -52.24 -37.22
N LYS H 59 -43.71 -53.28 -37.70
CA LYS H 59 -44.05 -53.35 -39.12
C LYS H 59 -45.38 -52.73 -39.54
N GLY H 60 -46.15 -52.26 -38.56
CA GLY H 60 -47.42 -51.62 -38.88
C GLY H 60 -48.54 -52.07 -37.99
N THR H 61 -49.45 -51.15 -37.71
CA THR H 61 -50.60 -51.47 -36.86
C THR H 61 -51.89 -51.14 -37.62
N GLN H 62 -53.03 -51.49 -37.03
CA GLN H 62 -54.31 -51.22 -37.64
C GLN H 62 -54.58 -49.73 -37.80
N ASN H 63 -53.76 -48.91 -37.16
CA ASN H 63 -53.95 -47.46 -37.24
C ASN H 63 -52.79 -46.73 -37.90
N ARG H 64 -51.62 -47.37 -37.89
CA ARG H 64 -50.42 -46.78 -38.45
C ARG H 64 -49.58 -47.76 -39.25
N PRO H 65 -49.28 -47.42 -40.51
CA PRO H 65 -48.45 -48.33 -41.34
C PRO H 65 -47.03 -48.17 -40.79
N GLN H 66 -46.13 -49.09 -41.14
CA GLN H 66 -44.77 -49.01 -40.64
C GLN H 66 -44.11 -47.64 -40.75
N GLN H 67 -43.88 -47.17 -41.98
CA GLN H 67 -43.21 -45.89 -42.17
C GLN H 67 -43.92 -44.75 -41.43
N GLY H 68 -45.19 -44.96 -41.10
CA GLY H 68 -45.95 -43.94 -40.39
C GLY H 68 -45.47 -43.76 -38.96
N ILE H 69 -45.19 -44.89 -38.31
CA ILE H 69 -44.69 -44.89 -36.95
C ILE H 69 -43.34 -44.17 -36.93
N GLU H 70 -42.42 -44.61 -37.79
CA GLU H 70 -41.08 -44.05 -37.88
C GLU H 70 -41.11 -42.55 -38.01
N LEU H 71 -41.75 -42.08 -39.08
CA LEU H 71 -41.83 -40.66 -39.35
C LEU H 71 -42.49 -39.85 -38.23
N GLU H 72 -43.53 -40.41 -37.60
CA GLU H 72 -44.20 -39.69 -36.53
C GLU H 72 -43.26 -39.51 -35.34
N ILE H 73 -42.53 -40.57 -34.99
CA ILE H 73 -41.60 -40.55 -33.87
C ILE H 73 -40.47 -39.58 -34.15
N GLU H 74 -39.87 -39.70 -35.33
CA GLU H 74 -38.77 -38.82 -35.69
C GLU H 74 -39.13 -37.36 -35.82
N ASN H 75 -40.40 -37.06 -36.09
CA ASN H 75 -40.76 -35.66 -36.22
C ASN H 75 -40.90 -34.93 -34.89
N ILE H 76 -41.18 -35.66 -33.82
CA ILE H 76 -41.29 -35.03 -32.50
C ILE H 76 -40.02 -35.33 -31.69
N GLY H 77 -39.02 -35.87 -32.38
CA GLY H 77 -37.78 -36.19 -31.73
C GLY H 77 -37.89 -37.18 -30.60
N SER H 78 -38.71 -38.20 -30.78
CA SER H 78 -38.82 -39.21 -29.76
C SER H 78 -37.97 -40.41 -30.19
N HIS H 79 -37.92 -41.44 -29.36
CA HIS H 79 -37.13 -42.62 -29.67
C HIS H 79 -37.98 -43.77 -29.24
N LEU H 80 -37.92 -44.84 -30.01
CA LEU H 80 -38.73 -46.00 -29.73
C LEU H 80 -37.89 -47.26 -29.73
N ASN H 81 -38.01 -48.06 -28.69
CA ASN H 81 -37.24 -49.29 -28.65
C ASN H 81 -37.95 -50.40 -27.88
N ALA H 82 -37.42 -51.62 -28.00
CA ALA H 82 -38.03 -52.76 -27.36
C ALA H 82 -37.01 -53.85 -27.15
N TYR H 83 -37.30 -54.75 -26.21
CA TYR H 83 -36.44 -55.88 -25.95
C TYR H 83 -37.22 -57.01 -25.31
N THR H 84 -36.68 -58.21 -25.43
CA THR H 84 -37.30 -59.40 -24.89
C THR H 84 -36.25 -60.18 -24.11
N SER H 85 -36.63 -60.64 -22.93
CA SER H 85 -35.75 -61.40 -22.05
C SER H 85 -36.48 -62.70 -21.77
N ARG H 86 -35.89 -63.59 -20.97
CA ARG H 86 -36.57 -64.82 -20.66
C ARG H 86 -37.81 -64.56 -19.82
N GLU H 87 -37.82 -63.45 -19.07
CA GLU H 87 -38.96 -63.14 -18.19
C GLU H 87 -40.01 -62.18 -18.71
N ASN H 88 -39.63 -61.20 -19.54
CA ASN H 88 -40.63 -60.25 -20.09
C ASN H 88 -40.36 -59.67 -21.46
N THR H 89 -41.32 -58.88 -21.91
CA THR H 89 -41.25 -58.20 -23.19
C THR H 89 -41.42 -56.75 -22.79
N VAL H 90 -40.57 -55.88 -23.33
CA VAL H 90 -40.65 -54.49 -22.98
C VAL H 90 -40.61 -53.60 -24.20
N TYR H 91 -41.51 -52.64 -24.24
CA TYR H 91 -41.56 -51.68 -25.33
C TYR H 91 -41.54 -50.33 -24.64
N TYR H 92 -40.67 -49.43 -25.08
CA TYR H 92 -40.59 -48.11 -24.44
C TYR H 92 -40.23 -46.97 -25.37
N ALA H 93 -40.50 -45.77 -24.86
CA ALA H 93 -40.24 -44.57 -25.62
C ALA H 93 -39.68 -43.43 -24.79
N LYS H 94 -38.83 -42.63 -25.43
CA LYS H 94 -38.24 -41.48 -24.80
C LYS H 94 -38.80 -40.34 -25.61
N SER H 95 -39.28 -39.29 -24.95
CA SER H 95 -39.80 -38.14 -25.69
C SER H 95 -39.92 -36.90 -24.83
N LEU H 96 -40.12 -35.75 -25.47
CA LEU H 96 -40.28 -34.51 -24.71
C LEU H 96 -41.58 -34.66 -23.93
N GLN H 97 -41.72 -33.96 -22.81
CA GLN H 97 -42.92 -34.09 -21.99
C GLN H 97 -44.22 -33.86 -22.74
N GLU H 98 -44.21 -32.96 -23.72
CA GLU H 98 -45.40 -32.65 -24.50
C GLU H 98 -45.91 -33.91 -25.20
N ASP H 99 -45.01 -34.77 -25.63
CA ASP H 99 -45.41 -35.97 -26.34
C ASP H 99 -45.68 -37.23 -25.49
N ILE H 100 -45.74 -37.13 -24.16
CA ILE H 100 -45.97 -38.34 -23.35
C ILE H 100 -47.22 -39.10 -23.82
N PRO H 101 -48.36 -38.40 -23.96
CA PRO H 101 -49.57 -39.08 -24.41
C PRO H 101 -49.37 -39.73 -25.78
N LYS H 102 -48.88 -38.95 -26.76
CA LYS H 102 -48.62 -39.52 -28.09
C LYS H 102 -47.82 -40.82 -27.92
N ALA H 103 -46.90 -40.82 -26.96
CA ALA H 103 -46.06 -41.96 -26.68
C ALA H 103 -46.85 -43.16 -26.18
N VAL H 104 -47.72 -42.92 -25.21
CA VAL H 104 -48.52 -43.99 -24.64
C VAL H 104 -49.40 -44.56 -25.75
N ASP H 105 -50.00 -43.67 -26.51
CA ASP H 105 -50.85 -44.06 -27.63
C ASP H 105 -50.08 -45.06 -28.49
N ILE H 106 -48.97 -44.61 -29.07
CA ILE H 106 -48.18 -45.47 -29.93
C ILE H 106 -47.70 -46.76 -29.27
N LEU H 107 -47.35 -46.71 -28.00
CA LEU H 107 -46.90 -47.95 -27.39
C LEU H 107 -48.03 -48.96 -27.40
N SER H 108 -49.20 -48.57 -26.89
CA SER H 108 -50.35 -49.48 -26.86
C SER H 108 -50.70 -49.98 -28.26
N ASP H 109 -50.60 -49.08 -29.23
CA ASP H 109 -50.91 -49.39 -30.61
C ASP H 109 -50.03 -50.53 -31.15
N ILE H 110 -48.73 -50.40 -30.95
CA ILE H 110 -47.79 -51.40 -31.43
C ILE H 110 -47.89 -52.71 -30.68
N LEU H 111 -48.21 -52.61 -29.40
CA LEU H 111 -48.29 -53.80 -28.57
C LEU H 111 -49.53 -54.62 -28.87
N THR H 112 -50.68 -53.96 -28.86
CA THR H 112 -51.96 -54.66 -29.07
C THR H 112 -52.66 -54.58 -30.43
N LYS H 113 -52.42 -53.55 -31.22
CA LYS H 113 -53.12 -53.47 -32.50
C LYS H 113 -52.23 -53.65 -33.71
N SER H 114 -51.21 -54.48 -33.55
CA SER H 114 -50.30 -54.72 -34.65
C SER H 114 -50.91 -55.62 -35.71
N VAL H 115 -50.70 -55.25 -36.97
CA VAL H 115 -51.21 -55.97 -38.15
C VAL H 115 -50.83 -57.44 -38.29
N LEU H 116 -49.53 -57.72 -38.18
CA LEU H 116 -49.01 -59.08 -38.33
C LEU H 116 -49.29 -59.61 -39.73
N ASP H 117 -48.94 -58.82 -40.75
CA ASP H 117 -49.17 -59.21 -42.12
C ASP H 117 -48.36 -60.47 -42.48
N ASN H 118 -49.02 -61.39 -43.18
CA ASN H 118 -48.41 -62.65 -43.60
C ASN H 118 -47.15 -62.48 -44.43
N SER H 119 -47.13 -61.43 -45.24
CA SER H 119 -45.96 -61.14 -46.08
C SER H 119 -44.82 -60.78 -45.15
N ALA H 120 -45.13 -59.90 -44.20
CA ALA H 120 -44.17 -59.42 -43.21
C ALA H 120 -43.60 -60.61 -42.44
N ILE H 121 -44.51 -61.44 -41.91
CA ILE H 121 -44.10 -62.62 -41.13
C ILE H 121 -43.13 -63.53 -41.89
N GLU H 122 -43.30 -63.65 -43.21
CA GLU H 122 -42.44 -64.51 -44.01
C GLU H 122 -41.08 -63.90 -44.31
N ARG H 123 -41.08 -62.60 -44.54
CA ARG H 123 -39.83 -61.91 -44.82
C ARG H 123 -38.97 -61.86 -43.57
N GLU H 124 -39.61 -61.67 -42.42
CA GLU H 124 -38.93 -61.58 -41.14
C GLU H 124 -38.22 -62.87 -40.69
N ARG H 125 -38.73 -64.03 -41.12
CA ARG H 125 -38.12 -65.31 -40.74
C ARG H 125 -36.63 -65.30 -41.06
N ASP H 126 -36.28 -64.65 -42.15
CA ASP H 126 -34.89 -64.58 -42.59
C ASP H 126 -34.06 -63.68 -41.66
N VAL H 127 -34.61 -62.53 -41.31
CA VAL H 127 -33.92 -61.59 -40.42
C VAL H 127 -33.58 -62.31 -39.11
N ILE H 128 -34.59 -62.94 -38.52
CA ILE H 128 -34.42 -63.66 -37.26
C ILE H 128 -33.33 -64.73 -37.38
N ILE H 129 -33.24 -65.35 -38.56
CA ILE H 129 -32.22 -66.39 -38.78
C ILE H 129 -30.87 -65.71 -38.74
N ARG H 130 -30.76 -64.63 -39.50
CA ARG H 130 -29.52 -63.85 -39.59
C ARG H 130 -29.06 -63.53 -38.18
N GLU H 131 -30.00 -63.06 -37.37
CA GLU H 131 -29.75 -62.70 -35.99
C GLU H 131 -29.21 -63.89 -35.23
N SER H 132 -29.83 -65.05 -35.46
CA SER H 132 -29.40 -66.27 -34.77
C SER H 132 -27.93 -66.56 -35.10
N GLU H 133 -27.58 -66.39 -36.37
CA GLU H 133 -26.21 -66.64 -36.82
C GLU H 133 -25.18 -65.70 -36.17
N GLU H 134 -25.65 -64.54 -35.73
CA GLU H 134 -24.78 -63.56 -35.08
C GLU H 134 -24.51 -63.93 -33.63
N VAL H 135 -25.54 -64.42 -32.94
CA VAL H 135 -25.39 -64.81 -31.55
C VAL H 135 -24.41 -65.98 -31.48
N ASP H 136 -24.46 -66.85 -32.49
CA ASP H 136 -23.56 -68.01 -32.52
C ASP H 136 -22.10 -67.59 -32.56
N LYS H 137 -21.86 -66.32 -32.88
CA LYS H 137 -20.50 -65.80 -32.94
C LYS H 137 -20.03 -65.20 -31.62
N MET H 138 -20.96 -65.04 -30.68
CA MET H 138 -20.64 -64.50 -29.36
C MET H 138 -20.55 -65.68 -28.39
N TYR H 139 -19.34 -66.19 -28.18
CA TYR H 139 -19.13 -67.36 -27.34
C TYR H 139 -19.72 -67.31 -25.94
N ASP H 140 -19.66 -66.15 -25.29
CA ASP H 140 -20.25 -66.03 -23.96
C ASP H 140 -21.76 -66.35 -24.06
N GLU H 141 -22.42 -65.72 -25.04
CA GLU H 141 -23.86 -65.91 -25.30
C GLU H 141 -24.21 -67.39 -25.48
N VAL H 142 -23.40 -68.04 -26.30
CA VAL H 142 -23.56 -69.45 -26.61
C VAL H 142 -23.43 -70.25 -25.33
N VAL H 143 -22.32 -70.07 -24.62
CA VAL H 143 -22.12 -70.81 -23.39
C VAL H 143 -23.29 -70.65 -22.43
N PHE H 144 -23.73 -69.41 -22.19
CA PHE H 144 -24.84 -69.22 -21.28
C PHE H 144 -26.16 -69.80 -21.77
N ASP H 145 -26.37 -69.87 -23.08
CA ASP H 145 -27.63 -70.47 -23.55
C ASP H 145 -27.61 -71.97 -23.21
N HIS H 146 -26.48 -72.63 -23.46
CA HIS H 146 -26.37 -74.07 -23.17
C HIS H 146 -26.50 -74.32 -21.68
N LEU H 147 -25.94 -73.40 -20.90
CA LEU H 147 -26.01 -73.53 -19.47
C LEU H 147 -27.47 -73.53 -19.01
N HIS H 148 -28.28 -72.66 -19.61
CA HIS H 148 -29.70 -72.59 -19.24
C HIS H 148 -30.43 -73.86 -19.65
N GLU H 149 -30.04 -74.41 -20.80
CA GLU H 149 -30.67 -75.60 -21.31
C GLU H 149 -30.49 -76.79 -20.37
N ILE H 150 -29.27 -77.02 -19.88
CA ILE H 150 -29.03 -78.17 -19.01
C ILE H 150 -29.37 -77.95 -17.55
N THR H 151 -29.28 -76.71 -17.10
CA THR H 151 -29.57 -76.40 -15.72
C THR H 151 -31.06 -76.41 -15.46
N TYR H 152 -31.82 -75.92 -16.42
CA TYR H 152 -33.26 -75.93 -16.30
C TYR H 152 -33.77 -76.96 -17.32
N LYS H 153 -33.21 -78.17 -17.25
CA LYS H 153 -33.54 -79.26 -18.16
C LYS H 153 -35.02 -79.38 -18.42
N ASP H 154 -35.37 -79.27 -19.70
CA ASP H 154 -36.75 -79.37 -20.17
C ASP H 154 -37.75 -78.45 -19.47
N GLN H 155 -37.29 -77.27 -19.04
CA GLN H 155 -38.20 -76.33 -18.38
C GLN H 155 -38.26 -75.06 -19.21
N PRO H 156 -39.24 -74.18 -18.94
CA PRO H 156 -39.41 -72.91 -19.66
C PRO H 156 -38.16 -72.05 -19.69
N LEU H 157 -37.56 -71.89 -18.51
CA LEU H 157 -36.33 -71.10 -18.34
C LEU H 157 -35.15 -71.73 -19.09
N GLY H 158 -35.28 -72.99 -19.49
CA GLY H 158 -34.20 -73.66 -20.20
C GLY H 158 -34.14 -73.37 -21.68
N ARG H 159 -35.16 -72.72 -22.23
CA ARG H 159 -35.17 -72.41 -23.65
C ARG H 159 -34.58 -71.03 -23.89
N THR H 160 -34.06 -70.81 -25.09
CA THR H 160 -33.48 -69.53 -25.46
C THR H 160 -34.58 -68.56 -25.90
N ILE H 161 -34.24 -67.27 -26.00
CA ILE H 161 -35.22 -66.25 -26.40
C ILE H 161 -35.55 -66.32 -27.89
N LEU H 162 -34.53 -66.47 -28.71
CA LEU H 162 -34.71 -66.54 -30.15
C LEU H 162 -35.40 -67.81 -30.59
N GLY H 163 -35.12 -68.92 -29.90
CA GLY H 163 -35.72 -70.20 -30.23
C GLY H 163 -34.89 -70.94 -31.29
N PRO H 164 -35.21 -72.21 -31.60
CA PRO H 164 -34.47 -73.02 -32.60
C PRO H 164 -34.74 -72.54 -34.04
N ILE H 165 -33.81 -72.79 -34.95
CA ILE H 165 -34.03 -72.39 -36.34
C ILE H 165 -35.34 -73.03 -36.79
N LYS H 166 -35.52 -74.29 -36.40
CA LYS H 166 -36.72 -75.08 -36.71
C LYS H 166 -38.00 -74.26 -36.48
N ASN H 167 -38.12 -73.71 -35.27
CA ASN H 167 -39.28 -72.91 -34.90
C ASN H 167 -39.35 -71.56 -35.62
N ILE H 168 -38.21 -70.95 -35.91
CA ILE H 168 -38.21 -69.67 -36.59
C ILE H 168 -38.82 -69.83 -37.98
N LYS H 169 -38.64 -71.03 -38.54
CA LYS H 169 -39.18 -71.29 -39.85
C LYS H 169 -40.63 -71.77 -39.78
N SER H 170 -41.06 -72.25 -38.62
CA SER H 170 -42.44 -72.76 -38.48
C SER H 170 -43.46 -71.91 -37.71
N ILE H 171 -43.03 -70.81 -37.10
CA ILE H 171 -43.98 -69.97 -36.37
C ILE H 171 -45.05 -69.44 -37.36
N THR H 172 -46.32 -69.50 -36.97
CA THR H 172 -47.40 -69.02 -37.85
C THR H 172 -48.17 -67.86 -37.21
N ARG H 173 -48.83 -67.07 -38.05
CA ARG H 173 -49.60 -65.93 -37.55
C ARG H 173 -50.53 -66.37 -36.43
N THR H 174 -50.94 -67.63 -36.47
CA THR H 174 -51.83 -68.16 -35.44
C THR H 174 -51.06 -68.24 -34.13
N ASP H 175 -49.85 -68.79 -34.18
CA ASP H 175 -49.00 -68.90 -33.01
C ASP H 175 -48.86 -67.51 -32.37
N LEU H 176 -48.55 -66.53 -33.21
CA LEU H 176 -48.38 -65.14 -32.79
C LEU H 176 -49.60 -64.59 -32.10
N LYS H 177 -50.76 -64.70 -32.73
CA LYS H 177 -51.96 -64.15 -32.13
C LYS H 177 -52.38 -64.86 -30.87
N ASP H 178 -52.02 -66.13 -30.73
CA ASP H 178 -52.37 -66.88 -29.53
C ASP H 178 -51.56 -66.40 -28.35
N TYR H 179 -50.25 -66.28 -28.58
CA TYR H 179 -49.33 -65.82 -27.55
C TYR H 179 -49.87 -64.50 -27.02
N ILE H 180 -50.25 -63.59 -27.93
CA ILE H 180 -50.79 -62.29 -27.56
C ILE H 180 -52.07 -62.41 -26.71
N THR H 181 -52.95 -63.30 -27.15
CA THR H 181 -54.22 -63.53 -26.47
C THR H 181 -54.06 -64.14 -25.09
N LYS H 182 -53.19 -65.14 -25.01
CA LYS H 182 -52.92 -65.84 -23.77
C LYS H 182 -52.22 -64.97 -22.70
N ASN H 183 -51.13 -64.33 -23.10
CA ASN H 183 -50.31 -63.55 -22.17
C ASN H 183 -50.60 -62.07 -21.90
N TYR H 184 -51.06 -61.33 -22.90
CA TYR H 184 -51.32 -59.90 -22.70
C TYR H 184 -52.54 -59.53 -21.86
N LYS H 185 -52.39 -59.62 -20.55
CA LYS H 185 -53.45 -59.29 -19.61
C LYS H 185 -53.06 -58.12 -18.68
N GLY H 186 -53.99 -57.19 -18.45
CA GLY H 186 -53.70 -56.05 -17.59
C GLY H 186 -52.95 -56.39 -16.30
N ASP H 187 -53.40 -57.44 -15.61
CA ASP H 187 -52.78 -57.90 -14.37
C ASP H 187 -51.37 -58.45 -14.59
N ARG H 188 -50.95 -58.51 -15.84
CA ARG H 188 -49.61 -59.02 -16.13
C ARG H 188 -48.69 -57.97 -16.76
N MET H 189 -49.12 -56.71 -16.70
CA MET H 189 -48.29 -55.65 -17.23
C MET H 189 -48.25 -54.38 -16.38
N VAL H 190 -47.15 -53.64 -16.59
CA VAL H 190 -46.88 -52.38 -15.90
C VAL H 190 -46.54 -51.30 -16.89
N LEU H 191 -47.10 -50.13 -16.67
CA LEU H 191 -46.81 -48.97 -17.50
C LEU H 191 -45.99 -48.11 -16.55
N ALA H 192 -44.67 -48.07 -16.78
CA ALA H 192 -43.75 -47.31 -15.94
C ALA H 192 -43.25 -46.05 -16.63
N GLY H 193 -43.12 -44.98 -15.86
CA GLY H 193 -42.65 -43.72 -16.39
C GLY H 193 -41.89 -42.88 -15.37
N ALA H 194 -40.96 -42.06 -15.86
CA ALA H 194 -40.14 -41.19 -15.00
C ALA H 194 -39.68 -40.00 -15.79
N GLY H 195 -39.44 -38.90 -15.12
CA GLY H 195 -39.02 -37.70 -15.82
C GLY H 195 -40.06 -36.64 -15.62
N ALA H 196 -40.26 -35.78 -16.62
CA ALA H 196 -41.27 -34.71 -16.52
C ALA H 196 -42.62 -35.39 -16.74
N VAL H 197 -43.07 -36.09 -15.72
CA VAL H 197 -44.30 -36.85 -15.77
C VAL H 197 -45.30 -36.61 -14.64
N ASP H 198 -46.57 -36.43 -15.01
CA ASP H 198 -47.65 -36.24 -14.03
C ASP H 198 -48.30 -37.59 -13.83
N HIS H 199 -48.22 -38.15 -12.62
CA HIS H 199 -48.78 -39.48 -12.38
C HIS H 199 -50.28 -39.61 -12.66
N GLU H 200 -51.07 -38.65 -12.19
CA GLU H 200 -52.53 -38.69 -12.42
C GLU H 200 -52.87 -38.75 -13.90
N LYS H 201 -52.33 -37.80 -14.66
CA LYS H 201 -52.58 -37.76 -16.10
C LYS H 201 -52.11 -39.04 -16.77
N LEU H 202 -50.94 -39.54 -16.40
CA LEU H 202 -50.46 -40.77 -17.02
C LEU H 202 -51.42 -41.93 -16.72
N VAL H 203 -52.04 -41.92 -15.55
CA VAL H 203 -52.98 -43.00 -15.25
C VAL H 203 -54.18 -42.86 -16.19
N GLN H 204 -54.58 -41.63 -16.48
CA GLN H 204 -55.69 -41.38 -17.39
C GLN H 204 -55.37 -41.95 -18.75
N TYR H 205 -54.28 -41.48 -19.32
CA TYR H 205 -53.86 -41.93 -20.63
C TYR H 205 -53.75 -43.44 -20.64
N ALA H 206 -53.33 -44.01 -19.51
CA ALA H 206 -53.19 -45.46 -19.41
C ALA H 206 -54.55 -46.09 -19.66
N GLN H 207 -55.55 -45.59 -18.94
CA GLN H 207 -56.91 -46.08 -19.08
C GLN H 207 -57.36 -45.88 -20.52
N LYS H 208 -57.18 -44.67 -21.05
CA LYS H 208 -57.58 -44.36 -22.41
C LYS H 208 -57.02 -45.26 -23.49
N TYR H 209 -55.72 -45.53 -23.46
CA TYR H 209 -55.09 -46.36 -24.48
C TYR H 209 -54.83 -47.81 -24.13
N PHE H 210 -54.86 -48.16 -22.85
CA PHE H 210 -54.62 -49.54 -22.45
C PHE H 210 -55.83 -50.17 -21.76
N GLY H 211 -56.85 -49.35 -21.49
CA GLY H 211 -58.06 -49.83 -20.84
C GLY H 211 -58.68 -51.04 -21.53
N HIS H 212 -58.62 -51.06 -22.85
CA HIS H 212 -59.19 -52.16 -23.62
C HIS H 212 -58.48 -53.50 -23.43
N VAL H 213 -57.38 -53.54 -22.68
CA VAL H 213 -56.71 -54.82 -22.51
C VAL H 213 -57.41 -55.72 -21.52
N PRO H 214 -57.62 -56.99 -21.91
CA PRO H 214 -58.27 -58.07 -21.16
C PRO H 214 -57.64 -58.39 -19.82
N LYS H 215 -58.46 -58.61 -18.81
CA LYS H 215 -57.96 -58.97 -17.49
C LYS H 215 -57.87 -60.47 -17.52
N SER H 216 -56.91 -61.07 -16.80
CA SER H 216 -56.84 -62.53 -16.77
C SER H 216 -58.11 -62.94 -15.99
N GLU H 217 -58.61 -64.16 -16.22
CA GLU H 217 -59.80 -64.62 -15.50
C GLU H 217 -59.40 -65.07 -14.11
N SER H 218 -58.14 -65.47 -14.00
CA SER H 218 -57.58 -65.90 -12.73
C SER H 218 -56.40 -64.96 -12.43
N PRO H 219 -56.69 -63.67 -12.16
CA PRO H 219 -55.66 -62.67 -11.86
C PRO H 219 -54.78 -63.02 -10.66
N VAL H 220 -53.48 -62.70 -10.78
CA VAL H 220 -52.51 -62.95 -9.74
C VAL H 220 -51.59 -61.74 -9.64
N PRO H 221 -51.30 -61.28 -8.41
CA PRO H 221 -50.42 -60.12 -8.22
C PRO H 221 -49.09 -60.40 -8.91
N LEU H 222 -48.57 -59.39 -9.61
CA LEU H 222 -47.31 -59.53 -10.34
C LEU H 222 -46.22 -60.24 -9.59
N GLY H 223 -46.24 -60.16 -8.26
CA GLY H 223 -45.23 -60.83 -7.46
C GLY H 223 -45.46 -62.32 -7.22
N SER H 224 -46.71 -62.70 -6.99
CA SER H 224 -47.08 -64.10 -6.72
C SER H 224 -46.44 -65.12 -7.66
N PRO H 225 -46.08 -66.30 -7.11
CA PRO H 225 -45.44 -67.44 -7.80
C PRO H 225 -46.14 -67.92 -9.07
N ARG H 226 -45.37 -67.98 -10.16
CA ARG H 226 -45.86 -68.42 -11.47
C ARG H 226 -46.53 -69.80 -11.35
N GLY H 227 -45.93 -70.65 -10.54
CA GLY H 227 -46.47 -71.99 -10.34
C GLY H 227 -45.42 -72.86 -9.68
N PRO H 228 -45.21 -74.07 -10.19
CA PRO H 228 -44.22 -75.00 -9.62
C PRO H 228 -42.81 -74.43 -9.79
N LEU H 229 -42.13 -74.24 -8.67
CA LEU H 229 -40.78 -73.71 -8.67
C LEU H 229 -39.80 -74.43 -9.59
N PRO H 230 -39.03 -73.68 -10.38
CA PRO H 230 -38.05 -74.27 -11.29
C PRO H 230 -37.11 -75.13 -10.46
N VAL H 231 -36.46 -76.10 -11.11
CA VAL H 231 -35.54 -76.93 -10.37
C VAL H 231 -34.17 -76.98 -11.02
N PHE H 232 -33.16 -76.70 -10.20
CA PHE H 232 -31.78 -76.68 -10.63
C PHE H 232 -31.31 -78.11 -10.82
N CYS H 233 -30.79 -78.39 -12.00
CA CYS H 233 -30.30 -79.73 -12.34
C CYS H 233 -28.80 -79.76 -12.53
N ARG H 234 -28.08 -80.57 -11.76
CA ARG H 234 -26.64 -80.60 -11.96
C ARG H 234 -26.40 -81.32 -13.28
N GLY H 235 -25.39 -80.86 -14.00
CA GLY H 235 -25.09 -81.46 -15.28
C GLY H 235 -23.87 -80.80 -15.88
N GLU H 236 -23.44 -81.33 -17.01
CA GLU H 236 -22.28 -80.80 -17.72
C GLU H 236 -22.47 -81.02 -19.21
N ARG H 237 -21.91 -80.11 -20.00
CA ARG H 237 -21.97 -80.23 -21.44
C ARG H 237 -20.66 -79.70 -22.00
N PHE H 238 -19.86 -80.60 -22.55
CA PHE H 238 -18.58 -80.23 -23.14
C PHE H 238 -18.78 -80.08 -24.64
N ILE H 239 -18.43 -78.92 -25.17
CA ILE H 239 -18.59 -78.70 -26.60
C ILE H 239 -17.20 -78.57 -27.20
N LYS H 240 -16.68 -79.69 -27.71
CA LYS H 240 -15.35 -79.74 -28.31
C LYS H 240 -15.34 -78.89 -29.57
N GLU H 241 -14.34 -78.01 -29.65
CA GLU H 241 -14.19 -77.11 -30.79
C GLU H 241 -12.70 -76.74 -30.87
N ASN H 242 -11.90 -77.67 -31.38
CA ASN H 242 -10.46 -77.48 -31.49
C ASN H 242 -10.03 -76.29 -32.34
N THR H 243 -10.95 -75.74 -33.13
CA THR H 243 -10.61 -74.61 -33.97
C THR H 243 -10.57 -73.28 -33.21
N LEU H 244 -11.30 -73.21 -32.08
CA LEU H 244 -11.34 -71.99 -31.27
C LEU H 244 -10.05 -71.68 -30.53
N PRO H 245 -9.57 -70.42 -30.64
CA PRO H 245 -8.35 -69.87 -30.04
C PRO H 245 -8.43 -69.74 -28.52
N THR H 246 -9.66 -69.47 -28.05
CA THR H 246 -9.93 -69.31 -26.63
C THR H 246 -10.97 -70.34 -26.23
N THR H 247 -10.95 -70.73 -24.97
CA THR H 247 -11.92 -71.69 -24.45
C THR H 247 -12.76 -70.96 -23.42
N HIS H 248 -14.06 -71.25 -23.42
CA HIS H 248 -14.98 -70.58 -22.52
C HIS H 248 -15.68 -71.54 -21.57
N ILE H 249 -15.57 -71.25 -20.28
CA ILE H 249 -16.19 -72.08 -19.26
C ILE H 249 -17.08 -71.30 -18.30
N ALA H 250 -18.24 -71.87 -17.97
CA ALA H 250 -19.18 -71.27 -17.06
C ALA H 250 -19.53 -72.30 -15.98
N ILE H 251 -19.35 -71.93 -14.72
CA ILE H 251 -19.65 -72.83 -13.62
C ILE H 251 -20.72 -72.19 -12.75
N ALA H 252 -21.82 -72.90 -12.52
CA ALA H 252 -22.89 -72.34 -11.71
C ALA H 252 -23.48 -73.23 -10.61
N LEU H 253 -24.17 -72.59 -9.68
CA LEU H 253 -24.86 -73.26 -8.60
C LEU H 253 -26.19 -72.54 -8.49
N GLU H 254 -27.15 -73.14 -7.81
CA GLU H 254 -28.43 -72.47 -7.69
C GLU H 254 -28.21 -71.15 -6.95
N GLY H 255 -28.70 -70.07 -7.58
CA GLY H 255 -28.55 -68.75 -7.01
C GLY H 255 -29.74 -68.26 -6.21
N VAL H 256 -30.09 -66.99 -6.43
CA VAL H 256 -31.15 -66.34 -5.70
C VAL H 256 -32.14 -65.63 -6.63
N SER H 257 -33.38 -65.48 -6.20
CA SER H 257 -34.40 -64.83 -7.02
C SER H 257 -34.52 -63.35 -6.66
N TRP H 258 -35.16 -62.58 -7.53
CA TRP H 258 -35.34 -61.14 -7.32
C TRP H 258 -35.80 -60.74 -5.93
N SER H 259 -36.72 -61.51 -5.35
CA SER H 259 -37.26 -61.15 -4.04
C SER H 259 -36.61 -61.86 -2.85
N ALA H 260 -35.63 -62.71 -3.09
CA ALA H 260 -34.97 -63.42 -2.00
C ALA H 260 -34.44 -62.47 -0.93
N PRO H 261 -34.60 -62.83 0.34
CA PRO H 261 -34.11 -61.98 1.41
C PRO H 261 -32.59 -61.81 1.32
N ASP H 262 -31.93 -62.83 0.80
CA ASP H 262 -30.48 -62.80 0.68
C ASP H 262 -29.99 -62.31 -0.70
N TYR H 263 -30.90 -61.72 -1.49
CA TYR H 263 -30.57 -61.21 -2.82
C TYR H 263 -29.32 -60.33 -2.84
N PHE H 264 -29.29 -59.30 -2.01
CA PHE H 264 -28.16 -58.41 -1.98
C PHE H 264 -26.92 -59.06 -1.39
N VAL H 265 -27.10 -59.96 -0.44
CA VAL H 265 -25.95 -60.64 0.14
C VAL H 265 -25.29 -61.49 -0.95
N ALA H 266 -26.10 -62.08 -1.81
CA ALA H 266 -25.58 -62.88 -2.89
C ALA H 266 -24.76 -61.98 -3.81
N LEU H 267 -25.29 -60.79 -4.10
CA LEU H 267 -24.57 -59.86 -4.97
C LEU H 267 -23.32 -59.39 -4.28
N ALA H 268 -23.39 -59.23 -2.97
CA ALA H 268 -22.21 -58.83 -2.24
C ALA H 268 -21.11 -59.89 -2.39
N THR H 269 -21.47 -61.15 -2.21
CA THR H 269 -20.48 -62.21 -2.30
C THR H 269 -19.87 -62.26 -3.69
N GLN H 270 -20.69 -62.08 -4.72
CA GLN H 270 -20.20 -62.09 -6.09
C GLN H 270 -19.09 -61.03 -6.24
N ALA H 271 -19.38 -59.84 -5.72
CA ALA H 271 -18.45 -58.73 -5.77
C ALA H 271 -17.15 -58.96 -4.99
N ILE H 272 -17.20 -59.76 -3.93
CA ILE H 272 -15.99 -60.00 -3.18
C ILE H 272 -15.02 -60.82 -4.02
N VAL H 273 -15.55 -61.72 -4.86
CA VAL H 273 -14.70 -62.53 -5.73
C VAL H 273 -14.27 -61.68 -6.93
N GLY H 274 -15.23 -60.90 -7.43
CA GLY H 274 -14.98 -60.00 -8.53
C GLY H 274 -14.56 -60.57 -9.88
N ASN H 275 -13.88 -59.74 -10.66
CA ASN H 275 -13.42 -60.14 -11.98
C ASN H 275 -11.93 -59.96 -12.07
N TRP H 276 -11.40 -60.32 -13.23
CA TRP H 276 -9.98 -60.19 -13.53
C TRP H 276 -9.75 -60.40 -15.01
N ASP H 277 -8.87 -59.57 -15.55
CA ASP H 277 -8.50 -59.69 -16.95
C ASP H 277 -6.99 -59.71 -17.01
N ARG H 278 -6.46 -60.68 -17.76
CA ARG H 278 -5.02 -60.87 -17.93
C ARG H 278 -4.27 -59.58 -18.27
N ALA H 279 -4.91 -58.72 -19.07
CA ALA H 279 -4.27 -57.47 -19.47
C ALA H 279 -4.52 -56.30 -18.52
N ILE H 280 -5.78 -56.10 -18.16
CA ILE H 280 -6.19 -54.99 -17.30
C ILE H 280 -5.98 -55.17 -15.80
N GLY H 281 -6.17 -56.38 -15.31
CA GLY H 281 -6.04 -56.59 -13.88
C GLY H 281 -7.44 -56.70 -13.30
N THR H 282 -7.63 -56.17 -12.09
CA THR H 282 -8.94 -56.26 -11.46
C THR H 282 -9.75 -54.98 -11.50
N GLY H 283 -9.07 -53.85 -11.72
CA GLY H 283 -9.78 -52.58 -11.74
C GLY H 283 -10.09 -52.26 -10.30
N THR H 284 -9.23 -52.75 -9.41
CA THR H 284 -9.31 -52.57 -7.97
C THR H 284 -7.91 -52.24 -7.58
N ASN H 285 -7.74 -51.41 -6.55
CA ASN H 285 -6.41 -51.05 -6.14
C ASN H 285 -5.70 -52.27 -5.54
N SER H 286 -6.47 -53.15 -4.90
CA SER H 286 -5.88 -54.34 -4.29
C SER H 286 -6.58 -55.60 -4.71
N PRO H 287 -5.88 -56.43 -5.50
CA PRO H 287 -6.39 -57.71 -6.01
C PRO H 287 -6.48 -58.81 -4.96
N SER H 288 -7.43 -59.72 -5.18
CA SER H 288 -7.66 -60.85 -4.28
C SER H 288 -6.60 -61.94 -4.50
N PRO H 289 -6.50 -62.89 -3.57
CA PRO H 289 -5.53 -63.98 -3.72
C PRO H 289 -5.79 -64.70 -5.03
N LEU H 290 -7.07 -64.78 -5.42
CA LEU H 290 -7.44 -65.42 -6.67
C LEU H 290 -6.88 -64.66 -7.86
N ALA H 291 -7.09 -63.35 -7.87
CA ALA H 291 -6.59 -62.53 -8.96
C ALA H 291 -5.06 -62.62 -9.05
N VAL H 292 -4.38 -62.64 -7.90
CA VAL H 292 -2.93 -62.73 -7.91
C VAL H 292 -2.49 -64.05 -8.51
N ALA H 293 -3.07 -65.14 -8.04
CA ALA H 293 -2.72 -66.45 -8.57
C ALA H 293 -2.99 -66.55 -10.08
N ALA H 294 -4.11 -66.00 -10.52
CA ALA H 294 -4.47 -66.05 -11.94
C ALA H 294 -3.42 -65.41 -12.81
N SER H 295 -2.79 -64.36 -12.29
CA SER H 295 -1.79 -63.66 -13.06
C SER H 295 -0.38 -64.22 -12.91
N GLN H 296 -0.13 -65.08 -11.92
CA GLN H 296 1.23 -65.59 -11.73
C GLN H 296 1.73 -66.68 -12.67
N ASN H 297 3.06 -66.81 -12.70
CA ASN H 297 3.79 -67.72 -13.58
C ASN H 297 3.09 -68.02 -14.90
N GLY H 298 3.06 -66.99 -15.75
CA GLY H 298 2.50 -67.12 -17.08
C GLY H 298 1.04 -66.82 -17.31
N SER H 299 0.26 -66.81 -16.22
CA SER H 299 -1.19 -66.56 -16.24
C SER H 299 -1.87 -67.92 -16.28
N LEU H 300 -3.04 -68.02 -15.67
CA LEU H 300 -3.77 -69.28 -15.65
C LEU H 300 -5.01 -69.21 -16.53
N ALA H 301 -5.22 -68.04 -17.13
CA ALA H 301 -6.37 -67.83 -18.01
C ALA H 301 -6.28 -66.43 -18.60
N ASN H 302 -7.19 -66.11 -19.51
CA ASN H 302 -7.21 -64.78 -20.09
C ASN H 302 -8.06 -63.87 -19.22
N SER H 303 -9.15 -64.42 -18.67
CA SER H 303 -10.01 -63.63 -17.82
C SER H 303 -11.04 -64.48 -17.09
N TYR H 304 -11.56 -63.95 -15.99
CA TYR H 304 -12.63 -64.62 -15.27
C TYR H 304 -13.58 -63.54 -14.78
N MET H 305 -14.86 -63.86 -14.79
CA MET H 305 -15.89 -62.92 -14.39
C MET H 305 -16.93 -63.61 -13.51
N SER H 306 -17.16 -63.07 -12.33
CA SER H 306 -18.17 -63.63 -11.43
C SER H 306 -19.51 -63.13 -11.95
N PHE H 307 -20.53 -63.98 -11.94
CA PHE H 307 -21.82 -63.54 -12.45
C PHE H 307 -22.95 -64.01 -11.57
N SER H 308 -24.09 -63.35 -11.72
CA SER H 308 -25.25 -63.73 -10.95
C SER H 308 -26.46 -63.37 -11.77
N THR H 309 -27.36 -64.31 -11.97
CA THR H 309 -28.55 -64.00 -12.72
C THR H 309 -29.76 -64.33 -11.88
N SER H 310 -30.75 -63.46 -11.93
CA SER H 310 -31.94 -63.69 -11.14
C SER H 310 -33.24 -63.68 -11.92
N TYR H 311 -34.19 -64.44 -11.41
CA TYR H 311 -35.51 -64.57 -11.98
C TYR H 311 -36.46 -64.49 -10.82
N ALA H 312 -37.74 -64.33 -11.12
CA ALA H 312 -38.74 -64.22 -10.07
C ALA H 312 -38.76 -65.41 -9.11
N ASP H 313 -38.49 -66.62 -9.62
CA ASP H 313 -38.52 -67.81 -8.78
C ASP H 313 -37.23 -68.62 -8.74
N SER H 314 -36.15 -68.09 -9.27
CA SER H 314 -34.91 -68.84 -9.27
C SER H 314 -33.74 -67.93 -9.61
N GLY H 315 -32.54 -68.50 -9.56
CA GLY H 315 -31.34 -67.75 -9.88
C GLY H 315 -30.11 -68.61 -10.15
N LEU H 316 -29.10 -68.01 -10.79
CA LEU H 316 -27.86 -68.70 -11.09
C LEU H 316 -26.72 -67.81 -10.61
N TRP H 317 -25.73 -68.43 -9.97
CA TRP H 317 -24.59 -67.70 -9.42
C TRP H 317 -23.34 -68.48 -9.75
N GLY H 318 -22.29 -67.80 -10.23
CA GLY H 318 -21.08 -68.53 -10.55
C GLY H 318 -19.95 -67.78 -11.20
N MET H 319 -19.10 -68.51 -11.89
CA MET H 319 -17.95 -67.94 -12.56
C MET H 319 -17.95 -68.22 -14.06
N TYR H 320 -17.46 -67.25 -14.83
CA TYR H 320 -17.34 -67.39 -16.27
C TYR H 320 -15.85 -67.22 -16.54
N ILE H 321 -15.25 -68.23 -17.17
CA ILE H 321 -13.82 -68.20 -17.45
C ILE H 321 -13.48 -68.19 -18.94
N VAL H 322 -12.38 -67.53 -19.29
CA VAL H 322 -11.91 -67.49 -20.68
C VAL H 322 -10.43 -67.81 -20.66
N THR H 323 -10.06 -68.90 -21.33
CA THR H 323 -8.66 -69.32 -21.38
C THR H 323 -8.14 -69.40 -22.80
N ASP H 324 -6.82 -69.46 -22.90
CA ASP H 324 -6.16 -69.60 -24.19
C ASP H 324 -6.22 -71.11 -24.47
N SER H 325 -6.83 -71.47 -25.59
CA SER H 325 -6.99 -72.86 -25.94
C SER H 325 -5.69 -73.64 -26.07
N ASN H 326 -4.60 -72.94 -26.38
CA ASN H 326 -3.31 -73.59 -26.55
C ASN H 326 -2.32 -73.34 -25.42
N GLU H 327 -2.67 -72.46 -24.49
CA GLU H 327 -1.74 -72.17 -23.43
C GLU H 327 -2.15 -72.53 -22.01
N HIS H 328 -3.46 -72.62 -21.76
CA HIS H 328 -3.93 -72.88 -20.39
C HIS H 328 -4.52 -74.22 -20.03
N ASN H 329 -4.12 -74.70 -18.85
CA ASN H 329 -4.65 -75.94 -18.30
C ASN H 329 -5.83 -75.46 -17.47
N VAL H 330 -7.04 -75.61 -18.01
CA VAL H 330 -8.26 -75.12 -17.36
C VAL H 330 -8.40 -75.56 -15.90
N ARG H 331 -7.95 -76.78 -15.61
CA ARG H 331 -8.02 -77.32 -14.24
C ARG H 331 -7.38 -76.38 -13.21
N LEU H 332 -6.24 -75.80 -13.57
CA LEU H 332 -5.53 -74.91 -12.66
C LEU H 332 -6.33 -73.66 -12.28
N ILE H 333 -6.89 -72.96 -13.26
CA ILE H 333 -7.65 -71.77 -12.94
C ILE H 333 -8.91 -72.15 -12.15
N VAL H 334 -9.52 -73.29 -12.49
CA VAL H 334 -10.72 -73.71 -11.76
C VAL H 334 -10.34 -73.96 -10.30
N ASN H 335 -9.21 -74.60 -10.07
CA ASN H 335 -8.79 -74.86 -8.70
C ASN H 335 -8.69 -73.58 -7.88
N GLU H 336 -8.06 -72.55 -8.44
CA GLU H 336 -7.91 -71.29 -7.74
C GLU H 336 -9.28 -70.67 -7.40
N ILE H 337 -10.21 -70.74 -8.34
CA ILE H 337 -11.54 -70.20 -8.13
C ILE H 337 -12.21 -70.94 -6.97
N LEU H 338 -12.12 -72.27 -6.97
CA LEU H 338 -12.73 -73.03 -5.89
C LEU H 338 -12.03 -72.69 -4.59
N LYS H 339 -10.74 -72.47 -4.68
CA LYS H 339 -9.99 -72.14 -3.49
C LYS H 339 -10.53 -70.86 -2.88
N GLU H 340 -10.83 -69.90 -3.77
CA GLU H 340 -11.35 -68.61 -3.36
C GLU H 340 -12.73 -68.75 -2.71
N TRP H 341 -13.60 -69.55 -3.31
CA TRP H 341 -14.91 -69.72 -2.70
C TRP H 341 -14.74 -70.34 -1.32
N LYS H 342 -13.77 -71.23 -1.18
CA LYS H 342 -13.58 -71.85 0.12
C LYS H 342 -13.06 -70.83 1.10
N ARG H 343 -12.24 -69.90 0.64
CA ARG H 343 -11.70 -68.87 1.52
C ARG H 343 -12.87 -68.13 2.17
N ILE H 344 -13.84 -67.75 1.36
CA ILE H 344 -15.02 -67.07 1.86
C ILE H 344 -15.77 -67.98 2.84
N LYS H 345 -15.96 -69.25 2.47
CA LYS H 345 -16.67 -70.17 3.34
C LYS H 345 -15.95 -70.33 4.67
N SER H 346 -14.63 -70.16 4.70
CA SER H 346 -13.93 -70.31 5.96
C SER H 346 -13.84 -69.00 6.74
N GLY H 347 -14.50 -67.96 6.24
CA GLY H 347 -14.49 -66.67 6.91
C GLY H 347 -13.20 -65.87 6.81
N LYS H 348 -12.21 -66.39 6.08
CA LYS H 348 -10.92 -65.70 5.94
C LYS H 348 -10.96 -64.49 5.01
N ILE H 349 -11.88 -63.57 5.26
CA ILE H 349 -11.98 -62.36 4.47
C ILE H 349 -11.92 -61.16 5.41
N SER H 350 -11.34 -60.06 4.94
CA SER H 350 -11.16 -58.86 5.75
C SER H 350 -12.35 -57.90 5.76
N ASP H 351 -12.38 -57.04 6.77
CA ASP H 351 -13.44 -56.03 6.87
C ASP H 351 -13.35 -55.15 5.64
N ALA H 352 -12.12 -54.85 5.28
CA ALA H 352 -11.86 -54.02 4.13
C ALA H 352 -12.43 -54.57 2.83
N GLU H 353 -12.26 -55.86 2.54
CA GLU H 353 -12.80 -56.31 1.28
C GLU H 353 -14.31 -56.42 1.32
N VAL H 354 -14.86 -56.60 2.51
CA VAL H 354 -16.31 -56.66 2.61
C VAL H 354 -16.84 -55.26 2.32
N ASN H 355 -16.19 -54.25 2.90
CA ASN H 355 -16.63 -52.88 2.70
C ASN H 355 -16.45 -52.43 1.26
N ARG H 356 -15.40 -52.93 0.62
CA ARG H 356 -15.07 -52.61 -0.77
C ARG H 356 -16.24 -53.12 -1.62
N ALA H 357 -16.65 -54.34 -1.34
CA ALA H 357 -17.73 -54.96 -2.08
C ALA H 357 -19.07 -54.22 -1.87
N LYS H 358 -19.35 -53.82 -0.64
CA LYS H 358 -20.61 -53.13 -0.42
C LYS H 358 -20.61 -51.81 -1.17
N ALA H 359 -19.46 -51.15 -1.14
CA ALA H 359 -19.31 -49.90 -1.86
C ALA H 359 -19.49 -50.14 -3.38
N GLN H 360 -18.85 -51.19 -3.89
CA GLN H 360 -18.98 -51.51 -5.30
C GLN H 360 -20.47 -51.76 -5.60
N LEU H 361 -21.11 -52.55 -4.75
CA LEU H 361 -22.51 -52.90 -4.93
C LEU H 361 -23.45 -51.68 -4.94
N LYS H 362 -23.28 -50.78 -3.97
CA LYS H 362 -24.12 -49.59 -3.88
C LYS H 362 -24.03 -48.72 -5.13
N ALA H 363 -22.80 -48.49 -5.60
CA ALA H 363 -22.58 -47.67 -6.79
C ALA H 363 -23.25 -48.30 -8.02
N ALA H 364 -23.00 -49.58 -8.20
CA ALA H 364 -23.54 -50.32 -9.31
C ALA H 364 -25.04 -50.28 -9.36
N LEU H 365 -25.69 -50.40 -8.19
CA LEU H 365 -27.14 -50.39 -8.16
C LEU H 365 -27.74 -48.99 -8.08
N LEU H 366 -27.04 -48.06 -7.45
CA LEU H 366 -27.64 -46.76 -7.26
C LEU H 366 -27.13 -45.59 -8.07
N LEU H 367 -25.82 -45.45 -8.18
CA LEU H 367 -25.30 -44.32 -8.92
C LEU H 367 -25.63 -44.47 -10.40
N SER H 368 -26.00 -45.69 -10.80
CA SER H 368 -26.35 -45.95 -12.20
C SER H 368 -27.80 -45.55 -12.51
N LEU H 369 -28.62 -45.31 -11.48
CA LEU H 369 -30.01 -44.88 -11.72
C LEU H 369 -29.95 -43.41 -12.03
N ASP H 370 -29.43 -43.06 -13.20
CA ASP H 370 -29.26 -41.66 -13.55
C ASP H 370 -30.34 -41.02 -14.40
N GLY H 371 -30.54 -41.51 -15.61
CA GLY H 371 -31.59 -40.89 -16.43
C GLY H 371 -32.99 -41.46 -16.24
N SER H 372 -34.00 -40.83 -16.85
CA SER H 372 -35.37 -41.33 -16.73
C SER H 372 -35.45 -42.75 -17.30
N THR H 373 -34.71 -42.99 -18.38
CA THR H 373 -34.71 -44.31 -18.99
C THR H 373 -34.20 -45.38 -18.01
N ALA H 374 -33.11 -45.10 -17.32
CA ALA H 374 -32.57 -46.08 -16.38
C ALA H 374 -33.54 -46.28 -15.22
N ILE H 375 -34.22 -45.21 -14.85
CA ILE H 375 -35.15 -45.28 -13.75
C ILE H 375 -36.41 -46.01 -14.15
N VAL H 376 -36.88 -45.81 -15.39
CA VAL H 376 -38.05 -46.55 -15.82
C VAL H 376 -37.64 -48.00 -15.82
N GLU H 377 -36.44 -48.27 -16.29
CA GLU H 377 -35.93 -49.62 -16.32
C GLU H 377 -36.09 -50.28 -14.95
N ASP H 378 -35.64 -49.59 -13.91
CA ASP H 378 -35.70 -50.12 -12.56
C ASP H 378 -37.15 -50.26 -12.05
N ILE H 379 -37.95 -49.22 -12.24
CA ILE H 379 -39.35 -49.25 -11.82
C ILE H 379 -40.05 -50.43 -12.51
N GLY H 380 -40.02 -50.40 -13.83
CA GLY H 380 -40.63 -51.46 -14.61
C GLY H 380 -40.21 -52.88 -14.27
N ARG H 381 -38.92 -53.15 -14.30
CA ARG H 381 -38.46 -54.51 -14.03
C ARG H 381 -38.80 -54.98 -12.63
N GLN H 382 -38.68 -54.09 -11.66
CA GLN H 382 -38.98 -54.50 -10.30
C GLN H 382 -40.46 -54.83 -10.12
N VAL H 383 -41.34 -53.91 -10.51
CA VAL H 383 -42.75 -54.15 -10.36
C VAL H 383 -43.24 -55.36 -11.17
N VAL H 384 -42.82 -55.48 -12.42
CA VAL H 384 -43.28 -56.61 -13.23
C VAL H 384 -42.77 -57.98 -12.79
N THR H 385 -41.65 -58.04 -12.09
CA THR H 385 -41.15 -59.34 -11.67
C THR H 385 -41.31 -59.54 -10.17
N THR H 386 -41.68 -58.49 -9.48
CA THR H 386 -41.73 -58.57 -8.04
C THR H 386 -43.00 -58.03 -7.39
N GLY H 387 -43.66 -57.10 -8.05
CA GLY H 387 -44.88 -56.55 -7.47
C GLY H 387 -44.66 -55.25 -6.73
N LYS H 388 -43.40 -54.86 -6.58
CA LYS H 388 -43.08 -53.63 -5.87
C LYS H 388 -41.74 -53.07 -6.35
N ARG H 389 -41.43 -51.86 -5.90
CA ARG H 389 -40.17 -51.20 -6.23
C ARG H 389 -39.49 -50.78 -4.95
N LEU H 390 -38.33 -51.37 -4.65
CA LEU H 390 -37.61 -50.91 -3.47
C LEU H 390 -37.05 -49.58 -3.95
N SER H 391 -37.13 -48.55 -3.14
CA SER H 391 -36.61 -47.26 -3.54
C SER H 391 -35.08 -47.25 -3.46
N PRO H 392 -34.45 -46.25 -4.08
CA PRO H 392 -32.99 -46.14 -4.03
C PRO H 392 -32.59 -46.16 -2.57
N GLU H 393 -33.29 -45.37 -1.76
CA GLU H 393 -32.99 -45.32 -0.34
C GLU H 393 -33.17 -46.68 0.35
N GLU H 394 -34.17 -47.45 -0.07
CA GLU H 394 -34.37 -48.76 0.54
C GLU H 394 -33.26 -49.72 0.11
N VAL H 395 -32.87 -49.66 -1.16
CA VAL H 395 -31.81 -50.53 -1.63
C VAL H 395 -30.53 -50.19 -0.89
N PHE H 396 -30.27 -48.89 -0.71
CA PHE H 396 -29.08 -48.48 0.01
C PHE H 396 -29.07 -49.16 1.37
N GLU H 397 -30.21 -49.10 2.03
CA GLU H 397 -30.35 -49.70 3.33
C GLU H 397 -30.05 -51.19 3.27
N GLN H 398 -30.64 -51.90 2.31
CA GLN H 398 -30.39 -53.33 2.20
C GLN H 398 -28.91 -53.66 2.02
N VAL H 399 -28.18 -52.87 1.25
CA VAL H 399 -26.78 -53.18 1.05
C VAL H 399 -25.99 -52.78 2.28
N ASP H 400 -26.22 -51.56 2.74
CA ASP H 400 -25.51 -51.06 3.91
C ASP H 400 -25.59 -51.95 5.17
N LYS H 401 -26.64 -52.75 5.31
CA LYS H 401 -26.72 -53.58 6.51
C LYS H 401 -25.94 -54.90 6.44
N ILE H 402 -25.52 -55.32 5.25
CA ILE H 402 -24.77 -56.56 5.08
C ILE H 402 -23.51 -56.65 5.92
N THR H 403 -23.30 -57.82 6.53
CA THR H 403 -22.15 -58.04 7.40
C THR H 403 -21.22 -59.11 6.85
N LYS H 404 -20.01 -59.15 7.39
CA LYS H 404 -19.03 -60.15 7.01
C LYS H 404 -19.75 -61.48 7.23
N ASP H 405 -20.41 -61.56 8.37
CA ASP H 405 -21.12 -62.78 8.73
C ASP H 405 -22.19 -63.20 7.75
N ASP H 406 -23.00 -62.25 7.29
CA ASP H 406 -24.06 -62.58 6.33
C ASP H 406 -23.45 -63.32 5.13
N ILE H 407 -22.34 -62.77 4.63
CA ILE H 407 -21.67 -63.36 3.48
C ILE H 407 -21.14 -64.74 3.79
N ILE H 408 -20.41 -64.89 4.88
CA ILE H 408 -19.88 -66.20 5.23
C ILE H 408 -21.02 -67.20 5.31
N MET H 409 -22.13 -66.81 5.92
CA MET H 409 -23.29 -67.69 6.03
C MET H 409 -23.80 -68.13 4.66
N TRP H 410 -24.08 -67.13 3.83
CA TRP H 410 -24.60 -67.38 2.51
C TRP H 410 -23.72 -68.32 1.69
N ALA H 411 -22.42 -68.09 1.72
CA ALA H 411 -21.49 -68.93 0.96
C ALA H 411 -21.55 -70.36 1.46
N ASN H 412 -21.60 -70.51 2.78
CA ASN H 412 -21.66 -71.83 3.36
C ASN H 412 -22.94 -72.55 3.06
N TYR H 413 -23.99 -71.80 2.75
CA TYR H 413 -25.25 -72.41 2.42
C TYR H 413 -25.32 -72.78 0.93
N ARG H 414 -25.06 -71.81 0.07
CA ARG H 414 -25.11 -72.01 -1.38
C ARG H 414 -23.94 -72.72 -2.07
N LEU H 415 -22.75 -72.68 -1.46
CA LEU H 415 -21.56 -73.28 -2.05
C LEU H 415 -20.98 -74.50 -1.33
N GLN H 416 -21.81 -75.16 -0.53
CA GLN H 416 -21.40 -76.36 0.20
C GLN H 416 -22.50 -77.41 0.07
N ASN H 417 -22.12 -78.58 -0.45
CA ASN H 417 -23.02 -79.71 -0.67
C ASN H 417 -24.25 -79.32 -1.47
N LYS H 418 -24.02 -78.61 -2.56
CA LYS H 418 -25.09 -78.18 -3.43
C LYS H 418 -24.66 -78.56 -4.83
N PRO H 419 -25.63 -78.80 -5.72
CA PRO H 419 -25.28 -79.17 -7.09
C PRO H 419 -24.74 -78.00 -7.95
N VAL H 420 -23.90 -78.35 -8.92
CA VAL H 420 -23.33 -77.38 -9.83
C VAL H 420 -23.50 -77.89 -11.25
N SER H 421 -23.71 -76.99 -12.19
CA SER H 421 -23.84 -77.39 -13.60
C SER H 421 -22.78 -76.61 -14.34
N MET H 422 -22.25 -77.19 -15.40
CA MET H 422 -21.18 -76.55 -16.13
C MET H 422 -21.23 -76.73 -17.64
N VAL H 423 -20.66 -75.76 -18.35
CA VAL H 423 -20.60 -75.79 -19.80
C VAL H 423 -19.21 -75.32 -20.23
N ALA H 424 -18.60 -76.03 -21.19
CA ALA H 424 -17.28 -75.66 -21.68
C ALA H 424 -17.29 -75.69 -23.21
N LEU H 425 -16.81 -74.62 -23.83
CA LEU H 425 -16.76 -74.53 -25.29
C LEU H 425 -15.35 -74.21 -25.75
N GLY H 426 -14.82 -75.05 -26.65
CA GLY H 426 -13.47 -74.86 -27.16
C GLY H 426 -12.59 -76.08 -26.90
N ASN H 427 -11.35 -75.85 -26.49
CA ASN H 427 -10.45 -76.96 -26.20
C ASN H 427 -10.84 -77.58 -24.86
N THR H 428 -11.75 -78.52 -24.94
CA THR H 428 -12.29 -79.22 -23.80
C THR H 428 -11.36 -80.20 -23.07
N SER H 429 -10.31 -80.67 -23.74
CA SER H 429 -9.40 -81.66 -23.14
C SER H 429 -8.83 -81.36 -21.74
N THR H 430 -8.65 -80.07 -21.44
CA THR H 430 -8.07 -79.69 -20.16
C THR H 430 -9.07 -79.25 -19.08
N VAL H 431 -10.37 -79.39 -19.37
CA VAL H 431 -11.43 -78.98 -18.43
C VAL H 431 -11.91 -80.03 -17.44
N PRO H 432 -11.91 -79.70 -16.16
CA PRO H 432 -12.37 -80.70 -15.19
C PRO H 432 -13.87 -80.98 -15.18
N ASN H 433 -14.16 -82.13 -14.58
CA ASN H 433 -15.47 -82.73 -14.42
C ASN H 433 -16.38 -82.01 -13.43
N VAL H 434 -17.70 -82.15 -13.56
CA VAL H 434 -18.59 -81.50 -12.60
C VAL H 434 -18.49 -82.19 -11.24
N SER H 435 -18.18 -83.49 -11.23
CA SER H 435 -18.04 -84.18 -9.97
C SER H 435 -16.67 -83.82 -9.38
N TYR H 436 -15.72 -83.46 -10.25
CA TYR H 436 -14.39 -83.05 -9.78
C TYR H 436 -14.58 -81.72 -9.03
N ILE H 437 -15.35 -80.83 -9.61
CA ILE H 437 -15.61 -79.52 -9.02
C ILE H 437 -16.30 -79.61 -7.67
N GLU H 438 -17.35 -80.41 -7.57
CA GLU H 438 -18.08 -80.55 -6.31
C GLU H 438 -17.17 -81.18 -5.25
N GLU H 439 -16.38 -82.16 -5.66
CA GLU H 439 -15.50 -82.81 -4.70
C GLU H 439 -14.56 -81.80 -4.08
N LYS H 440 -13.90 -81.01 -4.92
CA LYS H 440 -12.95 -80.01 -4.44
C LYS H 440 -13.60 -78.88 -3.66
N LEU H 441 -14.78 -78.47 -4.09
CA LEU H 441 -15.50 -77.39 -3.43
C LEU H 441 -16.03 -77.76 -2.04
N ASN H 442 -16.65 -78.94 -1.94
CA ASN H 442 -17.22 -79.40 -0.67
C ASN H 442 -16.17 -79.92 0.29
N GLN H 443 -15.04 -80.32 -0.28
CA GLN H 443 -13.88 -80.85 0.42
C GLN H 443 -13.45 -79.92 1.58
N SER I 6 25.11 -2.00 16.38
CA SER I 6 25.31 -3.35 17.01
C SER I 6 24.05 -4.26 16.95
N ILE I 7 24.04 -5.35 17.73
CA ILE I 7 22.90 -6.29 17.72
C ILE I 7 22.40 -6.81 19.08
N ARG I 8 23.26 -7.40 19.93
CA ARG I 8 22.77 -7.94 21.22
C ARG I 8 23.50 -8.03 22.62
N PHE I 9 24.83 -8.08 22.77
CA PHE I 9 25.37 -8.20 24.15
C PHE I 9 26.52 -7.33 24.75
N PHE I 10 27.07 -7.82 25.90
CA PHE I 10 28.17 -7.24 26.73
C PHE I 10 28.97 -6.00 26.21
N LYS I 11 29.55 -5.18 27.10
CA LYS I 11 30.27 -3.96 26.65
C LYS I 11 31.30 -3.14 27.51
N PRO I 12 32.59 -3.55 27.61
CA PRO I 12 33.68 -2.84 28.36
C PRO I 12 34.49 -1.85 27.46
N ALA I 13 35.23 -0.92 28.05
CA ALA I 13 36.00 0.04 27.27
C ALA I 13 37.43 -0.42 27.10
N THR I 14 37.97 -0.15 25.90
CA THR I 14 39.33 -0.50 25.52
C THR I 14 39.90 0.39 24.39
N ARG I 15 41.18 0.74 24.46
CA ARG I 15 41.84 1.51 23.40
C ARG I 15 42.80 0.52 22.71
N THR I 16 42.90 0.61 21.38
CA THR I 16 43.75 -0.28 20.60
C THR I 16 44.76 0.43 19.67
N LEU I 17 45.95 -0.16 19.42
CA LEU I 17 46.85 0.46 18.43
C LEU I 17 46.28 -0.14 17.11
N CYS I 18 44.95 0.01 16.96
CA CYS I 18 44.17 -0.48 15.82
C CYS I 18 44.80 -0.26 14.42
N PHE J 9 -7.50 25.59 47.36
CA PHE J 9 -6.06 25.74 46.99
C PHE J 9 -5.62 27.21 46.90
N PHE J 10 -4.48 27.46 46.24
CA PHE J 10 -3.82 28.77 45.94
C PHE J 10 -4.66 30.05 46.21
N LYS J 11 -4.04 31.13 46.75
CA LYS J 11 -4.82 32.37 47.05
C LYS J 11 -4.16 33.78 47.05
N PRO J 12 -4.13 34.50 45.90
CA PRO J 12 -3.55 35.88 45.77
C PRO J 12 -4.62 37.01 45.91
N ALA J 13 -4.20 38.28 46.06
CA ALA J 13 -5.13 39.42 46.20
C ALA J 13 -5.35 40.16 44.86
N THR J 14 -6.60 40.55 44.62
CA THR J 14 -6.94 41.27 43.40
C THR J 14 -8.25 42.05 43.58
N ARG J 15 -8.28 43.31 43.16
CA ARG J 15 -9.48 44.17 43.24
C ARG J 15 -10.14 44.23 41.86
N THR J 16 -11.46 44.10 41.79
CA THR J 16 -12.16 44.09 40.50
C THR J 16 -13.27 45.17 40.38
N LEU J 17 -13.49 45.71 39.17
CA LEU J 17 -14.61 46.66 38.97
C LEU J 17 -15.87 45.78 38.72
N PHE K 9 18.91 29.48 -36.55
CA PHE K 9 18.86 30.64 -37.49
C PHE K 9 18.52 32.02 -36.86
N PHE K 10 18.12 32.96 -37.73
CA PHE K 10 17.72 34.37 -37.44
C PHE K 10 17.56 34.77 -35.96
N LYS K 11 17.80 36.04 -35.61
CA LYS K 11 17.70 36.44 -34.20
C LYS K 11 17.56 37.90 -33.70
N PRO K 12 16.33 38.49 -33.63
CA PRO K 12 16.06 39.86 -33.14
C PRO K 12 15.70 39.91 -31.60
N ALA K 13 15.41 41.11 -31.06
CA ALA K 13 15.03 41.27 -29.62
C ALA K 13 13.55 41.59 -29.51
N THR K 14 12.94 41.06 -28.47
CA THR K 14 11.52 41.28 -28.27
C THR K 14 11.06 40.91 -26.85
N ARG K 15 10.46 41.88 -26.14
CA ARG K 15 9.94 41.66 -24.77
C ARG K 15 8.48 41.23 -24.84
N THR K 16 8.09 40.31 -23.94
CA THR K 16 6.72 39.80 -23.95
C THR K 16 6.06 39.73 -22.57
N LEU K 17 4.75 40.00 -22.51
CA LEU K 17 4.03 39.85 -21.25
C LEU K 17 3.76 38.31 -21.28
N CYS K 18 4.83 37.56 -21.56
CA CYS K 18 4.83 36.09 -21.69
C CYS K 18 4.08 35.31 -20.63
N LYS L 11 -25.71 -60.08 -14.78
CA LYS L 11 -25.32 -60.21 -16.21
C LYS L 11 -26.21 -61.15 -17.06
N PRO L 12 -27.57 -60.92 -17.11
CA PRO L 12 -28.56 -61.72 -17.88
C PRO L 12 -28.47 -61.60 -19.43
N ALA L 13 -29.40 -62.29 -20.13
CA ALA L 13 -29.43 -62.27 -21.59
C ALA L 13 -30.69 -61.53 -22.04
N THR L 14 -30.58 -60.85 -23.18
CA THR L 14 -31.73 -60.09 -23.67
C THR L 14 -31.53 -59.59 -25.14
N ARG L 15 -32.50 -59.94 -26.01
CA ARG L 15 -32.47 -59.54 -27.41
C ARG L 15 -33.26 -58.27 -27.55
N THR L 16 -32.75 -57.38 -28.40
CA THR L 16 -33.34 -56.06 -28.64
C THR L 16 -33.49 -55.72 -30.12
N LEU L 17 -34.49 -54.89 -30.45
CA LEU L 17 -34.68 -54.43 -31.82
C LEU L 17 -33.75 -53.20 -31.98
#